data_9I0M
#
_entry.id   9I0M
#
_cell.length_a   1.00
_cell.length_b   1.00
_cell.length_c   1.00
_cell.angle_alpha   90.00
_cell.angle_beta   90.00
_cell.angle_gamma   90.00
#
_symmetry.space_group_name_H-M   'P 1'
#
loop_
_entity.id
_entity.type
_entity.pdbx_description
1 polymer "Inosine-5'-monophosphate dehydrogenase"
2 non-polymer 'INOSINIC ACID'
3 non-polymer 'POTASSIUM ION'
#
_entity_poly.entity_id   1
_entity_poly.type   'polypeptide(L)'
_entity_poly.pdbx_seq_one_letter_code
;MSIAESSVPIAVPVPTGGDDPTKVAMLGLTFDDVLLLPAASDVVPATADTSSQLTKRIRLRVPLVSSAMDTVTESRMAIA
MARAGGMGVLHRNLPVAEQAGQVETVKRSEAGMVTDPVTCSPDNTLAEVDAMCARFRISGLPVVDDTGELVGIITNRDMR
FEVDQSKPVSEVMTKAPLITAKEGVSAEAALGLLRRHKIEKLPIVDGHGKLTGLITVKDFVKTEQFPLSTKDSDGRLLVG
AAVGVGDDAWTRAMTLVDAGVDVLIVDTAHAHNRGVLDMVSRLKQAVGERVDVVGGNVATRAAAAALVEAGADAVKVGVG
PGSICTTRVVAGVGAPQITAILEAVAACKPYGVPVIADGGLQYSGDIAKALAAGASTAMLGSLLAGTAESPGELIFVNGK
QFKSYRGMGSLGAMQGRGAAKSYSKDRYFQDDVLSEDKLVPEGIEGRVPFRGPLGTVIHQLTGGLRAAMGYTGSATIEQL
QQAQFVQITAAGLKESHPHDITMTVEAPNYYTR
;
_entity_poly.pdbx_strand_id   A,B,C,D,E,F,G,H
#
# COMPACT_ATOMS: atom_id res chain seq x y z
N VAL A 12 -15.76 40.33 -36.71
CA VAL A 12 -17.13 40.06 -37.11
C VAL A 12 -17.77 38.89 -36.34
N PRO A 13 -17.13 37.71 -36.31
CA PRO A 13 -17.73 36.57 -35.61
C PRO A 13 -17.63 36.72 -34.10
N VAL A 14 -18.44 35.93 -33.40
CA VAL A 14 -18.41 35.91 -31.94
C VAL A 14 -17.07 35.36 -31.48
N PRO A 15 -16.46 35.92 -30.43
CA PRO A 15 -15.17 35.38 -29.97
C PRO A 15 -15.24 33.94 -29.49
N THR A 16 -16.41 33.43 -29.15
CA THR A 16 -16.55 32.05 -28.71
C THR A 16 -17.01 31.13 -29.82
N GLY A 17 -17.21 31.64 -31.03
CA GLY A 17 -17.60 30.81 -32.14
C GLY A 17 -19.01 31.12 -32.61
N GLY A 18 -19.23 31.00 -33.91
CA GLY A 18 -20.53 31.24 -34.48
C GLY A 18 -20.78 32.69 -34.78
N ASP A 19 -21.99 32.96 -35.28
CA ASP A 19 -22.39 34.32 -35.64
C ASP A 19 -23.37 34.95 -34.66
N ASP A 20 -24.10 34.17 -33.89
CA ASP A 20 -25.11 34.71 -32.99
C ASP A 20 -24.47 35.26 -31.73
N PRO A 21 -24.56 36.55 -31.45
CA PRO A 21 -23.97 37.09 -30.22
C PRO A 21 -24.74 36.72 -28.96
N THR A 22 -25.93 36.15 -29.08
CA THR A 22 -26.72 35.78 -27.92
C THR A 22 -26.76 34.28 -27.68
N LYS A 23 -25.95 33.50 -28.40
CA LYS A 23 -25.93 32.06 -28.18
C LYS A 23 -25.40 31.75 -26.78
N VAL A 24 -24.36 32.44 -26.35
CA VAL A 24 -23.89 32.38 -24.97
C VAL A 24 -24.41 33.65 -24.30
N ALA A 25 -25.53 33.52 -23.59
CA ALA A 25 -26.27 34.69 -23.15
C ALA A 25 -25.49 35.54 -22.17
N MET A 26 -24.90 34.92 -21.15
CA MET A 26 -24.23 35.67 -20.11
C MET A 26 -23.20 34.79 -19.44
N LEU A 27 -22.42 35.41 -18.56
CA LEU A 27 -21.44 34.72 -17.73
C LEU A 27 -22.00 34.58 -16.33
N GLY A 28 -22.02 33.35 -15.82
CA GLY A 28 -22.65 33.06 -14.54
C GLY A 28 -21.66 33.06 -13.41
N LEU A 29 -22.00 33.77 -12.34
CA LEU A 29 -21.21 33.80 -11.12
C LEU A 29 -21.88 32.98 -10.04
N THR A 30 -21.09 32.26 -9.27
CA THR A 30 -21.58 31.52 -8.12
C THR A 30 -21.04 32.14 -6.84
N PHE A 31 -21.31 31.49 -5.70
CA PHE A 31 -20.99 32.07 -4.40
C PHE A 31 -19.49 32.26 -4.23
N ASP A 32 -18.69 31.31 -4.71
CA ASP A 32 -17.25 31.40 -4.54
C ASP A 32 -16.59 32.43 -5.46
N ASP A 33 -17.32 32.98 -6.41
CA ASP A 33 -16.76 33.92 -7.38
C ASP A 33 -16.77 35.34 -6.89
N VAL A 34 -17.43 35.66 -5.78
CA VAL A 34 -17.61 37.04 -5.35
C VAL A 34 -17.30 37.15 -3.86
N LEU A 35 -17.04 38.38 -3.43
CA LEU A 35 -16.87 38.73 -2.04
C LEU A 35 -17.56 40.06 -1.79
N LEU A 36 -17.89 40.33 -0.54
CA LEU A 36 -18.55 41.57 -0.16
C LEU A 36 -17.51 42.63 0.18
N LEU A 37 -17.66 43.79 -0.41
CA LEU A 37 -16.74 44.89 -0.17
C LEU A 37 -17.10 45.61 1.13
N PRO A 38 -16.15 45.86 2.01
CA PRO A 38 -16.45 46.65 3.21
C PRO A 38 -16.82 48.08 2.85
N ALA A 39 -17.71 48.67 3.65
CA ALA A 39 -18.17 50.03 3.42
C ALA A 39 -18.19 50.77 4.75
N ALA A 40 -18.45 52.07 4.67
CA ALA A 40 -18.55 52.89 5.88
C ALA A 40 -19.64 52.36 6.78
N SER A 41 -19.31 52.18 8.06
CA SER A 41 -20.18 51.47 8.99
C SER A 41 -20.35 52.26 10.27
N ASP A 42 -21.57 52.21 10.81
CA ASP A 42 -21.89 52.67 12.15
C ASP A 42 -22.70 51.62 12.89
N VAL A 43 -22.57 50.37 12.49
CA VAL A 43 -23.42 49.28 12.96
C VAL A 43 -22.58 48.34 13.80
N VAL A 44 -22.96 48.16 15.05
CA VAL A 44 -22.36 47.15 15.91
C VAL A 44 -22.95 45.79 15.54
N PRO A 45 -22.13 44.77 15.30
CA PRO A 45 -22.67 43.50 14.82
C PRO A 45 -23.71 42.89 15.74
N ALA A 46 -23.64 43.16 17.04
CA ALA A 46 -24.65 42.65 17.97
C ALA A 46 -25.96 43.41 17.89
N THR A 47 -26.01 44.55 17.21
CA THR A 47 -27.19 45.37 17.11
C THR A 47 -27.83 45.36 15.73
N ALA A 48 -27.34 44.52 14.82
CA ALA A 48 -27.92 44.46 13.49
C ALA A 48 -29.27 43.75 13.52
N ASP A 49 -30.21 44.25 12.72
CA ASP A 49 -31.55 43.67 12.63
C ASP A 49 -31.60 42.74 11.43
N THR A 50 -31.91 41.47 11.68
CA THR A 50 -31.94 40.46 10.65
C THR A 50 -33.35 40.07 10.22
N SER A 51 -34.34 40.89 10.54
CA SER A 51 -35.70 40.60 10.12
C SER A 51 -35.85 40.85 8.63
N SER A 52 -36.59 39.99 7.95
CA SER A 52 -36.77 40.10 6.51
C SER A 52 -38.11 39.52 6.10
N GLN A 53 -38.59 39.93 4.95
CA GLN A 53 -39.85 39.42 4.43
C GLN A 53 -39.65 38.03 3.83
N LEU A 54 -40.51 37.10 4.22
CA LEU A 54 -40.55 35.80 3.55
C LEU A 54 -41.50 35.84 2.36
N THR A 55 -42.72 36.31 2.58
CA THR A 55 -43.67 36.62 1.53
C THR A 55 -44.04 38.09 1.64
N LYS A 56 -45.01 38.51 0.84
CA LYS A 56 -45.47 39.89 0.94
C LYS A 56 -46.21 40.17 2.24
N ARG A 57 -46.61 39.13 2.97
CA ARG A 57 -47.40 39.30 4.18
C ARG A 57 -46.77 38.66 5.41
N ILE A 58 -45.62 38.01 5.30
CA ILE A 58 -44.99 37.31 6.41
C ILE A 58 -43.56 37.82 6.58
N ARG A 59 -43.23 38.26 7.79
CA ARG A 59 -41.88 38.73 8.12
C ARG A 59 -41.29 37.80 9.16
N LEU A 60 -40.10 37.28 8.88
CA LEU A 60 -39.40 36.40 9.79
C LEU A 60 -38.34 37.17 10.58
N ARG A 61 -38.07 36.72 11.80
CA ARG A 61 -37.03 37.35 12.60
C ARG A 61 -35.65 36.92 12.15
N VAL A 62 -35.49 35.66 11.76
CA VAL A 62 -34.25 35.13 11.24
C VAL A 62 -34.51 34.72 9.79
N PRO A 63 -33.80 35.28 8.81
CA PRO A 63 -34.15 35.05 7.40
C PRO A 63 -33.65 33.69 6.89
N LEU A 64 -34.10 32.62 7.53
CA LEU A 64 -33.73 31.27 7.14
C LEU A 64 -34.96 30.39 7.13
N VAL A 65 -35.09 29.54 6.14
CA VAL A 65 -36.21 28.62 6.00
C VAL A 65 -35.67 27.24 5.70
N SER A 66 -36.20 26.23 6.39
CA SER A 66 -35.78 24.85 6.17
C SER A 66 -36.32 24.32 4.86
N SER A 67 -35.54 23.47 4.21
CA SER A 67 -35.95 22.90 2.93
C SER A 67 -37.06 21.88 3.10
N ALA A 68 -37.85 21.70 2.04
CA ALA A 68 -38.97 20.76 2.06
C ALA A 68 -38.51 19.41 1.53
N MET A 69 -37.70 18.74 2.34
CA MET A 69 -37.11 17.45 1.98
C MET A 69 -37.43 16.43 3.06
N ASP A 70 -37.50 15.16 2.67
CA ASP A 70 -37.93 14.12 3.58
C ASP A 70 -36.85 13.73 4.59
N THR A 71 -35.66 14.28 4.48
CA THR A 71 -34.60 14.04 5.45
C THR A 71 -34.19 15.31 6.18
N VAL A 72 -34.95 16.39 6.05
CA VAL A 72 -34.59 17.66 6.68
C VAL A 72 -35.72 18.17 7.56
N THR A 73 -36.90 18.36 6.99
CA THR A 73 -37.99 19.05 7.67
C THR A 73 -39.16 18.11 7.91
N GLU A 74 -39.54 17.95 9.17
CA GLU A 74 -40.81 17.36 9.57
C GLU A 74 -41.31 18.19 10.75
N SER A 75 -42.27 17.64 11.49
CA SER A 75 -42.91 18.41 12.56
C SER A 75 -41.90 18.90 13.58
N ARG A 76 -40.98 18.04 13.99
CA ARG A 76 -39.98 18.43 14.98
C ARG A 76 -39.09 19.55 14.46
N MET A 77 -38.57 19.38 13.25
CA MET A 77 -37.72 20.41 12.66
C MET A 77 -38.51 21.68 12.39
N ALA A 78 -39.75 21.54 11.95
CA ALA A 78 -40.56 22.73 11.69
C ALA A 78 -40.78 23.52 12.97
N ILE A 79 -41.08 22.83 14.08
CA ILE A 79 -41.27 23.52 15.35
C ILE A 79 -39.98 24.19 15.80
N ALA A 80 -38.86 23.47 15.70
CA ALA A 80 -37.58 24.05 16.11
C ALA A 80 -37.23 25.28 15.28
N MET A 81 -37.45 25.21 13.96
CA MET A 81 -37.18 26.37 13.11
C MET A 81 -38.09 27.54 13.46
N ALA A 82 -39.38 27.27 13.67
CA ALA A 82 -40.30 28.35 14.00
C ALA A 82 -39.98 28.97 15.35
N ARG A 83 -39.40 28.20 16.26
CA ARG A 83 -38.98 28.76 17.54
C ARG A 83 -37.69 29.55 17.42
N ALA A 84 -36.78 29.12 16.54
CA ALA A 84 -35.51 29.80 16.36
C ALA A 84 -35.64 31.15 15.69
N GLY A 85 -36.80 31.48 15.14
CA GLY A 85 -37.02 32.72 14.44
C GLY A 85 -37.24 32.59 12.95
N GLY A 86 -37.03 31.42 12.38
CA GLY A 86 -37.28 31.19 10.97
C GLY A 86 -38.60 30.51 10.73
N MET A 87 -38.61 29.57 9.81
CA MET A 87 -39.81 28.81 9.49
C MET A 87 -39.40 27.52 8.80
N GLY A 88 -40.26 26.52 8.89
CA GLY A 88 -40.05 25.25 8.25
C GLY A 88 -41.12 24.97 7.22
N VAL A 89 -40.79 24.18 6.21
CA VAL A 89 -41.71 23.78 5.15
C VAL A 89 -41.74 22.25 5.12
N LEU A 90 -42.91 21.68 5.41
CA LEU A 90 -43.05 20.23 5.46
C LEU A 90 -43.03 19.64 4.06
N HIS A 91 -42.31 18.54 3.91
CA HIS A 91 -42.18 17.90 2.62
C HIS A 91 -43.46 17.18 2.24
N ARG A 92 -43.52 16.69 1.00
CA ARG A 92 -44.70 16.05 0.45
C ARG A 92 -44.43 14.65 -0.05
N ASN A 93 -43.42 14.00 0.49
CA ASN A 93 -43.13 12.61 0.14
C ASN A 93 -43.82 11.66 1.12
N LEU A 94 -45.13 11.84 1.29
CA LEU A 94 -45.95 11.05 2.19
C LEU A 94 -47.44 11.30 1.91
N PRO A 95 -48.34 10.47 2.44
CA PRO A 95 -49.76 10.67 2.18
C PRO A 95 -50.32 11.99 2.69
N VAL A 96 -51.41 12.42 2.07
CA VAL A 96 -52.00 13.72 2.38
C VAL A 96 -52.42 13.79 3.85
N ALA A 97 -53.02 12.72 4.35
CA ALA A 97 -53.50 12.73 5.73
C ALA A 97 -52.35 12.91 6.72
N GLU A 98 -51.23 12.25 6.46
CA GLU A 98 -50.08 12.41 7.34
C GLU A 98 -49.53 13.83 7.31
N GLN A 99 -49.48 14.45 6.14
CA GLN A 99 -49.01 15.83 6.07
C GLN A 99 -49.94 16.77 6.80
N ALA A 100 -51.25 16.55 6.67
CA ALA A 100 -52.20 17.34 7.45
C ALA A 100 -51.98 17.13 8.95
N GLY A 101 -51.68 15.90 9.34
CA GLY A 101 -51.36 15.64 10.74
C GLY A 101 -50.11 16.36 11.21
N GLN A 102 -49.09 16.42 10.34
CA GLN A 102 -47.88 17.16 10.68
C GLN A 102 -48.18 18.65 10.85
N VAL A 103 -49.00 19.21 9.96
CA VAL A 103 -49.39 20.61 10.09
C VAL A 103 -50.12 20.82 11.41
N GLU A 104 -51.05 19.93 11.75
CA GLU A 104 -51.79 20.04 12.99
C GLU A 104 -50.86 19.96 14.20
N THR A 105 -49.90 19.03 14.16
CA THR A 105 -48.96 18.90 15.25
C THR A 105 -48.14 20.17 15.44
N VAL A 106 -47.68 20.76 14.34
CA VAL A 106 -46.93 22.00 14.45
C VAL A 106 -47.79 23.12 15.00
N LYS A 107 -49.03 23.23 14.54
CA LYS A 107 -49.87 24.34 14.97
C LYS A 107 -50.30 24.21 16.43
N ARG A 108 -50.52 22.99 16.90
CA ARG A 108 -51.03 22.81 18.26
C ARG A 108 -49.99 23.15 19.32
N SER A 109 -48.71 23.13 18.99
CA SER A 109 -47.65 23.41 19.96
C SER A 109 -47.80 24.79 20.57
N THR A 223 -42.32 30.35 28.43
CA THR A 223 -42.60 31.15 27.24
C THR A 223 -41.48 32.14 26.96
N GLU A 224 -40.53 32.24 27.90
CA GLU A 224 -39.39 33.12 27.75
C GLU A 224 -38.17 32.42 27.16
N GLN A 225 -38.28 31.12 26.85
CA GLN A 225 -37.14 30.42 26.26
C GLN A 225 -36.92 30.82 24.81
N PHE A 226 -37.98 31.10 24.06
CA PHE A 226 -37.92 31.37 22.63
C PHE A 226 -38.64 32.68 22.35
N PRO A 227 -37.97 33.82 22.54
CA PRO A 227 -38.61 35.11 22.27
C PRO A 227 -38.70 35.46 20.80
N LEU A 228 -37.84 34.89 19.97
CA LEU A 228 -37.80 35.20 18.54
C LEU A 228 -38.72 34.32 17.72
N SER A 229 -39.51 33.46 18.35
CA SER A 229 -40.36 32.53 17.61
C SER A 229 -41.37 33.27 16.76
N THR A 230 -41.60 32.77 15.56
CA THR A 230 -42.52 33.39 14.61
C THR A 230 -43.91 32.80 14.80
N LYS A 231 -44.90 33.67 14.92
CA LYS A 231 -46.24 33.27 15.25
C LYS A 231 -47.24 34.00 14.37
N ASP A 232 -48.43 33.43 14.25
CA ASP A 232 -49.52 34.10 13.55
C ASP A 232 -50.17 35.12 14.48
N SER A 233 -51.31 35.67 14.07
CA SER A 233 -52.03 36.58 14.95
C SER A 233 -52.71 35.84 16.09
N ASP A 234 -52.85 34.53 15.99
CA ASP A 234 -53.44 33.70 17.03
C ASP A 234 -52.42 33.19 18.02
N GLY A 235 -51.15 33.51 17.85
CA GLY A 235 -50.11 33.03 18.74
C GLY A 235 -49.57 31.65 18.44
N ARG A 236 -50.00 31.04 17.35
CA ARG A 236 -49.52 29.72 16.97
C ARG A 236 -48.34 29.83 16.01
N LEU A 237 -47.46 28.84 16.07
CA LEU A 237 -46.26 28.87 15.23
C LEU A 237 -46.61 28.74 13.76
N LEU A 238 -45.90 29.50 12.93
CA LEU A 238 -46.09 29.42 11.49
C LEU A 238 -45.50 28.12 10.95
N VAL A 239 -46.04 27.66 9.83
CA VAL A 239 -45.56 26.46 9.17
C VAL A 239 -45.95 26.53 7.71
N GLY A 240 -45.17 25.88 6.86
CA GLY A 240 -45.44 25.84 5.44
C GLY A 240 -45.51 24.43 4.94
N ALA A 241 -46.13 24.26 3.78
CA ALA A 241 -46.31 22.93 3.20
C ALA A 241 -46.04 22.97 1.71
N ALA A 242 -45.42 21.92 1.20
CA ALA A 242 -45.07 21.82 -0.21
C ALA A 242 -46.11 20.99 -0.94
N VAL A 243 -46.58 21.48 -2.07
CA VAL A 243 -47.54 20.77 -2.91
C VAL A 243 -46.97 20.69 -4.31
N GLY A 244 -47.45 19.71 -5.07
CA GLY A 244 -47.06 19.52 -6.45
C GLY A 244 -47.96 20.22 -7.42
N VAL A 245 -48.14 19.60 -8.59
CA VAL A 245 -49.04 20.10 -9.62
C VAL A 245 -49.92 18.96 -10.08
N GLY A 246 -51.23 19.20 -10.12
CA GLY A 246 -52.19 18.21 -10.54
C GLY A 246 -53.37 18.13 -9.59
N ASP A 247 -54.33 17.29 -9.97
CA ASP A 247 -55.55 17.14 -9.17
C ASP A 247 -55.24 16.58 -7.79
N ASP A 248 -54.34 15.60 -7.70
CA ASP A 248 -53.92 15.10 -6.40
C ASP A 248 -53.28 16.21 -5.58
N ALA A 249 -52.44 17.03 -6.23
CA ALA A 249 -51.86 18.17 -5.54
C ALA A 249 -52.92 19.17 -5.12
N TRP A 250 -53.96 19.36 -5.94
CA TRP A 250 -55.04 20.26 -5.56
C TRP A 250 -55.77 19.76 -4.32
N THR A 251 -56.07 18.47 -4.26
CA THR A 251 -56.71 17.91 -3.08
C THR A 251 -55.82 18.05 -1.85
N ARG A 252 -54.53 17.77 -2.01
CA ARG A 252 -53.60 17.91 -0.90
C ARG A 252 -53.54 19.35 -0.42
N ALA A 253 -53.53 20.30 -1.35
CA ALA A 253 -53.49 21.70 -0.97
C ALA A 253 -54.74 22.12 -0.22
N MET A 254 -55.91 21.67 -0.68
CA MET A 254 -57.14 22.00 0.03
C MET A 254 -57.14 21.40 1.42
N THR A 255 -56.69 20.16 1.57
CA THR A 255 -56.63 19.54 2.87
C THR A 255 -55.67 20.29 3.79
N LEU A 256 -54.51 20.70 3.26
CA LEU A 256 -53.55 21.43 4.08
C LEU A 256 -54.08 22.78 4.50
N VAL A 257 -54.77 23.48 3.60
CA VAL A 257 -55.37 24.76 3.95
C VAL A 257 -56.43 24.57 5.03
N ASP A 258 -57.16 23.45 4.95
CA ASP A 258 -58.11 23.14 6.01
C ASP A 258 -57.38 22.90 7.33
N ALA A 259 -56.23 22.26 7.28
CA ALA A 259 -55.47 21.93 8.49
C ALA A 259 -54.86 23.16 9.15
N GLY A 260 -54.90 24.32 8.52
CA GLY A 260 -54.38 25.52 9.14
C GLY A 260 -52.98 25.94 8.76
N VAL A 261 -52.41 25.42 7.67
CA VAL A 261 -51.07 25.84 7.27
C VAL A 261 -51.10 27.31 6.84
N ASP A 262 -49.95 27.97 6.89
CA ASP A 262 -49.85 29.39 6.61
C ASP A 262 -49.37 29.70 5.20
N VAL A 263 -48.47 28.90 4.62
CA VAL A 263 -47.96 29.16 3.29
C VAL A 263 -47.83 27.85 2.52
N LEU A 264 -48.29 27.86 1.27
CA LEU A 264 -48.16 26.73 0.37
C LEU A 264 -47.09 27.04 -0.65
N ILE A 265 -46.16 26.10 -0.85
CA ILE A 265 -45.07 26.24 -1.81
C ILE A 265 -45.36 25.28 -2.94
N VAL A 266 -45.59 25.80 -4.14
CA VAL A 266 -45.72 24.98 -5.32
C VAL A 266 -44.34 24.50 -5.69
N ASP A 267 -44.01 23.29 -5.26
CA ASP A 267 -42.65 22.76 -5.31
C ASP A 267 -42.46 21.99 -6.61
N THR A 268 -41.86 22.63 -7.61
CA THR A 268 -41.56 21.99 -8.87
C THR A 268 -40.11 22.26 -9.25
N ALA A 269 -39.54 21.35 -10.03
CA ALA A 269 -38.17 21.51 -10.49
C ALA A 269 -38.04 22.65 -11.49
N HIS A 270 -39.02 22.82 -12.36
CA HIS A 270 -38.98 23.83 -13.42
C HIS A 270 -40.29 24.60 -13.39
N ALA A 271 -40.27 25.80 -12.82
CA ALA A 271 -41.49 26.56 -12.57
C ALA A 271 -41.97 27.35 -13.78
N HIS A 272 -41.21 27.42 -14.86
CA HIS A 272 -41.64 28.14 -16.04
C HIS A 272 -42.66 27.36 -16.86
N ASN A 273 -43.04 26.17 -16.43
CA ASN A 273 -44.06 25.39 -17.12
C ASN A 273 -45.42 26.07 -17.01
N ARG A 274 -46.26 25.84 -18.02
CA ARG A 274 -47.61 26.39 -18.01
C ARG A 274 -48.43 25.79 -16.87
N GLY A 275 -48.22 24.50 -16.57
CA GLY A 275 -48.97 23.88 -15.50
C GLY A 275 -48.69 24.50 -14.15
N VAL A 276 -47.42 24.81 -13.87
CA VAL A 276 -47.06 25.40 -12.59
C VAL A 276 -47.69 26.77 -12.43
N LEU A 277 -47.62 27.59 -13.47
CA LEU A 277 -48.23 28.92 -13.41
C LEU A 277 -49.74 28.83 -13.25
N ASP A 278 -50.37 27.90 -13.96
CA ASP A 278 -51.81 27.72 -13.82
C ASP A 278 -52.18 27.29 -12.41
N MET A 279 -51.39 26.39 -11.82
CA MET A 279 -51.65 25.97 -10.45
C MET A 279 -51.49 27.14 -9.48
N VAL A 280 -50.47 27.96 -9.69
CA VAL A 280 -50.28 29.11 -8.81
C VAL A 280 -51.47 30.07 -8.92
N SER A 281 -51.92 30.34 -10.14
CA SER A 281 -53.07 31.22 -10.31
C SER A 281 -54.33 30.64 -9.67
N ARG A 282 -54.56 29.34 -9.85
CA ARG A 282 -55.74 28.70 -9.27
C ARG A 282 -55.69 28.78 -7.75
N LEU A 283 -54.54 28.49 -7.15
CA LEU A 283 -54.42 28.56 -5.70
C LEU A 283 -54.62 29.98 -5.20
N LYS A 284 -54.04 30.97 -5.88
CA LYS A 284 -54.18 32.36 -5.45
C LYS A 284 -55.62 32.83 -5.58
N GLN A 285 -56.35 32.34 -6.56
CA GLN A 285 -57.75 32.72 -6.67
C GLN A 285 -58.61 32.03 -5.62
N ALA A 286 -58.33 30.76 -5.33
CA ALA A 286 -59.18 30.00 -4.41
C ALA A 286 -58.89 30.36 -2.96
N VAL A 287 -57.67 30.16 -2.50
CA VAL A 287 -57.34 30.30 -1.09
C VAL A 287 -56.31 31.42 -0.91
N GLY A 288 -56.38 32.43 -1.78
CA GLY A 288 -55.40 33.49 -1.74
C GLY A 288 -55.45 34.33 -0.46
N GLU A 289 -56.65 34.56 0.05
CA GLU A 289 -56.78 35.41 1.23
C GLU A 289 -56.40 34.70 2.53
N ARG A 290 -56.36 33.38 2.54
CA ARG A 290 -56.09 32.65 3.77
C ARG A 290 -54.62 32.28 3.93
N VAL A 291 -53.95 31.87 2.84
CA VAL A 291 -52.56 31.45 2.87
C VAL A 291 -51.80 32.25 1.84
N ASP A 292 -50.47 32.13 1.87
CA ASP A 292 -49.59 32.68 0.86
C ASP A 292 -49.17 31.59 -0.11
N VAL A 293 -48.88 31.99 -1.34
CA VAL A 293 -48.52 31.05 -2.40
C VAL A 293 -47.12 31.40 -2.88
N VAL A 294 -46.21 30.44 -2.82
CA VAL A 294 -44.83 30.61 -3.25
C VAL A 294 -44.59 29.75 -4.46
N GLY A 295 -43.90 30.29 -5.46
CA GLY A 295 -43.68 29.57 -6.69
C GLY A 295 -42.46 28.67 -6.66
N GLY A 296 -42.46 27.67 -7.54
CA GLY A 296 -41.32 26.79 -7.70
C GLY A 296 -40.04 27.43 -8.15
N ASN A 297 -39.04 26.62 -8.47
CA ASN A 297 -37.70 27.11 -8.70
C ASN A 297 -37.55 27.68 -10.10
N VAL A 298 -36.97 28.87 -10.19
CA VAL A 298 -36.67 29.52 -11.46
C VAL A 298 -35.21 29.91 -11.48
N ALA A 299 -34.70 30.18 -12.68
CA ALA A 299 -33.31 30.58 -12.84
C ALA A 299 -33.11 31.71 -13.83
N THR A 300 -34.16 32.28 -14.39
CA THR A 300 -34.04 33.35 -15.37
C THR A 300 -34.97 34.50 -15.00
N ARG A 301 -34.82 35.61 -15.73
CA ARG A 301 -35.66 36.78 -15.48
C ARG A 301 -37.06 36.59 -16.03
N ALA A 302 -37.18 35.94 -17.19
CA ALA A 302 -38.49 35.73 -17.79
C ALA A 302 -39.35 34.83 -16.93
N ALA A 303 -38.78 33.77 -16.38
CA ALA A 303 -39.54 32.88 -15.51
C ALA A 303 -39.97 33.60 -14.24
N ALA A 304 -39.12 34.43 -13.68
CA ALA A 304 -39.50 35.21 -12.52
C ALA A 304 -40.64 36.16 -12.84
N ALA A 305 -40.58 36.81 -14.00
CA ALA A 305 -41.67 37.69 -14.40
C ALA A 305 -42.98 36.92 -14.58
N ALA A 306 -42.90 35.72 -15.17
CA ALA A 306 -44.08 34.90 -15.33
C ALA A 306 -44.68 34.51 -13.99
N LEU A 307 -43.84 34.12 -13.04
CA LEU A 307 -44.34 33.78 -11.71
C LEU A 307 -44.94 34.99 -11.02
N VAL A 308 -44.34 36.17 -11.19
CA VAL A 308 -44.87 37.37 -10.57
C VAL A 308 -46.24 37.71 -11.14
N GLU A 309 -46.40 37.63 -12.45
CA GLU A 309 -47.69 37.95 -13.05
C GLU A 309 -48.73 36.88 -12.72
N ALA A 310 -48.30 35.63 -12.57
CA ALA A 310 -49.23 34.55 -12.24
C ALA A 310 -49.81 34.70 -10.84
N GLY A 311 -49.20 35.51 -9.98
CA GLY A 311 -49.74 35.81 -8.68
C GLY A 311 -48.98 35.26 -7.50
N ALA A 312 -47.78 34.73 -7.68
CA ALA A 312 -47.01 34.16 -6.59
C ALA A 312 -46.66 35.23 -5.57
N ASP A 313 -46.79 34.90 -4.29
CA ASP A 313 -46.46 35.82 -3.21
C ASP A 313 -44.97 35.85 -2.90
N ALA A 314 -44.21 34.89 -3.42
CA ALA A 314 -42.75 34.85 -3.28
C ALA A 314 -42.20 33.93 -4.36
N VAL A 315 -40.97 34.20 -4.77
CA VAL A 315 -40.33 33.46 -5.85
C VAL A 315 -39.13 32.74 -5.29
N LYS A 316 -39.05 31.43 -5.52
CA LYS A 316 -37.93 30.62 -5.06
C LYS A 316 -36.98 30.42 -6.24
N VAL A 317 -35.70 30.67 -6.02
CA VAL A 317 -34.71 30.81 -7.08
C VAL A 317 -33.64 29.75 -6.91
N GLY A 318 -33.37 29.03 -7.99
CA GLY A 318 -32.27 28.09 -8.06
C GLY A 318 -32.61 26.80 -8.77
N VAL A 319 -31.85 26.46 -9.80
CA VAL A 319 -32.05 25.25 -10.59
C VAL A 319 -30.69 24.64 -10.86
N GLY A 320 -30.32 23.62 -10.09
CA GLY A 320 -29.01 23.03 -10.23
C GLY A 320 -28.07 23.08 -9.03
N PRO A 321 -28.01 24.19 -8.29
CA PRO A 321 -26.90 24.36 -7.35
C PRO A 321 -27.01 23.52 -6.08
N GLY A 322 -28.00 22.67 -5.94
CA GLY A 322 -28.12 21.87 -4.74
C GLY A 322 -26.93 20.94 -4.55
N SER A 323 -26.62 20.64 -3.30
CA SER A 323 -25.49 19.78 -3.00
C SER A 323 -25.74 18.34 -3.44
N ILE A 324 -26.99 17.88 -3.34
CA ILE A 324 -27.35 16.54 -3.76
C ILE A 324 -27.94 16.53 -5.16
N CYS A 325 -27.86 17.64 -5.88
CA CYS A 325 -28.47 17.78 -7.20
C CYS A 325 -27.50 17.36 -8.29
N THR A 326 -28.01 16.65 -9.30
CA THR A 326 -27.24 16.23 -10.45
C THR A 326 -27.89 16.67 -11.75
N THR A 327 -28.75 17.69 -11.70
N THR A 327 -28.75 17.69 -11.70
CA THR A 327 -29.40 18.19 -12.91
CA THR A 327 -29.40 18.19 -12.91
C THR A 327 -28.38 18.72 -13.90
N ARG A 328 -27.34 19.38 -13.41
CA ARG A 328 -26.34 19.98 -14.29
C ARG A 328 -25.41 18.95 -14.89
N VAL A 329 -25.40 17.72 -14.40
CA VAL A 329 -24.61 16.64 -14.98
C VAL A 329 -25.47 15.73 -15.84
N VAL A 330 -26.63 15.32 -15.31
CA VAL A 330 -27.51 14.43 -16.06
C VAL A 330 -28.12 15.16 -17.25
N ALA A 331 -28.63 16.37 -17.04
CA ALA A 331 -29.27 17.12 -18.10
C ALA A 331 -28.43 18.26 -18.64
N GLY A 332 -27.41 18.70 -17.92
CA GLY A 332 -26.62 19.82 -18.39
C GLY A 332 -27.34 21.13 -18.33
N VAL A 333 -28.35 21.27 -17.49
CA VAL A 333 -29.17 22.47 -17.38
C VAL A 333 -28.96 23.09 -16.01
N GLY A 334 -28.67 24.38 -15.98
CA GLY A 334 -28.49 25.05 -14.71
C GLY A 334 -28.17 26.52 -14.92
N ALA A 335 -28.00 27.22 -13.81
CA ALA A 335 -27.62 28.62 -13.81
C ALA A 335 -26.92 28.92 -12.50
N PRO A 336 -25.73 29.50 -12.53
CA PRO A 336 -25.03 29.80 -11.28
C PRO A 336 -25.84 30.73 -10.39
N GLN A 337 -25.77 30.50 -9.08
CA GLN A 337 -26.80 31.00 -8.18
C GLN A 337 -26.77 32.51 -8.05
N ILE A 338 -25.60 33.14 -8.04
CA ILE A 338 -25.54 34.58 -7.85
C ILE A 338 -26.19 35.30 -9.04
N THR A 339 -25.88 34.88 -10.25
CA THR A 339 -26.46 35.50 -11.42
C THR A 339 -27.96 35.23 -11.50
N ALA A 340 -28.39 34.03 -11.12
CA ALA A 340 -29.81 33.73 -11.12
C ALA A 340 -30.55 34.60 -10.12
N ILE A 341 -29.98 34.81 -8.94
CA ILE A 341 -30.60 35.68 -7.95
C ILE A 341 -30.66 37.10 -8.45
N LEU A 342 -29.59 37.58 -9.08
CA LEU A 342 -29.59 38.94 -9.60
C LEU A 342 -30.67 39.14 -10.65
N GLU A 343 -30.79 38.20 -11.59
CA GLU A 343 -31.82 38.29 -12.62
C GLU A 343 -33.21 38.25 -12.01
N ALA A 344 -33.45 37.31 -11.09
CA ALA A 344 -34.76 37.19 -10.47
C ALA A 344 -35.11 38.44 -9.69
N VAL A 345 -34.16 39.04 -8.99
CA VAL A 345 -34.42 40.27 -8.26
C VAL A 345 -34.73 41.39 -9.23
N ALA A 346 -33.97 41.51 -10.32
CA ALA A 346 -34.27 42.51 -11.33
C ALA A 346 -35.68 42.34 -11.88
N ALA A 347 -36.19 41.11 -11.89
CA ALA A 347 -37.57 40.90 -12.34
C ALA A 347 -38.61 41.16 -11.26
N CYS A 348 -38.30 40.89 -9.99
CA CYS A 348 -39.30 40.84 -8.93
C CYS A 348 -39.35 42.09 -8.06
N LYS A 349 -38.24 42.80 -7.91
CA LYS A 349 -38.22 43.96 -7.02
C LYS A 349 -39.24 45.03 -7.36
N PRO A 350 -39.48 45.41 -8.62
CA PRO A 350 -40.46 46.47 -8.90
C PRO A 350 -41.87 46.15 -8.41
N TYR A 351 -42.16 44.93 -8.02
CA TYR A 351 -43.47 44.55 -7.52
C TYR A 351 -43.45 44.17 -6.04
N GLY A 352 -42.31 44.34 -5.38
CA GLY A 352 -42.22 44.00 -3.96
C GLY A 352 -42.43 42.54 -3.66
N VAL A 353 -41.96 41.66 -4.53
CA VAL A 353 -42.12 40.21 -4.36
C VAL A 353 -40.81 39.65 -3.80
N PRO A 354 -40.83 39.01 -2.64
CA PRO A 354 -39.59 38.50 -2.05
C PRO A 354 -39.03 37.32 -2.83
N VAL A 355 -37.72 37.12 -2.65
CA VAL A 355 -36.95 36.09 -3.33
C VAL A 355 -36.33 35.18 -2.27
N ILE A 356 -36.43 33.88 -2.49
CA ILE A 356 -35.86 32.87 -1.61
C ILE A 356 -34.80 32.12 -2.38
N ALA A 357 -33.54 32.33 -2.03
CA ALA A 357 -32.44 31.62 -2.64
C ALA A 357 -32.38 30.21 -2.10
N ASP A 358 -32.52 29.21 -2.97
CA ASP A 358 -32.69 27.83 -2.56
C ASP A 358 -31.57 26.98 -3.12
N GLY A 359 -30.67 26.54 -2.27
CA GLY A 359 -29.66 25.59 -2.67
C GLY A 359 -28.29 26.22 -2.84
N GLY A 360 -27.26 25.43 -2.58
CA GLY A 360 -25.90 25.85 -2.78
C GLY A 360 -25.22 26.55 -1.62
N LEU A 361 -25.92 26.75 -0.51
CA LEU A 361 -25.37 27.47 0.63
C LEU A 361 -24.60 26.49 1.51
N GLN A 362 -23.33 26.82 1.77
CA GLN A 362 -22.44 25.99 2.57
C GLN A 362 -22.00 26.64 3.86
N TYR A 363 -21.85 27.96 3.90
CA TYR A 363 -21.37 28.68 5.06
C TYR A 363 -22.31 29.85 5.34
N SER A 364 -22.06 30.54 6.44
CA SER A 364 -22.82 31.76 6.73
C SER A 364 -22.43 32.89 5.79
N GLY A 365 -21.19 32.86 5.29
CA GLY A 365 -20.80 33.81 4.28
C GLY A 365 -21.58 33.66 2.99
N ASP A 366 -21.91 32.42 2.63
CA ASP A 366 -22.76 32.19 1.47
C ASP A 366 -24.14 32.80 1.69
N ILE A 367 -24.67 32.68 2.91
CA ILE A 367 -25.96 33.29 3.22
C ILE A 367 -25.87 34.81 3.07
N ALA A 368 -24.79 35.40 3.58
CA ALA A 368 -24.62 36.83 3.45
C ALA A 368 -24.53 37.26 1.99
N LYS A 369 -23.79 36.51 1.18
CA LYS A 369 -23.68 36.82 -0.24
C LYS A 369 -25.02 36.70 -0.94
N ALA A 370 -25.79 35.67 -0.62
CA ALA A 370 -27.10 35.50 -1.23
C ALA A 370 -28.04 36.64 -0.85
N LEU A 371 -28.03 37.05 0.41
CA LEU A 371 -28.87 38.16 0.82
C LEU A 371 -28.41 39.48 0.21
N ALA A 372 -27.12 39.62 -0.05
CA ALA A 372 -26.62 40.84 -0.66
C ALA A 372 -27.02 40.94 -2.13
N ALA A 373 -27.06 39.81 -2.83
CA ALA A 373 -27.46 39.82 -4.23
C ALA A 373 -28.90 40.26 -4.42
N GLY A 374 -29.71 40.21 -3.38
CA GLY A 374 -31.06 40.70 -3.47
C GLY A 374 -32.10 39.75 -2.90
N ALA A 375 -31.70 38.53 -2.60
CA ALA A 375 -32.63 37.57 -2.03
C ALA A 375 -33.06 38.01 -0.64
N SER A 376 -34.34 37.86 -0.35
CA SER A 376 -34.87 38.23 0.96
C SER A 376 -34.76 37.11 1.97
N THR A 377 -34.77 35.86 1.52
CA THR A 377 -34.70 34.72 2.43
C THR A 377 -33.83 33.65 1.80
N ALA A 378 -33.17 32.85 2.63
CA ALA A 378 -32.35 31.74 2.18
C ALA A 378 -32.93 30.43 2.69
N MET A 379 -33.01 29.43 1.83
CA MET A 379 -33.52 28.12 2.19
C MET A 379 -32.35 27.16 2.35
N LEU A 380 -32.26 26.50 3.51
CA LEU A 380 -31.10 25.71 3.86
C LEU A 380 -31.39 24.22 3.72
N GLY A 381 -30.42 23.49 3.20
CA GLY A 381 -30.53 22.06 2.99
C GLY A 381 -29.61 21.28 3.89
N SER A 382 -28.46 20.87 3.38
CA SER A 382 -27.53 20.05 4.13
C SER A 382 -27.02 20.73 5.39
N LEU A 383 -27.13 22.04 5.50
CA LEU A 383 -26.74 22.72 6.74
C LEU A 383 -27.64 22.33 7.90
N LEU A 384 -28.82 21.79 7.63
CA LEU A 384 -29.75 21.40 8.68
C LEU A 384 -30.01 19.90 8.73
N ALA A 385 -29.53 19.14 7.75
CA ALA A 385 -29.82 17.71 7.72
C ALA A 385 -29.18 16.99 8.89
N GLY A 386 -27.97 17.35 9.24
CA GLY A 386 -27.25 16.67 10.30
C GLY A 386 -27.65 17.05 11.70
N THR A 387 -28.55 17.99 11.87
CA THR A 387 -28.96 18.40 13.21
C THR A 387 -29.82 17.33 13.86
N ALA A 388 -29.96 17.45 15.18
CA ALA A 388 -30.70 16.45 15.94
C ALA A 388 -32.20 16.50 15.67
N GLU A 389 -32.71 17.66 15.25
CA GLU A 389 -34.13 17.80 15.01
C GLU A 389 -34.56 17.28 13.64
N SER A 390 -33.64 16.94 12.77
CA SER A 390 -34.02 16.41 11.46
C SER A 390 -34.45 14.96 11.59
N PRO A 391 -35.37 14.51 10.74
CA PRO A 391 -35.80 13.11 10.80
C PRO A 391 -34.70 12.15 10.40
N GLY A 392 -34.85 10.91 10.83
CA GLY A 392 -33.90 9.88 10.51
C GLY A 392 -33.13 9.40 11.74
N GLU A 393 -32.62 8.17 11.64
CA GLU A 393 -31.86 7.55 12.72
C GLU A 393 -30.40 7.91 12.62
N LEU A 394 -29.79 8.21 13.75
CA LEU A 394 -28.37 8.52 13.80
C LEU A 394 -27.55 7.28 13.46
N ILE A 395 -26.50 7.47 12.66
CA ILE A 395 -25.69 6.39 12.13
C ILE A 395 -24.27 6.55 12.65
N PHE A 396 -23.61 5.43 12.96
CA PHE A 396 -22.26 5.43 13.49
C PHE A 396 -21.32 4.77 12.51
N VAL A 397 -20.19 5.43 12.24
CA VAL A 397 -19.15 4.93 11.36
C VAL A 397 -17.80 5.34 11.96
N ASN A 398 -16.98 4.35 12.31
CA ASN A 398 -15.66 4.58 12.89
C ASN A 398 -15.76 5.42 14.16
N GLY A 399 -16.82 5.21 14.93
CA GLY A 399 -17.05 5.96 16.14
C GLY A 399 -17.55 7.37 15.93
N LYS A 400 -17.67 7.81 14.69
CA LYS A 400 -18.18 9.14 14.36
C LYS A 400 -19.66 9.04 14.00
N GLN A 401 -20.35 10.16 14.13
CA GLN A 401 -21.80 10.21 13.95
C GLN A 401 -22.14 10.92 12.65
N PHE A 402 -23.03 10.31 11.87
CA PHE A 402 -23.50 10.86 10.61
C PHE A 402 -24.99 10.62 10.49
N LYS A 403 -25.64 11.38 9.62
CA LYS A 403 -27.07 11.21 9.36
C LYS A 403 -27.31 11.19 7.86
N SER A 404 -28.41 10.55 7.47
CA SER A 404 -28.71 10.35 6.06
C SER A 404 -29.23 11.63 5.43
N TYR A 405 -28.83 11.87 4.19
CA TYR A 405 -29.29 13.02 3.40
C TYR A 405 -29.41 12.59 1.96
N ARG A 406 -30.56 12.87 1.34
CA ARG A 406 -30.80 12.46 -0.02
C ARG A 406 -31.71 13.47 -0.70
N GLY A 407 -31.61 13.54 -2.02
CA GLY A 407 -32.46 14.42 -2.78
C GLY A 407 -33.82 13.82 -3.07
N MET A 408 -34.81 14.70 -3.24
CA MET A 408 -36.15 14.24 -3.54
C MET A 408 -36.24 13.55 -4.90
N GLY A 409 -35.27 13.74 -5.77
CA GLY A 409 -35.17 13.05 -7.03
C GLY A 409 -34.24 11.86 -7.03
N SER A 410 -33.75 11.45 -5.87
CA SER A 410 -32.88 10.30 -5.78
C SER A 410 -33.65 9.03 -6.03
N LEU A 411 -32.93 7.94 -6.30
CA LEU A 411 -33.58 6.67 -6.60
C LEU A 411 -34.43 6.20 -5.43
N GLY A 412 -33.92 6.32 -4.21
CA GLY A 412 -34.72 5.95 -3.06
C GLY A 412 -35.94 6.82 -2.86
N ALA A 413 -35.78 8.14 -3.02
CA ALA A 413 -36.89 9.05 -2.81
C ALA A 413 -37.99 8.84 -3.84
N MET A 414 -37.65 8.33 -5.01
CA MET A 414 -38.67 8.03 -6.01
C MET A 414 -39.56 6.87 -5.61
N GLN A 415 -39.11 6.06 -4.66
CA GLN A 415 -39.87 4.92 -4.17
C GLN A 415 -40.77 5.32 -3.01
N LEU A 439 -37.18 6.05 -15.37
CA LEU A 439 -36.81 6.61 -14.07
C LEU A 439 -35.34 7.01 -14.04
N VAL A 440 -35.02 8.16 -14.62
CA VAL A 440 -33.66 8.69 -14.60
C VAL A 440 -33.55 9.64 -13.40
N PRO A 441 -32.79 9.28 -12.36
CA PRO A 441 -32.78 10.10 -11.14
C PRO A 441 -32.09 11.43 -11.33
N GLU A 442 -32.51 12.40 -10.53
CA GLU A 442 -31.96 13.75 -10.56
C GLU A 442 -31.26 14.11 -9.25
N GLY A 443 -30.80 13.10 -8.51
CA GLY A 443 -30.15 13.35 -7.23
C GLY A 443 -29.39 12.13 -6.77
N ILE A 444 -28.82 12.24 -5.59
CA ILE A 444 -27.99 11.18 -5.00
C ILE A 444 -28.34 11.01 -3.53
N GLU A 445 -27.83 9.93 -2.95
CA GLU A 445 -27.93 9.64 -1.53
C GLU A 445 -26.57 9.83 -0.88
N GLY A 446 -26.57 10.04 0.43
CA GLY A 446 -25.30 10.18 1.13
C GLY A 446 -25.53 10.44 2.60
N ARG A 447 -24.45 10.79 3.29
CA ARG A 447 -24.50 11.08 4.71
C ARG A 447 -23.73 12.35 5.01
N VAL A 448 -24.20 13.08 6.01
CA VAL A 448 -23.58 14.33 6.45
C VAL A 448 -23.23 14.21 7.93
N PRO A 449 -22.14 14.82 8.39
CA PRO A 449 -21.76 14.68 9.80
C PRO A 449 -22.79 15.25 10.73
N PHE A 450 -22.94 14.62 11.89
CA PHE A 450 -23.87 15.08 12.92
C PHE A 450 -23.41 16.41 13.49
N ARG A 451 -24.35 17.32 13.66
CA ARG A 451 -24.03 18.68 14.08
C ARG A 451 -24.62 19.08 15.43
N GLY A 452 -25.60 18.37 15.94
CA GLY A 452 -26.15 18.67 17.24
C GLY A 452 -27.52 19.32 17.16
N PRO A 453 -27.84 20.17 18.12
CA PRO A 453 -29.14 20.84 18.12
C PRO A 453 -29.24 21.90 17.03
N LEU A 454 -30.47 22.19 16.63
CA LEU A 454 -30.70 23.18 15.59
C LEU A 454 -30.37 24.59 16.07
N GLY A 455 -30.65 24.89 17.33
CA GLY A 455 -30.46 26.25 17.83
C GLY A 455 -29.03 26.72 17.72
N THR A 456 -28.07 25.85 18.00
CA THR A 456 -26.67 26.22 17.91
C THR A 456 -26.28 26.54 16.47
N VAL A 457 -26.72 25.72 15.53
CA VAL A 457 -26.42 25.96 14.12
C VAL A 457 -27.02 27.28 13.66
N ILE A 458 -28.28 27.54 14.04
CA ILE A 458 -28.93 28.77 13.63
C ILE A 458 -28.23 29.97 14.26
N HIS A 459 -27.77 29.84 15.49
CA HIS A 459 -27.04 30.93 16.13
C HIS A 459 -25.72 31.20 15.44
N GLN A 460 -25.01 30.15 15.03
CA GLN A 460 -23.76 30.33 14.30
C GLN A 460 -24.00 31.05 12.97
N LEU A 461 -25.02 30.61 12.22
CA LEU A 461 -25.31 31.24 10.94
C LEU A 461 -25.72 32.70 11.13
N THR A 462 -26.54 32.98 12.14
CA THR A 462 -26.94 34.35 12.39
C THR A 462 -25.76 35.21 12.83
N GLY A 463 -24.83 34.63 13.59
CA GLY A 463 -23.63 35.37 13.95
C GLY A 463 -22.78 35.73 12.74
N GLY A 464 -22.63 34.78 11.82
CA GLY A 464 -21.93 35.10 10.58
C GLY A 464 -22.61 36.18 9.78
N LEU A 465 -23.94 36.10 9.67
CA LEU A 465 -24.68 37.14 8.96
C LEU A 465 -24.54 38.49 9.63
N ARG A 466 -24.55 38.52 10.97
CA ARG A 466 -24.40 39.77 11.69
C ARG A 466 -22.99 40.35 11.50
N ALA A 467 -21.98 39.49 11.45
CA ALA A 467 -20.63 39.97 11.15
C ALA A 467 -20.57 40.59 9.77
N ALA A 468 -21.20 39.96 8.79
CA ALA A 468 -21.23 40.53 7.45
C ALA A 468 -21.95 41.87 7.44
N MET A 469 -23.06 41.97 8.17
CA MET A 469 -23.81 43.22 8.24
C MET A 469 -22.97 44.32 8.88
N GLY A 470 -22.21 43.98 9.91
CA GLY A 470 -21.33 44.95 10.51
C GLY A 470 -20.23 45.39 9.58
N TYR A 471 -19.65 44.47 8.83
CA TYR A 471 -18.60 44.83 7.88
C TYR A 471 -19.13 45.74 6.78
N THR A 472 -20.32 45.47 6.26
CA THR A 472 -20.86 46.26 5.17
C THR A 472 -21.60 47.49 5.65
N GLY A 473 -21.72 47.71 6.96
CA GLY A 473 -22.43 48.86 7.47
C GLY A 473 -23.92 48.87 7.16
N SER A 474 -24.57 47.73 7.29
CA SER A 474 -25.99 47.57 6.97
C SER A 474 -26.75 47.32 8.27
N ALA A 475 -27.55 48.30 8.67
CA ALA A 475 -28.36 48.13 9.87
C ALA A 475 -29.52 47.17 9.65
N THR A 476 -29.99 47.05 8.42
CA THR A 476 -31.10 46.18 8.09
C THR A 476 -30.77 45.34 6.87
N ILE A 477 -31.54 44.27 6.67
CA ILE A 477 -31.37 43.44 5.49
C ILE A 477 -31.68 44.23 4.24
N GLU A 478 -32.62 45.16 4.32
CA GLU A 478 -32.92 46.02 3.18
C GLU A 478 -31.71 46.84 2.76
N GLN A 479 -30.88 47.25 3.72
CA GLN A 479 -29.65 47.94 3.39
C GLN A 479 -28.55 46.97 2.97
N LEU A 480 -28.61 45.73 3.44
CA LEU A 480 -27.64 44.74 2.99
C LEU A 480 -27.88 44.37 1.54
N GLN A 481 -29.10 44.48 1.06
CA GLN A 481 -29.41 44.13 -0.32
C GLN A 481 -28.86 45.13 -1.31
N GLN A 482 -28.09 46.14 -0.90
CA GLN A 482 -27.51 47.11 -1.82
C GLN A 482 -26.00 47.20 -1.65
N ALA A 483 -25.36 46.13 -1.20
CA ALA A 483 -23.93 46.13 -1.03
C ALA A 483 -23.21 45.78 -2.33
N GLN A 484 -21.95 46.22 -2.43
CA GLN A 484 -21.11 45.99 -3.60
C GLN A 484 -20.51 44.60 -3.57
N PHE A 485 -20.05 44.15 -4.72
CA PHE A 485 -19.39 42.86 -4.86
C PHE A 485 -18.05 43.06 -5.56
N VAL A 486 -17.10 42.20 -5.25
CA VAL A 486 -15.81 42.16 -5.92
C VAL A 486 -15.61 40.74 -6.46
N GLN A 487 -15.41 40.63 -7.76
CA GLN A 487 -15.15 39.34 -8.39
C GLN A 487 -13.72 38.91 -8.12
N ILE A 488 -13.54 37.65 -7.73
CA ILE A 488 -12.23 37.09 -7.42
C ILE A 488 -11.96 35.96 -8.39
N THR A 489 -10.69 35.56 -8.47
CA THR A 489 -10.27 34.44 -9.29
C THR A 489 -9.94 33.22 -8.42
N ALA A 490 -9.41 32.18 -9.06
CA ALA A 490 -9.07 30.95 -8.35
C ALA A 490 -8.02 31.19 -7.29
N ALA A 491 -6.99 31.97 -7.61
CA ALA A 491 -5.97 32.28 -6.62
C ALA A 491 -6.54 33.07 -5.45
N GLY A 492 -7.41 34.04 -5.73
CA GLY A 492 -8.11 34.71 -4.66
C GLY A 492 -9.00 33.77 -3.86
N LEU A 493 -9.60 32.79 -4.53
CA LEU A 493 -10.44 31.83 -3.83
C LEU A 493 -9.64 31.00 -2.84
N LYS A 494 -8.47 30.50 -3.24
CA LYS A 494 -7.67 29.75 -2.29
C LYS A 494 -7.03 30.66 -1.24
N GLU A 495 -6.80 31.93 -1.57
CA GLU A 495 -6.36 32.89 -0.55
C GLU A 495 -7.44 33.14 0.48
N SER A 496 -8.72 33.04 0.08
CA SER A 496 -9.82 33.31 1.00
C SER A 496 -9.84 32.32 2.15
N HIS A 497 -9.70 31.03 1.84
CA HIS A 497 -9.69 30.02 2.87
C HIS A 497 -8.35 30.04 3.61
N PRO A 498 -8.30 29.47 4.81
CA PRO A 498 -7.03 29.33 5.51
C PRO A 498 -6.02 28.55 4.67
N HIS A 499 -4.78 29.02 4.67
CA HIS A 499 -3.74 28.46 3.82
C HIS A 499 -2.41 28.43 4.58
N ASP A 500 -1.53 27.52 4.14
CA ASP A 500 -0.19 27.38 4.72
C ASP A 500 -0.26 27.18 6.24
N ILE A 501 -1.21 26.36 6.68
CA ILE A 501 -1.39 26.07 8.09
C ILE A 501 -2.07 24.72 8.22
N THR A 502 -1.70 23.98 9.25
CA THR A 502 -2.30 22.68 9.56
C THR A 502 -3.18 22.88 10.79
N MET A 503 -4.48 23.05 10.58
CA MET A 503 -5.40 23.30 11.67
C MET A 503 -5.41 22.12 12.64
N THR A 504 -5.29 22.41 13.93
CA THR A 504 -5.24 21.40 14.97
C THR A 504 -6.54 21.26 15.75
N VAL A 505 -7.38 22.30 15.76
CA VAL A 505 -8.68 22.26 16.42
C VAL A 505 -9.69 22.97 15.54
N GLU A 506 -10.89 22.39 15.44
CA GLU A 506 -11.90 22.91 14.56
C GLU A 506 -12.70 24.04 15.21
N ALA A 507 -12.99 25.08 14.44
CA ALA A 507 -13.80 26.18 14.92
C ALA A 507 -15.28 25.82 14.79
N PRO A 508 -16.14 26.40 15.63
CA PRO A 508 -17.58 26.14 15.48
C PRO A 508 -18.15 26.57 14.15
N ASN A 509 -17.62 27.65 13.56
CA ASN A 509 -18.12 28.20 12.31
C ASN A 509 -17.27 27.81 11.11
N TYR A 510 -16.27 26.94 11.29
CA TYR A 510 -15.43 26.53 10.16
C TYR A 510 -15.00 25.08 10.38
N TYR A 511 -15.43 24.20 9.47
CA TYR A 511 -15.10 22.78 9.53
C TYR A 511 -14.18 22.42 8.37
N THR A 512 -13.57 21.25 8.47
CA THR A 512 -12.63 20.79 7.45
C THR A 512 -13.34 20.51 6.12
N VAL B 12 -2.50 50.14 -28.66
CA VAL B 12 -2.31 49.69 -30.03
C VAL B 12 -1.92 48.20 -30.12
N PRO B 13 -0.89 47.75 -29.39
CA PRO B 13 -0.52 46.34 -29.47
C PRO B 13 -1.54 45.45 -28.80
N VAL B 14 -1.52 44.17 -29.17
CA VAL B 14 -2.46 43.19 -28.64
C VAL B 14 -2.18 42.98 -27.15
N PRO B 15 -3.21 42.86 -26.31
CA PRO B 15 -2.95 42.66 -24.87
C PRO B 15 -2.26 41.36 -24.54
N THR B 16 -2.26 40.37 -25.42
CA THR B 16 -1.64 39.08 -25.15
C THR B 16 -0.25 38.95 -25.75
N GLY B 17 0.25 39.99 -26.42
CA GLY B 17 1.58 39.95 -26.99
C GLY B 17 1.58 40.13 -28.49
N GLY B 18 2.58 40.82 -29.01
CA GLY B 18 2.68 41.07 -30.43
C GLY B 18 1.75 42.18 -30.88
N ASP B 19 1.74 42.40 -32.19
CA ASP B 19 0.88 43.40 -32.79
C ASP B 19 -0.23 42.81 -33.65
N ASP B 20 -0.18 41.52 -33.96
CA ASP B 20 -1.17 40.91 -34.82
C ASP B 20 -2.38 40.49 -33.99
N PRO B 21 -3.56 41.05 -34.21
CA PRO B 21 -4.72 40.66 -33.40
C PRO B 21 -5.28 39.30 -33.75
N THR B 22 -4.91 38.72 -34.88
CA THR B 22 -5.42 37.43 -35.30
C THR B 22 -4.51 36.28 -34.93
N LYS B 23 -3.40 36.55 -34.22
CA LYS B 23 -2.51 35.47 -33.82
C LYS B 23 -3.23 34.50 -32.89
N VAL B 24 -3.97 35.03 -31.93
CA VAL B 24 -4.88 34.23 -31.11
C VAL B 24 -6.28 34.45 -31.67
N ALA B 25 -6.79 33.44 -32.38
CA ALA B 25 -7.98 33.62 -33.18
C ALA B 25 -9.22 33.83 -32.31
N MET B 26 -9.41 33.00 -31.30
CA MET B 26 -10.63 33.04 -30.51
C MET B 26 -10.39 32.37 -29.17
N LEU B 27 -11.41 32.41 -28.32
CA LEU B 27 -11.41 31.71 -27.05
C LEU B 27 -12.28 30.48 -27.16
N GLY B 28 -11.74 29.33 -26.77
CA GLY B 28 -12.41 28.05 -26.96
C GLY B 28 -13.17 27.61 -25.75
N LEU B 29 -14.43 27.27 -25.96
CA LEU B 29 -15.31 26.74 -24.93
C LEU B 29 -15.48 25.23 -25.11
N THR B 30 -15.46 24.51 -24.00
CA THR B 30 -15.71 23.07 -24.00
C THR B 30 -16.98 22.78 -23.22
N PHE B 31 -17.27 21.50 -23.02
CA PHE B 31 -18.53 21.11 -22.39
C PHE B 31 -18.61 21.58 -20.95
N ASP B 32 -17.52 21.53 -20.21
CA ASP B 32 -17.53 21.96 -18.82
C ASP B 32 -17.64 23.46 -18.66
N ASP B 33 -17.53 24.24 -19.73
CA ASP B 33 -17.56 25.68 -19.64
C ASP B 33 -18.95 26.27 -19.79
N VAL B 34 -19.96 25.48 -20.14
CA VAL B 34 -21.27 26.02 -20.46
C VAL B 34 -22.36 25.20 -19.78
N LEU B 35 -23.53 25.81 -19.66
CA LEU B 35 -24.74 25.14 -19.18
C LEU B 35 -25.91 25.61 -20.02
N LEU B 36 -26.97 24.83 -20.03
CA LEU B 36 -28.19 25.18 -20.76
C LEU B 36 -29.11 25.99 -19.86
N LEU B 37 -29.61 27.07 -20.38
CA LEU B 37 -30.53 27.92 -19.62
C LEU B 37 -31.96 27.41 -19.74
N PRO B 38 -32.69 27.25 -18.65
CA PRO B 38 -34.09 26.89 -18.74
C PRO B 38 -34.90 27.97 -19.44
N ALA B 39 -35.92 27.54 -20.18
CA ALA B 39 -36.75 28.44 -20.95
C ALA B 39 -38.21 28.10 -20.75
N ALA B 40 -39.10 28.89 -21.33
CA ALA B 40 -40.52 28.63 -21.26
C ALA B 40 -40.84 27.28 -21.89
N SER B 41 -41.50 26.41 -21.13
CA SER B 41 -41.66 25.03 -21.53
C SER B 41 -43.13 24.62 -21.47
N ASP B 42 -43.51 23.74 -22.40
CA ASP B 42 -44.77 23.03 -22.34
C ASP B 42 -44.58 21.59 -22.76
N VAL B 43 -43.37 21.06 -22.57
CA VAL B 43 -42.95 19.78 -23.10
C VAL B 43 -42.78 18.80 -21.96
N VAL B 44 -43.44 17.65 -22.06
CA VAL B 44 -43.26 16.57 -21.09
C VAL B 44 -42.02 15.78 -21.49
N PRO B 45 -41.16 15.39 -20.55
CA PRO B 45 -39.99 14.59 -20.91
C PRO B 45 -40.35 13.29 -21.61
N ALA B 46 -41.49 12.69 -21.28
CA ALA B 46 -41.87 11.44 -21.93
C ALA B 46 -42.37 11.67 -23.35
N THR B 47 -42.89 12.86 -23.65
CA THR B 47 -43.45 13.15 -24.96
C THR B 47 -42.51 13.92 -25.87
N ALA B 48 -41.25 14.11 -25.47
CA ALA B 48 -40.29 14.79 -26.31
C ALA B 48 -39.88 13.88 -27.46
N ASP B 49 -39.72 14.47 -28.65
CA ASP B 49 -39.30 13.76 -29.85
C ASP B 49 -37.79 13.90 -29.99
N THR B 50 -37.08 12.79 -29.89
CA THR B 50 -35.62 12.79 -29.97
C THR B 50 -35.11 12.40 -31.35
N SER B 51 -35.98 12.28 -32.34
CA SER B 51 -35.53 11.93 -33.68
C SER B 51 -34.68 13.04 -34.28
N SER B 52 -33.60 12.66 -34.96
CA SER B 52 -32.68 13.62 -35.52
C SER B 52 -32.05 13.05 -36.79
N GLN B 53 -31.56 13.96 -37.63
CA GLN B 53 -30.94 13.57 -38.90
C GLN B 53 -29.52 13.09 -38.68
N LEU B 54 -29.17 11.97 -39.29
CA LEU B 54 -27.78 11.55 -39.34
C LEU B 54 -27.11 12.05 -40.60
N THR B 55 -27.72 11.84 -41.75
CA THR B 55 -27.31 12.42 -43.03
C THR B 55 -28.48 13.19 -43.61
N LYS B 56 -28.32 13.65 -44.85
CA LYS B 56 -29.41 14.38 -45.49
C LYS B 56 -30.57 13.47 -45.87
N ARG B 57 -30.40 12.15 -45.81
CA ARG B 57 -31.44 11.22 -46.16
C ARG B 57 -31.73 10.16 -45.10
N ILE B 58 -30.92 10.07 -44.05
CA ILE B 58 -31.09 9.05 -43.01
C ILE B 58 -31.46 9.76 -41.71
N ARG B 59 -32.59 9.37 -41.13
CA ARG B 59 -33.07 9.93 -39.88
C ARG B 59 -33.12 8.83 -38.83
N LEU B 60 -32.55 9.09 -37.66
CA LEU B 60 -32.51 8.15 -36.57
C LEU B 60 -33.52 8.55 -35.49
N ARG B 61 -34.04 7.56 -34.78
CA ARG B 61 -34.94 7.84 -33.68
C ARG B 61 -34.20 8.34 -32.46
N VAL B 62 -33.01 7.82 -32.21
CA VAL B 62 -32.16 8.25 -31.12
C VAL B 62 -30.87 8.80 -31.71
N PRO B 63 -30.51 10.04 -31.45
CA PRO B 63 -29.38 10.68 -32.13
C PRO B 63 -28.03 10.28 -31.55
N LEU B 64 -27.76 9.00 -31.51
CA LEU B 64 -26.50 8.47 -31.03
C LEU B 64 -25.90 7.54 -32.08
N VAL B 65 -24.58 7.52 -32.15
CA VAL B 65 -23.84 6.70 -33.10
C VAL B 65 -22.63 6.12 -32.39
N SER B 66 -22.31 4.87 -32.68
CA SER B 66 -21.17 4.21 -32.07
C SER B 66 -19.88 4.55 -32.82
N SER B 67 -18.80 4.71 -32.07
CA SER B 67 -17.52 5.05 -32.67
C SER B 67 -16.96 3.89 -33.48
N ALA B 68 -16.22 4.23 -34.53
CA ALA B 68 -15.60 3.22 -35.39
C ALA B 68 -14.24 2.84 -34.82
N MET B 69 -14.27 2.13 -33.71
CA MET B 69 -13.08 1.70 -33.01
C MET B 69 -13.12 0.20 -32.75
N ASP B 70 -11.95 -0.43 -32.76
CA ASP B 70 -11.89 -1.88 -32.68
C ASP B 70 -12.30 -2.41 -31.32
N THR B 71 -12.35 -1.55 -30.31
CA THR B 71 -12.83 -1.95 -28.99
C THR B 71 -14.22 -1.44 -28.71
N VAL B 72 -14.91 -0.92 -29.71
CA VAL B 72 -16.25 -0.36 -29.51
C VAL B 72 -17.26 -1.06 -30.41
N THR B 73 -17.07 -0.97 -31.73
CA THR B 73 -18.09 -1.37 -32.68
C THR B 73 -17.64 -2.58 -33.48
N GLU B 74 -18.43 -3.64 -33.46
CA GLU B 74 -18.34 -4.76 -34.38
C GLU B 74 -19.76 -5.18 -34.71
N SER B 75 -19.93 -6.38 -35.26
CA SER B 75 -21.26 -6.82 -35.67
C SER B 75 -22.24 -6.80 -34.52
N ARG B 76 -21.84 -7.30 -33.36
CA ARG B 76 -22.74 -7.33 -32.21
C ARG B 76 -23.13 -5.93 -31.78
N MET B 77 -22.13 -5.04 -31.64
CA MET B 77 -22.42 -3.68 -31.22
C MET B 77 -23.24 -2.94 -32.25
N ALA B 78 -22.94 -3.15 -33.54
CA ALA B 78 -23.72 -2.50 -34.58
C ALA B 78 -25.16 -2.95 -34.56
N ILE B 79 -25.39 -4.25 -34.35
CA ILE B 79 -26.75 -4.76 -34.27
C ILE B 79 -27.47 -4.15 -33.07
N ALA B 80 -26.80 -4.11 -31.92
CA ALA B 80 -27.44 -3.55 -30.73
C ALA B 80 -27.76 -2.08 -30.91
N MET B 81 -26.87 -1.32 -31.54
CA MET B 81 -27.11 0.10 -31.76
C MET B 81 -28.25 0.32 -32.74
N ALA B 82 -28.31 -0.46 -33.80
CA ALA B 82 -29.42 -0.34 -34.74
C ALA B 82 -30.73 -0.74 -34.10
N ARG B 83 -30.69 -1.67 -33.16
CA ARG B 83 -31.91 -2.07 -32.46
C ARG B 83 -32.36 -1.02 -31.47
N ALA B 84 -31.42 -0.34 -30.82
CA ALA B 84 -31.75 0.65 -29.80
C ALA B 84 -32.27 1.96 -30.39
N GLY B 85 -32.15 2.15 -31.70
CA GLY B 85 -32.61 3.36 -32.34
C GLY B 85 -31.52 4.22 -32.94
N GLY B 86 -30.25 3.95 -32.61
CA GLY B 86 -29.15 4.69 -33.16
C GLY B 86 -28.55 4.02 -34.38
N MET B 87 -27.23 3.91 -34.41
CA MET B 87 -26.53 3.26 -35.51
C MET B 87 -25.09 3.02 -35.07
N GLY B 88 -24.47 2.03 -35.70
CA GLY B 88 -23.08 1.72 -35.44
C GLY B 88 -22.24 1.92 -36.69
N VAL B 89 -20.97 2.24 -36.49
CA VAL B 89 -20.02 2.42 -37.58
C VAL B 89 -18.91 1.40 -37.38
N LEU B 90 -18.81 0.43 -38.29
CA LEU B 90 -17.82 -0.63 -38.15
C LEU B 90 -16.41 -0.10 -38.40
N HIS B 91 -15.49 -0.51 -37.54
CA HIS B 91 -14.12 -0.06 -37.65
C HIS B 91 -13.43 -0.73 -38.82
N ARG B 92 -12.39 -0.07 -39.34
CA ARG B 92 -11.68 -0.53 -40.52
C ARG B 92 -10.33 -1.15 -40.17
N ASN B 93 -10.15 -1.58 -38.94
CA ASN B 93 -8.88 -2.17 -38.50
C ASN B 93 -8.90 -3.69 -38.66
N LEU B 94 -9.25 -4.14 -39.85
CA LEU B 94 -9.30 -5.56 -40.20
C LEU B 94 -9.36 -5.68 -41.72
N PRO B 95 -9.07 -6.86 -42.27
CA PRO B 95 -9.05 -7.01 -43.73
C PRO B 95 -10.40 -6.69 -44.34
N VAL B 96 -10.38 -6.39 -45.64
CA VAL B 96 -11.60 -5.93 -46.32
C VAL B 96 -12.67 -7.01 -46.27
N ALA B 97 -12.29 -8.26 -46.56
CA ALA B 97 -13.26 -9.35 -46.58
C ALA B 97 -13.90 -9.53 -45.21
N GLU B 98 -13.12 -9.37 -44.15
CA GLU B 98 -13.67 -9.51 -42.81
C GLU B 98 -14.65 -8.39 -42.49
N GLN B 99 -14.36 -7.16 -42.92
CA GLN B 99 -15.30 -6.08 -42.69
C GLN B 99 -16.58 -6.28 -43.48
N ALA B 100 -16.47 -6.76 -44.71
CA ALA B 100 -17.67 -7.10 -45.48
C ALA B 100 -18.45 -8.21 -44.81
N GLY B 101 -17.76 -9.16 -44.21
CA GLY B 101 -18.44 -10.20 -43.45
C GLY B 101 -19.20 -9.63 -42.27
N GLN B 102 -18.60 -8.67 -41.57
CA GLN B 102 -19.29 -8.02 -40.46
C GLN B 102 -20.52 -7.27 -40.97
N VAL B 103 -20.38 -6.57 -42.09
CA VAL B 103 -21.52 -5.86 -42.68
C VAL B 103 -22.65 -6.82 -42.99
N GLU B 104 -22.32 -7.95 -43.60
CA GLU B 104 -23.34 -8.93 -43.96
C GLU B 104 -23.96 -9.56 -42.71
N THR B 105 -23.15 -9.79 -41.68
CA THR B 105 -23.69 -10.32 -40.43
C THR B 105 -24.71 -9.35 -39.83
N VAL B 106 -24.42 -8.05 -39.87
CA VAL B 106 -25.37 -7.07 -39.36
C VAL B 106 -26.62 -7.02 -40.23
N LYS B 107 -26.44 -6.98 -41.55
CA LYS B 107 -27.58 -6.81 -42.45
C LYS B 107 -28.51 -8.00 -42.42
N ARG B 108 -27.97 -9.22 -42.30
CA ARG B 108 -28.80 -10.42 -42.33
C ARG B 108 -29.74 -10.47 -41.13
N SER B 109 -29.25 -10.11 -39.95
CA SER B 109 -30.07 -10.13 -38.74
C SER B 109 -31.18 -9.10 -38.83
N THR B 223 -39.62 -9.51 -32.68
CA THR B 223 -39.87 -8.54 -33.73
C THR B 223 -40.37 -7.22 -33.13
N GLU B 224 -41.45 -7.32 -32.36
CA GLU B 224 -42.01 -6.16 -31.65
C GLU B 224 -41.21 -5.80 -30.41
N GLN B 225 -40.13 -6.55 -30.11
CA GLN B 225 -39.28 -6.21 -28.98
C GLN B 225 -38.63 -4.85 -29.16
N PHE B 226 -38.26 -4.49 -30.40
CA PHE B 226 -37.51 -3.27 -30.69
C PHE B 226 -38.35 -2.39 -31.60
N PRO B 227 -39.23 -1.55 -31.04
CA PRO B 227 -40.06 -0.68 -31.88
C PRO B 227 -39.31 0.47 -32.50
N LEU B 228 -38.19 0.88 -31.93
CA LEU B 228 -37.45 2.05 -32.38
C LEU B 228 -36.31 1.70 -33.32
N SER B 229 -36.15 0.43 -33.68
CA SER B 229 -35.01 0.02 -34.50
C SER B 229 -35.02 0.73 -35.85
N THR B 230 -33.84 1.09 -36.32
CA THR B 230 -33.67 1.82 -37.56
C THR B 230 -33.52 0.84 -38.72
N LYS B 231 -34.43 0.90 -39.68
CA LYS B 231 -34.43 -0.02 -40.80
C LYS B 231 -34.60 0.75 -42.10
N ASP B 232 -34.01 0.23 -43.17
CA ASP B 232 -34.05 0.86 -44.48
C ASP B 232 -35.34 0.48 -45.20
N SER B 233 -35.41 0.78 -46.50
CA SER B 233 -36.61 0.49 -47.29
C SER B 233 -36.87 -0.99 -47.44
N ASP B 234 -35.86 -1.83 -47.25
CA ASP B 234 -36.01 -3.27 -47.40
C ASP B 234 -36.33 -3.98 -46.10
N GLY B 235 -36.51 -3.25 -45.00
CA GLY B 235 -36.79 -3.88 -43.73
C GLY B 235 -35.60 -4.46 -43.03
N ARG B 236 -34.39 -4.01 -43.36
CA ARG B 236 -33.17 -4.49 -42.77
C ARG B 236 -32.49 -3.38 -41.96
N LEU B 237 -31.81 -3.77 -40.90
CA LEU B 237 -31.18 -2.80 -40.01
C LEU B 237 -30.09 -2.02 -40.75
N LEU B 238 -29.90 -0.76 -40.34
CA LEU B 238 -28.89 0.09 -40.94
C LEU B 238 -27.52 -0.18 -40.33
N VAL B 239 -26.48 0.09 -41.10
CA VAL B 239 -25.11 -0.09 -40.65
C VAL B 239 -24.22 0.81 -41.49
N GLY B 240 -23.11 1.25 -40.90
CA GLY B 240 -22.18 2.10 -41.58
C GLY B 240 -20.76 1.59 -41.42
N ALA B 241 -19.90 1.98 -42.35
CA ALA B 241 -18.53 1.49 -42.38
C ALA B 241 -17.56 2.64 -42.57
N ALA B 242 -16.36 2.48 -42.04
CA ALA B 242 -15.33 3.50 -42.09
C ALA B 242 -14.24 3.12 -43.08
N VAL B 243 -13.77 4.10 -43.83
CA VAL B 243 -12.71 3.90 -44.82
C VAL B 243 -11.63 4.96 -44.63
N GLY B 244 -10.45 4.67 -45.15
CA GLY B 244 -9.33 5.58 -45.10
C GLY B 244 -9.21 6.42 -46.36
N VAL B 245 -7.96 6.74 -46.72
CA VAL B 245 -7.66 7.47 -47.93
C VAL B 245 -6.67 6.66 -48.76
N GLY B 246 -6.97 6.46 -50.03
CA GLY B 246 -6.07 5.75 -50.93
C GLY B 246 -6.75 4.73 -51.82
N ASP B 247 -5.97 4.11 -52.71
CA ASP B 247 -6.52 3.10 -53.61
C ASP B 247 -7.00 1.86 -52.85
N ASP B 248 -6.26 1.45 -51.82
CA ASP B 248 -6.72 0.35 -50.98
C ASP B 248 -8.02 0.73 -50.29
N ALA B 249 -8.11 1.97 -49.81
CA ALA B 249 -9.36 2.46 -49.25
C ALA B 249 -10.48 2.48 -50.30
N TRP B 250 -10.14 2.80 -51.55
CA TRP B 250 -11.13 2.77 -52.62
C TRP B 250 -11.67 1.35 -52.84
N THR B 251 -10.77 0.37 -52.86
CA THR B 251 -11.22 -1.01 -53.02
C THR B 251 -12.08 -1.44 -51.85
N ARG B 252 -11.69 -1.08 -50.63
CA ARG B 252 -12.50 -1.38 -49.46
C ARG B 252 -13.88 -0.74 -49.57
N ALA B 253 -13.93 0.51 -50.01
CA ALA B 253 -15.21 1.21 -50.12
C ALA B 253 -16.10 0.54 -51.16
N MET B 254 -15.54 0.16 -52.30
CA MET B 254 -16.34 -0.51 -53.32
C MET B 254 -16.86 -1.85 -52.81
N THR B 255 -16.01 -2.61 -52.11
CA THR B 255 -16.45 -3.87 -51.54
C THR B 255 -17.57 -3.68 -50.54
N LEU B 256 -17.46 -2.66 -49.68
CA LEU B 256 -18.49 -2.43 -48.67
C LEU B 256 -19.79 -1.95 -49.32
N VAL B 257 -19.69 -1.16 -50.39
CA VAL B 257 -20.89 -0.76 -51.12
C VAL B 257 -21.57 -1.97 -51.72
N ASP B 258 -20.80 -2.89 -52.29
CA ASP B 258 -21.37 -4.12 -52.81
C ASP B 258 -22.02 -4.94 -51.70
N ALA B 259 -21.39 -4.96 -50.52
CA ALA B 259 -21.90 -5.72 -49.39
C ALA B 259 -23.18 -5.15 -48.82
N GLY B 260 -23.59 -3.95 -49.21
CA GLY B 260 -24.82 -3.36 -48.76
C GLY B 260 -24.72 -2.32 -47.67
N VAL B 261 -23.55 -1.72 -47.46
CA VAL B 261 -23.41 -0.69 -46.44
C VAL B 261 -24.26 0.51 -46.82
N ASP B 262 -24.73 1.23 -45.81
CA ASP B 262 -25.65 2.35 -45.98
C ASP B 262 -24.93 3.68 -45.98
N VAL B 263 -23.95 3.86 -45.10
CA VAL B 263 -23.20 5.10 -45.01
C VAL B 263 -21.71 4.77 -44.90
N LEU B 264 -20.90 5.50 -45.64
CA LEU B 264 -19.45 5.39 -45.63
C LEU B 264 -18.88 6.63 -44.97
N ILE B 265 -18.11 6.42 -43.91
CA ILE B 265 -17.44 7.51 -43.21
C ILE B 265 -16.00 7.53 -43.67
N VAL B 266 -15.60 8.61 -44.34
CA VAL B 266 -14.20 8.80 -44.69
C VAL B 266 -13.51 9.28 -43.44
N ASP B 267 -12.99 8.36 -42.65
CA ASP B 267 -12.50 8.63 -41.31
C ASP B 267 -11.03 8.99 -41.37
N THR B 268 -10.71 10.24 -41.09
CA THR B 268 -9.33 10.71 -41.05
C THR B 268 -9.13 11.58 -39.83
N ALA B 269 -7.88 11.72 -39.42
CA ALA B 269 -7.56 12.57 -38.29
C ALA B 269 -7.63 14.04 -38.66
N HIS B 270 -7.34 14.38 -39.91
CA HIS B 270 -7.37 15.76 -40.37
C HIS B 270 -8.07 15.79 -41.72
N ALA B 271 -9.29 16.32 -41.75
CA ALA B 271 -10.11 16.27 -42.94
C ALA B 271 -9.95 17.49 -43.84
N HIS B 272 -9.17 18.48 -43.44
CA HIS B 272 -8.96 19.63 -44.31
C HIS B 272 -7.85 19.39 -45.32
N ASN B 273 -7.25 18.20 -45.33
CA ASN B 273 -6.29 17.85 -46.35
C ASN B 273 -6.97 17.78 -47.72
N ARG B 274 -6.18 17.95 -48.77
CA ARG B 274 -6.72 17.93 -50.12
C ARG B 274 -7.08 16.52 -50.54
N GLY B 275 -6.30 15.52 -50.11
CA GLY B 275 -6.57 14.15 -50.49
C GLY B 275 -7.88 13.64 -49.95
N VAL B 276 -8.22 14.02 -48.71
CA VAL B 276 -9.47 13.57 -48.12
C VAL B 276 -10.66 14.15 -48.89
N LEU B 277 -10.59 15.43 -49.24
CA LEU B 277 -11.65 16.04 -50.02
C LEU B 277 -11.77 15.39 -51.39
N ASP B 278 -10.63 15.09 -52.03
CA ASP B 278 -10.68 14.41 -53.32
C ASP B 278 -11.30 13.03 -53.21
N MET B 279 -10.98 12.30 -52.15
CA MET B 279 -11.57 10.98 -51.94
C MET B 279 -13.07 11.09 -51.72
N VAL B 280 -13.51 12.09 -50.96
CA VAL B 280 -14.94 12.29 -50.73
C VAL B 280 -15.64 12.60 -52.05
N SER B 281 -15.03 13.45 -52.87
CA SER B 281 -15.61 13.77 -54.18
C SER B 281 -15.70 12.54 -55.06
N ARG B 282 -14.66 11.71 -55.08
CA ARG B 282 -14.70 10.50 -55.89
C ARG B 282 -15.79 9.55 -55.43
N LEU B 283 -15.92 9.35 -54.11
CA LEU B 283 -16.97 8.48 -53.59
C LEU B 283 -18.35 9.01 -53.93
N LYS B 284 -18.55 10.33 -53.78
CA LYS B 284 -19.83 10.93 -54.12
C LYS B 284 -20.15 10.75 -55.60
N GLN B 285 -19.16 10.95 -56.48
CA GLN B 285 -19.39 10.77 -57.90
C GLN B 285 -19.71 9.32 -58.24
N ALA B 286 -19.04 8.38 -57.59
CA ALA B 286 -19.20 6.97 -57.94
C ALA B 286 -20.51 6.39 -57.40
N VAL B 287 -20.68 6.40 -56.08
CA VAL B 287 -21.79 5.68 -55.46
C VAL B 287 -22.70 6.64 -54.69
N GLY B 288 -22.84 7.86 -55.21
CA GLY B 288 -23.56 8.89 -54.48
C GLY B 288 -25.02 8.56 -54.24
N GLU B 289 -25.71 8.07 -55.26
CA GLU B 289 -27.15 7.84 -55.12
C GLU B 289 -27.48 6.53 -54.42
N ARG B 290 -26.50 5.69 -54.11
CA ARG B 290 -26.75 4.45 -53.40
C ARG B 290 -26.49 4.58 -51.90
N VAL B 291 -25.35 5.15 -51.52
CA VAL B 291 -24.97 5.31 -50.12
C VAL B 291 -24.65 6.78 -49.85
N ASP B 292 -24.57 7.13 -48.58
CA ASP B 292 -24.21 8.47 -48.15
C ASP B 292 -22.75 8.50 -47.72
N VAL B 293 -22.14 9.67 -47.82
CA VAL B 293 -20.73 9.86 -47.50
C VAL B 293 -20.62 10.89 -46.39
N VAL B 294 -19.82 10.59 -45.37
CA VAL B 294 -19.63 11.46 -44.22
C VAL B 294 -18.16 11.81 -44.10
N GLY B 295 -17.86 13.10 -44.03
CA GLY B 295 -16.48 13.53 -44.02
C GLY B 295 -15.78 13.30 -42.69
N GLY B 296 -14.45 13.21 -42.75
CA GLY B 296 -13.64 13.11 -41.56
C GLY B 296 -13.73 14.25 -40.59
N ASN B 297 -12.91 14.21 -39.55
CA ASN B 297 -13.04 15.14 -38.43
C ASN B 297 -12.48 16.52 -38.79
N VAL B 298 -13.28 17.55 -38.56
CA VAL B 298 -12.88 18.94 -38.75
C VAL B 298 -13.01 19.67 -37.42
N ALA B 299 -12.42 20.85 -37.35
CA ALA B 299 -12.51 21.66 -36.15
C ALA B 299 -12.74 23.13 -36.43
N THR B 300 -12.79 23.58 -37.67
CA THR B 300 -12.94 24.99 -38.00
C THR B 300 -14.06 25.18 -39.00
N ARG B 301 -14.39 26.44 -39.25
CA ARG B 301 -15.45 26.77 -40.20
C ARG B 301 -14.99 26.51 -41.63
N ALA B 302 -13.73 26.82 -41.93
CA ALA B 302 -13.24 26.64 -43.30
C ALA B 302 -13.24 25.18 -43.71
N ALA B 303 -12.83 24.30 -42.82
CA ALA B 303 -12.82 22.88 -43.14
C ALA B 303 -14.22 22.34 -43.37
N ALA B 304 -15.18 22.77 -42.56
CA ALA B 304 -16.55 22.35 -42.75
C ALA B 304 -17.11 22.87 -44.06
N ALA B 305 -16.80 24.11 -44.40
CA ALA B 305 -17.23 24.66 -45.69
C ALA B 305 -16.62 23.88 -46.84
N ALA B 306 -15.35 23.53 -46.73
CA ALA B 306 -14.69 22.75 -47.78
C ALA B 306 -15.34 21.39 -47.94
N LEU B 307 -15.66 20.73 -46.83
CA LEU B 307 -16.33 19.43 -46.91
C LEU B 307 -17.70 19.56 -47.53
N VAL B 308 -18.44 20.61 -47.18
CA VAL B 308 -19.76 20.83 -47.76
C VAL B 308 -19.65 21.03 -49.26
N GLU B 309 -18.65 21.81 -49.69
CA GLU B 309 -18.46 22.02 -51.12
C GLU B 309 -18.04 20.73 -51.81
N ALA B 310 -17.30 19.87 -51.13
CA ALA B 310 -16.85 18.61 -51.71
C ALA B 310 -17.98 17.62 -51.89
N GLY B 311 -19.14 17.85 -51.29
CA GLY B 311 -20.32 17.03 -51.50
C GLY B 311 -20.65 16.08 -50.37
N ALA B 312 -19.96 16.17 -49.24
CA ALA B 312 -20.24 15.29 -48.11
C ALA B 312 -21.65 15.52 -47.59
N ASP B 313 -22.32 14.42 -47.25
CA ASP B 313 -23.69 14.50 -46.74
C ASP B 313 -23.75 14.76 -45.25
N ALA B 314 -22.63 14.67 -44.53
CA ALA B 314 -22.58 14.96 -43.12
C ALA B 314 -21.14 15.27 -42.75
N VAL B 315 -20.96 16.13 -41.76
CA VAL B 315 -19.64 16.59 -41.34
C VAL B 315 -19.42 16.14 -39.90
N LYS B 316 -18.34 15.42 -39.66
CA LYS B 316 -17.98 14.97 -38.32
C LYS B 316 -16.96 15.94 -37.74
N VAL B 317 -17.18 16.35 -36.49
CA VAL B 317 -16.50 17.49 -35.89
C VAL B 317 -15.79 17.04 -34.63
N GLY B 318 -14.53 17.41 -34.52
CA GLY B 318 -13.74 17.18 -33.32
C GLY B 318 -12.32 16.72 -33.59
N VAL B 319 -11.34 17.44 -33.06
CA VAL B 319 -9.94 17.11 -33.23
C VAL B 319 -9.24 17.29 -31.90
N GLY B 320 -9.02 16.20 -31.18
CA GLY B 320 -8.38 16.29 -29.89
C GLY B 320 -9.18 15.84 -28.66
N PRO B 321 -10.48 16.11 -28.59
CA PRO B 321 -11.17 16.00 -27.29
C PRO B 321 -11.47 14.59 -26.84
N GLY B 322 -11.03 13.57 -27.57
CA GLY B 322 -11.29 12.20 -27.15
C GLY B 322 -10.61 11.84 -25.86
N SER B 323 -11.17 10.88 -25.15
CA SER B 323 -10.62 10.50 -23.85
C SER B 323 -9.32 9.73 -23.99
N ILE B 324 -9.14 9.02 -25.10
CA ILE B 324 -7.93 8.26 -25.34
C ILE B 324 -6.97 8.97 -26.29
N CYS B 325 -7.28 10.20 -26.68
CA CYS B 325 -6.49 10.95 -27.64
C CYS B 325 -5.40 11.74 -26.94
N THR B 326 -4.24 11.86 -27.59
CA THR B 326 -3.14 12.66 -27.08
C THR B 326 -2.61 13.63 -28.13
N THR B 327 -3.43 14.01 -29.10
N THR B 327 -3.43 14.01 -29.10
CA THR B 327 -2.99 14.94 -30.13
CA THR B 327 -2.99 14.94 -30.13
C THR B 327 -2.64 16.30 -29.53
N ARG B 328 -3.46 16.79 -28.60
CA ARG B 328 -3.24 18.11 -28.04
C ARG B 328 -2.02 18.18 -27.14
N VAL B 329 -1.47 17.05 -26.73
CA VAL B 329 -0.22 17.02 -25.98
C VAL B 329 0.96 16.69 -26.89
N VAL B 330 0.80 15.70 -27.77
CA VAL B 330 1.88 15.29 -28.66
C VAL B 330 2.16 16.37 -29.69
N ALA B 331 1.13 16.89 -30.33
CA ALA B 331 1.29 17.88 -31.38
C ALA B 331 0.83 19.27 -30.98
N GLY B 332 0.10 19.41 -29.88
CA GLY B 332 -0.39 20.72 -29.50
C GLY B 332 -1.41 21.30 -30.43
N VAL B 333 -2.14 20.46 -31.15
CA VAL B 333 -3.14 20.88 -32.12
C VAL B 333 -4.50 20.41 -31.66
N GLY B 334 -5.46 21.33 -31.59
CA GLY B 334 -6.79 20.95 -31.19
C GLY B 334 -7.69 22.17 -31.18
N ALA B 335 -8.95 21.91 -30.82
CA ALA B 335 -9.95 22.96 -30.68
C ALA B 335 -11.02 22.49 -29.72
N PRO B 336 -11.41 23.30 -28.74
CA PRO B 336 -12.45 22.88 -27.80
C PRO B 336 -13.75 22.58 -28.52
N GLN B 337 -14.49 21.62 -27.98
CA GLN B 337 -15.56 20.99 -28.75
C GLN B 337 -16.73 21.92 -29.01
N ILE B 338 -17.14 22.72 -28.02
CA ILE B 338 -18.31 23.58 -28.19
C ILE B 338 -18.07 24.61 -29.27
N THR B 339 -16.91 25.26 -29.25
CA THR B 339 -16.60 26.27 -30.25
C THR B 339 -16.47 25.64 -31.63
N ALA B 340 -15.85 24.46 -31.71
CA ALA B 340 -15.73 23.78 -32.99
C ALA B 340 -17.09 23.44 -33.56
N ILE B 341 -18.00 22.95 -32.72
CA ILE B 341 -19.35 22.62 -33.18
C ILE B 341 -20.05 23.88 -33.65
N LEU B 342 -19.92 24.98 -32.91
CA LEU B 342 -20.57 26.22 -33.32
C LEU B 342 -20.07 26.70 -34.66
N GLU B 343 -18.75 26.67 -34.87
CA GLU B 343 -18.18 27.14 -36.13
C GLU B 343 -18.58 26.23 -37.28
N ALA B 344 -18.51 24.92 -37.08
CA ALA B 344 -18.90 23.99 -38.14
C ALA B 344 -20.37 24.14 -38.49
N VAL B 345 -21.23 24.37 -37.50
CA VAL B 345 -22.63 24.59 -37.77
C VAL B 345 -22.82 25.89 -38.55
N ALA B 346 -22.11 26.94 -38.17
CA ALA B 346 -22.16 28.17 -38.95
C ALA B 346 -21.77 27.94 -40.40
N ALA B 347 -20.85 27.01 -40.66
CA ALA B 347 -20.47 26.69 -42.03
C ALA B 347 -21.48 25.79 -42.73
N CYS B 348 -22.14 24.88 -42.02
CA CYS B 348 -22.91 23.82 -42.65
C CYS B 348 -24.41 24.06 -42.70
N LYS B 349 -24.99 24.74 -41.71
CA LYS B 349 -26.43 24.86 -41.61
C LYS B 349 -27.10 25.48 -42.84
N PRO B 350 -26.55 26.51 -43.49
CA PRO B 350 -27.24 27.05 -44.67
C PRO B 350 -27.46 26.04 -45.78
N TYR B 351 -26.66 24.99 -45.85
CA TYR B 351 -26.82 23.96 -46.87
C TYR B 351 -27.51 22.71 -46.35
N GLY B 352 -27.97 22.72 -45.10
CA GLY B 352 -28.67 21.57 -44.55
C GLY B 352 -27.82 20.33 -44.43
N VAL B 353 -26.55 20.47 -44.07
CA VAL B 353 -25.63 19.35 -43.89
C VAL B 353 -25.53 19.05 -42.40
N PRO B 354 -25.93 17.87 -41.95
CA PRO B 354 -25.89 17.57 -40.51
C PRO B 354 -24.47 17.47 -39.97
N VAL B 355 -24.37 17.61 -38.65
CA VAL B 355 -23.10 17.64 -37.92
C VAL B 355 -23.10 16.52 -36.89
N ILE B 356 -22.00 15.81 -36.82
CA ILE B 356 -21.80 14.73 -35.85
C ILE B 356 -20.67 15.13 -34.92
N ALA B 357 -21.02 15.49 -33.69
CA ALA B 357 -20.03 15.81 -32.68
C ALA B 357 -19.37 14.53 -32.19
N ASP B 358 -18.06 14.41 -32.36
CA ASP B 358 -17.34 13.19 -32.07
C ASP B 358 -16.29 13.46 -31.01
N GLY B 359 -16.35 12.75 -29.91
CA GLY B 359 -15.33 12.82 -28.89
C GLY B 359 -15.70 13.80 -27.78
N GLY B 360 -15.16 13.53 -26.59
CA GLY B 360 -15.32 14.42 -25.47
C GLY B 360 -16.59 14.27 -24.67
N LEU B 361 -17.48 13.36 -25.05
CA LEU B 361 -18.74 13.19 -24.35
C LEU B 361 -18.54 12.24 -23.17
N GLN B 362 -19.04 12.64 -22.00
CA GLN B 362 -18.88 11.84 -20.80
C GLN B 362 -20.21 11.55 -20.11
N TYR B 363 -21.19 12.43 -20.28
CA TYR B 363 -22.48 12.32 -19.61
C TYR B 363 -23.58 12.59 -20.61
N SER B 364 -24.82 12.39 -20.18
CA SER B 364 -25.96 12.78 -21.00
C SER B 364 -26.07 14.28 -21.12
N GLY B 365 -25.62 15.02 -20.10
CA GLY B 365 -25.60 16.47 -20.21
C GLY B 365 -24.70 16.94 -21.32
N ASP B 366 -23.58 16.26 -21.53
CA ASP B 366 -22.69 16.61 -22.63
C ASP B 366 -23.37 16.36 -23.97
N ILE B 367 -24.14 15.29 -24.10
CA ILE B 367 -24.89 15.05 -25.32
C ILE B 367 -25.89 16.16 -25.56
N ALA B 368 -26.60 16.57 -24.51
CA ALA B 368 -27.56 17.66 -24.65
C ALA B 368 -26.87 18.96 -25.05
N LYS B 369 -25.72 19.25 -24.46
CA LYS B 369 -24.97 20.45 -24.82
C LYS B 369 -24.51 20.38 -26.28
N ALA B 370 -24.02 19.23 -26.71
CA ALA B 370 -23.53 19.09 -28.07
C ALA B 370 -24.65 19.26 -29.08
N LEU B 371 -25.84 18.73 -28.78
CA LEU B 371 -26.95 18.91 -29.70
C LEU B 371 -27.50 20.32 -29.63
N ALA B 372 -27.41 20.97 -28.48
CA ALA B 372 -27.88 22.36 -28.38
C ALA B 372 -26.97 23.32 -29.12
N ALA B 373 -25.67 23.03 -29.19
CA ALA B 373 -24.74 23.89 -29.92
C ALA B 373 -25.02 23.90 -31.40
N GLY B 374 -25.79 22.95 -31.93
CA GLY B 374 -26.16 22.95 -33.31
C GLY B 374 -25.99 21.62 -33.99
N ALA B 375 -25.23 20.73 -33.37
CA ALA B 375 -24.99 19.41 -33.94
C ALA B 375 -26.29 18.62 -34.02
N SER B 376 -26.33 17.67 -34.95
CA SER B 376 -27.50 16.83 -35.12
C SER B 376 -27.33 15.44 -34.53
N THR B 377 -26.10 14.95 -34.43
CA THR B 377 -25.86 13.61 -33.91
C THR B 377 -24.55 13.62 -33.13
N ALA B 378 -24.46 12.76 -32.12
CA ALA B 378 -23.26 12.63 -31.30
C ALA B 378 -22.72 11.22 -31.42
N MET B 379 -21.42 11.09 -31.64
CA MET B 379 -20.77 9.79 -31.72
C MET B 379 -20.12 9.45 -30.39
N LEU B 380 -20.41 8.27 -29.87
CA LEU B 380 -20.02 7.89 -28.52
C LEU B 380 -18.89 6.86 -28.54
N GLY B 381 -17.91 7.07 -27.67
CA GLY B 381 -16.76 6.20 -27.54
C GLY B 381 -16.76 5.44 -26.24
N SER B 382 -16.01 5.94 -25.26
CA SER B 382 -15.84 5.25 -23.99
C SER B 382 -17.15 4.97 -23.29
N LEU B 383 -18.19 5.76 -23.57
CA LEU B 383 -19.50 5.48 -22.98
C LEU B 383 -20.03 4.12 -23.40
N LEU B 384 -19.65 3.64 -24.57
CA LEU B 384 -20.11 2.36 -25.07
C LEU B 384 -19.03 1.28 -25.01
N ALA B 385 -17.85 1.58 -24.52
CA ALA B 385 -16.78 0.60 -24.47
C ALA B 385 -16.94 -0.36 -23.30
N GLY B 386 -17.53 0.10 -22.21
CA GLY B 386 -17.72 -0.71 -21.03
C GLY B 386 -18.96 -1.56 -21.01
N THR B 387 -19.70 -1.61 -22.12
CA THR B 387 -20.91 -2.41 -22.20
C THR B 387 -20.56 -3.84 -22.58
N ALA B 388 -21.59 -4.69 -22.66
CA ALA B 388 -21.39 -6.09 -22.99
C ALA B 388 -21.38 -6.36 -24.48
N GLU B 389 -22.05 -5.53 -25.28
CA GLU B 389 -22.13 -5.77 -26.71
C GLU B 389 -20.84 -5.42 -27.44
N SER B 390 -19.90 -4.75 -26.79
CA SER B 390 -18.63 -4.41 -27.41
C SER B 390 -17.69 -5.62 -27.39
N PRO B 391 -16.72 -5.67 -28.30
CA PRO B 391 -15.74 -6.75 -28.24
C PRO B 391 -14.83 -6.64 -27.04
N GLY B 392 -13.93 -7.59 -26.87
CA GLY B 392 -13.02 -7.57 -25.75
C GLY B 392 -13.46 -8.52 -24.64
N GLU B 393 -12.50 -8.91 -23.81
CA GLU B 393 -12.73 -9.84 -22.72
C GLU B 393 -12.89 -9.08 -21.41
N LEU B 394 -13.82 -9.52 -20.59
CA LEU B 394 -14.04 -8.91 -19.29
C LEU B 394 -12.84 -9.17 -18.39
N ILE B 395 -12.45 -8.16 -17.62
CA ILE B 395 -11.27 -8.21 -16.76
C ILE B 395 -11.72 -8.10 -15.32
N PHE B 396 -11.33 -9.06 -14.50
CA PHE B 396 -11.72 -9.12 -13.10
C PHE B 396 -10.51 -8.73 -12.25
N VAL B 397 -10.60 -7.57 -11.59
CA VAL B 397 -9.51 -7.06 -10.75
C VAL B 397 -10.12 -6.54 -9.46
N ASN B 398 -9.64 -7.06 -8.33
CA ASN B 398 -10.02 -6.58 -7.00
C ASN B 398 -11.54 -6.64 -6.79
N GLY B 399 -12.16 -7.72 -7.26
CA GLY B 399 -13.59 -7.86 -7.13
C GLY B 399 -14.40 -6.94 -8.00
N LYS B 400 -13.77 -6.21 -8.90
CA LYS B 400 -14.44 -5.27 -9.79
C LYS B 400 -14.19 -5.68 -11.23
N GLN B 401 -15.02 -5.16 -12.12
CA GLN B 401 -15.02 -5.56 -13.53
C GLN B 401 -14.64 -4.38 -14.40
N PHE B 402 -13.80 -4.64 -15.41
CA PHE B 402 -13.38 -3.62 -16.36
C PHE B 402 -13.31 -4.24 -17.76
N LYS B 403 -13.19 -3.37 -18.75
CA LYS B 403 -13.00 -3.80 -20.14
C LYS B 403 -11.97 -2.89 -20.79
N SER B 404 -11.20 -3.45 -21.71
CA SER B 404 -10.16 -2.69 -22.37
C SER B 404 -10.75 -1.68 -23.35
N TYR B 405 -10.05 -0.57 -23.52
CA TYR B 405 -10.45 0.49 -24.43
C TYR B 405 -9.21 1.26 -24.82
N ARG B 406 -9.00 1.42 -26.13
CA ARG B 406 -7.78 2.02 -26.63
C ARG B 406 -8.11 2.84 -27.87
N GLY B 407 -7.28 3.85 -28.13
CA GLY B 407 -7.43 4.64 -29.33
C GLY B 407 -6.87 3.94 -30.55
N MET B 408 -7.43 4.27 -31.71
CA MET B 408 -6.97 3.65 -32.95
C MET B 408 -5.53 4.02 -33.28
N GLY B 409 -5.05 5.14 -32.77
CA GLY B 409 -3.66 5.53 -32.94
C GLY B 409 -2.76 5.13 -31.80
N SER B 410 -3.19 4.24 -30.92
CA SER B 410 -2.38 3.80 -29.81
C SER B 410 -1.26 2.90 -30.30
N LEU B 411 -0.30 2.64 -29.42
CA LEU B 411 0.83 1.80 -29.80
C LEU B 411 0.39 0.38 -30.09
N GLY B 412 -0.48 -0.19 -29.25
CA GLY B 412 -0.98 -1.52 -29.51
C GLY B 412 -1.92 -1.59 -30.68
N ALA B 413 -2.62 -0.50 -31.00
CA ALA B 413 -3.56 -0.52 -32.10
C ALA B 413 -2.87 -0.45 -33.44
N MET B 414 -1.73 0.25 -33.52
CA MET B 414 -1.02 0.40 -34.79
C MET B 414 -0.51 -0.95 -35.28
N GLN B 415 0.02 -1.76 -34.38
CA GLN B 415 0.51 -3.09 -34.70
C GLN B 415 -0.64 -4.05 -34.92
N LEU B 439 6.45 6.28 -36.47
CA LEU B 439 5.30 5.70 -35.79
C LEU B 439 5.11 6.26 -34.38
N VAL B 440 4.97 7.57 -34.29
CA VAL B 440 4.72 8.23 -33.00
C VAL B 440 3.23 8.13 -32.70
N PRO B 441 2.84 7.55 -31.58
CA PRO B 441 1.41 7.33 -31.31
C PRO B 441 0.71 8.61 -30.89
N GLU B 442 -0.57 8.68 -31.23
CA GLU B 442 -1.42 9.79 -30.82
C GLU B 442 -2.63 9.28 -30.04
N GLY B 443 -2.47 8.16 -29.34
CA GLY B 443 -3.50 7.57 -28.50
C GLY B 443 -2.84 6.65 -27.50
N ILE B 444 -3.64 6.19 -26.54
CA ILE B 444 -3.16 5.34 -25.46
C ILE B 444 -4.15 4.21 -25.22
N GLU B 445 -3.79 3.31 -24.31
CA GLU B 445 -4.62 2.19 -23.90
C GLU B 445 -5.11 2.41 -22.47
N GLY B 446 -6.20 1.76 -22.13
CA GLY B 446 -6.70 1.83 -20.77
C GLY B 446 -7.86 0.89 -20.57
N ARG B 447 -8.52 1.03 -19.43
CA ARG B 447 -9.68 0.22 -19.11
C ARG B 447 -10.78 1.08 -18.55
N VAL B 448 -12.02 0.67 -18.81
CA VAL B 448 -13.20 1.39 -18.34
C VAL B 448 -14.06 0.42 -17.54
N PRO B 449 -14.80 0.88 -16.54
CA PRO B 449 -15.61 -0.06 -15.74
C PRO B 449 -16.71 -0.69 -16.56
N PHE B 450 -17.04 -1.94 -16.22
CA PHE B 450 -18.13 -2.64 -16.88
C PHE B 450 -19.46 -2.00 -16.51
N ARG B 451 -20.33 -1.83 -17.50
CA ARG B 451 -21.58 -1.12 -17.31
C ARG B 451 -22.82 -1.96 -17.55
N GLY B 452 -22.72 -3.07 -18.27
CA GLY B 452 -23.85 -3.94 -18.48
C GLY B 452 -24.35 -3.93 -19.91
N PRO B 453 -25.59 -4.34 -20.12
CA PRO B 453 -26.14 -4.36 -21.48
C PRO B 453 -26.28 -2.96 -22.05
N LEU B 454 -26.20 -2.89 -23.38
CA LEU B 454 -26.22 -1.61 -24.06
C LEU B 454 -27.58 -0.91 -23.90
N GLY B 455 -28.66 -1.67 -23.82
CA GLY B 455 -29.98 -1.06 -23.78
C GLY B 455 -30.16 -0.14 -22.60
N THR B 456 -29.71 -0.56 -21.42
CA THR B 456 -29.85 0.27 -20.24
C THR B 456 -29.04 1.54 -20.35
N VAL B 457 -27.82 1.45 -20.88
CA VAL B 457 -26.98 2.64 -21.05
C VAL B 457 -27.63 3.61 -22.01
N ILE B 458 -28.11 3.12 -23.15
CA ILE B 458 -28.76 3.98 -24.12
C ILE B 458 -30.00 4.60 -23.53
N HIS B 459 -30.76 3.85 -22.74
CA HIS B 459 -31.96 4.41 -22.12
C HIS B 459 -31.62 5.49 -21.12
N GLN B 460 -30.56 5.32 -20.34
CA GLN B 460 -30.15 6.36 -19.40
C GLN B 460 -29.73 7.63 -20.15
N LEU B 461 -28.94 7.48 -21.20
CA LEU B 461 -28.53 8.65 -21.98
C LEU B 461 -29.73 9.36 -22.59
N THR B 462 -30.65 8.60 -23.16
CA THR B 462 -31.83 9.20 -23.76
C THR B 462 -32.74 9.84 -22.72
N GLY B 463 -32.81 9.27 -21.53
CA GLY B 463 -33.57 9.90 -20.46
C GLY B 463 -32.97 11.22 -20.03
N GLY B 464 -31.64 11.28 -19.93
CA GLY B 464 -31.01 12.56 -19.66
C GLY B 464 -31.28 13.59 -20.75
N LEU B 465 -31.19 13.17 -22.00
CA LEU B 465 -31.48 14.08 -23.11
C LEU B 465 -32.92 14.55 -23.06
N ARG B 466 -33.86 13.65 -22.75
CA ARG B 466 -35.26 14.03 -22.64
C ARG B 466 -35.49 15.00 -21.50
N ALA B 467 -34.80 14.81 -20.37
CA ALA B 467 -34.90 15.75 -19.27
C ALA B 467 -34.40 17.12 -19.69
N ALA B 468 -33.30 17.17 -20.42
CA ALA B 468 -32.80 18.45 -20.91
C ALA B 468 -33.80 19.10 -21.86
N MET B 469 -34.42 18.31 -22.73
CA MET B 469 -35.42 18.84 -23.64
C MET B 469 -36.61 19.41 -22.88
N GLY B 470 -37.04 18.72 -21.82
CA GLY B 470 -38.12 19.24 -21.01
C GLY B 470 -37.75 20.50 -20.28
N TYR B 471 -36.51 20.60 -19.81
CA TYR B 471 -36.05 21.81 -19.14
C TYR B 471 -36.03 22.99 -20.09
N THR B 472 -35.49 22.80 -21.28
CA THR B 472 -35.34 23.90 -22.23
C THR B 472 -36.61 24.21 -22.99
N GLY B 473 -37.67 23.42 -22.83
CA GLY B 473 -38.88 23.64 -23.58
C GLY B 473 -38.72 23.40 -25.06
N SER B 474 -38.03 22.34 -25.45
CA SER B 474 -37.81 21.99 -26.85
C SER B 474 -38.58 20.73 -27.18
N ALA B 475 -39.59 20.84 -28.03
CA ALA B 475 -40.38 19.67 -28.39
C ALA B 475 -39.60 18.71 -29.27
N THR B 476 -38.73 19.22 -30.13
CA THR B 476 -37.92 18.41 -31.02
C THR B 476 -36.46 18.80 -30.89
N ILE B 477 -35.59 17.99 -31.50
CA ILE B 477 -34.16 18.31 -31.50
C ILE B 477 -33.92 19.59 -32.27
N GLU B 478 -34.69 19.85 -33.32
CA GLU B 478 -34.55 21.08 -34.08
C GLU B 478 -34.86 22.30 -33.24
N GLN B 479 -35.66 22.16 -32.19
CA GLN B 479 -35.87 23.25 -31.25
C GLN B 479 -34.79 23.30 -30.19
N LEU B 480 -34.25 22.15 -29.79
CA LEU B 480 -33.16 22.11 -28.84
C LEU B 480 -31.91 22.76 -29.41
N GLN B 481 -31.73 22.71 -30.73
CA GLN B 481 -30.57 23.31 -31.36
C GLN B 481 -30.56 24.82 -31.30
N GLN B 482 -31.59 25.46 -30.77
CA GLN B 482 -31.63 26.90 -30.58
C GLN B 482 -31.75 27.31 -29.11
N ALA B 483 -31.48 26.39 -28.19
CA ALA B 483 -31.43 26.75 -26.78
C ALA B 483 -30.23 27.66 -26.48
N GLN B 484 -30.32 28.37 -25.37
CA GLN B 484 -29.36 29.36 -24.92
C GLN B 484 -28.32 28.76 -23.98
N PHE B 485 -27.16 29.40 -23.91
CA PHE B 485 -26.01 28.92 -23.17
C PHE B 485 -25.61 29.96 -22.14
N VAL B 486 -25.10 29.51 -21.00
CA VAL B 486 -24.53 30.39 -20.00
C VAL B 486 -23.13 29.88 -19.68
N GLN B 487 -22.15 30.79 -19.72
CA GLN B 487 -20.77 30.44 -19.46
C GLN B 487 -20.49 30.46 -17.97
N ILE B 488 -19.82 29.44 -17.46
CA ILE B 488 -19.53 29.30 -16.05
C ILE B 488 -18.02 29.29 -15.85
N THR B 489 -17.61 29.39 -14.59
CA THR B 489 -16.21 29.38 -14.18
C THR B 489 -15.90 28.11 -13.40
N ALA B 490 -14.68 28.01 -12.87
CA ALA B 490 -14.27 26.82 -12.15
C ALA B 490 -15.12 26.59 -10.90
N ALA B 491 -15.41 27.66 -10.17
CA ALA B 491 -16.26 27.53 -8.99
C ALA B 491 -17.66 27.08 -9.37
N GLY B 492 -18.20 27.64 -10.46
CA GLY B 492 -19.48 27.16 -10.95
C GLY B 492 -19.41 25.72 -11.39
N LEU B 493 -18.28 25.32 -11.94
CA LEU B 493 -18.11 23.93 -12.38
C LEU B 493 -18.16 22.99 -11.20
N LYS B 494 -17.50 23.32 -10.10
CA LYS B 494 -17.56 22.44 -8.94
C LYS B 494 -18.90 22.52 -8.23
N GLU B 495 -19.60 23.64 -8.32
CA GLU B 495 -20.95 23.70 -7.79
C GLU B 495 -21.91 22.85 -8.61
N SER B 496 -21.64 22.71 -9.92
CA SER B 496 -22.52 21.92 -10.77
C SER B 496 -22.56 20.46 -10.34
N HIS B 497 -21.42 19.90 -10.00
CA HIS B 497 -21.37 18.55 -9.48
C HIS B 497 -21.81 18.52 -8.02
N PRO B 498 -22.22 17.36 -7.51
CA PRO B 498 -22.51 17.24 -6.08
C PRO B 498 -21.31 17.60 -5.22
N HIS B 499 -21.58 18.25 -4.09
CA HIS B 499 -20.53 18.81 -3.26
C HIS B 499 -20.96 18.76 -1.79
N ASP B 500 -19.97 18.73 -0.91
CA ASP B 500 -20.17 18.70 0.53
C ASP B 500 -21.11 17.57 0.94
N ILE B 501 -20.90 16.39 0.37
CA ILE B 501 -21.72 15.22 0.67
C ILE B 501 -20.86 13.99 0.42
N THR B 502 -21.03 12.98 1.26
CA THR B 502 -20.32 11.72 1.11
C THR B 502 -21.31 10.71 0.53
N MET B 503 -21.25 10.52 -0.77
CA MET B 503 -22.18 9.64 -1.45
C MET B 503 -22.02 8.20 -0.95
N THR B 504 -23.15 7.56 -0.67
CA THR B 504 -23.15 6.22 -0.11
C THR B 504 -23.51 5.12 -1.10
N VAL B 505 -24.11 5.46 -2.23
CA VAL B 505 -24.46 4.47 -3.25
C VAL B 505 -24.35 5.15 -4.62
N GLU B 506 -23.87 4.40 -5.60
CA GLU B 506 -23.66 4.94 -6.94
C GLU B 506 -24.96 4.98 -7.72
N ALA B 507 -25.26 6.14 -8.30
CA ALA B 507 -26.47 6.33 -9.08
C ALA B 507 -26.33 5.68 -10.45
N PRO B 508 -27.43 5.25 -11.06
CA PRO B 508 -27.34 4.66 -12.40
C PRO B 508 -26.81 5.61 -13.45
N ASN B 509 -27.16 6.89 -13.35
CA ASN B 509 -26.76 7.90 -14.32
C ASN B 509 -25.55 8.72 -13.90
N TYR B 510 -25.05 8.53 -12.68
CA TYR B 510 -23.93 9.31 -12.17
C TYR B 510 -22.90 8.37 -11.55
N TYR B 511 -21.65 8.50 -11.98
CA TYR B 511 -20.57 7.64 -11.56
C TYR B 511 -19.48 8.43 -10.85
N THR B 512 -18.85 7.79 -9.87
CA THR B 512 -17.82 8.45 -9.06
C THR B 512 -16.51 8.57 -9.83
N VAL C 12 -28.05 45.66 -23.08
CA VAL C 12 -28.69 46.46 -22.04
C VAL C 12 -28.49 45.85 -20.64
N PRO C 13 -28.70 44.55 -20.47
CA PRO C 13 -28.39 43.93 -19.16
C PRO C 13 -26.89 43.74 -18.96
N VAL C 14 -26.51 43.68 -17.70
CA VAL C 14 -25.10 43.42 -17.33
C VAL C 14 -24.76 41.97 -17.65
N PRO C 15 -23.58 41.68 -18.20
CA PRO C 15 -23.25 40.29 -18.53
C PRO C 15 -23.18 39.35 -17.33
N THR C 16 -23.06 39.85 -16.12
CA THR C 16 -23.04 39.01 -14.92
C THR C 16 -24.38 38.98 -14.20
N GLY C 17 -25.41 39.56 -14.78
CA GLY C 17 -26.72 39.51 -14.18
C GLY C 17 -27.18 40.87 -13.67
N GLY C 18 -28.48 41.13 -13.82
CA GLY C 18 -29.05 42.36 -13.34
C GLY C 18 -28.88 43.52 -14.31
N ASP C 19 -29.30 44.69 -13.84
CA ASP C 19 -29.20 45.92 -14.63
C ASP C 19 -28.29 46.97 -14.00
N ASP C 20 -27.78 46.74 -12.79
CA ASP C 20 -26.89 47.69 -12.14
C ASP C 20 -25.46 47.32 -12.47
N PRO C 21 -24.72 48.14 -13.22
CA PRO C 21 -23.35 47.78 -13.57
C PRO C 21 -22.37 47.92 -12.42
N THR C 22 -22.74 48.59 -11.34
CA THR C 22 -21.87 48.77 -10.19
C THR C 22 -22.06 47.70 -9.13
N LYS C 23 -22.94 46.74 -9.35
CA LYS C 23 -23.16 45.69 -8.35
C LYS C 23 -21.88 44.87 -8.17
N VAL C 24 -21.30 44.38 -9.25
CA VAL C 24 -19.98 43.78 -9.21
C VAL C 24 -19.01 44.91 -9.50
N ALA C 25 -18.42 45.46 -8.44
CA ALA C 25 -17.69 46.72 -8.55
C ALA C 25 -16.41 46.56 -9.35
N MET C 26 -15.57 45.60 -8.99
CA MET C 26 -14.26 45.49 -9.61
C MET C 26 -13.84 44.03 -9.66
N LEU C 27 -12.79 43.76 -10.40
CA LEU C 27 -12.16 42.44 -10.47
C LEU C 27 -10.88 42.51 -9.66
N GLY C 28 -10.83 41.78 -8.55
CA GLY C 28 -9.72 41.88 -7.62
C GLY C 28 -8.62 40.90 -7.90
N LEU C 29 -7.38 41.39 -7.89
CA LEU C 29 -6.19 40.58 -8.09
C LEU C 29 -5.50 40.32 -6.77
N THR C 30 -5.00 39.12 -6.59
CA THR C 30 -4.21 38.75 -5.43
C THR C 30 -2.75 38.62 -5.83
N PHE C 31 -1.92 38.18 -4.90
CA PHE C 31 -0.49 38.09 -5.18
C PHE C 31 -0.17 37.03 -6.22
N ASP C 32 -0.92 35.94 -6.25
CA ASP C 32 -0.62 34.84 -7.15
C ASP C 32 -1.07 35.08 -8.58
N ASP C 33 -1.85 36.12 -8.85
CA ASP C 33 -2.33 36.41 -10.18
C ASP C 33 -1.45 37.38 -10.96
N VAL C 34 -0.37 37.88 -10.37
CA VAL C 34 0.47 38.88 -11.01
C VAL C 34 1.93 38.44 -10.93
N LEU C 35 2.74 39.06 -11.78
CA LEU C 35 4.18 38.84 -11.82
C LEU C 35 4.83 40.18 -12.13
N LEU C 36 6.10 40.32 -11.78
CA LEU C 36 6.85 41.56 -11.99
C LEU C 36 7.59 41.47 -13.32
N LEU C 37 7.35 42.42 -14.19
CA LEU C 37 7.99 42.43 -15.51
C LEU C 37 9.42 42.91 -15.38
N PRO C 38 10.40 42.20 -15.94
CA PRO C 38 11.76 42.72 -15.96
C PRO C 38 11.86 43.99 -16.79
N ALA C 39 12.76 44.88 -16.38
CA ALA C 39 12.95 46.15 -17.06
C ALA C 39 14.43 46.41 -17.20
N ALA C 40 14.77 47.51 -17.89
CA ALA C 40 16.16 47.92 -18.03
C ALA C 40 16.78 48.13 -16.66
N SER C 41 17.88 47.44 -16.39
CA SER C 41 18.46 47.38 -15.06
C SER C 41 19.92 47.79 -15.08
N ASP C 42 20.34 48.46 -14.02
CA ASP C 42 21.75 48.79 -13.80
C ASP C 42 22.12 48.57 -12.34
N VAL C 43 21.41 47.68 -11.66
CA VAL C 43 21.46 47.55 -10.21
C VAL C 43 22.06 46.20 -9.86
N VAL C 44 22.98 46.19 -8.92
CA VAL C 44 23.54 44.96 -8.36
C VAL C 44 22.69 44.54 -7.18
N PRO C 45 22.29 43.28 -7.08
CA PRO C 45 21.45 42.86 -5.95
C PRO C 45 22.06 43.13 -4.59
N ALA C 46 23.38 43.09 -4.48
CA ALA C 46 24.02 43.34 -3.19
C ALA C 46 24.15 44.81 -2.85
N THR C 47 23.83 45.71 -3.79
CA THR C 47 23.97 47.14 -3.56
C THR C 47 22.66 47.90 -3.59
N ALA C 48 21.54 47.23 -3.82
CA ALA C 48 20.25 47.90 -3.87
C ALA C 48 19.88 48.44 -2.50
N ASP C 49 19.34 49.66 -2.48
CA ASP C 49 18.95 50.32 -1.25
C ASP C 49 17.52 49.94 -0.90
N THR C 50 17.34 49.23 0.21
CA THR C 50 16.04 48.73 0.63
C THR C 50 15.41 49.55 1.74
N SER C 51 15.90 50.75 1.99
CA SER C 51 15.31 51.59 3.03
C SER C 51 13.98 52.15 2.57
N SER C 52 13.02 52.21 3.48
CA SER C 52 11.69 52.69 3.15
C SER C 52 11.07 53.39 4.36
N GLN C 53 10.11 54.26 4.10
CA GLN C 53 9.38 54.95 5.15
C GLN C 53 8.39 54.02 5.80
N LEU C 54 8.28 54.09 7.13
CA LEU C 54 7.21 53.43 7.84
C LEU C 54 6.03 54.36 8.04
N THR C 55 6.25 55.49 8.67
CA THR C 55 5.30 56.59 8.73
C THR C 55 5.92 57.81 8.06
N LYS C 56 5.24 58.95 8.16
CA LYS C 56 5.75 60.18 7.57
C LYS C 56 7.01 60.69 8.26
N ARG C 57 7.36 60.15 9.43
CA ARG C 57 8.51 60.63 10.18
C ARG C 57 9.50 59.52 10.56
N ILE C 58 9.29 58.30 10.11
CA ILE C 58 10.15 57.17 10.48
C ILE C 58 10.60 56.47 9.20
N ARG C 59 11.88 56.13 9.14
CA ARG C 59 12.45 55.42 7.99
C ARG C 59 13.18 54.18 8.50
N LEU C 60 12.82 53.03 7.97
CA LEU C 60 13.44 51.76 8.34
C LEU C 60 14.50 51.37 7.31
N ARG C 61 15.51 50.64 7.78
CA ARG C 61 16.52 50.11 6.85
C ARG C 61 16.00 48.90 6.11
N VAL C 62 15.11 48.13 6.72
CA VAL C 62 14.46 46.99 6.09
C VAL C 62 12.96 47.21 6.19
N PRO C 63 12.21 47.16 5.10
CA PRO C 63 10.77 47.46 5.15
C PRO C 63 9.93 46.27 5.58
N LEU C 64 10.24 45.72 6.75
CA LEU C 64 9.50 44.60 7.30
C LEU C 64 9.14 44.89 8.74
N VAL C 65 7.93 44.51 9.14
CA VAL C 65 7.39 44.78 10.47
C VAL C 65 6.69 43.53 10.97
N SER C 66 6.85 43.22 12.25
CA SER C 66 6.23 42.04 12.83
C SER C 66 4.80 42.36 13.25
N SER C 67 3.95 41.33 13.19
CA SER C 67 2.53 41.50 13.48
C SER C 67 2.27 41.55 14.98
N ALA C 68 1.23 42.29 15.36
CA ALA C 68 0.82 42.39 16.75
C ALA C 68 -0.05 41.21 17.13
N MET C 69 0.59 40.06 17.25
CA MET C 69 -0.07 38.81 17.59
C MET C 69 0.61 38.18 18.79
N ASP C 70 -0.19 37.50 19.62
CA ASP C 70 0.34 36.95 20.86
C ASP C 70 1.27 35.78 20.64
N THR C 71 1.26 35.20 19.45
CA THR C 71 2.18 34.11 19.12
C THR C 71 3.31 34.56 18.23
N VAL C 72 3.47 35.87 18.01
CA VAL C 72 4.49 36.36 17.11
C VAL C 72 5.44 37.31 17.82
N THR C 73 4.93 38.42 18.34
CA THR C 73 5.77 39.51 18.80
C THR C 73 5.62 39.73 20.29
N GLU C 74 6.76 39.74 20.98
CA GLU C 74 6.86 40.18 22.37
C GLU C 74 8.17 40.96 22.48
N SER C 75 8.62 41.19 23.71
CA SER C 75 9.82 42.00 23.94
C SER C 75 11.01 41.45 23.17
N ARG C 76 11.24 40.15 23.25
CA ARG C 76 12.36 39.55 22.52
C ARG C 76 12.23 39.76 21.02
N MET C 77 11.04 39.49 20.48
CA MET C 77 10.83 39.64 19.04
C MET C 77 10.93 41.10 18.62
N ALA C 78 10.38 42.01 19.43
CA ALA C 78 10.48 43.43 19.10
C ALA C 78 11.94 43.87 19.07
N ILE C 79 12.73 43.45 20.05
CA ILE C 79 14.14 43.82 20.08
C ILE C 79 14.87 43.23 18.88
N ALA C 80 14.62 41.96 18.57
CA ALA C 80 15.30 41.33 17.44
C ALA C 80 14.94 42.02 16.12
N MET C 81 13.66 42.34 15.92
CA MET C 81 13.24 43.01 14.70
C MET C 81 13.84 44.40 14.61
N ALA C 82 13.91 45.12 15.71
CA ALA C 82 14.53 46.44 15.71
C ALA C 82 16.02 46.34 15.36
N ARG C 83 16.69 45.32 15.89
CA ARG C 83 18.11 45.13 15.56
C ARG C 83 18.29 44.79 14.09
N ALA C 84 17.40 43.96 13.54
CA ALA C 84 17.52 43.52 12.16
C ALA C 84 17.34 44.63 11.15
N GLY C 85 16.82 45.77 11.55
CA GLY C 85 16.59 46.89 10.67
C GLY C 85 15.14 47.25 10.47
N GLY C 86 14.21 46.41 10.92
CA GLY C 86 12.81 46.70 10.80
C GLY C 86 12.21 47.25 12.07
N MET C 87 11.09 46.66 12.50
CA MET C 87 10.42 47.08 13.73
C MET C 87 9.51 45.96 14.17
N GLY C 88 9.01 46.08 15.39
CA GLY C 88 8.06 45.12 15.92
C GLY C 88 6.96 45.84 16.67
N VAL C 89 5.77 45.24 16.65
CA VAL C 89 4.60 45.80 17.30
C VAL C 89 4.12 44.82 18.36
N LEU C 90 4.01 45.29 19.60
CA LEU C 90 3.60 44.44 20.71
C LEU C 90 2.09 44.28 20.72
N HIS C 91 1.64 43.04 20.86
CA HIS C 91 0.21 42.75 20.86
C HIS C 91 -0.44 43.30 22.12
N ARG C 92 -1.78 43.42 22.08
CA ARG C 92 -2.53 44.02 23.16
C ARG C 92 -3.38 43.01 23.91
N ASN C 93 -3.09 41.72 23.77
CA ASN C 93 -3.85 40.68 24.47
C ASN C 93 -3.21 40.35 25.81
N LEU C 94 -2.95 41.38 26.60
CA LEU C 94 -2.39 41.23 27.93
C LEU C 94 -2.59 42.54 28.70
N PRO C 95 -2.48 42.52 30.03
CA PRO C 95 -2.76 43.73 30.81
C PRO C 95 -1.87 44.91 30.47
N VAL C 96 -2.43 46.11 30.66
CA VAL C 96 -1.76 47.35 30.25
C VAL C 96 -0.40 47.49 30.92
N ALA C 97 -0.32 47.19 32.21
CA ALA C 97 0.95 47.30 32.92
C ALA C 97 1.98 46.35 32.35
N GLU C 98 1.56 45.14 31.99
CA GLU C 98 2.48 44.18 31.39
C GLU C 98 2.96 44.67 30.03
N GLN C 99 2.08 45.28 29.23
CA GLN C 99 2.51 45.79 27.94
C GLN C 99 3.48 46.94 28.08
N ALA C 100 3.26 47.83 29.04
CA ALA C 100 4.22 48.89 29.30
C ALA C 100 5.55 48.32 29.78
N GLY C 101 5.50 47.23 30.54
CA GLY C 101 6.73 46.55 30.91
C GLY C 101 7.47 45.99 29.71
N GLN C 102 6.73 45.41 28.76
CA GLN C 102 7.34 44.95 27.52
C GLN C 102 7.98 46.11 26.76
N VAL C 103 7.30 47.24 26.70
CA VAL C 103 7.84 48.42 26.02
C VAL C 103 9.13 48.86 26.68
N GLU C 104 9.15 48.94 28.01
CA GLU C 104 10.33 49.40 28.71
C GLU C 104 11.47 48.41 28.57
N THR C 105 11.17 47.11 28.56
CA THR C 105 12.20 46.11 28.35
C THR C 105 12.82 46.26 26.97
N VAL C 106 12.00 46.52 25.96
CA VAL C 106 12.54 46.76 24.62
C VAL C 106 13.40 48.02 24.61
N LYS C 107 12.93 49.09 25.24
CA LYS C 107 13.66 50.35 25.21
C LYS C 107 15.01 50.24 25.90
N ARG C 108 15.06 49.58 27.06
CA ARG C 108 16.30 49.53 27.82
C ARG C 108 17.38 48.75 27.08
N SER C 109 17.00 47.68 26.39
CA SER C 109 17.96 46.87 25.65
C SER C 109 18.58 47.64 24.49
N THR C 223 28.19 46.74 19.92
CA THR C 223 27.26 47.38 19.00
C THR C 223 27.77 47.33 17.57
N GLU C 224 28.76 46.46 17.33
CA GLU C 224 29.34 46.30 16.01
C GLU C 224 28.65 45.22 15.19
N GLN C 225 27.69 44.50 15.77
CA GLN C 225 27.07 43.38 15.09
C GLN C 225 25.87 43.78 14.24
N PHE C 226 25.19 44.86 14.61
CA PHE C 226 23.92 45.26 13.99
C PHE C 226 24.04 46.68 13.48
N PRO C 227 24.66 46.88 12.31
CA PRO C 227 24.79 48.24 11.76
C PRO C 227 23.48 48.81 11.26
N LEU C 228 22.47 47.99 11.00
CA LEU C 228 21.22 48.44 10.43
C LEU C 228 20.13 48.70 11.46
N SER C 229 20.45 48.59 12.75
CA SER C 229 19.43 48.70 13.79
C SER C 229 18.77 50.07 13.77
N THR C 230 17.45 50.07 13.93
CA THR C 230 16.66 51.30 13.92
C THR C 230 16.57 51.86 15.34
N LYS C 231 16.92 53.12 15.49
CA LYS C 231 16.96 53.76 16.80
C LYS C 231 16.42 55.18 16.69
N ASP C 232 16.02 55.71 17.84
CA ASP C 232 15.55 57.09 17.93
C ASP C 232 16.75 58.03 17.98
N SER C 233 16.50 59.30 18.30
CA SER C 233 17.59 60.26 18.44
C SER C 233 18.49 59.97 19.62
N ASP C 234 18.10 59.07 20.52
CA ASP C 234 18.88 58.74 21.70
C ASP C 234 19.61 57.41 21.59
N GLY C 235 19.50 56.73 20.45
CA GLY C 235 20.13 55.44 20.29
C GLY C 235 19.39 54.28 20.92
N ARG C 236 18.12 54.47 21.29
CA ARG C 236 17.30 53.41 21.84
C ARG C 236 16.43 52.80 20.75
N LEU C 237 16.20 51.50 20.83
CA LEU C 237 15.47 50.80 19.79
C LEU C 237 14.03 51.29 19.71
N LEU C 238 13.55 51.49 18.48
CA LEU C 238 12.16 51.85 18.27
C LEU C 238 11.27 50.63 18.45
N VAL C 239 10.02 50.90 18.85
CA VAL C 239 9.05 49.83 19.09
C VAL C 239 7.66 50.42 18.92
N GLY C 240 6.70 49.57 18.57
CA GLY C 240 5.34 50.00 18.40
C GLY C 240 4.37 49.23 19.26
N ALA C 241 3.22 49.81 19.54
CA ALA C 241 2.22 49.17 20.39
C ALA C 241 0.85 49.26 19.76
N ALA C 242 0.03 48.23 19.97
CA ALA C 242 -1.30 48.14 19.40
C ALA C 242 -2.35 48.49 20.45
N VAL C 243 -3.30 49.34 20.08
CA VAL C 243 -4.39 49.73 20.95
C VAL C 243 -5.72 49.53 20.24
N GLY C 244 -6.76 49.33 21.01
CA GLY C 244 -8.10 49.14 20.50
C GLY C 244 -8.87 50.44 20.41
N VAL C 245 -10.19 50.35 20.53
CA VAL C 245 -11.07 51.50 20.54
C VAL C 245 -11.89 51.47 21.83
N GLY C 246 -11.87 52.58 22.56
CA GLY C 246 -12.62 52.69 23.80
C GLY C 246 -11.90 53.48 24.87
N ASP C 247 -12.53 53.63 26.04
CA ASP C 247 -11.88 54.33 27.14
C ASP C 247 -10.74 53.51 27.72
N ASP C 248 -10.91 52.19 27.82
CA ASP C 248 -9.81 51.32 28.20
C ASP C 248 -8.65 51.45 27.22
N ALA C 249 -8.96 51.54 25.93
CA ALA C 249 -7.92 51.73 24.93
C ALA C 249 -7.25 53.08 25.10
N TRP C 250 -8.00 54.12 25.47
CA TRP C 250 -7.38 55.42 25.71
C TRP C 250 -6.42 55.36 26.90
N THR C 251 -6.83 54.70 27.98
CA THR C 251 -5.94 54.53 29.12
C THR C 251 -4.69 53.77 28.72
N ARG C 252 -4.84 52.70 27.94
CA ARG C 252 -3.69 51.93 27.49
C ARG C 252 -2.78 52.78 26.63
N ALA C 253 -3.35 53.60 25.76
CA ALA C 253 -2.53 54.44 24.89
C ALA C 253 -1.75 55.48 25.68
N MET C 254 -2.39 56.11 26.66
CA MET C 254 -1.67 57.07 27.50
C MET C 254 -0.56 56.39 28.28
N THR C 255 -0.84 55.21 28.83
CA THR C 255 0.18 54.48 29.58
C THR C 255 1.36 54.11 28.68
N LEU C 256 1.07 53.64 27.47
CA LEU C 256 2.13 53.24 26.56
C LEU C 256 2.94 54.44 26.09
N VAL C 257 2.28 55.58 25.86
CA VAL C 257 3.01 56.78 25.49
C VAL C 257 3.96 57.19 26.62
N ASP C 258 3.47 57.15 27.86
CA ASP C 258 4.34 57.47 28.99
C ASP C 258 5.45 56.44 29.13
N ALA C 259 5.21 55.20 28.72
CA ALA C 259 6.21 54.14 28.79
C ALA C 259 7.32 54.29 27.76
N GLY C 260 7.17 55.18 26.79
CA GLY C 260 8.20 55.39 25.78
C GLY C 260 7.93 54.77 24.43
N VAL C 261 6.67 54.51 24.07
CA VAL C 261 6.38 53.93 22.76
C VAL C 261 6.61 54.97 21.67
N ASP C 262 6.86 54.50 20.46
CA ASP C 262 7.19 55.34 19.32
C ASP C 262 6.07 55.46 18.31
N VAL C 263 5.35 54.36 18.04
CA VAL C 263 4.22 54.38 17.13
C VAL C 263 3.09 53.59 17.75
N LEU C 264 1.87 54.11 17.60
CA LEU C 264 0.65 53.47 18.08
C LEU C 264 -0.18 53.01 16.89
N ILE C 265 -0.52 51.73 16.87
CA ILE C 265 -1.36 51.15 15.82
C ILE C 265 -2.76 51.01 16.39
N VAL C 266 -3.71 51.75 15.83
CA VAL C 266 -5.10 51.62 16.22
C VAL C 266 -5.63 50.38 15.52
N ASP C 267 -5.55 49.24 16.21
CA ASP C 267 -5.80 47.93 15.63
C ASP C 267 -7.28 47.62 15.68
N THR C 268 -7.91 47.53 14.52
CA THR C 268 -9.30 47.16 14.39
C THR C 268 -9.48 46.30 13.15
N ALA C 269 -10.54 45.52 13.13
CA ALA C 269 -10.82 44.68 11.98
C ALA C 269 -11.38 45.48 10.81
N HIS C 270 -12.18 46.51 11.11
CA HIS C 270 -12.83 47.33 10.09
C HIS C 270 -12.58 48.78 10.47
N ALA C 271 -11.64 49.43 9.80
CA ALA C 271 -11.20 50.76 10.18
C ALA C 271 -12.02 51.87 9.54
N HIS C 272 -13.03 51.55 8.74
CA HIS C 272 -13.91 52.56 8.19
C HIS C 272 -15.02 52.96 9.16
N ASN C 273 -15.05 52.35 10.35
CA ASN C 273 -16.04 52.67 11.36
C ASN C 273 -15.82 54.08 11.89
N ARG C 274 -16.90 54.68 12.37
CA ARG C 274 -16.82 56.03 12.93
C ARG C 274 -15.95 56.06 14.18
N GLY C 275 -16.08 55.06 15.05
CA GLY C 275 -15.33 55.05 16.28
C GLY C 275 -13.83 54.98 16.07
N VAL C 276 -13.39 54.18 15.10
CA VAL C 276 -11.97 54.05 14.84
C VAL C 276 -11.40 55.38 14.37
N LEU C 277 -12.10 56.05 13.45
CA LEU C 277 -11.64 57.34 12.98
C LEU C 277 -11.61 58.37 14.09
N ASP C 278 -12.63 58.38 14.95
CA ASP C 278 -12.63 59.33 16.06
C ASP C 278 -11.49 59.04 17.03
N MET C 279 -11.21 57.77 17.29
CA MET C 279 -10.08 57.42 18.16
C MET C 279 -8.76 57.87 17.55
N VAL C 280 -8.59 57.68 16.24
CA VAL C 280 -7.37 58.13 15.58
C VAL C 280 -7.24 59.65 15.68
N SER C 281 -8.35 60.37 15.48
CA SER C 281 -8.32 61.82 15.60
C SER C 281 -7.94 62.26 17.01
N ARG C 282 -8.51 61.62 18.02
CA ARG C 282 -8.18 61.98 19.40
C ARG C 282 -6.72 61.71 19.70
N LEU C 283 -6.20 60.56 19.27
CA LEU C 283 -4.80 60.23 19.52
C LEU C 283 -3.87 61.22 18.83
N LYS C 284 -4.18 61.58 17.58
CA LYS C 284 -3.38 62.59 16.89
C LYS C 284 -3.44 63.93 17.57
N GLN C 285 -4.62 64.34 18.03
CA GLN C 285 -4.74 65.63 18.71
C GLN C 285 -3.94 65.64 20.01
N ALA C 286 -3.98 64.55 20.76
CA ALA C 286 -3.32 64.53 22.07
C ALA C 286 -1.82 64.32 21.95
N VAL C 287 -1.40 63.18 21.40
CA VAL C 287 0.01 62.79 21.42
C VAL C 287 0.56 62.70 20.01
N GLY C 288 0.04 63.51 19.11
CA GLY C 288 0.50 63.46 17.73
C GLY C 288 1.95 63.87 17.56
N GLU C 289 2.39 64.85 18.34
CA GLU C 289 3.75 65.38 18.18
C GLU C 289 4.80 64.50 18.83
N ARG C 290 4.42 63.50 19.62
CA ARG C 290 5.37 62.60 20.25
C ARG C 290 5.46 61.27 19.53
N VAL C 291 4.33 60.62 19.25
CA VAL C 291 4.30 59.34 18.58
C VAL C 291 3.55 59.48 17.26
N ASP C 292 3.71 58.47 16.40
CA ASP C 292 3.00 58.34 15.13
C ASP C 292 1.78 57.44 15.29
N VAL C 293 0.81 57.62 14.40
CA VAL C 293 -0.45 56.89 14.45
C VAL C 293 -0.65 56.12 13.15
N VAL C 294 -0.92 54.82 13.28
CA VAL C 294 -1.20 53.95 12.16
C VAL C 294 -2.65 53.48 12.27
N GLY C 295 -3.37 53.49 11.16
CA GLY C 295 -4.76 53.12 11.17
C GLY C 295 -4.98 51.63 11.08
N GLY C 296 -6.16 51.18 11.52
CA GLY C 296 -6.54 49.80 11.35
C GLY C 296 -6.67 49.35 9.93
N ASN C 297 -7.18 48.14 9.72
CA ASN C 297 -7.19 47.54 8.40
C ASN C 297 -8.29 48.12 7.54
N VAL C 298 -7.94 48.57 6.34
CA VAL C 298 -8.89 49.01 5.34
C VAL C 298 -8.68 48.19 4.07
N ALA C 299 -9.66 48.26 3.17
CA ALA C 299 -9.60 47.53 1.92
C ALA C 299 -10.01 48.33 0.70
N THR C 300 -10.52 49.55 0.85
CA THR C 300 -11.06 50.31 -0.25
C THR C 300 -10.46 51.71 -0.27
N ARG C 301 -10.61 52.38 -1.41
CA ARG C 301 -10.07 53.72 -1.58
C ARG C 301 -10.73 54.71 -0.63
N ALA C 302 -12.04 54.60 -0.47
CA ALA C 302 -12.76 55.55 0.38
C ALA C 302 -12.33 55.42 1.84
N ALA C 303 -12.14 54.19 2.31
CA ALA C 303 -11.69 54.01 3.68
C ALA C 303 -10.30 54.57 3.91
N ALA C 304 -9.40 54.37 2.95
CA ALA C 304 -8.06 54.94 3.06
C ALA C 304 -8.12 56.45 3.05
N ALA C 305 -8.97 57.03 2.22
CA ALA C 305 -9.11 58.48 2.21
C ALA C 305 -9.65 59.00 3.53
N ALA C 306 -10.61 58.28 4.12
CA ALA C 306 -11.12 58.67 5.42
C ALA C 306 -10.05 58.62 6.50
N LEU C 307 -9.25 57.56 6.50
CA LEU C 307 -8.16 57.47 7.46
C LEU C 307 -7.14 58.59 7.26
N VAL C 308 -6.85 58.94 6.01
CA VAL C 308 -5.91 60.02 5.73
C VAL C 308 -6.45 61.35 6.24
N GLU C 309 -7.74 61.62 6.00
CA GLU C 309 -8.34 62.85 6.49
C GLU C 309 -8.36 62.88 8.02
N ALA C 310 -8.58 61.73 8.66
CA ALA C 310 -8.56 61.68 10.11
C ALA C 310 -7.22 62.11 10.67
N GLY C 311 -6.13 61.88 9.95
CA GLY C 311 -4.83 62.32 10.39
C GLY C 311 -3.87 61.19 10.67
N ALA C 312 -4.20 59.99 10.21
CA ALA C 312 -3.35 58.84 10.42
C ALA C 312 -2.01 59.03 9.73
N ASP C 313 -0.93 58.70 10.44
CA ASP C 313 0.40 58.79 9.85
C ASP C 313 0.69 57.65 8.90
N ALA C 314 0.07 56.49 9.08
CA ALA C 314 0.24 55.39 8.14
C ALA C 314 -1.07 54.63 8.03
N VAL C 315 -1.30 53.99 6.88
CA VAL C 315 -2.52 53.25 6.63
C VAL C 315 -2.17 51.79 6.45
N LYS C 316 -2.78 50.93 7.26
CA LYS C 316 -2.57 49.49 7.20
C LYS C 316 -3.69 48.85 6.38
N VAL C 317 -3.32 48.03 5.40
CA VAL C 317 -4.23 47.58 4.35
C VAL C 317 -4.32 46.07 4.39
N GLY C 318 -5.56 45.57 4.42
CA GLY C 318 -5.86 44.16 4.26
C GLY C 318 -7.01 43.68 5.11
N VAL C 319 -8.00 43.04 4.48
CA VAL C 319 -9.17 42.49 5.17
C VAL C 319 -9.47 41.12 4.60
N GLY C 320 -9.07 40.07 5.30
CA GLY C 320 -9.29 38.73 4.81
C GLY C 320 -8.06 37.87 4.50
N PRO C 321 -7.02 38.42 3.88
CA PRO C 321 -5.98 37.54 3.34
C PRO C 321 -5.08 36.89 4.36
N GLY C 322 -5.29 37.12 5.66
CA GLY C 322 -4.49 36.46 6.67
C GLY C 322 -4.61 34.95 6.57
N SER C 323 -3.48 34.27 6.73
CA SER C 323 -3.45 32.81 6.59
C SER C 323 -4.24 32.10 7.67
N ILE C 324 -4.52 32.78 8.78
CA ILE C 324 -5.28 32.21 9.88
C ILE C 324 -6.66 32.83 9.99
N CYS C 325 -7.04 33.67 9.03
CA CYS C 325 -8.32 34.37 9.06
C CYS C 325 -9.39 33.57 8.36
N THR C 326 -10.64 33.74 8.81
CA THR C 326 -11.79 33.08 8.20
C THR C 326 -12.92 34.08 7.93
N THR C 327 -12.58 35.34 7.75
N THR C 327 -12.58 35.34 7.75
CA THR C 327 -13.60 36.35 7.47
CA THR C 327 -13.60 36.35 7.47
C THR C 327 -14.28 36.09 6.15
N ARG C 328 -13.53 35.70 5.13
CA ARG C 328 -14.09 35.49 3.81
C ARG C 328 -14.96 34.25 3.74
N VAL C 329 -14.92 33.38 4.74
CA VAL C 329 -15.77 32.22 4.82
C VAL C 329 -16.91 32.43 5.80
N VAL C 330 -16.61 32.91 7.00
CA VAL C 330 -17.64 33.11 8.02
C VAL C 330 -18.57 34.25 7.62
N ALA C 331 -18.02 35.37 7.18
CA ALA C 331 -18.81 36.54 6.85
C ALA C 331 -18.95 36.80 5.37
N GLY C 332 -18.09 36.22 4.53
CA GLY C 332 -18.15 36.50 3.11
C GLY C 332 -17.67 37.86 2.73
N VAL C 333 -16.87 38.50 3.56
CA VAL C 333 -16.35 39.84 3.31
C VAL C 333 -14.84 39.76 3.14
N GLY C 334 -14.33 40.41 2.12
CA GLY C 334 -12.90 40.43 1.89
C GLY C 334 -12.55 41.30 0.71
N ALA C 335 -11.28 41.27 0.35
CA ALA C 335 -10.76 42.01 -0.79
C ALA C 335 -9.42 41.43 -1.20
N PRO C 336 -9.21 41.12 -2.48
CA PRO C 336 -7.90 40.65 -2.91
C PRO C 336 -6.84 41.71 -2.64
N GLN C 337 -5.65 41.24 -2.25
CA GLN C 337 -4.69 42.14 -1.61
C GLN C 337 -4.07 43.11 -2.60
N ILE C 338 -3.78 42.68 -3.82
CA ILE C 338 -3.14 43.57 -4.79
C ILE C 338 -4.07 44.73 -5.13
N THR C 339 -5.34 44.43 -5.39
CA THR C 339 -6.29 45.48 -5.75
C THR C 339 -6.53 46.42 -4.57
N ALA C 340 -6.63 45.87 -3.36
CA ALA C 340 -6.80 46.71 -2.19
C ALA C 340 -5.61 47.64 -1.99
N ILE C 341 -4.40 47.12 -2.18
CA ILE C 341 -3.20 47.95 -2.05
C ILE C 341 -3.20 49.04 -3.12
N LEU C 342 -3.57 48.69 -4.35
CA LEU C 342 -3.59 49.68 -5.42
C LEU C 342 -4.57 50.81 -5.10
N GLU C 343 -5.77 50.46 -4.63
CA GLU C 343 -6.75 51.49 -4.31
C GLU C 343 -6.30 52.35 -3.12
N ALA C 344 -5.77 51.73 -2.07
CA ALA C 344 -5.33 52.48 -0.92
C ALA C 344 -4.16 53.40 -1.28
N VAL C 345 -3.26 52.95 -2.14
CA VAL C 345 -2.18 53.80 -2.59
C VAL C 345 -2.71 54.96 -3.42
N ALA C 346 -3.66 54.69 -4.31
CA ALA C 346 -4.28 55.78 -5.04
C ALA C 346 -4.92 56.80 -4.12
N ALA C 347 -5.41 56.37 -2.97
CA ALA C 347 -5.99 57.32 -2.01
C ALA C 347 -4.96 58.01 -1.14
N CYS C 348 -3.82 57.39 -0.88
CA CYS C 348 -2.86 57.90 0.10
C CYS C 348 -1.68 58.65 -0.51
N LYS C 349 -1.18 58.22 -1.66
CA LYS C 349 0.04 58.79 -2.21
C LYS C 349 0.01 60.30 -2.39
N PRO C 350 -1.08 60.93 -2.86
CA PRO C 350 -1.06 62.39 -2.98
C PRO C 350 -0.72 63.13 -1.68
N TYR C 351 -1.03 62.56 -0.54
CA TYR C 351 -0.72 63.18 0.75
C TYR C 351 0.51 62.58 1.41
N GLY C 352 1.23 61.69 0.74
CA GLY C 352 2.47 61.17 1.28
C GLY C 352 2.31 60.24 2.45
N VAL C 353 1.17 59.59 2.61
CA VAL C 353 0.91 58.70 3.73
C VAL C 353 1.35 57.29 3.35
N PRO C 354 2.25 56.66 4.09
CA PRO C 354 2.70 55.32 3.74
C PRO C 354 1.61 54.27 3.94
N VAL C 355 1.82 53.13 3.29
CA VAL C 355 0.89 52.00 3.30
C VAL C 355 1.64 50.77 3.78
N ILE C 356 1.03 50.04 4.70
CA ILE C 356 1.56 48.80 5.23
C ILE C 356 0.66 47.66 4.78
N ALA C 357 1.14 46.82 3.87
CA ALA C 357 0.41 45.65 3.44
C ALA C 357 0.47 44.59 4.53
N ASP C 358 -0.69 44.21 5.05
CA ASP C 358 -0.76 43.35 6.23
C ASP C 358 -1.54 42.08 5.88
N GLY C 359 -0.85 40.96 5.90
CA GLY C 359 -1.49 39.67 5.71
C GLY C 359 -1.32 39.13 4.31
N GLY C 360 -1.31 37.81 4.20
CA GLY C 360 -1.28 37.14 2.93
C GLY C 360 0.09 36.92 2.32
N LEU C 361 1.17 37.37 2.96
CA LEU C 361 2.50 37.23 2.40
C LEU C 361 3.06 35.86 2.76
N GLN C 362 3.49 35.11 1.74
CA GLN C 362 3.99 33.76 1.91
C GLN C 362 5.46 33.61 1.57
N TYR C 363 5.93 34.27 0.51
CA TYR C 363 7.32 34.22 0.09
C TYR C 363 7.85 35.62 -0.09
N SER C 364 9.14 35.73 -0.38
CA SER C 364 9.73 37.03 -0.64
C SER C 364 9.22 37.64 -1.93
N GLY C 365 8.80 36.81 -2.87
CA GLY C 365 8.17 37.32 -4.06
C GLY C 365 6.88 38.07 -3.75
N ASP C 366 6.14 37.59 -2.77
CA ASP C 366 4.94 38.30 -2.33
C ASP C 366 5.30 39.66 -1.75
N ILE C 367 6.39 39.74 -1.00
CA ILE C 367 6.84 41.02 -0.46
C ILE C 367 7.19 41.97 -1.58
N ALA C 368 7.90 41.48 -2.60
CA ALA C 368 8.25 42.32 -3.74
C ALA C 368 7.01 42.79 -4.48
N LYS C 369 6.03 41.90 -4.66
CA LYS C 369 4.79 42.28 -5.34
C LYS C 369 4.04 43.34 -4.54
N ALA C 370 3.98 43.18 -3.22
CA ALA C 370 3.30 44.16 -2.38
C ALA C 370 3.99 45.51 -2.45
N LEU C 371 5.32 45.53 -2.41
CA LEU C 371 6.03 46.80 -2.45
C LEU C 371 5.93 47.44 -3.83
N ALA C 372 5.85 46.66 -4.89
CA ALA C 372 5.72 47.23 -6.22
C ALA C 372 4.31 47.78 -6.46
N ALA C 373 3.31 47.21 -5.82
CA ALA C 373 1.94 47.72 -5.95
C ALA C 373 1.78 49.09 -5.33
N GLY C 374 2.73 49.53 -4.50
CA GLY C 374 2.67 50.86 -3.93
C GLY C 374 2.83 50.86 -2.43
N ALA C 375 2.78 49.69 -1.81
CA ALA C 375 2.93 49.62 -0.36
C ALA C 375 4.35 49.97 0.04
N SER C 376 4.48 50.71 1.13
CA SER C 376 5.78 51.11 1.63
C SER C 376 6.34 50.15 2.67
N THR C 377 5.50 49.34 3.30
CA THR C 377 5.94 48.43 4.34
C THR C 377 5.12 47.15 4.25
N ALA C 378 5.70 46.04 4.67
CA ALA C 378 5.00 44.76 4.70
C ALA C 378 5.02 44.19 6.10
N MET C 379 3.85 43.89 6.66
CA MET C 379 3.74 43.34 7.99
C MET C 379 3.59 41.82 7.90
N LEU C 380 4.39 41.10 8.66
CA LEU C 380 4.53 39.65 8.52
C LEU C 380 3.90 38.91 9.69
N GLY C 381 3.26 37.80 9.39
CA GLY C 381 2.64 36.93 10.36
C GLY C 381 3.35 35.61 10.47
N SER C 382 2.81 34.59 9.79
CA SER C 382 3.35 33.23 9.88
C SER C 382 4.79 33.13 9.45
N LEU C 383 5.31 34.09 8.68
CA LEU C 383 6.72 34.05 8.30
C LEU C 383 7.64 34.26 9.49
N LEU C 384 7.14 34.80 10.59
CA LEU C 384 7.93 35.03 11.78
C LEU C 384 7.48 34.21 12.98
N ALA C 385 6.42 33.42 12.82
CA ALA C 385 5.93 32.63 13.95
C ALA C 385 6.89 31.51 14.32
N GLY C 386 7.51 30.89 13.33
CA GLY C 386 8.43 29.80 13.58
C GLY C 386 9.83 30.19 14.00
N THR C 387 10.11 31.48 14.07
CA THR C 387 11.43 31.95 14.50
C THR C 387 11.63 31.68 15.99
N ALA C 388 12.89 31.63 16.39
CA ALA C 388 13.23 31.32 17.78
C ALA C 388 12.82 32.45 18.72
N GLU C 389 12.81 33.68 18.26
CA GLU C 389 12.48 34.81 19.11
C GLU C 389 10.98 34.97 19.35
N SER C 390 10.15 34.23 18.65
CA SER C 390 8.72 34.33 18.86
C SER C 390 8.32 33.58 20.12
N PRO C 391 7.29 34.05 20.82
CA PRO C 391 6.81 33.34 22.02
C PRO C 391 6.22 31.99 21.66
N GLY C 392 5.90 31.23 22.71
CA GLY C 392 5.32 29.91 22.54
C GLY C 392 6.30 28.78 22.73
N GLU C 393 5.82 27.69 23.33
CA GLU C 393 6.67 26.54 23.61
C GLU C 393 6.95 25.75 22.35
N LEU C 394 8.19 25.30 22.21
CA LEU C 394 8.55 24.40 21.13
C LEU C 394 7.82 23.07 21.29
N ILE C 395 7.37 22.49 20.18
CA ILE C 395 6.58 21.27 20.18
C ILE C 395 7.23 20.28 19.23
N PHE C 396 7.29 19.00 19.65
CA PHE C 396 7.93 17.95 18.88
C PHE C 396 6.89 16.93 18.44
N VAL C 397 6.90 16.61 17.14
CA VAL C 397 6.01 15.59 16.58
C VAL C 397 6.80 14.80 15.55
N ASN C 398 6.94 13.49 15.77
CA ASN C 398 7.59 12.59 14.83
C ASN C 398 8.98 13.09 14.43
N GLY C 399 9.72 13.60 15.42
CA GLY C 399 11.06 14.08 15.18
C GLY C 399 11.16 15.47 14.59
N LYS C 400 10.06 16.05 14.16
CA LYS C 400 10.04 17.40 13.60
C LYS C 400 9.55 18.39 14.64
N GLN C 401 9.81 19.67 14.40
CA GLN C 401 9.53 20.73 15.35
C GLN C 401 8.43 21.63 14.80
N PHE C 402 7.59 22.13 15.69
CA PHE C 402 6.52 23.07 15.35
C PHE C 402 6.30 24.02 16.50
N LYS C 403 5.74 25.18 16.18
CA LYS C 403 5.31 26.16 17.17
C LYS C 403 3.89 26.59 16.87
N SER C 404 3.15 26.94 17.90
CA SER C 404 1.74 27.26 17.75
C SER C 404 1.56 28.63 17.07
N TYR C 405 0.49 28.74 16.30
CA TYR C 405 0.14 29.98 15.61
C TYR C 405 -1.38 30.09 15.58
N ARG C 406 -1.91 31.15 16.16
CA ARG C 406 -3.35 31.36 16.23
C ARG C 406 -3.67 32.81 15.94
N GLY C 407 -4.83 33.04 15.35
CA GLY C 407 -5.29 34.39 15.12
C GLY C 407 -5.82 35.03 16.38
N MET C 408 -5.84 36.36 16.38
CA MET C 408 -6.36 37.08 17.52
C MET C 408 -7.86 36.88 17.69
N GLY C 409 -8.57 36.63 16.60
CA GLY C 409 -9.98 36.35 16.63
C GLY C 409 -10.36 34.90 16.72
N SER C 410 -9.40 34.01 16.92
CA SER C 410 -9.70 32.59 17.02
C SER C 410 -10.34 32.28 18.37
N LEU C 411 -10.94 31.09 18.45
CA LEU C 411 -11.69 30.71 19.65
C LEU C 411 -10.79 30.67 20.88
N GLY C 412 -9.59 30.12 20.74
CA GLY C 412 -8.68 30.06 21.88
C GLY C 412 -8.24 31.43 22.35
N ALA C 413 -8.02 32.37 21.42
CA ALA C 413 -7.58 33.70 21.82
C ALA C 413 -8.68 34.47 22.53
N MET C 414 -9.94 34.22 22.18
CA MET C 414 -11.05 34.86 22.88
C MET C 414 -11.28 34.28 24.27
N GLN C 415 -10.60 33.20 24.61
CA GLN C 415 -10.76 32.56 25.90
C GLN C 415 -9.73 33.05 26.91
N LEU C 439 -19.96 34.98 20.62
CA LEU C 439 -18.52 34.82 20.47
C LEU C 439 -18.16 34.02 19.21
N VAL C 440 -18.73 34.43 18.09
CA VAL C 440 -18.48 33.77 16.80
C VAL C 440 -17.03 34.01 16.38
N PRO C 441 -16.21 32.98 16.30
CA PRO C 441 -14.79 33.18 15.96
C PRO C 441 -14.60 33.59 14.51
N GLU C 442 -13.49 34.26 14.26
CA GLU C 442 -13.11 34.71 12.93
C GLU C 442 -11.65 34.39 12.66
N GLY C 443 -11.18 33.27 13.17
CA GLY C 443 -9.81 32.84 12.99
C GLY C 443 -9.65 31.41 13.48
N ILE C 444 -8.52 30.81 13.12
CA ILE C 444 -8.27 29.42 13.46
C ILE C 444 -6.97 29.28 14.23
N GLU C 445 -6.62 28.04 14.56
CA GLU C 445 -5.40 27.72 15.29
C GLU C 445 -4.67 26.59 14.57
N GLY C 446 -3.34 26.62 14.64
CA GLY C 446 -2.56 25.59 14.00
C GLY C 446 -1.13 25.62 14.49
N ARG C 447 -0.27 24.87 13.82
CA ARG C 447 1.15 24.86 14.12
C ARG C 447 1.96 25.06 12.84
N VAL C 448 3.07 25.77 12.97
CA VAL C 448 3.96 26.03 11.85
C VAL C 448 5.34 25.47 12.17
N PRO C 449 6.04 24.88 11.21
CA PRO C 449 7.34 24.27 11.52
C PRO C 449 8.36 25.30 12.01
N PHE C 450 9.17 24.89 12.97
CA PHE C 450 10.22 25.75 13.50
C PHE C 450 11.27 26.03 12.43
N ARG C 451 11.75 27.26 12.38
CA ARG C 451 12.64 27.69 11.31
C ARG C 451 14.00 28.17 11.77
N GLY C 452 14.17 28.55 13.02
CA GLY C 452 15.46 28.99 13.52
C GLY C 452 15.51 30.45 13.91
N PRO C 453 16.69 31.03 13.90
CA PRO C 453 16.82 32.43 14.34
C PRO C 453 16.16 33.40 13.37
N LEU C 454 15.74 34.53 13.92
CA LEU C 454 15.05 35.53 13.11
C LEU C 454 15.94 36.11 12.03
N GLY C 455 17.22 36.33 12.35
CA GLY C 455 18.10 37.02 11.42
C GLY C 455 18.24 36.30 10.09
N THR C 456 18.32 34.97 10.12
CA THR C 456 18.42 34.22 8.88
C THR C 456 17.19 34.42 8.01
N VAL C 457 16.01 34.35 8.62
CA VAL C 457 14.77 34.53 7.85
C VAL C 457 14.71 35.93 7.26
N ILE C 458 15.04 36.94 8.07
CA ILE C 458 14.98 38.32 7.58
C ILE C 458 15.97 38.52 6.45
N HIS C 459 17.15 37.90 6.55
CA HIS C 459 18.14 38.06 5.51
C HIS C 459 17.74 37.34 4.23
N GLN C 460 17.07 36.19 4.34
CA GLN C 460 16.56 35.51 3.16
C GLN C 460 15.50 36.36 2.46
N LEU C 461 14.57 36.93 3.23
CA LEU C 461 13.54 37.78 2.64
C LEU C 461 14.16 39.01 1.99
N THR C 462 15.15 39.62 2.64
CA THR C 462 15.80 40.79 2.07
C THR C 462 16.60 40.43 0.82
N GLY C 463 17.18 39.24 0.78
CA GLY C 463 17.86 38.80 -0.42
C GLY C 463 16.90 38.62 -1.58
N GLY C 464 15.74 38.02 -1.32
CA GLY C 464 14.74 37.92 -2.36
C GLY C 464 14.28 39.28 -2.86
N LEU C 465 14.03 40.21 -1.94
CA LEU C 465 13.63 41.56 -2.35
C LEU C 465 14.72 42.24 -3.16
N ARG C 466 15.98 42.05 -2.78
CA ARG C 466 17.09 42.63 -3.52
C ARG C 466 17.20 42.03 -4.92
N ALA C 467 16.95 40.73 -5.04
CA ALA C 467 16.93 40.11 -6.36
C ALA C 467 15.84 40.71 -7.23
N ALA C 468 14.66 40.94 -6.65
CA ALA C 468 13.59 41.58 -7.40
C ALA C 468 13.96 42.99 -7.82
N MET C 469 14.58 43.75 -6.93
CA MET C 469 15.00 45.11 -7.25
C MET C 469 16.04 45.12 -8.36
N GLY C 470 16.93 44.14 -8.36
CA GLY C 470 17.90 44.02 -9.44
C GLY C 470 17.23 43.66 -10.75
N TYR C 471 16.24 42.77 -10.71
CA TYR C 471 15.53 42.41 -11.94
C TYR C 471 14.79 43.60 -12.52
N THR C 472 14.12 44.38 -11.68
CA THR C 472 13.35 45.52 -12.17
C THR C 472 14.20 46.77 -12.36
N GLY C 473 15.47 46.74 -11.99
CA GLY C 473 16.32 47.90 -12.11
C GLY C 473 15.91 49.06 -11.23
N SER C 474 15.59 48.79 -9.98
CA SER C 474 15.20 49.81 -9.02
C SER C 474 16.31 49.97 -7.98
N ALA C 475 16.86 51.17 -7.89
CA ALA C 475 17.88 51.43 -6.88
C ALA C 475 17.28 51.63 -5.50
N THR C 476 16.08 52.17 -5.42
CA THR C 476 15.41 52.43 -4.16
C THR C 476 13.97 51.92 -4.22
N ILE C 477 13.37 51.78 -3.03
CA ILE C 477 11.99 51.29 -2.96
C ILE C 477 11.04 52.24 -3.68
N GLU C 478 11.33 53.54 -3.65
CA GLU C 478 10.48 54.49 -4.34
C GLU C 478 10.50 54.28 -5.85
N GLN C 479 11.55 53.64 -6.37
CA GLN C 479 11.57 53.26 -7.78
C GLN C 479 10.90 51.92 -8.02
N LEU C 480 10.99 50.99 -7.07
CA LEU C 480 10.27 49.74 -7.18
C LEU C 480 8.78 49.96 -7.15
N GLN C 481 8.33 51.03 -6.52
CA GLN C 481 6.89 51.31 -6.45
C GLN C 481 6.31 51.73 -7.76
N GLN C 482 7.05 51.72 -8.86
CA GLN C 482 6.50 51.99 -10.19
C GLN C 482 6.87 50.90 -11.18
N ALA C 483 7.21 49.70 -10.72
CA ALA C 483 7.41 48.58 -11.62
C ALA C 483 6.10 48.15 -12.27
N GLN C 484 6.23 47.38 -13.34
CA GLN C 484 5.12 46.89 -14.15
C GLN C 484 4.67 45.51 -13.68
N PHE C 485 3.47 45.14 -14.09
CA PHE C 485 2.79 43.92 -13.68
C PHE C 485 2.29 43.20 -14.92
N VAL C 486 2.34 41.87 -14.89
CA VAL C 486 1.71 41.05 -15.92
C VAL C 486 0.77 40.07 -15.24
N GLN C 487 -0.44 39.94 -15.79
CA GLN C 487 -1.47 39.07 -15.23
C GLN C 487 -1.33 37.67 -15.81
N ILE C 488 -1.39 36.67 -14.95
CA ILE C 488 -1.19 35.27 -15.34
C ILE C 488 -2.45 34.48 -15.00
N THR C 489 -2.55 33.29 -15.58
CA THR C 489 -3.66 32.39 -15.37
C THR C 489 -3.22 31.21 -14.51
N ALA C 490 -4.13 30.24 -14.33
CA ALA C 490 -3.82 29.07 -13.51
C ALA C 490 -2.69 28.25 -14.11
N ALA C 491 -2.67 28.12 -15.43
CA ALA C 491 -1.57 27.43 -16.09
C ALA C 491 -0.25 28.15 -15.84
N GLY C 492 -0.26 29.48 -15.94
CA GLY C 492 0.92 30.23 -15.58
C GLY C 492 1.28 30.07 -14.11
N LEU C 493 0.27 29.89 -13.26
CA LEU C 493 0.53 29.65 -11.85
C LEU C 493 1.31 28.37 -11.64
N LYS C 494 0.85 27.27 -12.22
CA LYS C 494 1.58 26.01 -12.06
C LYS C 494 2.92 26.04 -12.77
N GLU C 495 3.05 26.84 -13.83
CA GLU C 495 4.36 27.01 -14.47
C GLU C 495 5.33 27.74 -13.56
N SER C 496 4.85 28.74 -12.82
CA SER C 496 5.73 29.56 -12.00
C SER C 496 6.44 28.72 -10.95
N HIS C 497 5.72 27.82 -10.30
CA HIS C 497 6.33 26.94 -9.31
C HIS C 497 7.09 25.81 -9.99
N PRO C 498 8.06 25.22 -9.30
CA PRO C 498 8.78 24.08 -9.86
C PRO C 498 7.82 22.95 -10.22
N HIS C 499 8.09 22.28 -11.34
CA HIS C 499 7.15 21.34 -11.92
C HIS C 499 7.90 20.24 -12.65
N ASP C 500 7.28 19.05 -12.68
CA ASP C 500 7.85 17.88 -13.34
C ASP C 500 9.25 17.57 -12.82
N ILE C 501 9.38 17.57 -11.50
CA ILE C 501 10.65 17.26 -10.84
C ILE C 501 10.35 16.89 -9.40
N THR C 502 11.04 15.87 -8.91
CA THR C 502 10.91 15.43 -7.52
C THR C 502 12.04 16.07 -6.72
N MET C 503 11.71 17.12 -5.98
CA MET C 503 12.71 17.82 -5.19
C MET C 503 13.20 16.93 -4.05
N THR C 504 14.51 16.92 -3.84
CA THR C 504 15.13 16.07 -2.85
C THR C 504 15.78 16.82 -1.70
N VAL C 505 16.07 18.11 -1.86
CA VAL C 505 16.68 18.92 -0.82
C VAL C 505 15.92 20.23 -0.74
N GLU C 506 15.65 20.69 0.49
CA GLU C 506 14.87 21.90 0.72
C GLU C 506 15.76 23.14 0.64
N ALA C 507 15.38 24.08 -0.21
CA ALA C 507 16.11 25.33 -0.32
C ALA C 507 15.86 26.20 0.90
N PRO C 508 16.82 27.05 1.27
CA PRO C 508 16.61 27.92 2.45
C PRO C 508 15.43 28.86 2.31
N ASN C 509 15.06 29.24 1.08
CA ASN C 509 13.97 30.19 0.86
C ASN C 509 12.77 29.57 0.18
N TYR C 510 12.81 28.29 -0.18
CA TYR C 510 11.68 27.60 -0.80
C TYR C 510 11.46 26.29 -0.09
N TYR C 511 10.25 26.10 0.44
CA TYR C 511 9.89 24.91 1.21
C TYR C 511 8.77 24.16 0.50
N THR C 512 8.86 22.82 0.53
CA THR C 512 7.84 21.98 -0.09
C THR C 512 6.50 22.13 0.61
N VAL D 12 -13.90 55.38 -14.70
CA VAL D 12 -12.61 56.08 -14.68
C VAL D 12 -11.49 55.23 -14.09
N PRO D 13 -11.68 54.63 -12.90
CA PRO D 13 -10.62 53.78 -12.36
C PRO D 13 -10.47 52.48 -13.13
N VAL D 14 -9.28 51.92 -13.09
CA VAL D 14 -8.99 50.65 -13.76
C VAL D 14 -9.78 49.54 -13.05
N PRO D 15 -10.37 48.59 -13.77
CA PRO D 15 -11.15 47.54 -13.10
C PRO D 15 -10.34 46.69 -12.14
N THR D 16 -9.04 46.55 -12.35
CA THR D 16 -8.18 45.77 -11.46
C THR D 16 -7.58 46.61 -10.34
N GLY D 17 -7.89 47.89 -10.25
CA GLY D 17 -7.39 48.73 -9.19
C GLY D 17 -6.53 49.89 -9.65
N GLY D 18 -6.62 51.00 -8.93
CA GLY D 18 -5.83 52.18 -9.24
C GLY D 18 -6.40 52.97 -10.39
N ASP D 19 -5.71 54.05 -10.72
CA ASP D 19 -6.07 54.90 -11.84
C ASP D 19 -5.08 54.83 -12.98
N ASP D 20 -4.04 54.00 -12.88
CA ASP D 20 -3.05 53.86 -13.94
C ASP D 20 -3.43 52.68 -14.82
N PRO D 21 -3.82 52.91 -16.07
CA PRO D 21 -4.19 51.78 -16.94
C PRO D 21 -3.02 50.92 -17.36
N THR D 22 -1.79 51.38 -17.18
CA THR D 22 -0.61 50.63 -17.58
C THR D 22 0.13 50.00 -16.40
N LYS D 23 -0.42 50.08 -15.19
CA LYS D 23 0.20 49.43 -14.05
C LYS D 23 0.25 47.92 -14.25
N VAL D 24 -0.83 47.34 -14.74
CA VAL D 24 -0.86 45.95 -15.17
C VAL D 24 -0.75 45.97 -16.68
N ALA D 25 0.42 45.65 -17.20
CA ALA D 25 0.73 45.89 -18.60
C ALA D 25 -0.12 45.00 -19.51
N MET D 26 -0.15 43.70 -19.26
CA MET D 26 -0.77 42.79 -20.21
C MET D 26 -1.16 41.49 -19.51
N LEU D 27 -1.86 40.63 -20.25
CA LEU D 27 -2.22 39.29 -19.80
C LEU D 27 -1.28 38.28 -20.44
N GLY D 28 -0.68 37.44 -19.63
CA GLY D 28 0.37 36.55 -20.08
C GLY D 28 -0.10 35.14 -20.34
N LEU D 29 0.13 34.66 -21.54
CA LEU D 29 -0.22 33.31 -21.94
C LEU D 29 0.99 32.40 -21.86
N THR D 30 0.79 31.19 -21.37
CA THR D 30 1.82 30.17 -21.33
C THR D 30 1.51 29.08 -22.35
N PHE D 31 2.31 28.02 -22.34
CA PHE D 31 2.12 26.95 -23.32
C PHE D 31 0.80 26.23 -23.12
N ASP D 32 0.30 26.16 -21.89
CA ASP D 32 -0.91 25.42 -21.61
C ASP D 32 -2.17 26.24 -21.83
N ASP D 33 -2.04 27.52 -22.17
CA ASP D 33 -3.20 28.37 -22.38
C ASP D 33 -3.65 28.43 -23.83
N VAL D 34 -2.89 27.86 -24.77
CA VAL D 34 -3.20 27.98 -26.18
C VAL D 34 -3.07 26.63 -26.86
N LEU D 35 -3.77 26.48 -27.98
CA LEU D 35 -3.67 25.33 -28.85
C LEU D 35 -3.52 25.80 -30.29
N LEU D 36 -2.95 24.95 -31.12
CA LEU D 36 -2.76 25.24 -32.53
C LEU D 36 -3.99 24.85 -33.32
N LEU D 37 -4.51 25.77 -34.09
CA LEU D 37 -5.69 25.50 -34.90
C LEU D 37 -5.31 24.80 -36.19
N PRO D 38 -6.00 23.75 -36.58
CA PRO D 38 -5.75 23.15 -37.90
C PRO D 38 -6.15 24.10 -39.02
N ALA D 39 -5.46 23.97 -40.15
CA ALA D 39 -5.73 24.77 -41.33
C ALA D 39 -5.67 23.89 -42.56
N ALA D 40 -5.90 24.49 -43.72
CA ALA D 40 -5.80 23.75 -44.97
C ALA D 40 -4.40 23.20 -45.15
N SER D 41 -4.30 21.91 -45.45
CA SER D 41 -3.03 21.20 -45.43
C SER D 41 -2.84 20.39 -46.70
N ASP D 42 -1.63 20.45 -47.24
CA ASP D 42 -1.18 19.57 -48.32
C ASP D 42 0.16 18.95 -47.98
N VAL D 43 0.42 18.73 -46.69
CA VAL D 43 1.74 18.38 -46.19
C VAL D 43 1.66 17.01 -45.54
N VAL D 44 2.53 16.10 -45.97
CA VAL D 44 2.69 14.80 -45.33
C VAL D 44 3.57 14.98 -44.09
N PRO D 45 3.28 14.32 -42.98
CA PRO D 45 4.15 14.45 -41.81
C PRO D 45 5.59 14.06 -42.07
N ALA D 46 5.83 13.09 -42.94
CA ALA D 46 7.19 12.63 -43.20
C ALA D 46 7.95 13.53 -44.18
N THR D 47 7.27 14.43 -44.88
CA THR D 47 7.90 15.29 -45.86
C THR D 47 8.06 16.73 -45.37
N ALA D 48 7.71 17.01 -44.13
CA ALA D 48 7.85 18.36 -43.60
C ALA D 48 9.30 18.67 -43.29
N ASP D 49 9.79 19.80 -43.78
CA ASP D 49 11.17 20.22 -43.59
C ASP D 49 11.28 20.97 -42.27
N THR D 50 11.90 20.33 -41.28
CA THR D 50 12.00 20.89 -39.94
C THR D 50 13.24 21.75 -39.74
N SER D 51 14.02 22.00 -40.78
CA SER D 51 15.22 22.81 -40.65
C SER D 51 14.86 24.27 -40.39
N SER D 52 15.67 24.93 -39.56
CA SER D 52 15.42 26.32 -39.23
C SER D 52 16.72 26.98 -38.80
N GLN D 53 16.74 28.31 -38.84
CA GLN D 53 17.92 29.07 -38.45
C GLN D 53 18.17 28.97 -36.95
N LEU D 54 19.42 28.73 -36.57
CA LEU D 54 19.85 28.90 -35.19
C LEU D 54 20.32 30.32 -34.94
N THR D 55 21.23 30.81 -35.79
CA THR D 55 21.63 32.21 -35.80
C THR D 55 21.47 32.76 -37.20
N LYS D 56 21.95 33.97 -37.45
CA LYS D 56 21.83 34.55 -38.77
C LYS D 56 22.69 33.83 -39.81
N ARG D 57 23.70 33.08 -39.37
CA ARG D 57 24.61 32.39 -40.29
C ARG D 57 24.58 30.87 -40.16
N ILE D 58 23.92 30.32 -39.14
CA ILE D 58 23.92 28.89 -38.87
C ILE D 58 22.51 28.37 -39.07
N ARG D 59 22.39 27.23 -39.76
CA ARG D 59 21.11 26.55 -39.96
C ARG D 59 21.21 25.14 -39.43
N LEU D 60 20.24 24.73 -38.63
CA LEU D 60 20.18 23.39 -38.08
C LEU D 60 19.17 22.55 -38.87
N ARG D 61 19.38 21.23 -38.85
CA ARG D 61 18.42 20.34 -39.48
C ARG D 61 17.24 20.07 -38.56
N VAL D 62 17.48 19.88 -37.27
CA VAL D 62 16.46 19.77 -36.25
C VAL D 62 16.60 20.98 -35.34
N PRO D 63 15.55 21.79 -35.15
CA PRO D 63 15.66 23.06 -34.44
C PRO D 63 15.64 22.93 -32.92
N LEU D 64 16.49 22.05 -32.41
CA LEU D 64 16.63 21.84 -30.96
C LEU D 64 18.07 22.10 -30.56
N VAL D 65 18.25 22.66 -29.37
CA VAL D 65 19.58 22.97 -28.84
C VAL D 65 19.59 22.57 -27.37
N SER D 66 20.69 21.96 -26.93
CA SER D 66 20.80 21.54 -25.55
C SER D 66 21.09 22.73 -24.64
N SER D 67 20.67 22.62 -23.39
CA SER D 67 20.88 23.68 -22.42
C SER D 67 22.29 23.64 -21.87
N ALA D 68 22.79 24.81 -21.47
CA ALA D 68 24.12 24.95 -20.89
C ALA D 68 24.04 24.73 -19.38
N MET D 69 23.85 23.47 -19.00
CA MET D 69 23.72 23.09 -17.61
C MET D 69 24.66 21.93 -17.30
N ASP D 70 25.28 21.97 -16.12
CA ASP D 70 26.32 21.02 -15.79
C ASP D 70 25.80 19.60 -15.67
N THR D 71 24.48 19.41 -15.53
CA THR D 71 23.89 18.09 -15.49
C THR D 71 23.26 17.70 -16.82
N VAL D 72 23.44 18.51 -17.86
CA VAL D 72 22.78 18.26 -19.13
C VAL D 72 23.80 18.09 -20.25
N THR D 73 24.66 19.08 -20.43
CA THR D 73 25.52 19.16 -21.61
C THR D 73 26.98 19.08 -21.22
N GLU D 74 27.69 18.12 -21.79
CA GLU D 74 29.15 18.08 -21.80
C GLU D 74 29.57 17.59 -23.17
N SER D 75 30.82 17.16 -23.33
CA SER D 75 31.32 16.75 -24.63
C SER D 75 30.46 15.64 -25.23
N ARG D 76 30.08 14.65 -24.42
CA ARG D 76 29.26 13.55 -24.92
C ARG D 76 27.93 14.05 -25.44
N MET D 77 27.22 14.86 -24.63
CA MET D 77 25.93 15.37 -25.06
C MET D 77 26.06 16.32 -26.24
N ALA D 78 27.11 17.15 -26.25
CA ALA D 78 27.31 18.04 -27.39
C ALA D 78 27.50 17.27 -28.67
N ILE D 79 28.32 16.21 -28.64
CA ILE D 79 28.56 15.41 -29.84
C ILE D 79 27.28 14.69 -30.26
N ALA D 80 26.54 14.14 -29.29
CA ALA D 80 25.30 13.44 -29.63
C ALA D 80 24.28 14.38 -30.26
N MET D 81 24.14 15.59 -29.70
CA MET D 81 23.20 16.56 -30.28
C MET D 81 23.65 17.02 -31.65
N ALA D 82 24.95 17.23 -31.84
CA ALA D 82 25.44 17.62 -33.16
C ALA D 82 25.17 16.54 -34.19
N ARG D 83 25.33 15.27 -33.82
CA ARG D 83 25.03 14.20 -34.74
C ARG D 83 23.54 14.07 -35.00
N ALA D 84 22.72 14.30 -33.97
CA ALA D 84 21.28 14.11 -34.10
C ALA D 84 20.61 15.13 -35.01
N GLY D 85 21.30 16.21 -35.37
CA GLY D 85 20.75 17.24 -36.22
C GLY D 85 20.58 18.58 -35.56
N GLY D 86 20.80 18.67 -34.26
CA GLY D 86 20.71 19.93 -33.53
C GLY D 86 22.08 20.48 -33.18
N MET D 87 22.21 20.97 -31.95
CA MET D 87 23.49 21.48 -31.47
C MET D 87 23.50 21.40 -29.95
N GLY D 88 24.66 21.63 -29.38
CA GLY D 88 24.81 21.61 -27.93
C GLY D 88 25.58 22.83 -27.46
N VAL D 89 25.27 23.27 -26.26
CA VAL D 89 25.94 24.41 -25.63
C VAL D 89 26.58 23.91 -24.35
N LEU D 90 27.92 23.92 -24.30
CA LEU D 90 28.63 23.43 -23.14
C LEU D 90 28.49 24.40 -21.97
N HIS D 91 28.32 23.85 -20.78
CA HIS D 91 28.15 24.68 -19.60
C HIS D 91 29.48 25.29 -19.18
N ARG D 92 29.40 26.25 -18.26
CA ARG D 92 30.57 27.03 -17.83
C ARG D 92 30.83 26.92 -16.34
N ASN D 93 30.35 25.86 -15.69
CA ASN D 93 30.60 25.65 -14.27
C ASN D 93 31.85 24.78 -14.09
N LEU D 94 32.94 25.25 -14.66
CA LEU D 94 34.23 24.55 -14.60
C LEU D 94 35.31 25.48 -15.15
N PRO D 95 36.59 25.18 -14.89
CA PRO D 95 37.68 26.07 -15.34
C PRO D 95 37.75 26.25 -16.85
N VAL D 96 38.40 27.35 -17.24
CA VAL D 96 38.48 27.73 -18.65
C VAL D 96 39.21 26.66 -19.45
N ALA D 97 40.31 26.13 -18.91
CA ALA D 97 41.08 25.13 -19.63
C ALA D 97 40.28 23.87 -19.89
N GLU D 98 39.50 23.43 -18.90
CA GLU D 98 38.68 22.25 -19.08
C GLU D 98 37.59 22.50 -20.12
N GLN D 99 37.00 23.71 -20.14
CA GLN D 99 36.00 24.02 -21.15
C GLN D 99 36.59 24.02 -22.54
N ALA D 100 37.78 24.59 -22.70
CA ALA D 100 38.45 24.54 -23.99
C ALA D 100 38.77 23.10 -24.38
N GLY D 101 39.13 22.27 -23.41
CA GLY D 101 39.35 20.87 -23.69
C GLY D 101 38.10 20.17 -24.16
N GLN D 102 36.96 20.47 -23.55
CA GLN D 102 35.70 19.90 -23.99
C GLN D 102 35.37 20.35 -25.41
N VAL D 103 35.63 21.63 -25.72
CA VAL D 103 35.39 22.13 -27.06
C VAL D 103 36.26 21.38 -28.06
N GLU D 104 37.54 21.19 -27.73
CA GLU D 104 38.44 20.47 -28.62
C GLU D 104 38.00 19.02 -28.79
N THR D 105 37.55 18.38 -27.72
CA THR D 105 37.08 17.01 -27.81
C THR D 105 35.88 16.90 -28.74
N VAL D 106 34.95 17.86 -28.64
CA VAL D 106 33.79 17.86 -29.52
C VAL D 106 34.21 18.10 -30.97
N LYS D 107 35.17 19.00 -31.18
CA LYS D 107 35.61 19.31 -32.53
C LYS D 107 36.29 18.10 -33.17
N ARG D 108 37.07 17.34 -32.40
CA ARG D 108 37.79 16.21 -32.97
C ARG D 108 36.84 15.12 -33.45
N SER D 109 35.91 14.70 -32.61
CA SER D 109 35.02 13.60 -32.93
C SER D 109 34.12 13.92 -34.12
N THR D 223 30.04 6.80 -40.79
CA THR D 223 30.06 8.14 -41.37
C THR D 223 28.67 8.55 -41.87
N GLU D 224 27.93 7.58 -42.40
CA GLU D 224 26.60 7.81 -42.93
C GLU D 224 25.49 7.40 -41.97
N GLN D 225 25.84 7.03 -40.73
CA GLN D 225 24.83 6.70 -39.74
C GLN D 225 24.02 7.92 -39.33
N PHE D 226 24.56 9.12 -39.55
CA PHE D 226 23.98 10.37 -39.06
C PHE D 226 23.90 11.33 -40.24
N PRO D 227 22.92 11.14 -41.13
CA PRO D 227 22.83 12.03 -42.30
C PRO D 227 22.45 13.45 -41.95
N LEU D 228 21.90 13.69 -40.77
CA LEU D 228 21.44 15.02 -40.39
C LEU D 228 22.45 15.77 -39.53
N SER D 229 23.64 15.21 -39.31
CA SER D 229 24.61 15.82 -38.41
C SER D 229 24.97 17.21 -38.87
N THR D 230 25.04 18.14 -37.92
CA THR D 230 25.35 19.53 -38.21
C THR D 230 26.87 19.70 -38.22
N LYS D 231 27.39 20.16 -39.35
CA LYS D 231 28.83 20.32 -39.54
C LYS D 231 29.10 21.61 -40.29
N ASP D 232 30.28 22.17 -40.05
CA ASP D 232 30.71 23.37 -40.77
C ASP D 232 31.28 22.97 -42.13
N SER D 233 31.89 23.94 -42.82
CA SER D 233 32.47 23.65 -44.13
C SER D 233 33.63 22.67 -44.04
N ASP D 234 34.36 22.68 -42.93
CA ASP D 234 35.49 21.78 -42.76
C ASP D 234 35.06 20.35 -42.44
N GLY D 235 33.81 20.14 -42.03
CA GLY D 235 33.32 18.81 -41.75
C GLY D 235 33.33 18.39 -40.30
N ARG D 236 33.64 19.30 -39.37
CA ARG D 236 33.61 18.98 -37.95
C ARG D 236 32.29 19.43 -37.33
N LEU D 237 31.91 18.78 -36.24
CA LEU D 237 30.64 19.05 -35.60
C LEU D 237 30.62 20.46 -35.02
N LEU D 238 29.49 21.14 -35.15
CA LEU D 238 29.31 22.44 -34.54
C LEU D 238 29.14 22.29 -33.03
N VAL D 239 29.62 23.29 -32.29
CA VAL D 239 29.49 23.30 -30.84
C VAL D 239 29.44 24.75 -30.37
N GLY D 240 28.72 24.98 -29.27
CA GLY D 240 28.61 26.29 -28.70
C GLY D 240 29.00 26.28 -27.23
N ALA D 241 29.38 27.45 -26.75
CA ALA D 241 29.87 27.60 -25.40
C ALA D 241 29.23 28.81 -24.73
N ALA D 242 29.01 28.71 -23.42
CA ALA D 242 28.34 29.75 -22.65
C ALA D 242 29.36 30.51 -21.80
N VAL D 243 29.29 31.83 -21.83
CA VAL D 243 30.18 32.69 -21.07
C VAL D 243 29.35 33.68 -20.26
N GLY D 244 29.97 34.22 -19.22
CA GLY D 244 29.34 35.18 -18.34
C GLY D 244 29.61 36.61 -18.72
N VAL D 245 29.72 37.47 -17.72
CA VAL D 245 30.01 38.88 -17.90
C VAL D 245 31.19 39.25 -17.00
N GLY D 246 32.17 39.95 -17.55
CA GLY D 246 33.34 40.37 -16.80
C GLY D 246 34.63 40.07 -17.55
N ASP D 247 35.73 40.54 -16.96
CA ASP D 247 37.04 40.32 -17.55
C ASP D 247 37.39 38.84 -17.57
N ASP D 248 37.04 38.11 -16.51
CA ASP D 248 37.19 36.66 -16.52
C ASP D 248 36.37 36.06 -17.65
N ALA D 249 35.17 36.57 -17.85
CA ALA D 249 34.34 36.11 -18.96
C ALA D 249 34.98 36.43 -20.30
N TRP D 250 35.62 37.59 -20.43
CA TRP D 250 36.30 37.93 -21.68
C TRP D 250 37.47 36.98 -21.94
N THR D 251 38.25 36.68 -20.91
CA THR D 251 39.34 35.73 -21.09
C THR D 251 38.82 34.36 -21.48
N ARG D 252 37.75 33.90 -20.84
CA ARG D 252 37.15 32.62 -21.20
C ARG D 252 36.65 32.63 -22.64
N ALA D 253 36.01 33.72 -23.05
CA ALA D 253 35.50 33.81 -24.42
C ALA D 253 36.63 33.76 -25.43
N MET D 254 37.71 34.51 -25.19
CA MET D 254 38.84 34.49 -26.12
C MET D 254 39.48 33.11 -26.17
N THR D 255 39.62 32.45 -25.02
CA THR D 255 40.17 31.10 -25.00
C THR D 255 39.29 30.14 -25.81
N LEU D 256 37.98 30.23 -25.64
CA LEU D 256 37.08 29.34 -26.39
C LEU D 256 37.13 29.64 -27.88
N VAL D 257 37.24 30.92 -28.25
CA VAL D 257 37.36 31.27 -29.66
C VAL D 257 38.63 30.68 -30.24
N ASP D 258 39.74 30.79 -29.51
CA ASP D 258 40.99 30.18 -29.98
C ASP D 258 40.87 28.67 -30.07
N ALA D 259 40.08 28.07 -29.18
CA ALA D 259 39.86 26.63 -29.22
C ALA D 259 39.04 26.19 -30.42
N GLY D 260 38.32 27.11 -31.06
CA GLY D 260 37.53 26.78 -32.22
C GLY D 260 36.05 26.62 -32.00
N VAL D 261 35.45 27.34 -31.05
CA VAL D 261 34.01 27.23 -30.83
C VAL D 261 33.26 27.89 -31.99
N ASP D 262 32.00 27.52 -32.15
CA ASP D 262 31.19 28.04 -33.25
C ASP D 262 30.25 29.16 -32.84
N VAL D 263 29.73 29.15 -31.61
CA VAL D 263 28.84 30.22 -31.14
C VAL D 263 29.08 30.42 -29.64
N LEU D 264 29.02 31.68 -29.22
CA LEU D 264 29.18 32.07 -27.84
C LEU D 264 27.84 32.60 -27.34
N ILE D 265 27.34 32.00 -26.27
CA ILE D 265 26.09 32.41 -25.64
C ILE D 265 26.47 33.25 -24.43
N VAL D 266 26.14 34.53 -24.46
CA VAL D 266 26.34 35.38 -23.29
C VAL D 266 25.18 35.11 -22.36
N ASP D 267 25.37 34.17 -21.45
CA ASP D 267 24.29 33.55 -20.68
C ASP D 267 24.19 34.22 -19.32
N THR D 268 23.20 35.09 -19.16
CA THR D 268 22.91 35.73 -17.88
C THR D 268 21.42 35.62 -17.60
N ALA D 269 21.08 35.77 -16.33
CA ALA D 269 19.68 35.70 -15.92
C ALA D 269 18.87 36.86 -16.49
N HIS D 270 19.45 38.05 -16.54
CA HIS D 270 18.75 39.27 -16.95
C HIS D 270 19.62 39.98 -17.99
N ALA D 271 19.26 39.83 -19.26
CA ALA D 271 20.07 40.32 -20.35
C ALA D 271 19.82 41.79 -20.69
N HIS D 272 18.91 42.46 -19.99
CA HIS D 272 18.69 43.88 -20.20
C HIS D 272 19.63 44.74 -19.37
N ASN D 273 20.60 44.13 -18.71
CA ASN D 273 21.61 44.87 -17.95
C ASN D 273 22.59 45.55 -18.90
N ARG D 274 23.16 46.65 -18.43
CA ARG D 274 24.13 47.40 -19.24
C ARG D 274 25.37 46.57 -19.51
N GLY D 275 25.85 45.84 -18.51
CA GLY D 275 27.07 45.07 -18.68
C GLY D 275 26.93 43.98 -19.72
N VAL D 276 25.78 43.32 -19.76
CA VAL D 276 25.58 42.26 -20.75
C VAL D 276 25.59 42.83 -22.16
N LEU D 277 24.91 43.94 -22.37
CA LEU D 277 24.91 44.57 -23.69
C LEU D 277 26.31 45.02 -24.08
N ASP D 278 27.05 45.60 -23.14
CA ASP D 278 28.42 46.02 -23.46
C ASP D 278 29.30 44.83 -23.79
N MET D 279 29.16 43.73 -23.06
CA MET D 279 29.95 42.54 -23.35
C MET D 279 29.60 41.97 -24.71
N VAL D 280 28.32 41.95 -25.07
CA VAL D 280 27.92 41.46 -26.38
C VAL D 280 28.50 42.35 -27.47
N SER D 281 28.45 43.66 -27.29
CA SER D 281 29.02 44.58 -28.28
C SER D 281 30.52 44.37 -28.42
N ARG D 282 31.22 44.19 -27.30
CA ARG D 282 32.66 43.97 -27.36
C ARG D 282 32.99 42.66 -28.08
N LEU D 283 32.23 41.61 -27.82
CA LEU D 283 32.47 40.33 -28.50
C LEU D 283 32.21 40.45 -30.00
N LYS D 284 31.15 41.16 -30.38
CA LYS D 284 30.90 41.40 -31.79
C LYS D 284 32.02 42.22 -32.43
N GLN D 285 32.54 43.21 -31.69
CA GLN D 285 33.65 44.01 -32.19
C GLN D 285 34.89 43.16 -32.42
N ALA D 286 35.18 42.26 -31.49
CA ALA D 286 36.43 41.50 -31.55
C ALA D 286 36.34 40.32 -32.51
N VAL D 287 35.43 39.39 -32.24
CA VAL D 287 35.37 38.12 -32.97
C VAL D 287 34.07 38.02 -33.73
N GLY D 288 33.55 39.16 -34.19
CA GLY D 288 32.24 39.16 -34.82
C GLY D 288 32.17 38.30 -36.07
N GLU D 289 33.16 38.40 -36.94
CA GLU D 289 33.13 37.64 -38.19
C GLU D 289 33.58 36.20 -38.03
N ARG D 290 34.11 35.82 -36.87
CA ARG D 290 34.58 34.45 -36.70
C ARG D 290 33.51 33.56 -36.06
N VAL D 291 32.80 34.07 -35.07
CA VAL D 291 31.76 33.33 -34.36
C VAL D 291 30.52 34.20 -34.27
N ASP D 292 29.45 33.61 -33.75
CA ASP D 292 28.20 34.33 -33.50
C ASP D 292 27.99 34.50 -32.01
N VAL D 293 27.24 35.54 -31.66
CA VAL D 293 26.97 35.90 -30.27
C VAL D 293 25.47 35.81 -30.04
N VAL D 294 25.07 35.04 -29.03
CA VAL D 294 23.66 34.87 -28.68
C VAL D 294 23.42 35.53 -27.34
N GLY D 295 22.49 36.49 -27.31
CA GLY D 295 22.24 37.23 -26.09
C GLY D 295 21.59 36.38 -25.00
N GLY D 296 21.76 36.83 -23.77
CA GLY D 296 21.12 36.19 -22.64
C GLY D 296 19.62 36.24 -22.64
N ASN D 297 19.02 35.74 -21.56
CA ASN D 297 17.57 35.58 -21.50
C ASN D 297 16.89 36.93 -21.37
N VAL D 298 15.90 37.17 -22.23
CA VAL D 298 15.06 38.35 -22.15
C VAL D 298 13.61 37.90 -22.06
N ALA D 299 12.74 38.83 -21.65
CA ALA D 299 11.32 38.55 -21.56
C ALA D 299 10.43 39.69 -22.04
N THR D 300 10.99 40.77 -22.57
CA THR D 300 10.18 41.91 -23.01
C THR D 300 10.65 42.37 -24.38
N ARG D 301 9.79 43.16 -25.03
CA ARG D 301 10.09 43.69 -26.36
C ARG D 301 11.28 44.65 -26.31
N ALA D 302 11.33 45.50 -25.30
CA ALA D 302 12.42 46.48 -25.21
C ALA D 302 13.77 45.80 -25.03
N ALA D 303 13.83 44.75 -24.22
CA ALA D 303 15.08 44.03 -24.04
C ALA D 303 15.54 43.39 -25.33
N ALA D 304 14.62 42.79 -26.08
CA ALA D 304 14.98 42.20 -27.36
C ALA D 304 15.46 43.25 -28.35
N ALA D 305 14.81 44.41 -28.36
CA ALA D 305 15.27 45.49 -29.23
C ALA D 305 16.67 45.95 -28.85
N ALA D 306 16.94 46.06 -27.55
CA ALA D 306 18.26 46.46 -27.10
C ALA D 306 19.31 45.43 -27.52
N LEU D 307 19.00 44.15 -27.38
CA LEU D 307 19.94 43.11 -27.81
C LEU D 307 20.18 43.18 -29.30
N VAL D 308 19.13 43.42 -30.09
CA VAL D 308 19.29 43.52 -31.53
C VAL D 308 20.18 44.70 -31.89
N GLU D 309 19.99 45.84 -31.22
CA GLU D 309 20.84 46.99 -31.45
C GLU D 309 22.29 46.70 -31.07
N ALA D 310 22.50 45.98 -29.97
CA ALA D 310 23.83 45.64 -29.53
C ALA D 310 24.57 44.77 -30.52
N GLY D 311 23.86 44.06 -31.39
CA GLY D 311 24.46 43.28 -32.44
C GLY D 311 24.45 41.79 -32.24
N ALA D 312 23.67 41.27 -31.29
CA ALA D 312 23.59 39.84 -31.08
C ALA D 312 22.94 39.16 -32.27
N ASP D 313 23.51 38.03 -32.69
CA ASP D 313 22.99 37.32 -33.85
C ASP D 313 21.74 36.52 -33.53
N ALA D 314 21.50 36.20 -32.26
CA ALA D 314 20.30 35.49 -31.86
C ALA D 314 19.89 35.98 -30.47
N VAL D 315 18.60 35.91 -30.18
CA VAL D 315 18.04 36.38 -28.92
C VAL D 315 17.39 35.20 -28.22
N LYS D 316 17.74 34.99 -26.97
CA LYS D 316 17.20 33.88 -26.18
C LYS D 316 16.14 34.42 -25.23
N VAL D 317 15.00 33.73 -25.16
CA VAL D 317 13.79 34.25 -24.55
C VAL D 317 13.38 33.34 -23.41
N GLY D 318 13.15 33.95 -22.25
CA GLY D 318 12.57 33.26 -21.11
C GLY D 318 13.17 33.63 -19.77
N VAL D 319 12.33 34.07 -18.85
CA VAL D 319 12.74 34.44 -17.49
C VAL D 319 11.72 33.88 -16.52
N GLY D 320 12.03 32.76 -15.88
CA GLY D 320 11.10 32.15 -14.96
C GLY D 320 10.61 30.75 -15.28
N PRO D 321 10.29 30.43 -16.55
CA PRO D 321 9.55 29.19 -16.80
C PRO D 321 10.34 27.91 -16.67
N GLY D 322 11.59 28.00 -16.22
CA GLY D 322 12.39 26.80 -16.08
C GLY D 322 11.77 25.82 -15.10
N SER D 323 11.92 24.53 -15.39
CA SER D 323 11.31 23.51 -14.55
C SER D 323 11.98 23.41 -13.20
N ILE D 324 13.20 23.93 -13.08
CA ILE D 324 13.92 23.95 -11.82
C ILE D 324 14.04 25.35 -11.26
N CYS D 325 13.69 26.37 -12.03
CA CYS D 325 13.80 27.76 -11.60
C CYS D 325 12.79 28.10 -10.53
N THR D 326 13.17 29.01 -9.63
CA THR D 326 12.27 29.50 -8.60
C THR D 326 12.33 31.03 -8.53
N THR D 327 12.62 31.68 -9.65
N THR D 327 12.61 31.68 -9.65
CA THR D 327 12.67 33.14 -9.66
CA THR D 327 12.67 33.14 -9.66
C THR D 327 11.32 33.74 -9.33
N ARG D 328 10.24 33.20 -9.90
CA ARG D 328 8.92 33.74 -9.66
C ARG D 328 8.47 33.60 -8.22
N VAL D 329 9.03 32.66 -7.48
CA VAL D 329 8.70 32.51 -6.06
C VAL D 329 9.66 33.31 -5.19
N VAL D 330 10.96 33.20 -5.44
CA VAL D 330 11.94 33.89 -4.62
C VAL D 330 11.87 35.40 -4.86
N ALA D 331 11.84 35.82 -6.11
CA ALA D 331 11.87 37.22 -6.45
C ALA D 331 10.54 37.76 -6.97
N GLY D 332 9.62 36.91 -7.40
CA GLY D 332 8.37 37.37 -7.94
C GLY D 332 8.48 38.00 -9.31
N VAL D 333 9.51 37.67 -10.07
CA VAL D 333 9.76 38.23 -11.39
C VAL D 333 9.63 37.11 -12.41
N GLY D 334 8.93 37.37 -13.50
CA GLY D 334 8.79 36.37 -14.54
C GLY D 334 7.89 36.90 -15.63
N ALA D 335 7.73 36.07 -16.66
CA ALA D 335 6.86 36.41 -17.77
C ALA D 335 6.42 35.17 -18.53
N PRO D 336 5.10 34.88 -18.60
CA PRO D 336 4.59 33.75 -19.38
C PRO D 336 5.30 33.59 -20.72
N GLN D 337 5.75 32.37 -21.01
CA GLN D 337 6.57 32.15 -22.20
C GLN D 337 5.88 32.60 -23.49
N ILE D 338 4.74 32.03 -23.84
CA ILE D 338 4.06 32.32 -25.10
C ILE D 338 4.04 33.83 -25.36
N THR D 339 3.58 34.60 -24.39
CA THR D 339 3.48 36.05 -24.55
C THR D 339 4.86 36.64 -24.78
N ALA D 340 5.81 36.33 -23.90
CA ALA D 340 7.17 36.85 -24.04
C ALA D 340 7.70 36.59 -25.45
N ILE D 341 7.65 35.33 -25.89
CA ILE D 341 8.11 34.97 -27.23
C ILE D 341 7.46 35.85 -28.27
N LEU D 342 6.15 36.10 -28.14
CA LEU D 342 5.47 36.94 -29.12
C LEU D 342 6.03 38.36 -29.13
N GLU D 343 6.29 38.92 -27.95
CA GLU D 343 6.82 40.28 -27.87
C GLU D 343 8.24 40.35 -28.43
N ALA D 344 9.08 39.39 -28.04
CA ALA D 344 10.45 39.37 -28.52
C ALA D 344 10.51 39.18 -30.03
N VAL D 345 9.61 38.36 -30.57
CA VAL D 345 9.57 38.18 -32.02
C VAL D 345 9.13 39.47 -32.69
N ALA D 346 8.12 40.15 -32.16
CA ALA D 346 7.74 41.45 -32.69
C ALA D 346 8.91 42.42 -32.67
N ALA D 347 9.79 42.32 -31.68
CA ALA D 347 10.96 43.17 -31.63
C ALA D 347 12.05 42.77 -32.60
N CYS D 348 12.25 41.47 -32.83
CA CYS D 348 13.42 40.98 -33.54
C CYS D 348 13.19 40.67 -35.01
N LYS D 349 12.00 40.19 -35.39
CA LYS D 349 11.78 39.72 -36.75
C LYS D 349 12.05 40.76 -37.83
N PRO D 350 11.70 42.04 -37.69
CA PRO D 350 12.03 42.99 -38.75
C PRO D 350 13.52 43.06 -39.08
N TYR D 351 14.39 42.74 -38.15
CA TYR D 351 15.83 42.78 -38.36
C TYR D 351 16.42 41.40 -38.61
N GLY D 352 15.60 40.37 -38.76
CA GLY D 352 16.09 39.07 -39.13
C GLY D 352 16.88 38.34 -38.06
N VAL D 353 16.64 38.65 -36.80
CA VAL D 353 17.36 38.04 -35.68
C VAL D 353 16.55 36.83 -35.21
N PRO D 354 17.11 35.63 -35.20
CA PRO D 354 16.36 34.47 -34.72
C PRO D 354 16.14 34.50 -33.21
N VAL D 355 15.15 33.72 -32.78
CA VAL D 355 14.69 33.67 -31.40
C VAL D 355 14.77 32.23 -30.91
N ILE D 356 15.32 32.05 -29.72
CA ILE D 356 15.47 30.75 -29.09
C ILE D 356 14.62 30.74 -27.83
N ALA D 357 13.54 29.98 -27.85
CA ALA D 357 12.70 29.81 -26.67
C ALA D 357 13.38 28.88 -25.69
N ASP D 358 13.64 29.35 -24.48
CA ASP D 358 14.42 28.61 -23.50
C ASP D 358 13.60 28.41 -22.25
N GLY D 359 13.31 27.17 -21.92
CA GLY D 359 12.69 26.84 -20.66
C GLY D 359 11.20 26.60 -20.78
N GLY D 360 10.69 25.72 -19.91
CA GLY D 360 9.27 25.46 -19.80
C GLY D 360 8.71 24.44 -20.76
N LEU D 361 9.52 23.90 -21.67
CA LEU D 361 9.04 22.91 -22.62
C LEU D 361 8.96 21.55 -21.95
N GLN D 362 7.83 20.88 -22.12
CA GLN D 362 7.60 19.58 -21.49
C GLN D 362 7.22 18.48 -22.46
N TYR D 363 6.67 18.81 -23.62
CA TYR D 363 6.28 17.83 -24.62
C TYR D 363 6.65 18.36 -25.99
N SER D 364 6.40 17.57 -27.02
CA SER D 364 6.58 18.05 -28.38
C SER D 364 5.57 19.12 -28.74
N GLY D 365 4.38 19.05 -28.14
CA GLY D 365 3.39 20.09 -28.38
C GLY D 365 3.87 21.45 -27.92
N ASP D 366 4.60 21.50 -26.81
CA ASP D 366 5.17 22.76 -26.38
C ASP D 366 6.17 23.30 -27.40
N ILE D 367 6.99 22.42 -27.98
CA ILE D 367 7.93 22.85 -29.01
C ILE D 367 7.18 23.41 -30.22
N ALA D 368 6.12 22.73 -30.64
CA ALA D 368 5.34 23.21 -31.77
C ALA D 368 4.71 24.56 -31.48
N LYS D 369 4.18 24.73 -30.25
CA LYS D 369 3.59 26.01 -29.88
C LYS D 369 4.63 27.11 -29.84
N ALA D 370 5.81 26.81 -29.31
CA ALA D 370 6.87 27.82 -29.25
C ALA D 370 7.31 28.24 -30.64
N LEU D 371 7.47 27.29 -31.56
CA LEU D 371 7.84 27.64 -32.92
C LEU D 371 6.74 28.41 -33.63
N ALA D 372 5.47 28.09 -33.33
CA ALA D 372 4.38 28.82 -33.95
C ALA D 372 4.29 30.25 -33.44
N ALA D 373 4.62 30.48 -32.17
CA ALA D 373 4.60 31.83 -31.63
C ALA D 373 5.66 32.72 -32.27
N GLY D 374 6.65 32.14 -32.94
CA GLY D 374 7.62 32.94 -33.66
C GLY D 374 9.06 32.54 -33.42
N ALA D 375 9.31 31.75 -32.39
CA ALA D 375 10.66 31.32 -32.08
C ALA D 375 11.21 30.43 -33.18
N SER D 376 12.48 30.61 -33.52
CA SER D 376 13.12 29.82 -34.54
C SER D 376 13.79 28.57 -33.99
N THR D 377 14.15 28.54 -32.72
CA THR D 377 14.82 27.41 -32.12
C THR D 377 14.29 27.22 -30.70
N ALA D 378 14.35 25.99 -30.20
CA ALA D 378 13.92 25.66 -28.85
C ALA D 378 15.05 25.01 -28.09
N MET D 379 15.32 25.48 -26.88
CA MET D 379 16.38 24.94 -26.04
C MET D 379 15.78 24.05 -24.97
N LEU D 380 16.34 22.86 -24.80
CA LEU D 380 15.75 21.83 -23.95
C LEU D 380 16.61 21.57 -22.73
N GLY D 381 15.95 21.43 -21.58
CA GLY D 381 16.58 21.16 -20.31
C GLY D 381 16.27 19.78 -19.78
N SER D 382 15.29 19.68 -18.89
CA SER D 382 14.94 18.41 -18.26
C SER D 382 14.57 17.35 -19.28
N LEU D 383 14.10 17.75 -20.46
CA LEU D 383 13.80 16.77 -21.50
C LEU D 383 15.04 16.00 -21.94
N LEU D 384 16.23 16.55 -21.70
CA LEU D 384 17.48 15.88 -22.02
C LEU D 384 18.27 15.50 -20.79
N ALA D 385 17.80 15.85 -19.60
CA ALA D 385 18.56 15.58 -18.39
C ALA D 385 18.59 14.09 -18.07
N GLY D 386 17.49 13.39 -18.31
CA GLY D 386 17.42 11.98 -17.97
C GLY D 386 18.08 11.04 -18.94
N THR D 387 18.58 11.54 -20.06
CA THR D 387 19.18 10.69 -21.06
C THR D 387 20.50 10.13 -20.57
N ALA D 388 20.94 9.05 -21.21
CA ALA D 388 22.22 8.43 -20.88
C ALA D 388 23.41 9.22 -21.39
N GLU D 389 23.21 10.05 -22.42
CA GLU D 389 24.30 10.85 -22.96
C GLU D 389 24.61 12.07 -22.11
N SER D 390 23.78 12.40 -21.12
CA SER D 390 24.02 13.53 -20.25
C SER D 390 25.01 13.15 -19.14
N PRO D 391 25.76 14.13 -18.62
CA PRO D 391 26.70 13.82 -17.55
C PRO D 391 25.99 13.40 -16.26
N GLY D 392 26.77 13.02 -15.26
CA GLY D 392 26.22 12.51 -14.02
C GLY D 392 26.10 10.99 -14.04
N GLU D 393 25.94 10.43 -12.84
CA GLU D 393 25.84 9.00 -12.68
C GLU D 393 24.38 8.58 -12.51
N LEU D 394 24.11 7.33 -12.88
CA LEU D 394 22.77 6.77 -12.74
C LEU D 394 22.48 6.47 -11.27
N ILE D 395 21.19 6.42 -10.94
CA ILE D 395 20.73 6.18 -9.57
C ILE D 395 19.62 5.14 -9.61
N PHE D 396 19.65 4.20 -8.66
CA PHE D 396 18.64 3.17 -8.56
C PHE D 396 17.83 3.38 -7.28
N VAL D 397 16.53 3.61 -7.44
CA VAL D 397 15.61 3.80 -6.32
C VAL D 397 14.35 2.98 -6.62
N ASN D 398 13.99 2.10 -5.70
CA ASN D 398 12.80 1.26 -5.83
C ASN D 398 12.80 0.49 -7.15
N GLY D 399 13.96 -0.06 -7.50
CA GLY D 399 14.10 -0.80 -8.73
C GLY D 399 13.93 0.01 -10.00
N LYS D 400 13.91 1.34 -9.89
CA LYS D 400 13.77 2.22 -11.03
C LYS D 400 15.01 3.08 -11.15
N GLN D 401 15.21 3.66 -12.34
CA GLN D 401 16.42 4.39 -12.67
C GLN D 401 16.12 5.88 -12.79
N PHE D 402 16.93 6.70 -12.13
CA PHE D 402 16.77 8.15 -12.12
C PHE D 402 18.14 8.80 -12.25
N LYS D 403 18.13 10.08 -12.58
CA LYS D 403 19.36 10.85 -12.69
C LYS D 403 19.16 12.22 -12.08
N SER D 404 20.26 12.81 -11.61
CA SER D 404 20.20 14.12 -10.96
C SER D 404 19.93 15.22 -11.98
N TYR D 405 19.27 16.27 -11.52
CA TYR D 405 18.98 17.43 -12.34
C TYR D 405 18.82 18.64 -11.43
N ARG D 406 19.53 19.70 -11.72
CA ARG D 406 19.54 20.87 -10.87
C ARG D 406 19.79 22.12 -11.71
N GLY D 407 19.34 23.25 -11.19
CA GLY D 407 19.59 24.52 -11.85
C GLY D 407 20.96 25.06 -11.52
N MET D 408 21.51 25.86 -12.44
CA MET D 408 22.83 26.43 -12.25
C MET D 408 22.85 27.46 -11.14
N GLY D 409 21.69 27.96 -10.72
CA GLY D 409 21.57 28.83 -9.58
C GLY D 409 21.27 28.13 -8.27
N SER D 410 21.22 26.81 -8.28
CA SER D 410 20.95 26.05 -7.07
C SER D 410 22.16 26.07 -6.13
N LEU D 411 21.91 25.71 -4.88
CA LEU D 411 22.96 25.76 -3.86
C LEU D 411 24.11 24.83 -4.23
N GLY D 412 23.80 23.64 -4.74
CA GLY D 412 24.86 22.75 -5.18
C GLY D 412 25.71 23.34 -6.29
N ALA D 413 25.09 23.97 -7.28
CA ALA D 413 25.83 24.58 -8.36
C ALA D 413 26.50 25.88 -7.94
N MET D 414 25.98 26.56 -6.92
CA MET D 414 26.54 27.82 -6.47
C MET D 414 27.89 27.65 -5.78
N GLN D 415 28.40 26.44 -5.66
CA GLN D 415 29.65 26.18 -4.95
C GLN D 415 30.75 25.78 -5.92
N LEU D 439 24.30 34.00 -0.78
CA LEU D 439 24.10 33.50 -2.12
C LEU D 439 22.65 33.02 -2.27
N VAL D 440 21.71 33.95 -2.46
CA VAL D 440 20.30 33.58 -2.54
C VAL D 440 20.11 32.58 -3.67
N PRO D 441 19.70 31.35 -3.37
CA PRO D 441 19.50 30.37 -4.43
C PRO D 441 18.29 30.70 -5.28
N GLU D 442 18.41 30.39 -6.57
CA GLU D 442 17.33 30.64 -7.53
C GLU D 442 17.03 29.38 -8.32
N GLY D 443 17.25 28.21 -7.72
CA GLY D 443 16.96 26.93 -8.34
C GLY D 443 16.92 25.87 -7.27
N ILE D 444 16.52 24.66 -7.69
CA ILE D 444 16.40 23.54 -6.77
C ILE D 444 17.04 22.31 -7.41
N GLU D 445 17.22 21.28 -6.60
CA GLU D 445 17.81 20.02 -7.00
C GLU D 445 16.76 18.92 -6.96
N GLY D 446 16.89 17.96 -7.87
CA GLY D 446 15.93 16.86 -7.89
C GLY D 446 16.42 15.74 -8.79
N ARG D 447 15.54 14.78 -9.03
CA ARG D 447 15.86 13.65 -9.88
C ARG D 447 14.77 13.45 -10.92
N VAL D 448 15.19 13.11 -12.12
CA VAL D 448 14.28 12.84 -13.24
C VAL D 448 14.40 11.37 -13.62
N PRO D 449 13.36 10.75 -14.16
CA PRO D 449 13.47 9.34 -14.56
C PRO D 449 14.46 9.17 -15.70
N PHE D 450 15.16 8.04 -15.69
CA PHE D 450 16.10 7.72 -16.76
C PHE D 450 15.36 7.48 -18.05
N ARG D 451 15.90 8.01 -19.15
CA ARG D 451 15.20 8.00 -20.43
C ARG D 451 15.90 7.21 -21.53
N GLY D 452 17.19 6.92 -21.39
CA GLY D 452 17.87 6.08 -22.35
C GLY D 452 18.65 6.86 -23.39
N PRO D 453 18.82 6.27 -24.57
CA PRO D 453 19.60 6.94 -25.62
C PRO D 453 18.93 8.21 -26.12
N LEU D 454 19.77 9.16 -26.53
CA LEU D 454 19.27 10.46 -26.96
C LEU D 454 18.52 10.37 -28.28
N GLY D 455 18.93 9.47 -29.16
CA GLY D 455 18.34 9.42 -30.49
C GLY D 455 16.84 9.17 -30.46
N THR D 456 16.40 8.28 -29.57
CA THR D 456 14.97 8.02 -29.45
C THR D 456 14.22 9.27 -29.03
N VAL D 457 14.73 9.99 -28.04
CA VAL D 457 14.06 11.20 -27.56
C VAL D 457 13.98 12.24 -28.66
N ILE D 458 15.10 12.47 -29.35
CA ILE D 458 15.12 13.47 -30.41
C ILE D 458 14.17 13.09 -31.53
N HIS D 459 14.15 11.81 -31.90
CA HIS D 459 13.28 11.36 -32.98
C HIS D 459 11.81 11.52 -32.59
N GLN D 460 11.47 11.22 -31.33
CA GLN D 460 10.08 11.36 -30.92
C GLN D 460 9.64 12.82 -30.86
N LEU D 461 10.50 13.70 -30.35
CA LEU D 461 10.16 15.11 -30.35
C LEU D 461 9.99 15.64 -31.77
N THR D 462 10.89 15.27 -32.67
CA THR D 462 10.77 15.72 -34.05
C THR D 462 9.56 15.10 -34.74
N GLY D 463 9.18 13.89 -34.35
CA GLY D 463 7.98 13.30 -34.90
C GLY D 463 6.72 14.02 -34.46
N GLY D 464 6.66 14.41 -33.19
CA GLY D 464 5.55 15.24 -32.74
C GLY D 464 5.50 16.57 -33.47
N LEU D 465 6.66 17.19 -33.68
CA LEU D 465 6.70 18.44 -34.42
C LEU D 465 6.23 18.24 -35.85
N ARG D 466 6.62 17.14 -36.48
CA ARG D 466 6.17 16.84 -37.83
C ARG D 466 4.66 16.63 -37.87
N ALA D 467 4.11 15.97 -36.85
CA ALA D 467 2.67 15.80 -36.78
C ALA D 467 1.96 17.16 -36.69
N ALA D 468 2.50 18.07 -35.87
CA ALA D 468 1.91 19.41 -35.78
C ALA D 468 1.98 20.14 -37.11
N MET D 469 3.12 20.02 -37.81
CA MET D 469 3.27 20.67 -39.10
C MET D 469 2.29 20.10 -40.11
N GLY D 470 2.05 18.78 -40.07
CA GLY D 470 1.07 18.20 -40.96
C GLY D 470 -0.34 18.65 -40.65
N TYR D 471 -0.67 18.77 -39.36
CA TYR D 471 -1.99 19.26 -38.97
C TYR D 471 -2.20 20.70 -39.44
N THR D 472 -1.21 21.55 -39.29
CA THR D 472 -1.37 22.96 -39.61
C THR D 472 -1.07 23.28 -41.07
N GLY D 473 -0.68 22.29 -41.87
CA GLY D 473 -0.37 22.54 -43.27
C GLY D 473 0.83 23.41 -43.50
N SER D 474 1.92 23.16 -42.77
CA SER D 474 3.14 23.95 -42.86
C SER D 474 4.24 23.10 -43.45
N ALA D 475 4.69 23.46 -44.66
CA ALA D 475 5.76 22.70 -45.29
C ALA D 475 7.11 23.02 -44.67
N THR D 476 7.29 24.22 -44.14
CA THR D 476 8.54 24.64 -43.53
C THR D 476 8.27 25.26 -42.18
N ILE D 477 9.35 25.51 -41.43
CA ILE D 477 9.23 26.17 -40.14
C ILE D 477 8.71 27.59 -40.31
N GLU D 478 9.10 28.26 -41.40
CA GLU D 478 8.63 29.61 -41.64
C GLU D 478 7.13 29.66 -41.83
N GLN D 479 6.55 28.65 -42.46
CA GLN D 479 5.10 28.59 -42.56
C GLN D 479 4.47 28.21 -41.23
N LEU D 480 5.15 27.41 -40.42
CA LEU D 480 4.64 27.10 -39.09
C LEU D 480 4.59 28.33 -38.21
N GLN D 481 5.50 29.27 -38.41
CA GLN D 481 5.57 30.46 -37.58
C GLN D 481 4.39 31.40 -37.82
N GLN D 482 3.57 31.16 -38.83
CA GLN D 482 2.40 31.99 -39.10
C GLN D 482 1.10 31.27 -38.76
N ALA D 483 1.16 30.18 -38.01
CA ALA D 483 -0.05 29.49 -37.58
C ALA D 483 -0.79 30.32 -36.52
N GLN D 484 -2.06 30.00 -36.33
CA GLN D 484 -2.93 30.73 -35.43
C GLN D 484 -3.20 29.91 -34.17
N PHE D 485 -3.53 30.61 -33.10
CA PHE D 485 -3.74 30.01 -31.79
C PHE D 485 -5.20 30.13 -31.37
N VAL D 486 -5.64 29.23 -30.52
CA VAL D 486 -6.94 29.31 -29.85
C VAL D 486 -6.70 29.25 -28.35
N GLN D 487 -7.24 30.22 -27.63
CA GLN D 487 -7.10 30.27 -26.18
C GLN D 487 -8.08 29.32 -25.53
N ILE D 488 -7.63 28.59 -24.53
CA ILE D 488 -8.46 27.59 -23.88
C ILE D 488 -8.47 27.83 -22.37
N THR D 489 -9.57 27.45 -21.74
CA THR D 489 -9.77 27.60 -20.30
C THR D 489 -9.18 26.41 -19.56
N ALA D 490 -9.40 26.36 -18.24
CA ALA D 490 -8.90 25.25 -17.44
C ALA D 490 -9.62 23.96 -17.80
N ALA D 491 -10.93 24.04 -18.03
CA ALA D 491 -11.69 22.86 -18.44
C ALA D 491 -11.17 22.32 -19.76
N GLY D 492 -10.89 23.19 -20.70
CA GLY D 492 -10.23 22.75 -21.92
C GLY D 492 -8.86 22.15 -21.67
N LEU D 493 -8.14 22.68 -20.69
CA LEU D 493 -6.83 22.15 -20.35
C LEU D 493 -6.93 20.72 -19.87
N LYS D 494 -7.89 20.42 -18.99
CA LYS D 494 -8.04 19.04 -18.55
C LYS D 494 -8.73 18.17 -19.58
N GLU D 495 -9.41 18.76 -20.57
CA GLU D 495 -9.93 17.98 -21.68
C GLU D 495 -8.84 17.58 -22.65
N SER D 496 -7.81 18.41 -22.82
CA SER D 496 -6.74 18.10 -23.76
C SER D 496 -5.99 16.83 -23.35
N HIS D 497 -5.68 16.70 -22.07
CA HIS D 497 -5.02 15.51 -21.57
C HIS D 497 -5.98 14.33 -21.61
N PRO D 498 -5.47 13.10 -21.65
CA PRO D 498 -6.33 11.93 -21.51
C PRO D 498 -7.08 11.97 -20.18
N HIS D 499 -8.35 11.57 -20.22
CA HIS D 499 -9.23 11.75 -19.08
C HIS D 499 -10.20 10.57 -18.99
N ASP D 500 -10.68 10.32 -17.77
CA ASP D 500 -11.64 9.26 -17.49
C ASP D 500 -11.15 7.91 -17.98
N ILE D 501 -9.89 7.61 -17.72
CA ILE D 501 -9.26 6.38 -18.16
C ILE D 501 -8.12 6.06 -17.22
N THR D 502 -7.82 4.78 -17.07
CA THR D 502 -6.68 4.31 -16.28
C THR D 502 -5.66 3.75 -17.25
N MET D 503 -4.54 4.46 -17.41
CA MET D 503 -3.53 4.05 -18.38
C MET D 503 -2.87 2.74 -17.96
N THR D 504 -2.80 1.79 -18.90
CA THR D 504 -2.27 0.47 -18.63
C THR D 504 -0.92 0.22 -19.26
N VAL D 505 -0.53 1.04 -20.25
CA VAL D 505 0.78 0.92 -20.89
C VAL D 505 1.23 2.32 -21.28
N GLU D 506 2.52 2.60 -21.11
CA GLU D 506 3.04 3.93 -21.38
C GLU D 506 3.39 4.08 -22.85
N ALA D 507 2.83 5.10 -23.50
CA ALA D 507 3.19 5.39 -24.86
C ALA D 507 4.61 5.97 -24.92
N PRO D 508 5.37 5.68 -25.99
CA PRO D 508 6.74 6.18 -26.07
C PRO D 508 6.84 7.69 -26.13
N ASN D 509 5.73 8.38 -26.40
CA ASN D 509 5.70 9.82 -26.52
C ASN D 509 4.92 10.53 -25.43
N TYR D 510 4.19 9.81 -24.60
CA TYR D 510 3.37 10.38 -23.54
C TYR D 510 3.62 9.62 -22.25
N TYR D 511 3.92 10.35 -21.18
CA TYR D 511 4.31 9.75 -19.91
C TYR D 511 3.29 10.07 -18.84
N THR D 512 3.17 9.15 -17.88
CA THR D 512 2.24 9.30 -16.76
C THR D 512 2.60 10.49 -15.88
N VAL E 12 28.87 -42.47 25.77
CA VAL E 12 29.11 -41.78 27.03
C VAL E 12 28.72 -40.29 26.97
N PRO E 13 29.18 -39.54 25.96
CA PRO E 13 28.75 -38.14 25.88
C PRO E 13 27.26 -38.03 25.59
N VAL E 14 26.68 -36.97 26.14
CA VAL E 14 25.24 -36.70 25.94
C VAL E 14 24.99 -36.46 24.45
N PRO E 15 23.90 -36.97 23.87
CA PRO E 15 23.67 -36.73 22.44
C PRO E 15 23.51 -35.27 22.08
N THR E 16 23.19 -34.40 23.02
CA THR E 16 23.09 -32.97 22.77
C THR E 16 24.36 -32.22 23.14
N GLY E 17 25.41 -32.91 23.55
CA GLY E 17 26.68 -32.27 23.82
C GLY E 17 27.05 -32.34 25.29
N GLY E 18 28.35 -32.34 25.54
CA GLY E 18 28.86 -32.34 26.90
C GLY E 18 28.88 -33.72 27.55
N ASP E 19 29.22 -33.73 28.83
CA ASP E 19 29.25 -34.94 29.62
C ASP E 19 28.19 -34.99 30.71
N ASP E 20 27.58 -33.86 31.04
CA ASP E 20 26.57 -33.81 32.09
C ASP E 20 25.22 -34.23 31.51
N PRO E 21 24.62 -35.31 31.97
CA PRO E 21 23.30 -35.70 31.45
C PRO E 21 22.17 -34.82 31.94
N THR E 22 22.39 -34.02 32.97
CA THR E 22 21.35 -33.18 33.54
C THR E 22 21.41 -31.74 33.03
N LYS E 23 22.33 -31.42 32.13
CA LYS E 23 22.45 -30.06 31.65
C LYS E 23 21.18 -29.61 30.93
N VAL E 24 20.62 -30.47 30.09
CA VAL E 24 19.30 -30.25 29.51
C VAL E 24 18.33 -31.11 30.31
N ALA E 25 17.60 -30.47 31.22
CA ALA E 25 16.85 -31.21 32.23
C ALA E 25 15.73 -32.02 31.62
N MET E 26 14.90 -31.39 30.78
CA MET E 26 13.70 -32.06 30.30
C MET E 26 13.25 -31.44 29.00
N LEU E 27 12.39 -32.15 28.28
CA LEU E 27 11.74 -31.65 27.09
C LEU E 27 10.42 -31.00 27.47
N GLY E 28 10.23 -29.75 27.06
CA GLY E 28 9.07 -28.97 27.46
C GLY E 28 7.99 -28.99 26.42
N LEU E 29 6.77 -29.29 26.84
CA LEU E 29 5.60 -29.31 25.98
C LEU E 29 4.73 -28.11 26.27
N THR E 30 4.29 -27.43 25.22
CA THR E 30 3.39 -26.31 25.36
C THR E 30 1.98 -26.74 24.97
N PHE E 31 1.05 -25.79 24.92
CA PHE E 31 -0.35 -26.12 24.66
C PHE E 31 -0.53 -26.69 23.26
N ASP E 32 0.22 -26.18 22.29
CA ASP E 32 0.06 -26.63 20.92
C ASP E 32 0.66 -28.01 20.67
N ASP E 33 1.41 -28.57 21.63
CA ASP E 33 2.10 -29.83 21.43
C ASP E 33 1.26 -31.04 21.76
N VAL E 34 0.09 -30.89 22.36
CA VAL E 34 -0.68 -32.02 22.87
C VAL E 34 -2.14 -31.89 22.46
N LEU E 35 -2.84 -33.01 22.54
CA LEU E 35 -4.28 -33.07 22.36
C LEU E 35 -4.86 -34.02 23.39
N LEU E 36 -6.14 -33.87 23.67
CA LEU E 36 -6.83 -34.71 24.64
C LEU E 36 -7.39 -35.94 23.97
N LEU E 37 -7.16 -37.09 24.56
CA LEU E 37 -7.66 -38.35 24.00
C LEU E 37 -9.09 -38.59 24.42
N PRO E 38 -9.99 -38.91 23.48
CA PRO E 38 -11.35 -39.29 23.86
C PRO E 38 -11.35 -40.58 24.68
N ALA E 39 -12.28 -40.66 25.62
CA ALA E 39 -12.38 -41.79 26.52
C ALA E 39 -13.82 -42.26 26.59
N ALA E 40 -14.03 -43.40 27.25
CA ALA E 40 -15.36 -43.93 27.46
C ALA E 40 -16.22 -42.92 28.20
N SER E 41 -17.24 -42.41 27.54
CA SER E 41 -18.01 -41.27 28.03
C SER E 41 -19.45 -41.65 28.27
N ASP E 42 -20.01 -41.10 29.35
CA ASP E 42 -21.43 -41.18 29.64
C ASP E 42 -21.97 -39.82 30.06
N VAL E 43 -21.28 -38.75 29.68
CA VAL E 43 -21.56 -37.39 30.13
C VAL E 43 -22.07 -36.60 28.93
N VAL E 44 -23.18 -35.91 29.12
CA VAL E 44 -23.71 -35.00 28.10
C VAL E 44 -23.11 -33.62 28.37
N PRO E 45 -22.62 -32.92 27.35
CA PRO E 45 -21.93 -31.65 27.60
C PRO E 45 -22.78 -30.62 28.32
N ALA E 46 -24.09 -30.68 28.18
CA ALA E 46 -24.96 -29.69 28.83
C ALA E 46 -25.05 -29.90 30.34
N THR E 47 -24.78 -31.09 30.84
CA THR E 47 -24.93 -31.41 32.25
C THR E 47 -23.59 -31.54 32.97
N ALA E 48 -22.51 -31.03 32.40
CA ALA E 48 -21.20 -31.12 33.02
C ALA E 48 -21.08 -30.15 34.17
N ASP E 49 -20.39 -30.57 35.22
CA ASP E 49 -20.15 -29.75 36.40
C ASP E 49 -18.77 -29.12 36.27
N THR E 50 -18.72 -27.82 36.01
CA THR E 50 -17.47 -27.12 35.76
C THR E 50 -16.88 -26.46 37.00
N SER E 51 -17.48 -26.67 38.17
CA SER E 51 -16.98 -26.03 39.38
C SER E 51 -15.65 -26.63 39.80
N SER E 52 -14.79 -25.79 40.39
CA SER E 52 -13.48 -26.23 40.82
C SER E 52 -12.98 -25.32 41.95
N GLN E 53 -11.99 -25.83 42.68
CA GLN E 53 -11.41 -25.08 43.79
C GLN E 53 -10.46 -24.01 43.28
N LEU E 54 -10.65 -22.77 43.74
CA LEU E 54 -9.66 -21.73 43.50
C LEU E 54 -8.56 -21.79 44.54
N THR E 55 -8.93 -21.74 45.81
CA THR E 55 -8.03 -21.99 46.92
C THR E 55 -8.55 -23.19 47.70
N LYS E 56 -7.92 -23.48 48.83
CA LYS E 56 -8.34 -24.60 49.66
C LYS E 56 -9.73 -24.38 50.25
N ARG E 57 -10.23 -23.15 50.26
CA ARG E 57 -11.51 -22.82 50.87
C ARG E 57 -12.51 -22.18 49.92
N ILE E 58 -12.09 -21.72 48.74
CA ILE E 58 -12.95 -21.04 47.79
C ILE E 58 -13.19 -21.97 46.61
N ARG E 59 -14.46 -22.15 46.24
CA ARG E 59 -14.84 -22.93 45.07
C ARG E 59 -15.63 -22.06 44.12
N LEU E 60 -15.20 -21.98 42.88
CA LEU E 60 -15.84 -21.16 41.86
C LEU E 60 -16.74 -22.01 40.98
N ARG E 61 -17.85 -21.41 40.53
CA ARG E 61 -18.77 -22.12 39.65
C ARG E 61 -18.19 -22.26 38.25
N VAL E 62 -17.35 -21.32 37.83
CA VAL E 62 -16.67 -21.36 36.55
C VAL E 62 -15.19 -21.19 36.83
N PRO E 63 -14.33 -22.12 36.42
CA PRO E 63 -12.91 -22.08 36.82
C PRO E 63 -12.10 -21.11 35.96
N LEU E 64 -12.48 -19.84 35.98
CA LEU E 64 -11.77 -18.80 35.25
C LEU E 64 -11.56 -17.60 36.15
N VAL E 65 -10.43 -16.93 35.99
CA VAL E 65 -10.05 -15.78 36.80
C VAL E 65 -9.43 -14.73 35.88
N SER E 66 -9.80 -13.48 36.08
CA SER E 66 -9.24 -12.41 35.27
C SER E 66 -7.84 -12.05 35.75
N SER E 67 -7.01 -11.61 34.81
CA SER E 67 -5.63 -11.27 35.13
C SER E 67 -5.55 -9.97 35.90
N ALA E 68 -4.54 -9.86 36.76
CA ALA E 68 -4.33 -8.66 37.56
C ALA E 68 -3.51 -7.65 36.77
N MET E 69 -4.08 -7.23 35.65
CA MET E 69 -3.44 -6.30 34.73
C MET E 69 -4.28 -5.04 34.61
N ASP E 70 -3.59 -3.90 34.45
CA ASP E 70 -4.28 -2.61 34.46
C ASP E 70 -5.17 -2.40 33.25
N THR E 71 -5.02 -3.19 32.21
CA THR E 71 -5.87 -3.10 31.04
C THR E 71 -6.92 -4.20 30.99
N VAL E 72 -7.03 -5.01 32.03
CA VAL E 72 -7.95 -6.14 32.03
C VAL E 72 -8.95 -6.03 33.17
N THR E 73 -8.47 -5.92 34.40
CA THR E 73 -9.32 -6.04 35.57
C THR E 73 -9.38 -4.73 36.35
N GLU E 74 -10.59 -4.22 36.53
CA GLU E 74 -10.89 -3.17 37.50
C GLU E 74 -12.24 -3.53 38.12
N SER E 75 -12.89 -2.57 38.79
CA SER E 75 -14.12 -2.87 39.51
C SER E 75 -15.20 -3.40 38.58
N ARG E 76 -15.32 -2.80 37.39
CA ARG E 76 -16.34 -3.27 36.44
C ARG E 76 -16.08 -4.70 36.01
N MET E 77 -14.85 -5.00 35.59
CA MET E 77 -14.50 -6.34 35.17
C MET E 77 -14.58 -7.32 36.33
N ALA E 78 -14.16 -6.91 37.52
CA ALA E 78 -14.24 -7.80 38.67
C ALA E 78 -15.69 -8.15 39.00
N ILE E 79 -16.58 -7.16 38.96
CA ILE E 79 -17.99 -7.43 39.23
C ILE E 79 -18.58 -8.33 38.16
N ALA E 80 -18.27 -8.07 36.90
CA ALA E 80 -18.79 -8.91 35.82
C ALA E 80 -18.30 -10.35 35.94
N MET E 81 -17.01 -10.53 36.24
CA MET E 81 -16.46 -11.87 36.40
C MET E 81 -17.07 -12.59 37.58
N ALA E 82 -17.25 -11.89 38.70
CA ALA E 82 -17.88 -12.51 39.86
C ALA E 82 -19.33 -12.87 39.58
N ARG E 83 -20.01 -12.10 38.76
CA ARG E 83 -21.38 -12.45 38.39
C ARG E 83 -21.41 -13.65 37.45
N ALA E 84 -20.45 -13.74 36.53
CA ALA E 84 -20.44 -14.83 35.56
C ALA E 84 -20.16 -16.18 36.18
N GLY E 85 -19.67 -16.21 37.42
CA GLY E 85 -19.32 -17.46 38.08
C GLY E 85 -17.86 -17.61 38.40
N GLY E 86 -17.00 -16.74 37.91
CA GLY E 86 -15.58 -16.80 38.19
C GLY E 86 -15.16 -15.79 39.24
N MET E 87 -14.05 -15.11 38.99
CA MET E 87 -13.56 -14.10 39.92
C MET E 87 -12.58 -13.20 39.18
N GLY E 88 -12.40 -12.00 39.71
CA GLY E 88 -11.43 -11.08 39.18
C GLY E 88 -10.38 -10.70 40.21
N VAL E 89 -9.21 -10.27 39.76
CA VAL E 89 -8.12 -9.88 40.64
C VAL E 89 -7.71 -8.45 40.27
N LEU E 90 -7.90 -7.52 41.18
CA LEU E 90 -7.59 -6.12 40.91
C LEU E 90 -6.09 -5.90 40.86
N HIS E 91 -5.65 -5.07 39.92
CA HIS E 91 -4.22 -4.82 39.73
C HIS E 91 -3.71 -3.83 40.76
N ARG E 92 -2.39 -3.60 40.74
CA ARG E 92 -1.75 -2.77 41.76
C ARG E 92 -0.90 -1.66 41.14
N ASN E 93 -1.21 -1.24 39.91
CA ASN E 93 -0.50 -0.11 39.32
C ASN E 93 -1.23 1.19 39.60
N LEU E 94 -1.54 1.42 40.87
CA LEU E 94 -2.26 2.59 41.32
C LEU E 94 -2.07 2.73 42.83
N PRO E 95 -2.38 3.91 43.39
CA PRO E 95 -2.22 4.09 44.85
C PRO E 95 -3.12 3.20 45.68
N VAL E 96 -2.66 2.95 46.92
CA VAL E 96 -3.34 1.99 47.79
C VAL E 96 -4.78 2.39 48.05
N ALA E 97 -5.02 3.69 48.25
CA ALA E 97 -6.37 4.14 48.56
C ALA E 97 -7.34 3.83 47.44
N GLU E 98 -6.90 4.03 46.19
CA GLU E 98 -7.76 3.73 45.06
C GLU E 98 -8.06 2.24 44.97
N GLN E 99 -7.08 1.40 45.25
CA GLN E 99 -7.30 -0.05 45.20
C GLN E 99 -8.29 -0.48 46.27
N ALA E 100 -8.17 0.07 47.48
CA ALA E 100 -9.15 -0.23 48.52
C ALA E 100 -10.53 0.27 48.12
N GLY E 101 -10.59 1.42 47.44
CA GLY E 101 -11.86 1.90 46.93
C GLY E 101 -12.48 0.98 45.91
N GLN E 102 -11.66 0.43 45.01
CA GLN E 102 -12.15 -0.54 44.05
C GLN E 102 -12.66 -1.80 44.76
N VAL E 103 -11.95 -2.26 45.78
CA VAL E 103 -12.38 -3.42 46.54
C VAL E 103 -13.74 -3.15 47.17
N GLU E 104 -13.90 -1.99 47.80
CA GLU E 104 -15.18 -1.66 48.43
C GLU E 104 -16.28 -1.53 47.38
N THR E 105 -15.98 -0.93 46.24
CA THR E 105 -16.98 -0.81 45.18
C THR E 105 -17.47 -2.18 44.74
N VAL E 106 -16.56 -3.13 44.59
CA VAL E 106 -16.97 -4.49 44.23
C VAL E 106 -17.79 -5.12 45.35
N LYS E 107 -17.33 -5.00 46.59
CA LYS E 107 -18.00 -5.67 47.70
C LYS E 107 -19.40 -5.11 47.94
N ARG E 108 -19.64 -3.83 47.65
CA ARG E 108 -20.93 -3.24 47.93
C ARG E 108 -22.00 -3.74 46.96
N SER E 109 -21.69 -3.79 45.67
CA SER E 109 -22.65 -4.21 44.65
C SER E 109 -23.15 -5.62 44.89
N THR E 223 -30.86 -10.38 41.34
CA THR E 223 -30.56 -11.54 42.16
C THR E 223 -30.64 -12.82 41.37
N GLU E 224 -31.71 -12.96 40.57
CA GLU E 224 -31.91 -14.14 39.74
C GLU E 224 -31.37 -13.98 38.33
N GLN E 225 -30.82 -12.82 37.99
CA GLN E 225 -30.19 -12.65 36.69
C GLN E 225 -28.92 -13.48 36.58
N PHE E 226 -28.24 -13.72 37.69
CA PHE E 226 -26.93 -14.36 37.71
C PHE E 226 -26.95 -15.48 38.76
N PRO E 227 -27.53 -16.63 38.42
CA PRO E 227 -27.58 -17.73 39.39
C PRO E 227 -26.22 -18.29 39.76
N LEU E 228 -25.19 -18.07 38.94
CA LEU E 228 -23.86 -18.63 39.18
C LEU E 228 -22.92 -17.66 39.87
N SER E 229 -23.38 -16.47 40.23
CA SER E 229 -22.52 -15.46 40.83
C SER E 229 -21.87 -15.99 42.11
N THR E 230 -20.59 -15.66 42.28
CA THR E 230 -19.81 -16.14 43.42
C THR E 230 -19.91 -15.15 44.56
N LYS E 231 -20.35 -15.63 45.72
CA LYS E 231 -20.59 -14.76 46.86
C LYS E 231 -20.03 -15.40 48.12
N ASP E 232 -19.72 -14.56 49.10
CA ASP E 232 -19.21 -15.03 50.38
C ASP E 232 -20.37 -15.45 51.28
N SER E 233 -20.09 -15.68 52.56
CA SER E 233 -21.13 -16.10 53.48
C SER E 233 -22.15 -15.00 53.75
N ASP E 234 -21.81 -13.75 53.47
CA ASP E 234 -22.73 -12.63 53.65
C ASP E 234 -23.53 -12.31 52.38
N GLY E 235 -23.24 -12.96 51.27
CA GLY E 235 -23.90 -12.67 50.02
C GLY E 235 -23.26 -11.56 49.20
N ARG E 236 -22.08 -11.10 49.59
CA ARG E 236 -21.36 -10.10 48.82
C ARG E 236 -20.40 -10.78 47.85
N LEU E 237 -20.16 -10.12 46.72
CA LEU E 237 -19.33 -10.69 45.67
C LEU E 237 -17.91 -10.92 46.16
N LEU E 238 -17.31 -12.03 45.72
CA LEU E 238 -15.91 -12.29 45.99
C LEU E 238 -15.02 -11.49 45.06
N VAL E 239 -13.85 -11.12 45.55
CA VAL E 239 -12.89 -10.36 44.76
C VAL E 239 -11.53 -10.55 45.38
N GLY E 240 -10.49 -10.41 44.55
CA GLY E 240 -9.13 -10.57 45.00
C GLY E 240 -8.29 -9.37 44.62
N ALA E 241 -7.16 -9.23 45.30
CA ALA E 241 -6.28 -8.09 45.08
C ALA E 241 -4.83 -8.55 45.00
N ALA E 242 -4.07 -7.92 44.12
CA ALA E 242 -2.68 -8.28 43.88
C ALA E 242 -1.76 -7.32 44.61
N VAL E 243 -0.75 -7.85 45.29
CA VAL E 243 0.25 -7.05 45.99
C VAL E 243 1.64 -7.52 45.59
N GLY E 244 2.61 -6.66 45.81
CA GLY E 244 4.00 -6.96 45.56
C GLY E 244 4.70 -7.50 46.79
N VAL E 245 5.99 -7.23 46.91
CA VAL E 245 6.81 -7.63 48.05
C VAL E 245 7.56 -6.41 48.56
N GLY E 246 7.47 -6.16 49.86
CA GLY E 246 8.14 -5.04 50.47
C GLY E 246 7.33 -4.51 51.64
N ASP E 247 7.80 -3.39 52.20
CA ASP E 247 7.09 -2.75 53.30
C ASP E 247 5.85 -2.00 52.81
N ASP E 248 5.97 -1.29 51.69
CA ASP E 248 4.81 -0.66 51.09
C ASP E 248 3.80 -1.70 50.67
N ALA E 249 4.27 -2.84 50.19
CA ALA E 249 3.39 -3.96 49.89
C ALA E 249 2.66 -4.44 51.13
N TRP E 250 3.35 -4.50 52.27
CA TRP E 250 2.70 -4.91 53.51
C TRP E 250 1.64 -3.90 53.94
N THR E 251 1.94 -2.61 53.82
CA THR E 251 0.93 -1.60 54.14
C THR E 251 -0.29 -1.74 53.24
N ARG E 252 -0.05 -1.95 51.94
CA ARG E 252 -1.14 -2.16 51.00
C ARG E 252 -1.95 -3.40 51.37
N ALA E 253 -1.27 -4.47 51.76
CA ALA E 253 -1.97 -5.70 52.13
C ALA E 253 -2.86 -5.49 53.34
N MET E 254 -2.36 -4.80 54.36
CA MET E 254 -3.18 -4.53 55.54
C MET E 254 -4.37 -3.64 55.18
N THR E 255 -4.15 -2.64 54.33
CA THR E 255 -5.26 -1.78 53.91
C THR E 255 -6.31 -2.58 53.17
N LEU E 256 -5.90 -3.47 52.26
CA LEU E 256 -6.85 -4.27 51.49
C LEU E 256 -7.59 -5.25 52.39
N VAL E 257 -6.90 -5.84 53.36
CA VAL E 257 -7.57 -6.75 54.29
C VAL E 257 -8.61 -6.00 55.12
N ASP E 258 -8.29 -4.77 55.50
CA ASP E 258 -9.29 -3.94 56.18
C ASP E 258 -10.46 -3.63 55.25
N ALA E 259 -10.17 -3.41 53.97
CA ALA E 259 -11.20 -3.09 52.98
C ALA E 259 -12.11 -4.28 52.68
N GLY E 260 -11.75 -5.48 53.11
CA GLY E 260 -12.60 -6.64 52.91
C GLY E 260 -12.28 -7.52 51.72
N VAL E 261 -11.01 -7.67 51.37
CA VAL E 261 -10.67 -8.54 50.24
C VAL E 261 -10.84 -9.99 50.65
N ASP E 262 -11.06 -10.85 49.65
CA ASP E 262 -11.25 -12.28 49.89
C ASP E 262 -10.00 -13.11 49.65
N VAL E 263 -9.22 -12.77 48.63
CA VAL E 263 -7.98 -13.47 48.32
C VAL E 263 -6.92 -12.46 47.92
N LEU E 264 -5.71 -12.64 48.43
CA LEU E 264 -4.58 -11.79 48.15
C LEU E 264 -3.57 -12.57 47.31
N ILE E 265 -3.20 -12.03 46.16
CA ILE E 265 -2.24 -12.65 45.27
C ILE E 265 -0.91 -11.95 45.44
N VAL E 266 0.09 -12.66 45.94
CA VAL E 266 1.44 -12.12 45.99
C VAL E 266 2.02 -12.27 44.59
N ASP E 267 1.87 -11.23 43.78
CA ASP E 267 2.12 -11.29 42.34
C ASP E 267 3.54 -10.83 42.05
N THR E 268 4.44 -11.78 41.81
CA THR E 268 5.82 -11.49 41.44
C THR E 268 6.20 -12.32 40.21
N ALA E 269 7.18 -11.83 39.47
CA ALA E 269 7.61 -12.52 38.27
C ALA E 269 8.33 -13.82 38.60
N HIS E 270 9.08 -13.86 39.69
CA HIS E 270 9.87 -15.03 40.08
C HIS E 270 9.60 -15.28 41.56
N ALA E 271 8.77 -16.27 41.85
CA ALA E 271 8.31 -16.53 43.19
C ALA E 271 9.23 -17.43 43.99
N HIS E 272 10.28 -17.96 43.39
CA HIS E 272 11.24 -18.77 44.15
C HIS E 272 12.26 -17.91 44.87
N ASN E 273 12.02 -16.62 44.98
CA ASN E 273 12.89 -15.72 45.75
C ASN E 273 12.59 -15.83 47.23
N ARG E 274 13.64 -15.76 48.05
CA ARG E 274 13.48 -15.90 49.49
C ARG E 274 12.56 -14.83 50.06
N GLY E 275 12.62 -13.62 49.51
CA GLY E 275 11.76 -12.56 49.99
C GLY E 275 10.29 -12.82 49.76
N VAL E 276 9.96 -13.37 48.60
CA VAL E 276 8.55 -13.66 48.30
C VAL E 276 8.03 -14.75 49.22
N LEU E 277 8.83 -15.78 49.46
CA LEU E 277 8.42 -16.82 50.39
C LEU E 277 8.22 -16.27 51.80
N ASP E 278 9.13 -15.40 52.24
CA ASP E 278 8.98 -14.78 53.56
C ASP E 278 7.72 -13.93 53.61
N MET E 279 7.42 -13.20 52.54
CA MET E 279 6.20 -12.39 52.50
C MET E 279 4.97 -13.27 52.59
N VAL E 280 4.95 -14.39 51.88
CA VAL E 280 3.81 -15.30 51.95
C VAL E 280 3.66 -15.85 53.35
N SER E 281 4.77 -16.23 53.98
CA SER E 281 4.71 -16.75 55.34
C SER E 281 4.18 -15.69 56.30
N ARG E 282 4.63 -14.44 56.16
CA ARG E 282 4.14 -13.37 57.03
C ARG E 282 2.65 -13.15 56.84
N LEU E 283 2.19 -13.13 55.59
CA LEU E 283 0.77 -12.91 55.33
C LEU E 283 -0.08 -14.03 55.93
N LYS E 284 0.36 -15.28 55.76
CA LYS E 284 -0.38 -16.40 56.33
C LYS E 284 -0.36 -16.36 57.85
N GLN E 285 0.77 -15.97 58.44
CA GLN E 285 0.85 -15.86 59.89
C GLN E 285 -0.09 -14.79 60.41
N ALA E 286 -0.17 -13.65 59.73
CA ALA E 286 -0.94 -12.52 60.23
C ALA E 286 -2.42 -12.67 59.96
N VAL E 287 -2.80 -12.73 58.67
CA VAL E 287 -4.21 -12.70 58.29
C VAL E 287 -4.59 -13.99 57.59
N GLY E 288 -3.96 -15.10 58.00
CA GLY E 288 -4.21 -16.37 57.33
C GLY E 288 -5.65 -16.84 57.44
N GLU E 289 -6.26 -16.63 58.59
CA GLU E 289 -7.61 -17.15 58.83
C GLU E 289 -8.71 -16.23 58.33
N ARG E 290 -8.39 -15.03 57.87
CA ARG E 290 -9.38 -14.14 57.29
C ARG E 290 -9.43 -14.23 55.77
N VAL E 291 -8.28 -14.14 55.10
CA VAL E 291 -8.20 -14.22 53.65
C VAL E 291 -7.32 -15.40 53.26
N ASP E 292 -7.26 -15.68 51.96
CA ASP E 292 -6.38 -16.68 51.40
C ASP E 292 -5.24 -16.02 50.66
N VAL E 293 -4.10 -16.71 50.59
CA VAL E 293 -2.88 -16.17 49.99
C VAL E 293 -2.49 -17.06 48.82
N VAL E 294 -2.32 -16.46 47.65
CA VAL E 294 -1.95 -17.17 46.43
C VAL E 294 -0.55 -16.74 46.02
N GLY E 295 0.35 -17.71 45.85
CA GLY E 295 1.73 -17.40 45.58
C GLY E 295 1.98 -16.95 44.16
N GLY E 296 3.07 -16.19 43.98
CA GLY E 296 3.51 -15.77 42.67
C GLY E 296 3.81 -16.87 41.69
N ASN E 297 4.23 -16.49 40.49
CA ASN E 297 4.37 -17.45 39.40
C ASN E 297 5.60 -18.31 39.59
N VAL E 298 5.44 -19.63 39.43
CA VAL E 298 6.52 -20.59 39.48
C VAL E 298 6.50 -21.42 38.20
N ALA E 299 7.59 -22.11 37.95
CA ALA E 299 7.69 -22.95 36.76
C ALA E 299 8.36 -24.29 36.99
N THR E 300 8.70 -24.64 38.22
CA THR E 300 9.36 -25.91 38.51
C THR E 300 8.69 -26.58 39.70
N ARG E 301 8.99 -27.85 39.88
CA ARG E 301 8.47 -28.60 41.02
C ARG E 301 9.04 -28.07 42.33
N ALA E 302 10.32 -27.71 42.33
CA ALA E 302 10.96 -27.25 43.55
C ALA E 302 10.34 -25.95 44.04
N ALA E 303 10.06 -25.02 43.12
CA ALA E 303 9.47 -23.75 43.51
C ALA E 303 8.06 -23.94 44.08
N ALA E 304 7.27 -24.82 43.47
CA ALA E 304 5.94 -25.09 43.98
C ALA E 304 6.01 -25.75 45.35
N ALA E 305 6.96 -26.66 45.55
CA ALA E 305 7.13 -27.26 46.87
C ALA E 305 7.52 -26.23 47.91
N ALA E 306 8.40 -25.30 47.54
CA ALA E 306 8.79 -24.23 48.45
C ALA E 306 7.62 -23.35 48.81
N LEU E 307 6.78 -23.02 47.83
CA LEU E 307 5.59 -22.21 48.11
C LEU E 307 4.62 -22.96 49.01
N VAL E 308 4.44 -24.26 48.79
CA VAL E 308 3.56 -25.05 49.64
C VAL E 308 4.08 -25.08 51.07
N GLU E 309 5.39 -25.24 51.23
CA GLU E 309 5.98 -25.21 52.57
C GLU E 309 5.79 -23.84 53.21
N ALA E 310 5.91 -22.77 52.43
CA ALA E 310 5.73 -21.44 52.96
C ALA E 310 4.31 -21.18 53.42
N GLY E 311 3.37 -22.02 53.05
CA GLY E 311 2.00 -21.92 53.52
C GLY E 311 1.01 -21.37 52.52
N ALA E 312 1.36 -21.26 51.24
CA ALA E 312 0.46 -20.74 50.24
C ALA E 312 -0.77 -21.63 50.10
N ASP E 313 -1.93 -21.00 50.00
CA ASP E 313 -3.17 -21.74 49.81
C ASP E 313 -3.40 -22.12 48.35
N ALA E 314 -2.72 -21.47 47.42
CA ALA E 314 -2.81 -21.82 46.00
C ALA E 314 -1.54 -21.37 45.32
N VAL E 315 -1.17 -22.09 44.27
CA VAL E 315 0.08 -21.88 43.55
C VAL E 315 -0.23 -21.46 42.14
N LYS E 316 0.31 -20.33 41.71
CA LYS E 316 0.12 -19.83 40.35
C LYS E 316 1.34 -20.19 39.52
N VAL E 317 1.10 -20.68 38.30
CA VAL E 317 2.12 -21.35 37.51
C VAL E 317 2.25 -20.67 36.17
N GLY E 318 3.47 -20.33 35.79
CA GLY E 318 3.78 -19.84 34.46
C GLY E 318 4.78 -18.70 34.44
N VAL E 319 5.86 -18.88 33.69
CA VAL E 319 6.92 -17.88 33.56
C VAL E 319 7.33 -17.80 32.10
N GLY E 320 6.83 -16.81 31.38
CA GLY E 320 7.15 -16.67 29.99
C GLY E 320 6.01 -16.70 28.98
N PRO E 321 5.01 -17.57 29.13
CA PRO E 321 4.08 -17.81 28.04
C PRO E 321 3.05 -16.71 27.81
N GLY E 322 3.13 -15.59 28.51
CA GLY E 322 2.20 -14.51 28.27
C GLY E 322 2.28 -13.98 26.86
N SER E 323 1.14 -13.57 26.33
CA SER E 323 1.09 -13.12 24.95
C SER E 323 1.86 -11.82 24.76
N ILE E 324 2.02 -11.04 25.81
CA ILE E 324 2.72 -9.78 25.77
C ILE E 324 4.08 -9.86 26.44
N CYS E 325 4.47 -11.03 26.94
CA CYS E 325 5.70 -11.19 27.70
C CYS E 325 6.89 -11.38 26.77
N THR E 326 8.03 -10.83 27.17
CA THR E 326 9.27 -10.97 26.42
C THR E 326 10.40 -11.50 27.30
N THR E 327 10.07 -12.19 28.39
N THR E 327 10.07 -12.19 28.39
CA THR E 327 11.10 -12.74 29.26
CA THR E 327 11.10 -12.74 29.26
C THR E 327 11.95 -13.77 28.54
N ARG E 328 11.32 -14.63 27.75
CA ARG E 328 12.04 -15.69 27.07
C ARG E 328 12.95 -15.18 25.97
N VAL E 329 12.77 -13.94 25.53
CA VAL E 329 13.63 -13.32 24.53
C VAL E 329 14.65 -12.39 25.17
N VAL E 330 14.20 -11.54 26.09
CA VAL E 330 15.10 -10.59 26.73
C VAL E 330 16.08 -11.31 27.65
N ALA E 331 15.57 -12.23 28.47
CA ALA E 331 16.41 -12.93 29.43
C ALA E 331 16.67 -14.38 29.06
N GLY E 332 15.94 -14.95 28.10
CA GLY E 332 16.13 -16.34 27.76
C GLY E 332 15.68 -17.31 28.81
N VAL E 333 14.80 -16.89 29.72
CA VAL E 333 14.31 -17.70 30.82
C VAL E 333 12.84 -17.99 30.61
N GLY E 334 12.46 -19.25 30.74
CA GLY E 334 11.06 -19.60 30.62
C GLY E 334 10.87 -21.10 30.75
N ALA E 335 9.64 -21.53 30.52
CA ALA E 335 9.29 -22.95 30.55
C ALA E 335 7.97 -23.13 29.84
N PRO E 336 7.83 -24.15 28.99
CA PRO E 336 6.55 -24.42 28.36
C PRO E 336 5.47 -24.75 29.40
N GLN E 337 4.25 -24.35 29.10
CA GLN E 337 3.23 -24.28 30.14
C GLN E 337 2.74 -25.65 30.58
N ILE E 338 2.58 -26.59 29.66
CA ILE E 338 2.04 -27.90 30.04
C ILE E 338 3.00 -28.62 30.97
N THR E 339 4.29 -28.61 30.66
CA THR E 339 5.28 -29.26 31.52
C THR E 339 5.36 -28.58 32.88
N ALA E 340 5.30 -27.25 32.90
CA ALA E 340 5.34 -26.53 34.16
C ALA E 340 4.14 -26.88 35.02
N ILE E 341 2.96 -26.95 34.42
CA ILE E 341 1.76 -27.34 35.16
C ILE E 341 1.92 -28.75 35.70
N LEU E 342 2.43 -29.67 34.89
CA LEU E 342 2.60 -31.04 35.35
C LEU E 342 3.53 -31.11 36.55
N GLU E 343 4.66 -30.40 36.48
CA GLU E 343 5.61 -30.43 37.58
C GLU E 343 5.04 -29.80 38.85
N ALA E 344 4.40 -28.64 38.70
CA ALA E 344 3.81 -27.98 39.86
C ALA E 344 2.71 -28.82 40.49
N VAL E 345 1.91 -29.48 39.66
CA VAL E 345 0.89 -30.38 40.21
C VAL E 345 1.53 -31.54 40.93
N ALA E 346 2.59 -32.11 40.38
CA ALA E 346 3.30 -33.16 41.10
C ALA E 346 3.79 -32.67 42.46
N ALA E 347 4.17 -31.41 42.56
CA ALA E 347 4.58 -30.86 43.85
C ALA E 347 3.41 -30.58 44.79
N CYS E 348 2.25 -30.17 44.27
CA CYS E 348 1.18 -29.63 45.10
C CYS E 348 0.07 -30.61 45.41
N LYS E 349 -0.29 -31.49 44.48
CA LYS E 349 -1.46 -32.35 44.65
C LYS E 349 -1.43 -33.21 45.90
N PRO E 350 -0.31 -33.81 46.31
CA PRO E 350 -0.34 -34.58 47.56
C PRO E 350 -0.73 -33.77 48.78
N TYR E 351 -0.56 -32.46 48.76
CA TYR E 351 -0.90 -31.60 49.88
C TYR E 351 -2.21 -30.86 49.68
N GLY E 352 -2.96 -31.18 48.63
CA GLY E 352 -4.25 -30.54 48.40
C GLY E 352 -4.20 -29.05 48.17
N VAL E 353 -3.21 -28.56 47.44
CA VAL E 353 -3.06 -27.15 47.13
C VAL E 353 -3.43 -26.93 45.67
N PRO E 354 -4.41 -26.09 45.37
CA PRO E 354 -4.82 -25.88 43.98
C PRO E 354 -3.78 -25.14 43.17
N VAL E 355 -3.86 -25.31 41.85
CA VAL E 355 -2.94 -24.73 40.89
C VAL E 355 -3.72 -23.85 39.92
N ILE E 356 -3.20 -22.67 39.67
CA ILE E 356 -3.79 -21.71 38.75
C ILE E 356 -2.80 -21.49 37.61
N ALA E 357 -3.14 -21.96 36.42
CA ALA E 357 -2.30 -21.77 35.25
C ALA E 357 -2.50 -20.36 34.70
N ASP E 358 -1.40 -19.62 34.55
CA ASP E 358 -1.47 -18.21 34.19
C ASP E 358 -0.63 -17.97 32.95
N GLY E 359 -1.27 -17.55 31.88
CA GLY E 359 -0.58 -17.13 30.68
C GLY E 359 -0.62 -18.18 29.59
N GLY E 360 -0.66 -17.72 28.35
CA GLY E 360 -0.57 -18.58 27.20
C GLY E 360 -1.87 -19.12 26.66
N LEU E 361 -2.99 -18.87 27.32
CA LEU E 361 -4.26 -19.42 26.90
C LEU E 361 -4.88 -18.56 25.80
N GLN E 362 -5.15 -19.16 24.66
CA GLN E 362 -5.74 -18.48 23.52
C GLN E 362 -7.12 -18.99 23.15
N TYR E 363 -7.45 -20.24 23.42
CA TYR E 363 -8.71 -20.84 23.06
C TYR E 363 -9.31 -21.54 24.26
N SER E 364 -10.54 -22.01 24.10
CA SER E 364 -11.15 -22.83 25.14
C SER E 364 -10.49 -24.21 25.21
N GLY E 365 -9.97 -24.69 24.08
CA GLY E 365 -9.22 -25.92 24.10
C GLY E 365 -7.98 -25.83 24.96
N ASP E 366 -7.34 -24.68 24.98
CA ASP E 366 -6.19 -24.49 25.86
C ASP E 366 -6.60 -24.56 27.31
N ILE E 367 -7.77 -24.01 27.65
CA ILE E 367 -8.27 -24.12 29.01
C ILE E 367 -8.52 -25.56 29.37
N ALA E 368 -9.12 -26.31 28.46
CA ALA E 368 -9.37 -27.73 28.73
C ALA E 368 -8.06 -28.50 28.92
N LYS E 369 -7.05 -28.21 28.09
CA LYS E 369 -5.76 -28.87 28.25
C LYS E 369 -5.10 -28.50 29.57
N ALA E 370 -5.16 -27.23 29.95
CA ALA E 370 -4.57 -26.81 31.22
C ALA E 370 -5.24 -27.48 32.40
N LEU E 371 -6.58 -27.57 32.39
CA LEU E 371 -7.27 -28.26 33.47
C LEU E 371 -7.00 -29.75 33.44
N ALA E 372 -6.76 -30.32 32.26
CA ALA E 372 -6.48 -31.75 32.18
C ALA E 372 -5.07 -32.07 32.67
N ALA E 373 -4.14 -31.13 32.53
CA ALA E 373 -2.79 -31.34 33.04
C ALA E 373 -2.73 -31.36 34.55
N GLY E 374 -3.77 -30.89 35.23
CA GLY E 374 -3.82 -30.94 36.68
C GLY E 374 -4.14 -29.60 37.32
N ALA E 375 -4.17 -28.54 36.53
CA ALA E 375 -4.47 -27.23 37.06
C ALA E 375 -5.93 -27.14 37.48
N SER E 376 -6.19 -26.49 38.61
CA SER E 376 -7.55 -26.33 39.10
C SER E 376 -8.23 -25.08 38.59
N THR E 377 -7.48 -24.06 38.18
CA THR E 377 -8.06 -22.81 37.70
C THR E 377 -7.18 -22.23 36.63
N ALA E 378 -7.76 -21.46 35.72
CA ALA E 378 -7.02 -20.78 34.66
C ALA E 378 -7.22 -19.28 34.77
N MET E 379 -6.13 -18.53 34.62
CA MET E 379 -6.18 -17.07 34.64
C MET E 379 -6.05 -16.54 33.23
N LEU E 380 -6.99 -15.69 32.83
CA LEU E 380 -7.12 -15.25 31.44
C LEU E 380 -6.67 -13.80 31.29
N GLY E 381 -5.92 -13.55 30.23
CA GLY E 381 -5.37 -12.25 29.93
C GLY E 381 -6.01 -11.63 28.70
N SER E 382 -5.34 -11.75 27.56
CA SER E 382 -5.81 -11.12 26.33
C SER E 382 -7.19 -11.58 25.92
N LEU E 383 -7.65 -12.73 26.38
CA LEU E 383 -9.00 -13.17 26.07
C LEU E 383 -10.05 -12.27 26.69
N LEU E 384 -9.71 -11.54 27.75
CA LEU E 384 -10.64 -10.64 28.42
C LEU E 384 -10.28 -9.18 28.24
N ALA E 385 -9.30 -8.86 27.39
CA ALA E 385 -8.91 -7.48 27.20
C ALA E 385 -9.77 -6.77 26.19
N GLY E 386 -10.34 -7.49 25.23
CA GLY E 386 -11.18 -6.92 24.21
C GLY E 386 -12.64 -6.82 24.58
N THR E 387 -13.02 -7.09 25.82
CA THR E 387 -14.41 -7.06 26.22
C THR E 387 -14.85 -5.65 26.58
N ALA E 388 -16.14 -5.50 26.84
CA ALA E 388 -16.70 -4.20 27.20
C ALA E 388 -16.37 -3.83 28.64
N GLU E 389 -16.36 -4.81 29.54
CA GLU E 389 -16.12 -4.54 30.95
C GLU E 389 -14.66 -4.28 31.27
N SER E 390 -13.76 -4.48 30.35
CA SER E 390 -12.35 -4.21 30.61
C SER E 390 -12.08 -2.71 30.55
N PRO E 391 -11.19 -2.19 31.40
CA PRO E 391 -10.83 -0.79 31.32
C PRO E 391 -10.14 -0.46 30.01
N GLY E 392 -10.29 0.78 29.57
CA GLY E 392 -9.75 1.20 28.30
C GLY E 392 -10.81 1.74 27.36
N GLU E 393 -10.38 2.53 26.38
CA GLU E 393 -11.27 3.19 25.44
C GLU E 393 -11.24 2.50 24.09
N LEU E 394 -12.40 2.45 23.44
CA LEU E 394 -12.52 1.78 22.16
C LEU E 394 -11.76 2.54 21.08
N ILE E 395 -11.12 1.81 20.19
CA ILE E 395 -10.26 2.38 19.14
C ILE E 395 -10.78 1.91 17.79
N PHE E 396 -10.88 2.84 16.86
CA PHE E 396 -11.42 2.56 15.53
C PHE E 396 -10.30 2.70 14.50
N VAL E 397 -10.08 1.65 13.72
CA VAL E 397 -9.06 1.64 12.67
C VAL E 397 -9.65 0.95 11.45
N ASN E 398 -9.85 1.71 10.36
CA ASN E 398 -10.26 1.15 9.08
C ASN E 398 -11.54 0.33 9.18
N GLY E 399 -12.48 0.81 9.97
CA GLY E 399 -13.75 0.13 10.13
C GLY E 399 -13.76 -1.00 11.14
N LYS E 400 -12.65 -1.23 11.83
CA LYS E 400 -12.54 -2.32 12.80
C LYS E 400 -12.31 -1.73 14.19
N GLN E 401 -12.72 -2.49 15.20
CA GLN E 401 -12.71 -2.04 16.59
C GLN E 401 -11.66 -2.82 17.36
N PHE E 402 -10.80 -2.10 18.07
CA PHE E 402 -9.74 -2.69 18.89
C PHE E 402 -9.70 -2.00 20.24
N LYS E 403 -8.95 -2.59 21.16
CA LYS E 403 -8.67 -1.99 22.46
C LYS E 403 -7.20 -2.22 22.80
N SER E 404 -6.64 -1.31 23.57
CA SER E 404 -5.23 -1.39 23.93
C SER E 404 -4.99 -2.52 24.93
N TYR E 405 -3.81 -3.12 24.83
CA TYR E 405 -3.42 -4.21 25.72
C TYR E 405 -1.91 -4.12 25.93
N ARG E 406 -1.49 -4.05 27.18
CA ARG E 406 -0.08 -3.89 27.50
C ARG E 406 0.27 -4.76 28.70
N GLY E 407 1.52 -5.20 28.72
CA GLY E 407 2.00 -5.95 29.87
C GLY E 407 2.42 -5.05 31.01
N MET E 408 2.33 -5.57 32.22
CA MET E 408 2.68 -4.79 33.40
C MET E 408 4.17 -4.52 33.49
N GLY E 409 5.00 -5.20 32.71
CA GLY E 409 6.42 -4.92 32.63
C GLY E 409 6.84 -4.15 31.41
N SER E 410 5.90 -3.58 30.66
CA SER E 410 6.22 -2.81 29.47
C SER E 410 6.75 -1.43 29.84
N LEU E 411 7.41 -0.80 28.87
CA LEU E 411 7.97 0.53 29.10
C LEU E 411 6.87 1.54 29.40
N GLY E 412 5.74 1.44 28.69
CA GLY E 412 4.62 2.32 28.99
C GLY E 412 4.06 2.11 30.38
N ALA E 413 4.11 0.88 30.89
CA ALA E 413 3.54 0.59 32.20
C ALA E 413 4.52 0.81 33.35
N MET E 414 5.82 0.69 33.09
CA MET E 414 6.80 0.86 34.16
C MET E 414 6.92 2.31 34.61
N GLN E 415 6.47 3.26 33.81
CA GLN E 415 6.49 4.68 34.17
C GLN E 415 5.23 5.07 34.94
N LEU E 439 15.40 1.07 30.42
CA LEU E 439 14.76 0.57 31.63
C LEU E 439 14.64 -0.94 31.59
N VAL E 440 15.03 -1.53 30.45
CA VAL E 440 14.95 -2.97 30.20
C VAL E 440 13.54 -3.48 30.49
N PRO E 441 12.56 -3.14 29.67
CA PRO E 441 11.20 -3.65 29.90
C PRO E 441 11.08 -5.11 29.53
N GLU E 442 10.09 -5.77 30.11
CA GLU E 442 9.85 -7.18 29.89
C GLU E 442 8.43 -7.41 29.37
N GLY E 443 7.95 -6.50 28.52
CA GLY E 443 6.63 -6.60 27.93
C GLY E 443 6.54 -5.68 26.73
N ILE E 444 5.39 -5.71 26.07
CA ILE E 444 5.13 -4.91 24.89
C ILE E 444 3.74 -4.29 25.01
N GLU E 445 3.41 -3.41 24.07
CA GLU E 445 2.11 -2.77 23.96
C GLU E 445 1.52 -3.07 22.59
N GLY E 446 0.22 -3.30 22.54
CA GLY E 446 -0.43 -3.60 21.28
C GLY E 446 -1.93 -3.39 21.40
N ARG E 447 -2.65 -3.91 20.42
CA ARG E 447 -4.11 -3.82 20.42
C ARG E 447 -4.72 -5.17 20.08
N VAL E 448 -5.88 -5.42 20.67
CA VAL E 448 -6.61 -6.67 20.47
C VAL E 448 -8.00 -6.35 19.92
N PRO E 449 -8.57 -7.18 19.07
CA PRO E 449 -9.89 -6.87 18.51
C PRO E 449 -10.97 -6.85 19.58
N PHE E 450 -11.96 -5.97 19.37
CA PHE E 450 -13.08 -5.85 20.29
C PHE E 450 -14.00 -7.06 20.17
N ARG E 451 -14.42 -7.61 21.31
CA ARG E 451 -15.20 -8.84 21.32
C ARG E 451 -16.59 -8.70 21.93
N GLY E 452 -16.90 -7.58 22.57
CA GLY E 452 -18.23 -7.34 23.06
C GLY E 452 -18.40 -7.58 24.54
N PRO E 453 -19.59 -7.99 24.94
CA PRO E 453 -19.84 -8.22 26.38
C PRO E 453 -19.06 -9.40 26.92
N LEU E 454 -18.71 -9.31 28.20
CA LEU E 454 -17.94 -10.37 28.84
C LEU E 454 -18.72 -11.67 28.91
N GLY E 455 -20.02 -11.59 29.16
CA GLY E 455 -20.81 -12.80 29.34
C GLY E 455 -20.78 -13.71 28.13
N THR E 456 -20.81 -13.13 26.94
CA THR E 456 -20.75 -13.94 25.73
C THR E 456 -19.43 -14.70 25.63
N VAL E 457 -18.32 -14.02 25.93
CA VAL E 457 -17.01 -14.67 25.87
C VAL E 457 -16.93 -15.78 26.90
N ILE E 458 -17.39 -15.51 28.12
CA ILE E 458 -17.35 -16.53 29.17
C ILE E 458 -18.21 -17.72 28.78
N HIS E 459 -19.37 -17.48 28.18
CA HIS E 459 -20.23 -18.57 27.76
C HIS E 459 -19.57 -19.40 26.67
N GLN E 460 -18.88 -18.76 25.73
CA GLN E 460 -18.19 -19.50 24.68
C GLN E 460 -17.08 -20.37 25.27
N LEU E 461 -16.28 -19.81 26.18
CA LEU E 461 -15.21 -20.57 26.80
C LEU E 461 -15.77 -21.74 27.60
N THR E 462 -16.84 -21.51 28.35
CA THR E 462 -17.43 -22.59 29.13
C THR E 462 -18.06 -23.65 28.24
N GLY E 463 -18.60 -23.26 27.08
CA GLY E 463 -19.11 -24.24 26.16
C GLY E 463 -18.02 -25.12 25.59
N GLY E 464 -16.89 -24.51 25.24
CA GLY E 464 -15.74 -25.31 24.83
C GLY E 464 -15.29 -26.27 25.91
N LEU E 465 -15.23 -25.80 27.15
CA LEU E 465 -14.83 -26.66 28.25
C LEU E 465 -15.82 -27.81 28.45
N ARG E 466 -17.11 -27.52 28.34
CA ARG E 466 -18.12 -28.58 28.50
C ARG E 466 -18.03 -29.59 27.36
N ALA E 467 -17.73 -29.13 26.15
CA ALA E 467 -17.53 -30.05 25.05
C ALA E 467 -16.34 -30.97 25.32
N ALA E 468 -15.25 -30.41 25.82
CA ALA E 468 -14.09 -31.25 26.15
C ALA E 468 -14.43 -32.25 27.25
N MET E 469 -15.18 -31.81 28.26
CA MET E 469 -15.57 -32.72 29.34
C MET E 469 -16.46 -33.84 28.82
N GLY E 470 -17.38 -33.53 27.91
CA GLY E 470 -18.19 -34.57 27.32
C GLY E 470 -17.38 -35.53 26.47
N TYR E 471 -16.38 -35.02 25.75
CA TYR E 471 -15.53 -35.89 24.94
C TYR E 471 -14.71 -36.83 25.81
N THR E 472 -14.13 -36.33 26.89
CA THR E 472 -13.28 -37.16 27.74
C THR E 472 -14.06 -37.98 28.75
N GLY E 473 -15.39 -37.86 28.77
CA GLY E 473 -16.17 -38.56 29.76
C GLY E 473 -15.89 -38.16 31.18
N SER E 474 -15.76 -36.86 31.42
CA SER E 474 -15.44 -36.33 32.73
C SER E 474 -16.70 -35.70 33.33
N ALA E 475 -17.18 -36.25 34.43
CA ALA E 475 -18.35 -35.67 35.08
C ALA E 475 -18.00 -34.35 35.78
N THR E 476 -16.81 -34.27 36.37
CA THR E 476 -16.37 -33.09 37.09
C THR E 476 -14.97 -32.71 36.66
N ILE E 477 -14.50 -31.56 37.13
CA ILE E 477 -13.16 -31.12 36.81
C ILE E 477 -12.12 -32.05 37.40
N GLU E 478 -12.39 -32.59 38.59
CA GLU E 478 -11.45 -33.52 39.19
C GLU E 478 -11.29 -34.78 38.37
N GLN E 479 -12.33 -35.19 37.65
CA GLN E 479 -12.20 -36.31 36.72
C GLN E 479 -11.53 -35.89 35.43
N LEU E 480 -11.69 -34.62 35.02
CA LEU E 480 -10.99 -34.12 33.85
C LEU E 480 -9.50 -34.03 34.10
N GLN E 481 -9.08 -33.85 35.33
CA GLN E 481 -7.67 -33.71 35.67
C GLN E 481 -6.89 -35.00 35.48
N GLN E 482 -7.54 -36.11 35.19
CA GLN E 482 -6.86 -37.38 34.94
C GLN E 482 -6.99 -37.84 33.49
N ALA E 483 -7.38 -36.96 32.58
CA ALA E 483 -7.47 -37.33 31.17
C ALA E 483 -6.10 -37.57 30.57
N GLN E 484 -6.10 -38.29 29.45
CA GLN E 484 -4.91 -38.69 28.71
C GLN E 484 -4.53 -37.65 27.66
N PHE E 485 -3.26 -37.64 27.29
CA PHE E 485 -2.70 -36.72 26.32
C PHE E 485 -2.07 -37.50 25.19
N VAL E 486 -2.11 -36.94 23.99
CA VAL E 486 -1.36 -37.45 22.84
C VAL E 486 -0.51 -36.32 22.30
N GLN E 487 0.77 -36.59 22.09
CA GLN E 487 1.71 -35.60 21.58
C GLN E 487 1.61 -35.54 20.06
N ILE E 488 1.53 -34.35 19.51
CA ILE E 488 1.37 -34.15 18.08
C ILE E 488 2.52 -33.31 17.55
N THR E 489 2.80 -33.47 16.26
CA THR E 489 3.86 -32.73 15.59
C THR E 489 3.29 -31.52 14.85
N ALA E 490 4.19 -30.77 14.19
CA ALA E 490 3.78 -29.55 13.51
C ALA E 490 2.76 -29.83 12.41
N ALA E 491 2.91 -30.96 11.71
CA ALA E 491 1.92 -31.35 10.73
C ALA E 491 0.56 -31.61 11.38
N GLY E 492 0.56 -32.29 12.52
CA GLY E 492 -0.68 -32.41 13.28
C GLY E 492 -1.17 -31.06 13.76
N LEU E 493 -0.25 -30.13 14.02
CA LEU E 493 -0.64 -28.80 14.45
C LEU E 493 -1.41 -28.07 13.37
N LYS E 494 -0.98 -28.18 12.11
CA LYS E 494 -1.75 -27.56 11.04
C LYS E 494 -2.99 -28.36 10.69
N GLU E 495 -2.99 -29.68 10.91
CA GLU E 495 -4.19 -30.46 10.70
C GLU E 495 -5.27 -30.13 11.72
N SER E 496 -4.89 -29.71 12.93
CA SER E 496 -5.87 -29.42 13.97
C SER E 496 -6.72 -28.21 13.60
N HIS E 497 -6.11 -27.17 13.07
CA HIS E 497 -6.83 -26.00 12.60
C HIS E 497 -7.47 -26.31 11.25
N PRO E 498 -8.52 -25.57 10.86
CA PRO E 498 -9.09 -25.76 9.53
C PRO E 498 -8.04 -25.53 8.46
N HIS E 499 -8.09 -26.35 7.41
CA HIS E 499 -7.04 -26.42 6.41
C HIS E 499 -7.62 -26.51 5.01
N ASP E 500 -6.97 -25.81 4.08
CA ASP E 500 -7.37 -25.75 2.67
C ASP E 500 -8.86 -25.45 2.51
N ILE E 501 -9.31 -24.39 3.18
CA ILE E 501 -10.70 -23.95 3.15
C ILE E 501 -10.71 -22.43 3.22
N THR E 502 -11.48 -21.79 2.35
CA THR E 502 -11.62 -20.33 2.37
C THR E 502 -12.82 -19.99 3.25
N MET E 503 -12.55 -19.80 4.54
CA MET E 503 -13.62 -19.50 5.48
C MET E 503 -14.30 -18.19 5.11
N THR E 504 -15.62 -18.26 4.92
CA THR E 504 -16.38 -17.13 4.39
C THR E 504 -17.13 -16.35 5.45
N VAL E 505 -17.28 -16.90 6.66
CA VAL E 505 -17.93 -16.20 7.76
C VAL E 505 -17.27 -16.64 9.05
N GLU E 506 -16.99 -15.67 9.93
CA GLU E 506 -16.32 -15.97 11.18
C GLU E 506 -17.24 -16.70 12.15
N ALA E 507 -16.76 -17.77 12.74
CA ALA E 507 -17.47 -18.45 13.80
C ALA E 507 -17.26 -17.71 15.12
N PRO E 508 -18.21 -17.83 16.06
CA PRO E 508 -18.05 -17.12 17.32
C PRO E 508 -16.82 -17.52 18.12
N ASN E 509 -16.39 -18.77 18.05
CA ASN E 509 -15.30 -19.29 18.87
C ASN E 509 -14.01 -19.52 18.09
N TYR E 510 -13.95 -19.15 16.82
CA TYR E 510 -12.73 -19.29 16.05
C TYR E 510 -12.51 -18.05 15.21
N TYR E 511 -11.41 -17.35 15.45
CA TYR E 511 -11.13 -16.06 14.83
C TYR E 511 -9.92 -16.17 13.92
N THR E 512 -9.96 -15.47 12.80
CA THR E 512 -8.86 -15.46 11.83
C THR E 512 -7.73 -14.57 12.30
N VAL F 12 14.17 -40.22 37.37
CA VAL F 12 12.92 -40.69 37.96
C VAL F 12 11.68 -40.04 37.32
N PRO F 13 11.63 -38.72 37.19
CA PRO F 13 10.47 -38.10 36.55
C PRO F 13 10.46 -38.37 35.05
N VAL F 14 9.27 -38.24 34.48
CA VAL F 14 9.10 -38.36 33.03
C VAL F 14 9.81 -37.20 32.34
N PRO F 15 10.46 -37.42 31.20
CA PRO F 15 11.15 -36.30 30.53
C PRO F 15 10.22 -35.17 30.12
N THR F 16 8.94 -35.42 29.91
CA THR F 16 8.02 -34.36 29.53
C THR F 16 7.33 -33.72 30.71
N GLY F 17 7.57 -34.20 31.93
CA GLY F 17 6.99 -33.61 33.12
C GLY F 17 6.13 -34.56 33.92
N GLY F 18 6.12 -34.38 35.23
CA GLY F 18 5.31 -35.22 36.10
C GLY F 18 5.94 -36.56 36.37
N ASP F 19 5.22 -37.38 37.13
CA ASP F 19 5.67 -38.72 37.48
C ASP F 19 4.93 -39.82 36.76
N ASP F 20 3.87 -39.51 36.03
CA ASP F 20 3.05 -40.54 35.39
C ASP F 20 3.53 -40.74 33.95
N PRO F 21 4.10 -41.89 33.61
CA PRO F 21 4.55 -42.10 32.22
C PRO F 21 3.41 -42.25 31.23
N THR F 22 2.18 -42.48 31.69
CA THR F 22 1.05 -42.67 30.80
C THR F 22 0.19 -41.41 30.66
N LYS F 23 0.62 -40.28 31.22
CA LYS F 23 -0.14 -39.04 31.06
C LYS F 23 -0.13 -38.61 29.61
N VAL F 24 1.04 -38.55 28.99
CA VAL F 24 1.16 -38.39 27.54
C VAL F 24 1.24 -39.80 26.96
N ALA F 25 0.12 -40.30 26.46
CA ALA F 25 0.00 -41.71 26.14
C ALA F 25 0.91 -42.11 24.99
N MET F 26 0.94 -41.32 23.92
CA MET F 26 1.66 -41.72 22.73
C MET F 26 1.99 -40.49 21.89
N LEU F 27 2.76 -40.72 20.83
CA LEU F 27 3.07 -39.70 19.83
C LEU F 27 2.25 -39.97 18.59
N GLY F 28 1.52 -38.96 18.14
CA GLY F 28 0.58 -39.12 17.04
C GLY F 28 1.17 -38.69 15.72
N LEU F 29 0.96 -39.52 14.70
CA LEU F 29 1.42 -39.25 13.35
C LEU F 29 0.23 -38.96 12.46
N THR F 30 0.35 -37.94 11.63
CA THR F 30 -0.68 -37.58 10.66
C THR F 30 -0.22 -37.96 9.27
N PHE F 31 -0.99 -37.58 8.26
CA PHE F 31 -0.70 -37.98 6.90
C PHE F 31 0.60 -37.38 6.39
N ASP F 32 0.94 -36.18 6.81
CA ASP F 32 2.13 -35.50 6.32
C ASP F 32 3.41 -35.94 6.99
N ASP F 33 3.34 -36.80 8.01
CA ASP F 33 4.52 -37.24 8.72
C ASP F 33 5.10 -38.53 8.18
N VAL F 34 4.45 -39.20 7.24
CA VAL F 34 4.88 -40.51 6.78
C VAL F 34 4.91 -40.54 5.26
N LEU F 35 5.70 -41.46 4.73
CA LEU F 35 5.71 -41.76 3.31
C LEU F 35 5.72 -43.28 3.14
N LEU F 36 5.24 -43.73 2.00
CA LEU F 36 5.23 -45.16 1.70
C LEU F 36 6.57 -45.59 1.12
N LEU F 37 7.10 -46.68 1.60
CA LEU F 37 8.39 -47.17 1.14
C LEU F 37 8.21 -48.08 -0.07
N PRO F 38 8.91 -47.83 -1.17
CA PRO F 38 8.85 -48.75 -2.31
C PRO F 38 9.37 -50.13 -1.95
N ALA F 39 8.80 -51.14 -2.60
CA ALA F 39 9.17 -52.52 -2.34
C ALA F 39 9.25 -53.27 -3.66
N ALA F 40 9.57 -54.56 -3.59
CA ALA F 40 9.66 -55.39 -4.77
C ALA F 40 8.31 -55.47 -5.45
N SER F 41 8.24 -55.03 -6.69
CA SER F 41 6.97 -54.85 -7.39
C SER F 41 6.97 -55.62 -8.70
N ASP F 42 5.90 -56.38 -8.93
CA ASP F 42 5.63 -56.99 -10.22
C ASP F 42 4.25 -56.58 -10.73
N VAL F 43 3.77 -55.43 -10.27
CA VAL F 43 2.40 -54.99 -10.49
C VAL F 43 2.42 -53.79 -11.40
N VAL F 44 1.70 -53.88 -12.52
CA VAL F 44 1.47 -52.74 -13.41
C VAL F 44 0.33 -51.92 -12.83
N PRO F 45 0.43 -50.59 -12.82
CA PRO F 45 -0.66 -49.79 -12.25
C PRO F 45 -2.00 -50.01 -12.92
N ALA F 46 -2.02 -50.48 -14.16
CA ALA F 46 -3.28 -50.74 -14.85
C ALA F 46 -3.94 -52.02 -14.39
N THR F 47 -3.18 -52.97 -13.86
CA THR F 47 -3.70 -54.27 -13.45
C THR F 47 -3.91 -54.38 -11.94
N ALA F 48 -3.75 -53.29 -11.22
CA ALA F 48 -3.97 -53.31 -9.78
C ALA F 48 -5.46 -53.37 -9.48
N ASP F 49 -5.84 -54.27 -8.58
CA ASP F 49 -7.24 -54.44 -8.17
C ASP F 49 -7.51 -53.50 -7.01
N THR F 50 -8.34 -52.49 -7.24
CA THR F 50 -8.63 -51.48 -6.24
C THR F 50 -9.87 -51.79 -5.42
N SER F 51 -10.46 -52.97 -5.58
CA SER F 51 -11.68 -53.30 -4.85
C SER F 51 -11.36 -53.60 -3.40
N SER F 52 -12.28 -53.22 -2.51
CA SER F 52 -12.10 -53.43 -1.09
C SER F 52 -13.44 -53.59 -0.40
N GLN F 53 -13.42 -54.01 0.85
CA GLN F 53 -14.63 -54.20 1.62
C GLN F 53 -15.08 -52.89 2.26
N LEU F 54 -16.36 -52.54 2.07
CA LEU F 54 -16.96 -51.45 2.81
C LEU F 54 -17.49 -51.92 4.15
N THR F 55 -18.24 -53.02 4.16
CA THR F 55 -18.64 -53.71 5.37
C THR F 55 -18.33 -55.19 5.22
N LYS F 56 -18.77 -56.01 6.17
CA LYS F 56 -18.49 -57.44 6.09
C LYS F 56 -19.19 -58.12 4.93
N ARG F 57 -20.27 -57.53 4.39
CA ARG F 57 -21.03 -58.15 3.32
C ARG F 57 -21.07 -57.32 2.05
N ILE F 58 -20.48 -56.13 2.02
CA ILE F 58 -20.54 -55.24 0.86
C ILE F 58 -19.13 -54.95 0.39
N ARG F 59 -18.87 -55.19 -0.88
CA ARG F 59 -17.57 -54.92 -1.50
C ARG F 59 -17.73 -53.88 -2.59
N LEU F 60 -16.87 -52.87 -2.58
CA LEU F 60 -16.88 -51.81 -3.56
C LEU F 60 -15.80 -52.04 -4.60
N ARG F 61 -16.00 -51.48 -5.79
CA ARG F 61 -14.97 -51.53 -6.82
C ARG F 61 -13.95 -50.42 -6.63
N VAL F 62 -14.36 -49.31 -6.05
CA VAL F 62 -13.47 -48.19 -5.76
C VAL F 62 -13.62 -47.87 -4.28
N PRO F 63 -12.57 -47.92 -3.49
CA PRO F 63 -12.68 -47.77 -2.03
C PRO F 63 -12.85 -46.33 -1.57
N LEU F 64 -13.83 -45.65 -2.11
CA LEU F 64 -14.14 -44.27 -1.77
C LEU F 64 -15.62 -44.15 -1.45
N VAL F 65 -15.95 -43.32 -0.48
CA VAL F 65 -17.32 -43.12 -0.04
C VAL F 65 -17.54 -41.63 0.18
N SER F 66 -18.73 -41.14 -0.16
CA SER F 66 -19.04 -39.74 0.00
C SER F 66 -19.49 -39.44 1.42
N SER F 67 -19.16 -38.25 1.89
CA SER F 67 -19.47 -37.87 3.26
C SER F 67 -20.95 -37.54 3.42
N ALA F 68 -21.49 -37.83 4.61
CA ALA F 68 -22.88 -37.55 4.93
C ALA F 68 -23.00 -36.10 5.40
N MET F 69 -22.82 -35.19 4.45
CA MET F 69 -22.89 -33.77 4.72
C MET F 69 -23.89 -33.11 3.76
N ASP F 70 -24.50 -32.02 4.21
CA ASP F 70 -25.56 -31.39 3.44
C ASP F 70 -25.04 -30.55 2.28
N THR F 71 -23.73 -30.42 2.13
CA THR F 71 -23.15 -29.73 0.99
C THR F 71 -22.38 -30.68 0.09
N VAL F 72 -22.43 -31.98 0.35
CA VAL F 72 -21.64 -32.94 -0.42
C VAL F 72 -22.54 -33.96 -1.08
N THR F 73 -23.30 -34.73 -0.29
CA THR F 73 -24.00 -35.91 -0.79
C THR F 73 -25.50 -35.70 -0.72
N GLU F 74 -26.16 -35.86 -1.87
CA GLU F 74 -27.60 -36.01 -1.96
C GLU F 74 -27.86 -37.04 -3.04
N SER F 75 -29.10 -37.10 -3.54
CA SER F 75 -29.48 -38.13 -4.49
C SER F 75 -28.57 -38.13 -5.71
N ARG F 76 -28.31 -36.97 -6.29
CA ARG F 76 -27.47 -36.89 -7.48
C ARG F 76 -26.06 -37.38 -7.18
N MET F 77 -25.47 -36.90 -6.08
CA MET F 77 -24.12 -37.33 -5.72
C MET F 77 -24.08 -38.80 -5.37
N ALA F 78 -25.10 -39.31 -4.68
CA ALA F 78 -25.14 -40.72 -4.35
C ALA F 78 -25.20 -41.58 -5.61
N ILE F 79 -26.02 -41.18 -6.58
CA ILE F 79 -26.11 -41.94 -7.83
C ILE F 79 -24.79 -41.90 -8.56
N ALA F 80 -24.15 -40.72 -8.63
CA ALA F 80 -22.89 -40.62 -9.34
C ALA F 80 -21.80 -41.46 -8.67
N MET F 81 -21.76 -41.45 -7.33
CA MET F 81 -20.77 -42.24 -6.62
C MET F 81 -21.02 -43.73 -6.81
N ALA F 82 -22.27 -44.16 -6.77
CA ALA F 82 -22.57 -45.56 -6.99
C ALA F 82 -22.25 -45.98 -8.41
N ARG F 83 -22.37 -45.06 -9.37
CA ARG F 83 -22.01 -45.38 -10.75
C ARG F 83 -20.50 -45.46 -10.92
N ALA F 84 -19.75 -44.58 -10.25
CA ALA F 84 -18.31 -44.56 -10.39
C ALA F 84 -17.62 -45.79 -9.82
N GLY F 85 -18.32 -46.58 -9.01
CA GLY F 85 -17.75 -47.76 -8.39
C GLY F 85 -17.66 -47.70 -6.89
N GLY F 86 -18.08 -46.61 -6.27
CA GLY F 86 -18.07 -46.47 -4.82
C GLY F 86 -19.46 -46.46 -4.23
N MET F 87 -19.74 -45.48 -3.38
CA MET F 87 -21.04 -45.35 -2.74
C MET F 87 -21.17 -43.95 -2.17
N GLY F 88 -22.39 -43.58 -1.82
CA GLY F 88 -22.65 -42.32 -1.17
C GLY F 88 -23.49 -42.52 0.07
N VAL F 89 -23.36 -41.58 1.00
CA VAL F 89 -24.09 -41.61 2.27
C VAL F 89 -24.93 -40.36 2.36
N LEU F 90 -26.25 -40.52 2.35
CA LEU F 90 -27.15 -39.37 2.39
C LEU F 90 -27.18 -38.77 3.77
N HIS F 91 -27.05 -37.45 3.84
CA HIS F 91 -27.01 -36.76 5.12
C HIS F 91 -28.38 -36.78 5.78
N ARG F 92 -28.45 -36.27 7.00
CA ARG F 92 -29.68 -36.30 7.79
C ARG F 92 -30.08 -34.93 8.30
N ASN F 93 -29.64 -33.86 7.63
CA ASN F 93 -30.06 -32.52 8.03
C ASN F 93 -31.32 -32.11 7.27
N LEU F 94 -32.32 -32.97 7.32
CA LEU F 94 -33.58 -32.76 6.63
C LEU F 94 -34.63 -33.71 7.21
N PRO F 95 -35.92 -33.45 6.97
CA PRO F 95 -36.96 -34.33 7.51
C PRO F 95 -36.89 -35.77 7.01
N VAL F 96 -37.45 -36.68 7.82
CA VAL F 96 -37.36 -38.11 7.54
C VAL F 96 -37.98 -38.46 6.19
N ALA F 97 -39.13 -37.86 5.88
CA ALA F 97 -39.80 -38.17 4.62
C ALA F 97 -38.95 -37.78 3.43
N GLU F 98 -38.27 -36.64 3.53
CA GLU F 98 -37.40 -36.21 2.44
C GLU F 98 -36.22 -37.16 2.26
N GLN F 99 -35.63 -37.64 3.36
CA GLN F 99 -34.53 -38.58 3.26
C GLN F 99 -34.98 -39.90 2.64
N ALA F 100 -36.16 -40.37 3.03
CA ALA F 100 -36.69 -41.58 2.39
C ALA F 100 -36.94 -41.34 0.91
N GLY F 101 -37.40 -40.15 0.56
CA GLY F 101 -37.57 -39.83 -0.85
C GLY F 101 -36.26 -39.83 -1.61
N GLN F 102 -35.20 -39.32 -0.99
CA GLN F 102 -33.88 -39.36 -1.63
C GLN F 102 -33.40 -40.79 -1.80
N VAL F 103 -33.63 -41.63 -0.79
CA VAL F 103 -33.25 -43.04 -0.91
C VAL F 103 -33.99 -43.70 -2.05
N GLU F 104 -35.30 -43.45 -2.15
CA GLU F 104 -36.09 -44.03 -3.23
C GLU F 104 -35.64 -43.51 -4.58
N THR F 105 -35.32 -42.23 -4.67
CA THR F 105 -34.83 -41.67 -5.92
C THR F 105 -33.55 -42.35 -6.35
N VAL F 106 -32.63 -42.58 -5.42
CA VAL F 106 -31.39 -43.27 -5.75
C VAL F 106 -31.67 -44.69 -6.20
N LYS F 107 -32.55 -45.40 -5.49
CA LYS F 107 -32.82 -46.80 -5.82
C LYS F 107 -33.48 -46.94 -7.19
N ARG F 108 -34.40 -46.03 -7.53
CA ARG F 108 -35.14 -46.19 -8.78
C ARG F 108 -34.25 -46.02 -10.00
N SER F 109 -33.28 -45.12 -9.93
CA SER F 109 -32.40 -44.87 -11.06
C SER F 109 -31.57 -46.09 -11.41
N THR F 223 -26.43 -48.85 -20.61
CA THR F 223 -26.04 -49.42 -19.33
C THR F 223 -24.54 -49.71 -19.30
N GLU F 224 -23.94 -49.77 -20.49
CA GLU F 224 -22.51 -50.03 -20.59
C GLU F 224 -21.66 -48.84 -20.18
N GLN F 225 -22.28 -47.67 -19.94
CA GLN F 225 -21.53 -46.47 -19.62
C GLN F 225 -20.77 -46.60 -18.31
N PHE F 226 -21.32 -47.33 -17.34
CA PHE F 226 -20.76 -47.44 -16.00
C PHE F 226 -20.62 -48.90 -15.63
N PRO F 227 -19.60 -49.59 -16.16
CA PRO F 227 -19.44 -51.01 -15.86
C PRO F 227 -19.01 -51.29 -14.43
N LEU F 228 -18.45 -50.32 -13.73
CA LEU F 228 -17.99 -50.51 -12.36
C LEU F 228 -19.08 -50.23 -11.32
N SER F 229 -20.26 -49.80 -11.76
CA SER F 229 -21.31 -49.36 -10.84
C SER F 229 -21.65 -50.44 -9.83
N THR F 230 -21.76 -50.03 -8.57
CA THR F 230 -22.06 -50.97 -7.49
C THR F 230 -23.56 -51.15 -7.39
N LYS F 231 -24.00 -52.40 -7.45
CA LYS F 231 -25.43 -52.72 -7.44
C LYS F 231 -25.67 -53.89 -6.49
N ASP F 232 -26.86 -53.92 -5.92
CA ASP F 232 -27.26 -55.00 -5.02
C ASP F 232 -27.69 -56.22 -5.82
N SER F 233 -28.29 -57.20 -5.15
CA SER F 233 -28.68 -58.44 -5.79
C SER F 233 -29.74 -58.21 -6.86
N ASP F 234 -30.56 -57.18 -6.72
CA ASP F 234 -31.66 -56.93 -7.64
C ASP F 234 -31.26 -56.04 -8.82
N GLY F 235 -29.99 -55.65 -8.91
CA GLY F 235 -29.54 -54.80 -9.99
C GLY F 235 -29.76 -53.32 -9.78
N ARG F 236 -30.15 -52.90 -8.60
CA ARG F 236 -30.34 -51.50 -8.29
C ARG F 236 -29.13 -50.95 -7.54
N LEU F 237 -28.95 -49.64 -7.62
CA LEU F 237 -27.78 -49.00 -7.03
C LEU F 237 -27.78 -49.14 -5.53
N LEU F 238 -26.59 -49.12 -4.94
CA LEU F 238 -26.43 -49.10 -3.50
C LEU F 238 -26.46 -47.66 -2.99
N VAL F 239 -26.89 -47.49 -1.75
CA VAL F 239 -26.91 -46.19 -1.10
C VAL F 239 -26.86 -46.40 0.41
N GLY F 240 -26.37 -45.40 1.13
CA GLY F 240 -26.31 -45.45 2.57
C GLY F 240 -26.96 -44.23 3.17
N ALA F 241 -27.45 -44.39 4.39
CA ALA F 241 -28.15 -43.31 5.07
C ALA F 241 -27.61 -43.14 6.48
N ALA F 242 -27.58 -41.90 6.93
CA ALA F 242 -27.03 -41.56 8.24
C ALA F 242 -28.14 -41.30 9.23
N VAL F 243 -28.04 -41.91 10.41
CA VAL F 243 -29.02 -41.72 11.48
C VAL F 243 -28.30 -41.32 12.75
N GLY F 244 -29.03 -40.66 13.64
CA GLY F 244 -28.50 -40.21 14.91
C GLY F 244 -28.75 -41.18 16.04
N VAL F 245 -28.89 -40.64 17.24
CA VAL F 245 -29.17 -41.43 18.43
C VAL F 245 -30.42 -40.88 19.10
N GLY F 246 -31.36 -41.76 19.42
CA GLY F 246 -32.59 -41.37 20.09
C GLY F 246 -33.76 -42.17 19.55
N ASP F 247 -34.97 -41.69 19.87
CA ASP F 247 -36.20 -42.31 19.38
C ASP F 247 -36.60 -41.76 18.01
N ASP F 248 -36.42 -40.45 17.81
CA ASP F 248 -36.59 -39.89 16.47
C ASP F 248 -35.62 -40.55 15.50
N ALA F 249 -34.40 -40.80 15.96
CA ALA F 249 -33.44 -41.53 15.13
C ALA F 249 -33.93 -42.94 14.84
N TRP F 250 -34.58 -43.58 15.80
CA TRP F 250 -35.13 -44.92 15.55
C TRP F 250 -36.23 -44.87 14.49
N THR F 251 -37.12 -43.89 14.58
CA THR F 251 -38.17 -43.76 13.58
C THR F 251 -37.57 -43.49 12.20
N ARG F 252 -36.56 -42.62 12.14
CA ARG F 252 -35.88 -42.34 10.88
C ARG F 252 -35.23 -43.61 10.31
N ALA F 253 -34.59 -44.39 11.17
CA ALA F 253 -33.96 -45.62 10.72
C ALA F 253 -34.97 -46.61 10.19
N MET F 254 -36.11 -46.76 10.87
CA MET F 254 -37.14 -47.67 10.39
C MET F 254 -37.70 -47.22 9.04
N THR F 255 -37.94 -45.92 8.90
CA THR F 255 -38.43 -45.40 7.63
C THR F 255 -37.42 -45.64 6.51
N LEU F 256 -36.14 -45.40 6.79
CA LEU F 256 -35.11 -45.62 5.78
C LEU F 256 -35.00 -47.09 5.40
N VAL F 257 -35.09 -47.99 6.37
CA VAL F 257 -35.06 -49.42 6.08
C VAL F 257 -36.24 -49.80 5.22
N ASP F 258 -37.42 -49.27 5.52
CA ASP F 258 -38.60 -49.53 4.70
C ASP F 258 -38.39 -49.01 3.29
N ALA F 259 -37.75 -47.85 3.15
CA ALA F 259 -37.45 -47.30 1.84
C ALA F 259 -36.43 -48.15 1.08
N GLY F 260 -35.72 -49.04 1.75
CA GLY F 260 -34.78 -49.92 1.08
C GLY F 260 -33.32 -49.52 1.11
N VAL F 261 -32.87 -48.78 2.12
CA VAL F 261 -31.45 -48.45 2.19
C VAL F 261 -30.67 -49.70 2.54
N ASP F 262 -29.41 -49.75 2.09
CA ASP F 262 -28.57 -50.93 2.28
C ASP F 262 -27.65 -50.84 3.48
N VAL F 263 -27.17 -49.66 3.85
CA VAL F 263 -26.28 -49.51 4.98
C VAL F 263 -26.67 -48.27 5.79
N LEU F 264 -26.77 -48.43 7.09
CA LEU F 264 -27.08 -47.35 8.02
C LEU F 264 -25.82 -46.96 8.79
N ILE F 265 -25.49 -45.69 8.77
CA ILE F 265 -24.33 -45.17 9.48
C ILE F 265 -24.87 -44.45 10.71
N VAL F 266 -24.54 -44.95 11.90
CA VAL F 266 -24.86 -44.26 13.13
C VAL F 266 -23.83 -43.14 13.27
N ASP F 267 -24.20 -41.95 12.84
CA ASP F 267 -23.26 -40.84 12.66
C ASP F 267 -23.26 -39.96 13.90
N THR F 268 -22.24 -40.12 14.73
CA THR F 268 -22.07 -39.32 15.94
C THR F 268 -20.64 -38.81 16.01
N ALA F 269 -20.47 -37.68 16.70
CA ALA F 269 -19.15 -37.09 16.83
C ALA F 269 -18.26 -37.93 17.73
N HIS F 270 -18.82 -38.54 18.76
CA HIS F 270 -18.07 -39.33 19.73
C HIS F 270 -18.81 -40.66 19.91
N ALA F 271 -18.28 -41.71 19.32
CA ALA F 271 -18.95 -43.00 19.28
C ALA F 271 -18.66 -43.88 20.47
N HIS F 272 -17.80 -43.47 21.38
CA HIS F 272 -17.55 -44.23 22.58
C HIS F 272 -18.57 -43.95 23.67
N ASN F 273 -19.69 -43.33 23.31
CA ASN F 273 -20.77 -43.07 24.25
C ASN F 273 -21.63 -44.31 24.41
N ARG F 274 -22.28 -44.43 25.57
CA ARG F 274 -23.10 -45.60 25.84
C ARG F 274 -24.35 -45.59 24.96
N GLY F 275 -24.93 -44.42 24.72
CA GLY F 275 -26.10 -44.35 23.88
C GLY F 275 -25.84 -44.80 22.45
N VAL F 276 -24.67 -44.45 21.91
CA VAL F 276 -24.33 -44.84 20.55
C VAL F 276 -24.20 -46.36 20.47
N LEU F 277 -23.56 -46.97 21.45
CA LEU F 277 -23.43 -48.42 21.45
C LEU F 277 -24.80 -49.09 21.58
N ASP F 278 -25.67 -48.54 22.42
CA ASP F 278 -27.02 -49.09 22.55
C ASP F 278 -27.79 -48.99 21.24
N MET F 279 -27.68 -47.84 20.56
CA MET F 279 -28.36 -47.67 19.29
C MET F 279 -27.84 -48.65 18.25
N VAL F 280 -26.52 -48.84 18.20
CA VAL F 280 -25.95 -49.77 17.24
C VAL F 280 -26.43 -51.19 17.51
N SER F 281 -26.43 -51.60 18.79
CA SER F 281 -26.90 -52.93 19.12
C SER F 281 -28.38 -53.12 18.79
N ARG F 282 -29.20 -52.12 19.09
CA ARG F 282 -30.63 -52.24 18.78
C ARG F 282 -30.87 -52.34 17.28
N LEU F 283 -30.18 -51.52 16.49
CA LEU F 283 -30.35 -51.58 15.05
C LEU F 283 -29.86 -52.90 14.49
N LYS F 284 -28.74 -53.41 15.00
CA LYS F 284 -28.23 -54.70 14.55
C LYS F 284 -29.20 -55.82 14.87
N GLN F 285 -29.83 -55.78 16.04
CA GLN F 285 -30.81 -56.81 16.38
C GLN F 285 -32.07 -56.67 15.53
N ALA F 286 -32.48 -55.44 15.23
CA ALA F 286 -33.73 -55.22 14.51
C ALA F 286 -33.60 -55.57 13.04
N VAL F 287 -32.73 -54.88 12.31
CA VAL F 287 -32.68 -55.04 10.86
C VAL F 287 -31.30 -55.51 10.42
N GLY F 288 -30.62 -56.26 11.28
CA GLY F 288 -29.26 -56.68 10.99
C GLY F 288 -29.13 -57.58 9.79
N GLU F 289 -30.15 -58.40 9.52
CA GLU F 289 -30.07 -59.30 8.38
C GLU F 289 -30.42 -58.64 7.07
N ARG F 290 -30.98 -57.43 7.10
CA ARG F 290 -31.40 -56.73 5.90
C ARG F 290 -30.43 -55.62 5.49
N VAL F 291 -29.81 -54.95 6.47
CA VAL F 291 -28.88 -53.85 6.23
C VAL F 291 -27.62 -54.09 7.05
N ASP F 292 -26.59 -53.33 6.73
CA ASP F 292 -25.36 -53.29 7.52
C ASP F 292 -25.33 -52.05 8.39
N VAL F 293 -24.57 -52.13 9.48
CA VAL F 293 -24.46 -51.04 10.45
C VAL F 293 -23.01 -50.57 10.55
N VAL F 294 -22.82 -49.26 10.46
CA VAL F 294 -21.51 -48.64 10.57
C VAL F 294 -21.54 -47.75 11.80
N GLY F 295 -20.48 -47.80 12.59
CA GLY F 295 -20.43 -47.05 13.82
C GLY F 295 -19.92 -45.65 13.63
N GLY F 296 -20.25 -44.76 14.55
CA GLY F 296 -19.74 -43.41 14.54
C GLY F 296 -18.26 -43.29 14.65
N ASN F 297 -17.77 -42.06 14.80
CA ASN F 297 -16.35 -41.81 14.73
C ASN F 297 -15.66 -42.19 16.02
N VAL F 298 -14.57 -42.95 15.92
CA VAL F 298 -13.73 -43.31 17.05
C VAL F 298 -12.30 -42.91 16.76
N ALA F 299 -11.50 -42.85 17.82
CA ALA F 299 -10.10 -42.51 17.67
C ALA F 299 -9.17 -43.34 18.53
N THR F 300 -9.66 -44.34 19.25
CA THR F 300 -8.83 -45.15 20.13
C THR F 300 -9.12 -46.63 19.89
N ARG F 301 -8.21 -47.47 20.38
CA ARG F 301 -8.36 -48.90 20.26
C ARG F 301 -9.55 -49.40 21.10
N ALA F 302 -9.70 -48.86 22.30
CA ALA F 302 -10.78 -49.29 23.18
C ALA F 302 -12.15 -48.95 22.59
N ALA F 303 -12.27 -47.78 21.99
CA ALA F 303 -13.55 -47.40 21.38
C ALA F 303 -13.90 -48.30 20.21
N ALA F 304 -12.92 -48.62 19.38
CA ALA F 304 -13.16 -49.53 18.28
C ALA F 304 -13.55 -50.91 18.77
N ALA F 305 -12.89 -51.38 19.82
CA ALA F 305 -13.25 -52.67 20.39
C ALA F 305 -14.68 -52.66 20.92
N ALA F 306 -15.06 -51.58 21.59
CA ALA F 306 -16.42 -51.47 22.11
C ALA F 306 -17.45 -51.47 21.00
N LEU F 307 -17.17 -50.74 19.91
CA LEU F 307 -18.09 -50.74 18.78
C LEU F 307 -18.17 -52.10 18.13
N VAL F 308 -17.05 -52.79 18.00
CA VAL F 308 -17.06 -54.13 17.39
C VAL F 308 -17.87 -55.09 18.24
N GLU F 309 -17.69 -55.05 19.56
CA GLU F 309 -18.46 -55.93 20.42
C GLU F 309 -19.94 -55.56 20.43
N ALA F 310 -20.26 -54.28 20.24
CA ALA F 310 -21.66 -53.87 20.14
C ALA F 310 -22.34 -54.43 18.91
N GLY F 311 -21.58 -54.90 17.92
CA GLY F 311 -22.14 -55.54 16.76
C GLY F 311 -22.06 -54.74 15.48
N ALA F 312 -21.33 -53.63 15.46
CA ALA F 312 -21.19 -52.83 14.26
C ALA F 312 -20.54 -53.63 13.15
N ASP F 313 -21.04 -53.44 11.92
CA ASP F 313 -20.49 -54.13 10.77
C ASP F 313 -19.31 -53.39 10.17
N ALA F 314 -19.15 -52.11 10.45
CA ALA F 314 -17.98 -51.38 10.01
C ALA F 314 -17.69 -50.27 11.02
N VAL F 315 -16.44 -49.86 11.10
CA VAL F 315 -16.02 -48.85 12.07
C VAL F 315 -15.47 -47.64 11.33
N LYS F 316 -16.02 -46.47 11.62
CA LYS F 316 -15.57 -45.22 11.02
C LYS F 316 -14.63 -44.52 11.99
N VAL F 317 -13.51 -44.02 11.48
CA VAL F 317 -12.38 -43.58 12.30
C VAL F 317 -12.06 -42.13 11.98
N GLY F 318 -11.94 -41.32 13.01
CA GLY F 318 -11.47 -39.95 12.90
C GLY F 318 -12.22 -38.97 13.77
N VAL F 319 -11.49 -38.23 14.60
CA VAL F 319 -12.05 -37.20 15.47
C VAL F 319 -11.15 -35.98 15.43
N GLY F 320 -11.51 -34.98 14.64
CA GLY F 320 -10.68 -33.81 14.49
C GLY F 320 -10.14 -33.49 13.11
N PRO F 321 -9.66 -34.46 12.33
CA PRO F 321 -8.88 -34.12 11.13
C PRO F 321 -9.70 -33.53 9.99
N GLY F 322 -11.00 -33.36 10.15
CA GLY F 322 -11.80 -32.79 9.08
C GLY F 322 -11.32 -31.40 8.69
N SER F 323 -11.40 -31.10 7.40
CA SER F 323 -10.92 -29.83 6.90
C SER F 323 -11.77 -28.66 7.38
N ILE F 324 -12.98 -28.93 7.86
CA ILE F 324 -13.88 -27.91 8.35
C ILE F 324 -14.14 -28.07 9.85
N CYS F 325 -13.40 -28.93 10.52
CA CYS F 325 -13.61 -29.23 11.93
C CYS F 325 -12.75 -28.34 12.81
N THR F 326 -13.34 -27.87 13.92
CA THR F 326 -12.63 -27.04 14.88
C THR F 326 -12.64 -27.64 16.27
N THR F 327 -12.87 -28.96 16.38
N THR F 327 -12.87 -28.96 16.38
CA THR F 327 -12.90 -29.61 17.69
CA THR F 327 -12.90 -29.61 17.69
C THR F 327 -11.56 -29.50 18.39
N ARG F 328 -10.47 -29.69 17.65
CA ARG F 328 -9.15 -29.63 18.26
C ARG F 328 -8.79 -28.22 18.71
N VAL F 329 -9.50 -27.22 18.24
CA VAL F 329 -9.29 -25.84 18.66
C VAL F 329 -10.31 -25.41 19.69
N VAL F 330 -11.55 -25.84 19.56
CA VAL F 330 -12.61 -25.43 20.47
C VAL F 330 -12.57 -26.26 21.74
N ALA F 331 -12.50 -27.58 21.61
CA ALA F 331 -12.48 -28.47 22.76
C ALA F 331 -11.09 -29.01 23.09
N GLY F 332 -10.12 -28.82 22.21
CA GLY F 332 -8.78 -29.35 22.44
C GLY F 332 -8.74 -30.86 22.48
N VAL F 333 -9.60 -31.53 21.73
CA VAL F 333 -9.69 -32.99 21.74
C VAL F 333 -9.52 -33.49 20.32
N GLY F 334 -8.69 -34.51 20.15
CA GLY F 334 -8.49 -35.08 18.83
C GLY F 334 -7.46 -36.18 18.87
N ALA F 335 -7.14 -36.67 17.68
CA ALA F 335 -6.13 -37.71 17.49
C ALA F 335 -5.64 -37.67 16.06
N PRO F 336 -4.33 -37.70 15.82
CA PRO F 336 -3.83 -37.73 14.45
C PRO F 336 -4.32 -38.95 13.71
N GLN F 337 -4.53 -38.79 12.40
CA GLN F 337 -5.34 -39.76 11.67
C GLN F 337 -4.61 -41.07 11.44
N ILE F 338 -3.32 -41.03 11.14
CA ILE F 338 -2.59 -42.27 10.88
C ILE F 338 -2.52 -43.13 12.13
N THR F 339 -2.20 -42.53 13.27
CA THR F 339 -2.13 -43.28 14.52
C THR F 339 -3.51 -43.81 14.92
N ALA F 340 -4.55 -43.00 14.73
CA ALA F 340 -5.89 -43.44 15.05
C ALA F 340 -6.29 -44.63 14.19
N ILE F 341 -5.98 -44.58 12.90
CA ILE F 341 -6.27 -45.71 12.02
C ILE F 341 -5.51 -46.93 12.46
N LEU F 342 -4.24 -46.77 12.82
CA LEU F 342 -3.44 -47.92 13.26
C LEU F 342 -4.06 -48.57 14.49
N GLU F 343 -4.44 -47.76 15.47
CA GLU F 343 -5.04 -48.30 16.70
C GLU F 343 -6.37 -48.98 16.41
N ALA F 344 -7.22 -48.34 15.62
CA ALA F 344 -8.52 -48.92 15.32
C ALA F 344 -8.39 -50.22 14.55
N VAL F 345 -7.42 -50.30 13.64
CA VAL F 345 -7.20 -51.53 12.89
C VAL F 345 -6.67 -52.62 13.81
N ALA F 346 -5.77 -52.26 14.72
CA ALA F 346 -5.33 -53.24 15.71
C ALA F 346 -6.49 -53.77 16.53
N ALA F 347 -7.51 -52.96 16.77
CA ALA F 347 -8.69 -53.44 17.47
C ALA F 347 -9.64 -54.25 16.59
N CYS F 348 -9.75 -53.93 15.30
CA CYS F 348 -10.81 -54.48 14.47
C CYS F 348 -10.38 -55.64 13.58
N LYS F 349 -9.13 -55.67 13.12
CA LYS F 349 -8.71 -56.69 12.15
C LYS F 349 -8.89 -58.13 12.64
N PRO F 350 -8.60 -58.49 13.89
CA PRO F 350 -8.82 -59.90 14.29
C PRO F 350 -10.26 -60.37 14.10
N TYR F 351 -11.23 -59.48 14.21
CA TYR F 351 -12.63 -59.83 14.03
C TYR F 351 -13.10 -59.62 12.60
N GLY F 352 -12.25 -59.13 11.70
CA GLY F 352 -12.64 -58.95 10.32
C GLY F 352 -13.56 -57.79 10.07
N VAL F 353 -13.62 -56.82 10.97
CA VAL F 353 -14.50 -55.66 10.82
C VAL F 353 -13.75 -54.58 10.05
N PRO F 354 -14.26 -54.09 8.92
CA PRO F 354 -13.53 -53.10 8.15
C PRO F 354 -13.51 -51.72 8.82
N VAL F 355 -12.58 -50.90 8.35
CA VAL F 355 -12.32 -49.56 8.87
C VAL F 355 -12.46 -48.56 7.74
N ILE F 356 -13.18 -47.47 8.00
CA ILE F 356 -13.37 -46.38 7.08
C ILE F 356 -12.69 -45.15 7.67
N ALA F 357 -11.64 -44.69 7.03
CA ALA F 357 -10.95 -43.48 7.45
C ALA F 357 -11.71 -42.26 6.97
N ASP F 358 -12.13 -41.40 7.89
CA ASP F 358 -13.01 -40.28 7.58
C ASP F 358 -12.33 -38.98 7.97
N GLY F 359 -12.11 -38.11 7.01
CA GLY F 359 -11.61 -36.77 7.28
C GLY F 359 -10.12 -36.66 7.09
N GLY F 360 -9.68 -35.47 6.69
CA GLY F 360 -8.27 -35.15 6.57
C GLY F 360 -7.63 -35.47 5.24
N LEU F 361 -8.33 -36.10 4.32
CA LEU F 361 -7.75 -36.49 3.04
C LEU F 361 -7.79 -35.32 2.07
N GLN F 362 -6.65 -35.00 1.47
CA GLN F 362 -6.52 -33.92 0.51
C GLN F 362 -6.01 -34.36 -0.84
N TYR F 363 -5.16 -35.38 -0.90
CA TYR F 363 -4.58 -35.85 -2.14
C TYR F 363 -4.81 -37.34 -2.25
N SER F 364 -4.56 -37.89 -3.44
CA SER F 364 -4.61 -39.33 -3.61
C SER F 364 -3.52 -40.03 -2.82
N GLY F 365 -2.42 -39.33 -2.56
CA GLY F 365 -1.40 -39.90 -1.69
C GLY F 365 -1.90 -40.12 -0.28
N ASP F 366 -2.74 -39.22 0.22
CA ASP F 366 -3.34 -39.42 1.52
C ASP F 366 -4.24 -40.64 1.53
N ILE F 367 -4.99 -40.86 0.46
CA ILE F 367 -5.82 -42.06 0.36
C ILE F 367 -4.95 -43.31 0.39
N ALA F 368 -3.85 -43.29 -0.35
CA ALA F 368 -2.96 -44.44 -0.34
C ALA F 368 -2.38 -44.69 1.03
N LYS F 369 -1.97 -43.63 1.73
CA LYS F 369 -1.42 -43.78 3.07
C LYS F 369 -2.47 -44.31 4.03
N ALA F 370 -3.70 -43.82 3.94
CA ALA F 370 -4.75 -44.30 4.81
C ALA F 370 -5.04 -45.77 4.58
N LEU F 371 -5.13 -46.19 3.34
CA LEU F 371 -5.35 -47.61 3.07
C LEU F 371 -4.16 -48.45 3.50
N ALA F 372 -2.94 -47.94 3.39
CA ALA F 372 -1.77 -48.69 3.83
C ALA F 372 -1.68 -48.79 5.34
N ALA F 373 -2.30 -47.86 6.08
CA ALA F 373 -2.31 -47.92 7.53
C ALA F 373 -3.27 -48.97 8.07
N GLY F 374 -4.11 -49.54 7.22
CA GLY F 374 -5.03 -50.58 7.61
C GLY F 374 -6.47 -50.29 7.29
N ALA F 375 -6.81 -49.06 6.96
CA ALA F 375 -8.18 -48.72 6.61
C ALA F 375 -8.59 -49.40 5.32
N SER F 376 -9.81 -49.90 5.27
CA SER F 376 -10.31 -50.57 4.09
C SER F 376 -11.07 -49.63 3.16
N THR F 377 -11.57 -48.51 3.66
CA THR F 377 -12.32 -47.56 2.84
C THR F 377 -11.99 -46.15 3.30
N ALA F 378 -12.12 -45.19 2.40
CA ALA F 378 -11.87 -43.79 2.71
C ALA F 378 -13.12 -42.96 2.41
N MET F 379 -13.49 -42.07 3.33
CA MET F 379 -14.63 -41.19 3.15
C MET F 379 -14.14 -39.80 2.82
N LEU F 380 -14.68 -39.21 1.76
CA LEU F 380 -14.17 -37.96 1.22
C LEU F 380 -15.15 -36.81 1.45
N GLY F 381 -14.62 -35.67 1.83
CA GLY F 381 -15.38 -34.47 2.09
C GLY F 381 -15.13 -33.41 1.06
N SER F 382 -14.23 -32.47 1.36
CA SER F 382 -13.98 -31.34 0.47
C SER F 382 -13.51 -31.77 -0.91
N LEU F 383 -12.95 -32.96 -1.06
CA LEU F 383 -12.54 -33.42 -2.38
C LEU F 383 -13.73 -33.64 -3.31
N LEU F 384 -14.93 -33.80 -2.77
CA LEU F 384 -16.14 -33.98 -3.56
C LEU F 384 -17.10 -32.80 -3.45
N ALA F 385 -16.79 -31.82 -2.61
CA ALA F 385 -17.74 -30.73 -2.37
C ALA F 385 -17.82 -29.78 -3.55
N GLY F 386 -16.73 -29.58 -4.26
CA GLY F 386 -16.69 -28.64 -5.37
C GLY F 386 -17.04 -29.21 -6.71
N THR F 387 -17.53 -30.44 -6.79
CA THR F 387 -17.84 -31.06 -8.06
C THR F 387 -19.21 -30.62 -8.55
N ALA F 388 -19.59 -31.09 -9.74
CA ALA F 388 -20.86 -30.72 -10.33
C ALA F 388 -22.04 -31.43 -9.68
N GLU F 389 -21.84 -32.63 -9.18
CA GLU F 389 -22.93 -33.41 -8.61
C GLU F 389 -23.24 -33.05 -7.16
N SER F 390 -22.47 -32.20 -6.55
CA SER F 390 -22.77 -31.80 -5.18
C SER F 390 -23.90 -30.80 -5.15
N PRO F 391 -24.75 -30.84 -4.13
CA PRO F 391 -25.85 -29.88 -4.06
C PRO F 391 -25.35 -28.47 -3.82
N GLY F 392 -26.14 -27.50 -4.25
CA GLY F 392 -25.79 -26.10 -4.07
C GLY F 392 -25.59 -25.36 -5.38
N GLU F 393 -25.76 -24.04 -5.33
CA GLU F 393 -25.59 -23.20 -6.51
C GLU F 393 -24.13 -22.84 -6.70
N LEU F 394 -23.71 -22.81 -7.96
CA LEU F 394 -22.36 -22.37 -8.29
C LEU F 394 -22.24 -20.87 -8.07
N ILE F 395 -21.12 -20.45 -7.49
CA ILE F 395 -20.91 -19.07 -7.07
C ILE F 395 -19.73 -18.49 -7.85
N PHE F 396 -19.93 -17.33 -8.44
CA PHE F 396 -18.92 -16.68 -9.27
C PHE F 396 -18.30 -15.53 -8.50
N VAL F 397 -16.97 -15.55 -8.38
CA VAL F 397 -16.21 -14.52 -7.68
C VAL F 397 -14.92 -14.27 -8.45
N ASN F 398 -14.68 -13.02 -8.83
CA ASN F 398 -13.45 -12.62 -9.51
C ASN F 398 -13.24 -13.40 -10.81
N GLY F 399 -14.34 -13.74 -11.48
CA GLY F 399 -14.28 -14.49 -12.70
C GLY F 399 -14.02 -15.97 -12.53
N LYS F 400 -13.93 -16.46 -11.30
CA LYS F 400 -13.70 -17.86 -11.01
C LYS F 400 -14.91 -18.45 -10.31
N GLN F 401 -14.91 -19.77 -10.16
CA GLN F 401 -16.06 -20.52 -9.70
C GLN F 401 -15.75 -21.22 -8.38
N PHE F 402 -16.72 -21.19 -7.47
CA PHE F 402 -16.60 -21.83 -6.16
C PHE F 402 -17.95 -22.40 -5.77
N LYS F 403 -17.94 -23.34 -4.83
CA LYS F 403 -19.15 -23.90 -4.27
C LYS F 403 -19.05 -23.92 -2.76
N SER F 404 -20.19 -23.76 -2.10
CA SER F 404 -20.23 -23.69 -0.65
C SER F 404 -19.91 -25.04 -0.03
N TYR F 405 -19.18 -25.01 1.08
CA TYR F 405 -18.83 -26.21 1.84
C TYR F 405 -18.81 -25.83 3.31
N ARG F 406 -19.62 -26.48 4.11
CA ARG F 406 -19.75 -26.13 5.52
C ARG F 406 -19.81 -27.39 6.35
N GLY F 407 -19.29 -27.30 7.57
CA GLY F 407 -19.38 -28.41 8.50
C GLY F 407 -20.77 -28.56 9.07
N MET F 408 -21.10 -29.81 9.41
CA MET F 408 -22.42 -30.10 9.97
C MET F 408 -22.59 -29.54 11.36
N GLY F 409 -21.50 -29.15 12.02
CA GLY F 409 -21.56 -28.48 13.29
C GLY F 409 -21.37 -26.99 13.24
N SER F 410 -21.27 -26.42 12.04
CA SER F 410 -21.16 -24.98 11.91
C SER F 410 -22.47 -24.30 12.25
N LEU F 411 -22.39 -23.06 12.70
CA LEU F 411 -23.58 -22.32 13.12
C LEU F 411 -24.59 -22.22 11.99
N GLY F 412 -24.13 -22.10 10.74
CA GLY F 412 -25.05 -22.07 9.63
C GLY F 412 -25.82 -23.36 9.45
N ALA F 413 -25.20 -24.49 9.74
CA ALA F 413 -25.85 -25.78 9.57
C ALA F 413 -26.69 -26.19 10.76
N MET F 414 -26.35 -25.72 11.96
CA MET F 414 -27.11 -26.09 13.15
C MET F 414 -28.54 -25.58 13.09
N GLN F 415 -28.74 -24.40 12.51
CA GLN F 415 -30.08 -23.84 12.39
C GLN F 415 -30.97 -24.71 11.52
N LEU F 439 -25.29 -23.53 22.21
CA LEU F 439 -24.95 -23.67 20.80
C LEU F 439 -23.51 -23.23 20.52
N VAL F 440 -22.55 -24.06 20.90
CA VAL F 440 -21.14 -23.80 20.63
C VAL F 440 -20.75 -24.55 19.37
N PRO F 441 -20.39 -23.86 18.29
CA PRO F 441 -20.08 -24.55 17.04
C PRO F 441 -18.76 -25.30 17.10
N GLU F 442 -18.66 -26.32 16.26
CA GLU F 442 -17.44 -27.10 16.10
C GLU F 442 -17.19 -27.36 14.63
N GLY F 443 -17.43 -26.35 13.81
CA GLY F 443 -17.23 -26.41 12.37
C GLY F 443 -17.26 -25.01 11.82
N ILE F 444 -16.99 -24.90 10.51
CA ILE F 444 -16.94 -23.61 9.85
C ILE F 444 -17.64 -23.70 8.50
N GLU F 445 -17.81 -22.54 7.86
CA GLU F 445 -18.37 -22.43 6.52
C GLU F 445 -17.33 -21.84 5.60
N GLY F 446 -17.40 -22.18 4.32
CA GLY F 446 -16.48 -21.61 3.36
C GLY F 446 -16.85 -21.97 1.95
N ARG F 447 -15.93 -21.71 1.03
CA ARG F 447 -16.12 -22.06 -0.36
C ARG F 447 -14.89 -22.80 -0.87
N VAL F 448 -15.13 -23.73 -1.78
CA VAL F 448 -14.06 -24.54 -2.39
C VAL F 448 -14.10 -24.35 -3.89
N PRO F 449 -12.98 -24.39 -4.60
CA PRO F 449 -13.00 -24.18 -6.05
C PRO F 449 -13.80 -25.25 -6.77
N PHE F 450 -14.48 -24.84 -7.83
CA PHE F 450 -15.25 -25.77 -8.64
C PHE F 450 -14.31 -26.70 -9.40
N ARG F 451 -14.67 -27.98 -9.45
CA ARG F 451 -13.78 -29.01 -9.97
C ARG F 451 -14.33 -29.76 -11.18
N GLY F 452 -15.63 -29.70 -11.46
CA GLY F 452 -16.19 -30.32 -12.63
C GLY F 452 -16.96 -31.58 -12.31
N PRO F 453 -17.03 -32.50 -13.28
CA PRO F 453 -17.75 -33.75 -13.06
C PRO F 453 -17.07 -34.64 -12.04
N LEU F 454 -17.87 -35.45 -11.35
CA LEU F 454 -17.34 -36.36 -10.34
C LEU F 454 -16.42 -37.40 -10.95
N GLY F 455 -16.76 -37.90 -12.14
CA GLY F 455 -16.00 -38.99 -12.72
C GLY F 455 -14.54 -38.66 -12.93
N THR F 456 -14.26 -37.43 -13.36
CA THR F 456 -12.86 -37.02 -13.54
C THR F 456 -12.10 -37.04 -12.24
N VAL F 457 -12.70 -36.51 -11.16
CA VAL F 457 -12.04 -36.50 -9.86
C VAL F 457 -11.79 -37.92 -9.38
N ILE F 458 -12.78 -38.79 -9.52
CA ILE F 458 -12.62 -40.17 -9.06
C ILE F 458 -11.56 -40.88 -9.88
N HIS F 459 -11.48 -40.60 -11.17
CA HIS F 459 -10.43 -41.18 -12.00
C HIS F 459 -9.05 -40.71 -11.57
N GLN F 460 -8.92 -39.42 -11.24
CA GLN F 460 -7.63 -38.93 -10.78
C GLN F 460 -7.22 -39.59 -9.48
N LEU F 461 -8.14 -39.71 -8.53
CA LEU F 461 -7.83 -40.35 -7.25
C LEU F 461 -7.48 -41.82 -7.45
N THR F 462 -8.20 -42.53 -8.30
CA THR F 462 -7.91 -43.92 -8.57
C THR F 462 -6.58 -44.09 -9.28
N GLY F 463 -6.22 -43.15 -10.15
CA GLY F 463 -4.91 -43.21 -10.77
C GLY F 463 -3.79 -43.03 -9.76
N GLY F 464 -3.95 -42.08 -8.84
CA GLY F 464 -2.95 -41.94 -7.78
C GLY F 464 -2.84 -43.18 -6.92
N LEU F 465 -3.98 -43.78 -6.57
CA LEU F 465 -3.95 -45.00 -5.76
C LEU F 465 -3.30 -46.15 -6.52
N ARG F 466 -3.57 -46.26 -7.82
CA ARG F 466 -2.96 -47.32 -8.61
C ARG F 466 -1.46 -47.11 -8.75
N ALA F 467 -1.02 -45.85 -8.85
CA ALA F 467 0.41 -45.58 -8.86
C ALA F 467 1.05 -46.00 -7.54
N ALA F 468 0.40 -45.71 -6.43
CA ALA F 468 0.92 -46.16 -5.14
C ALA F 468 0.98 -47.67 -5.06
N MET F 469 -0.05 -48.35 -5.55
CA MET F 469 -0.05 -49.81 -5.53
C MET F 469 1.05 -50.38 -6.40
N GLY F 470 1.31 -49.75 -7.54
CA GLY F 470 2.44 -50.19 -8.35
C GLY F 470 3.78 -49.98 -7.67
N TYR F 471 3.96 -48.84 -7.01
CA TYR F 471 5.21 -48.57 -6.31
C TYR F 471 5.43 -49.56 -5.18
N THR F 472 4.39 -49.90 -4.43
CA THR F 472 4.56 -50.78 -3.28
C THR F 472 4.49 -52.25 -3.65
N GLY F 473 4.22 -52.58 -4.91
CA GLY F 473 4.08 -53.97 -5.30
C GLY F 473 2.90 -54.67 -4.69
N SER F 474 1.75 -54.00 -4.64
CA SER F 474 0.55 -54.53 -4.02
C SER F 474 -0.45 -54.90 -5.11
N ALA F 475 -0.66 -56.20 -5.30
CA ALA F 475 -1.63 -56.65 -6.29
C ALA F 475 -3.04 -56.27 -5.89
N THR F 476 -3.36 -56.33 -4.60
CA THR F 476 -4.70 -56.02 -4.10
C THR F 476 -4.59 -54.99 -2.99
N ILE F 477 -5.74 -54.49 -2.55
CA ILE F 477 -5.79 -53.56 -1.42
C ILE F 477 -5.34 -54.27 -0.14
N GLU F 478 -5.67 -55.55 0.00
CA GLU F 478 -5.24 -56.28 1.19
C GLU F 478 -3.73 -56.41 1.26
N GLN F 479 -3.06 -56.48 0.12
CA GLN F 479 -1.61 -56.44 0.11
C GLN F 479 -1.07 -55.04 0.34
N LEU F 480 -1.82 -54.02 -0.08
CA LEU F 480 -1.44 -52.65 0.25
C LEU F 480 -1.53 -52.39 1.74
N GLN F 481 -2.42 -53.08 2.43
CA GLN F 481 -2.60 -52.87 3.85
C GLN F 481 -1.45 -53.41 4.68
N GLN F 482 -0.38 -53.89 4.06
CA GLN F 482 0.80 -54.35 4.77
C GLN F 482 2.06 -53.61 4.33
N ALA F 483 1.93 -52.54 3.56
CA ALA F 483 3.08 -51.74 3.19
C ALA F 483 3.64 -51.01 4.40
N GLN F 484 4.91 -50.65 4.32
CA GLN F 484 5.63 -50.05 5.43
C GLN F 484 5.72 -48.55 5.25
N PHE F 485 6.01 -47.86 6.34
CA PHE F 485 6.07 -46.41 6.38
C PHE F 485 7.47 -45.95 6.73
N VAL F 486 7.83 -44.75 6.27
CA VAL F 486 9.04 -44.07 6.70
C VAL F 486 8.63 -42.72 7.25
N GLN F 487 9.08 -42.40 8.46
CA GLN F 487 8.74 -41.15 9.10
C GLN F 487 9.66 -40.04 8.62
N ILE F 488 9.08 -38.90 8.27
CA ILE F 488 9.83 -37.76 7.76
C ILE F 488 9.71 -36.60 8.74
N THR F 489 10.59 -35.63 8.56
CA THR F 489 10.59 -34.39 9.34
C THR F 489 10.05 -33.25 8.50
N ALA F 490 10.02 -32.06 9.10
CA ALA F 490 9.48 -30.89 8.42
C ALA F 490 10.26 -30.55 7.15
N ALA F 491 11.58 -30.65 7.21
CA ALA F 491 12.39 -30.44 6.02
C ALA F 491 12.05 -31.45 4.94
N GLY F 492 11.91 -32.72 5.30
CA GLY F 492 11.45 -33.71 4.34
C GLY F 492 10.06 -33.42 3.84
N LEU F 493 9.21 -32.86 4.69
CA LEU F 493 7.86 -32.49 4.28
C LEU F 493 7.89 -31.47 3.17
N LYS F 494 8.65 -30.39 3.35
CA LYS F 494 8.73 -29.40 2.28
C LYS F 494 9.57 -29.86 1.10
N GLU F 495 10.40 -30.89 1.27
CA GLU F 495 11.06 -31.51 0.12
C GLU F 495 10.09 -32.34 -0.70
N SER F 496 9.07 -32.90 -0.04
CA SER F 496 8.11 -33.76 -0.75
C SER F 496 7.35 -32.98 -1.81
N HIS F 497 6.92 -31.77 -1.51
CA HIS F 497 6.22 -30.94 -2.46
C HIS F 497 7.21 -30.30 -3.42
N PRO F 498 6.73 -29.77 -4.55
CA PRO F 498 7.62 -29.02 -5.45
C PRO F 498 8.24 -27.84 -4.74
N HIS F 499 9.48 -27.53 -5.11
CA HIS F 499 10.27 -26.52 -4.42
C HIS F 499 11.21 -25.82 -5.38
N ASP F 500 11.36 -24.51 -5.19
CA ASP F 500 12.19 -23.65 -6.03
C ASP F 500 11.87 -23.83 -7.52
N ILE F 501 10.59 -23.66 -7.83
CA ILE F 501 10.12 -23.68 -9.22
C ILE F 501 8.82 -22.91 -9.28
N THR F 502 8.66 -22.13 -10.35
CA THR F 502 7.45 -21.34 -10.56
C THR F 502 6.55 -22.11 -11.52
N MET F 503 5.54 -22.78 -10.97
CA MET F 503 4.64 -23.56 -11.79
C MET F 503 3.77 -22.65 -12.64
N THR F 504 3.74 -22.90 -13.94
CA THR F 504 3.04 -22.03 -14.89
C THR F 504 1.67 -22.55 -15.30
N VAL F 505 1.42 -23.85 -15.21
CA VAL F 505 0.12 -24.43 -15.51
C VAL F 505 -0.19 -25.49 -14.47
N GLU F 506 -1.43 -25.48 -13.99
CA GLU F 506 -1.83 -26.41 -12.93
C GLU F 506 -2.00 -27.82 -13.47
N ALA F 507 -1.35 -28.77 -12.84
CA ALA F 507 -1.52 -30.16 -13.20
C ALA F 507 -2.92 -30.64 -12.82
N PRO F 508 -3.48 -31.60 -13.56
CA PRO F 508 -4.85 -32.04 -13.28
C PRO F 508 -5.03 -32.65 -11.90
N ASN F 509 -3.98 -33.21 -11.31
CA ASN F 509 -4.08 -33.87 -10.02
C ASN F 509 -3.41 -33.11 -8.89
N TYR F 510 -2.44 -32.24 -9.19
CA TYR F 510 -1.77 -31.44 -8.18
C TYR F 510 -2.21 -30.00 -8.35
N TYR F 511 -2.74 -29.42 -7.27
CA TYR F 511 -3.32 -28.08 -7.32
C TYR F 511 -2.50 -27.12 -6.47
N THR F 512 -2.50 -25.86 -6.89
CA THR F 512 -1.77 -24.81 -6.19
C THR F 512 -2.61 -24.26 -5.02
N VAL G 12 4.16 -51.98 25.95
CA VAL G 12 4.00 -53.04 24.96
C VAL G 12 3.65 -52.48 23.56
N PRO G 13 2.62 -51.64 23.44
CA PRO G 13 2.30 -51.11 22.10
C PRO G 13 3.37 -50.14 21.60
N VAL G 14 3.47 -50.06 20.28
CA VAL G 14 4.38 -49.11 19.65
C VAL G 14 3.94 -47.70 19.97
N PRO G 15 4.85 -46.77 20.30
CA PRO G 15 4.41 -45.42 20.68
C PRO G 15 3.68 -44.66 19.59
N THR G 16 3.84 -45.03 18.32
CA THR G 16 3.15 -44.36 17.23
C THR G 16 1.89 -45.07 16.78
N GLY G 17 1.49 -46.14 17.44
CA GLY G 17 0.25 -46.82 17.11
C GLY G 17 0.44 -48.25 16.65
N GLY G 18 -0.50 -49.11 17.01
CA GLY G 18 -0.47 -50.50 16.58
C GLY G 18 0.43 -51.36 17.44
N ASP G 19 0.53 -52.62 17.04
CA ASP G 19 1.34 -53.61 17.74
C ASP G 19 2.55 -54.06 16.94
N ASP G 20 2.74 -53.55 15.73
CA ASP G 20 3.87 -53.96 14.91
C ASP G 20 4.96 -52.92 15.00
N PRO G 21 6.15 -53.25 15.55
CA PRO G 21 7.19 -52.24 15.68
C PRO G 21 7.88 -51.88 14.38
N THR G 22 7.63 -52.63 13.30
CA THR G 22 8.25 -52.35 12.01
C THR G 22 7.27 -51.75 11.01
N LYS G 23 6.09 -51.34 11.46
CA LYS G 23 5.17 -50.65 10.55
C LYS G 23 5.77 -49.35 10.06
N VAL G 24 6.23 -48.51 10.98
CA VAL G 24 7.02 -47.33 10.65
C VAL G 24 8.48 -47.76 10.74
N ALA G 25 9.07 -48.10 9.59
CA ALA G 25 10.34 -48.81 9.57
C ALA G 25 11.48 -47.96 10.11
N MET G 26 11.54 -46.70 9.73
CA MET G 26 12.71 -45.89 10.06
C MET G 26 12.31 -44.42 10.04
N LEU G 27 13.26 -43.57 10.41
CA LEU G 27 13.12 -42.13 10.39
C LEU G 27 14.05 -41.57 9.32
N GLY G 28 13.51 -40.86 8.36
CA GLY G 28 14.26 -40.43 7.20
C GLY G 28 14.85 -39.04 7.38
N LEU G 29 16.06 -38.85 6.85
CA LEU G 29 16.74 -37.57 6.88
C LEU G 29 16.94 -37.06 5.46
N THR G 30 16.70 -35.78 5.26
CA THR G 30 16.94 -35.12 3.99
C THR G 30 18.17 -34.23 4.11
N PHE G 31 18.45 -33.47 3.05
CA PHE G 31 19.65 -32.64 3.04
C PHE G 31 19.59 -31.54 4.08
N ASP G 32 18.41 -30.99 4.34
CA ASP G 32 18.28 -29.92 5.31
C ASP G 32 18.34 -30.40 6.74
N ASP G 33 18.32 -31.71 6.98
CA ASP G 33 18.33 -32.24 8.33
C ASP G 33 19.71 -32.39 8.93
N VAL G 34 20.77 -32.35 8.11
CA VAL G 34 22.10 -32.68 8.58
C VAL G 34 23.09 -31.60 8.18
N LEU G 35 24.20 -31.56 8.90
CA LEU G 35 25.35 -30.73 8.55
C LEU G 35 26.61 -31.56 8.68
N LEU G 36 27.66 -31.15 8.00
CA LEU G 36 28.94 -31.82 8.07
C LEU G 36 29.75 -31.30 9.25
N LEU G 37 30.38 -32.19 9.97
CA LEU G 37 31.18 -31.81 11.12
C LEU G 37 32.62 -31.53 10.70
N PRO G 38 33.19 -30.38 11.08
CA PRO G 38 34.61 -30.15 10.82
C PRO G 38 35.47 -31.14 11.56
N ALA G 39 36.63 -31.46 10.98
CA ALA G 39 37.55 -32.43 11.56
C ALA G 39 38.97 -31.93 11.35
N ALA G 40 39.93 -32.69 11.89
CA ALA G 40 41.34 -32.32 11.76
C ALA G 40 41.74 -32.30 10.30
N SER G 41 42.15 -31.13 9.83
CA SER G 41 42.36 -30.89 8.41
C SER G 41 43.80 -30.48 8.14
N ASP G 42 44.35 -31.05 7.07
CA ASP G 42 45.62 -30.61 6.51
C ASP G 42 45.51 -30.45 5.00
N VAL G 43 44.32 -30.10 4.53
CA VAL G 43 44.01 -30.07 3.10
C VAL G 43 43.69 -28.63 2.73
N VAL G 44 44.51 -28.07 1.85
CA VAL G 44 44.19 -26.77 1.24
C VAL G 44 43.06 -26.97 0.23
N PRO G 45 42.04 -26.11 0.21
CA PRO G 45 40.93 -26.32 -0.73
C PRO G 45 41.38 -26.38 -2.18
N ALA G 46 42.41 -25.64 -2.57
CA ALA G 46 42.89 -25.68 -3.94
C ALA G 46 43.63 -26.97 -4.26
N THR G 47 44.03 -27.74 -3.26
CA THR G 47 44.79 -28.96 -3.47
C THR G 47 43.95 -30.23 -3.29
N ALA G 48 42.64 -30.09 -3.14
CA ALA G 48 41.76 -31.24 -2.94
C ALA G 48 41.47 -31.92 -4.27
N ASP G 49 41.53 -33.25 -4.27
CA ASP G 49 41.27 -34.06 -5.45
C ASP G 49 39.80 -34.43 -5.48
N THR G 50 39.04 -33.82 -6.39
CA THR G 50 37.60 -34.03 -6.48
C THR G 50 37.22 -35.18 -7.39
N SER G 51 38.17 -35.87 -8.00
CA SER G 51 37.85 -36.94 -8.92
C SER G 51 37.22 -38.12 -8.19
N SER G 52 36.23 -38.74 -8.82
CA SER G 52 35.52 -39.86 -8.22
C SER G 52 35.13 -40.83 -9.31
N GLN G 53 34.83 -42.07 -8.91
CA GLN G 53 34.43 -43.11 -9.84
C GLN G 53 32.95 -42.98 -10.18
N LEU G 54 32.64 -42.78 -11.45
CA LEU G 54 31.25 -42.82 -11.89
C LEU G 54 30.73 -44.24 -11.92
N THR G 55 31.53 -45.17 -12.44
CA THR G 55 31.19 -46.58 -12.46
C THR G 55 32.40 -47.40 -12.01
N LYS G 56 32.34 -48.71 -12.17
CA LYS G 56 33.47 -49.55 -11.82
C LYS G 56 34.62 -49.45 -12.80
N ARG G 57 34.43 -48.78 -13.94
CA ARG G 57 35.47 -48.67 -14.95
C ARG G 57 35.61 -47.25 -15.51
N ILE G 58 34.90 -46.27 -14.97
CA ILE G 58 34.93 -44.89 -15.48
C ILE G 58 35.17 -43.94 -14.31
N ARG G 59 36.12 -43.03 -14.47
CA ARG G 59 36.43 -42.02 -13.47
C ARG G 59 36.26 -40.63 -14.05
N LEU G 60 35.52 -39.78 -13.37
CA LEU G 60 35.32 -38.40 -13.75
C LEU G 60 36.23 -37.48 -12.95
N ARG G 61 36.68 -36.40 -13.58
CA ARG G 61 37.50 -35.43 -12.86
C ARG G 61 36.66 -34.58 -11.92
N VAL G 62 35.41 -34.32 -12.27
CA VAL G 62 34.47 -33.63 -11.41
C VAL G 62 33.26 -34.54 -11.23
N PRO G 63 32.90 -34.94 -10.02
CA PRO G 63 31.85 -35.93 -9.82
C PRO G 63 30.45 -35.35 -9.99
N LEU G 64 30.16 -34.90 -11.20
CA LEU G 64 28.85 -34.35 -11.54
C LEU G 64 28.40 -34.92 -12.88
N VAL G 65 27.09 -35.13 -13.01
CA VAL G 65 26.49 -35.68 -14.21
C VAL G 65 25.20 -34.92 -14.47
N SER G 66 24.93 -34.61 -15.74
CA SER G 66 23.70 -33.93 -16.11
C SER G 66 22.55 -34.92 -16.20
N SER G 67 21.35 -34.44 -15.89
CA SER G 67 20.18 -35.29 -15.87
C SER G 67 19.72 -35.64 -17.28
N ALA G 68 19.12 -36.81 -17.42
CA ALA G 68 18.58 -37.28 -18.70
C ALA G 68 17.16 -36.74 -18.85
N MET G 69 17.06 -35.46 -19.16
CA MET G 69 15.78 -34.78 -19.28
C MET G 69 15.75 -33.98 -20.57
N ASP G 70 14.55 -33.85 -21.14
CA ASP G 70 14.42 -33.20 -22.44
C ASP G 70 14.68 -31.70 -22.40
N THR G 71 14.68 -31.10 -21.21
CA THR G 71 14.96 -29.69 -21.06
C THR G 71 16.28 -29.43 -20.36
N VAL G 72 17.13 -30.44 -20.23
CA VAL G 72 18.41 -30.27 -19.54
C VAL G 72 19.57 -30.65 -20.45
N THR G 73 19.58 -31.88 -20.94
CA THR G 73 20.74 -32.41 -21.64
C THR G 73 20.43 -32.71 -23.09
N GLU G 74 21.24 -32.14 -23.99
CA GLU G 74 21.31 -32.55 -25.38
C GLU G 74 22.78 -32.48 -25.78
N SER G 75 23.05 -32.50 -27.09
CA SER G 75 24.43 -32.56 -27.55
C SER G 75 25.27 -31.41 -27.00
N ARG G 76 24.73 -30.20 -27.04
CA ARG G 76 25.49 -29.04 -26.55
C ARG G 76 25.81 -29.19 -25.07
N MET G 77 24.81 -29.50 -24.24
CA MET G 77 25.03 -29.64 -22.81
C MET G 77 25.93 -30.84 -22.51
N ALA G 78 25.75 -31.94 -23.24
CA ALA G 78 26.60 -33.10 -23.01
C ALA G 78 28.05 -32.79 -23.31
N ILE G 79 28.30 -32.09 -24.42
CA ILE G 79 29.67 -31.72 -24.76
C ILE G 79 30.25 -30.77 -23.72
N ALA G 80 29.46 -29.80 -23.28
CA ALA G 80 29.95 -28.87 -22.28
C ALA G 80 30.29 -29.57 -20.97
N MET G 81 29.42 -30.48 -20.53
CA MET G 81 29.68 -31.22 -19.30
C MET G 81 30.91 -32.10 -19.43
N ALA G 82 31.06 -32.78 -20.55
CA ALA G 82 32.24 -33.62 -20.75
C ALA G 82 33.50 -32.80 -20.78
N ARG G 83 33.44 -31.59 -21.31
CA ARG G 83 34.60 -30.71 -21.31
C ARG G 83 34.92 -30.23 -19.90
N ALA G 84 33.90 -29.93 -19.10
CA ALA G 84 34.11 -29.37 -17.77
C ALA G 84 34.66 -30.39 -16.78
N GLY G 85 34.68 -31.66 -17.11
CA GLY G 85 35.22 -32.70 -16.23
C GLY G 85 34.23 -33.76 -15.82
N GLY G 86 32.94 -33.58 -16.06
CA GLY G 86 31.92 -34.54 -15.71
C GLY G 86 31.49 -35.38 -16.89
N MET G 87 30.18 -35.57 -17.01
CA MET G 87 29.61 -36.35 -18.10
C MET G 87 28.16 -35.92 -18.27
N GLY G 88 27.57 -36.36 -19.38
CA GLY G 88 26.18 -36.06 -19.67
C GLY G 88 25.45 -37.29 -20.15
N VAL G 89 24.16 -37.33 -19.85
CA VAL G 89 23.28 -38.43 -20.25
C VAL G 89 22.17 -37.85 -21.12
N LEU G 90 22.03 -38.39 -22.33
CA LEU G 90 21.05 -37.86 -23.27
C LEU G 90 19.68 -38.47 -23.00
N HIS G 91 18.66 -37.62 -23.01
CA HIS G 91 17.30 -38.06 -22.74
C HIS G 91 16.74 -38.86 -23.90
N ARG G 92 15.75 -39.69 -23.60
CA ARG G 92 15.15 -40.59 -24.58
C ARG G 92 13.75 -40.16 -24.99
N ASN G 93 13.44 -38.87 -24.87
CA ASN G 93 12.13 -38.37 -25.28
C ASN G 93 12.16 -37.90 -26.73
N LEU G 94 12.66 -38.77 -27.60
CA LEU G 94 12.81 -38.49 -29.02
C LEU G 94 13.06 -39.78 -29.81
N PRO G 95 12.94 -39.76 -31.14
CA PRO G 95 13.16 -40.98 -31.92
C PRO G 95 14.58 -41.52 -31.81
N VAL G 96 14.70 -42.83 -31.99
CA VAL G 96 15.99 -43.51 -31.82
C VAL G 96 17.05 -42.94 -32.76
N ALA G 97 16.67 -42.64 -34.00
CA ALA G 97 17.62 -42.10 -34.95
C ALA G 97 18.19 -40.78 -34.50
N GLU G 98 17.34 -39.91 -33.95
CA GLU G 98 17.82 -38.62 -33.45
C GLU G 98 18.77 -38.79 -32.28
N GLN G 99 18.48 -39.73 -31.38
CA GLN G 99 19.37 -39.96 -30.26
C GLN G 99 20.72 -40.50 -30.73
N ALA G 100 20.70 -41.39 -31.71
CA ALA G 100 21.97 -41.86 -32.28
C ALA G 100 22.72 -40.71 -32.93
N GLY G 101 22.00 -39.80 -33.57
CA GLY G 101 22.65 -38.62 -34.13
C GLY G 101 23.28 -37.74 -33.08
N GLN G 102 22.59 -37.55 -31.95
CA GLN G 102 23.15 -36.78 -30.85
C GLN G 102 24.40 -37.45 -30.29
N VAL G 103 24.35 -38.77 -30.15
CA VAL G 103 25.52 -39.51 -29.66
C VAL G 103 26.70 -39.32 -30.62
N GLU G 104 26.45 -39.44 -31.93
CA GLU G 104 27.52 -39.27 -32.90
C GLU G 104 28.05 -37.85 -32.89
N THR G 105 27.17 -36.86 -32.74
CA THR G 105 27.61 -35.47 -32.67
C THR G 105 28.53 -35.25 -31.48
N VAL G 106 28.19 -35.82 -30.33
CA VAL G 106 29.05 -35.70 -29.16
C VAL G 106 30.38 -36.40 -29.40
N LYS G 107 30.33 -37.63 -29.94
CA LYS G 107 31.55 -38.42 -30.07
C LYS G 107 32.53 -37.80 -31.05
N ARG G 108 32.03 -37.26 -32.16
CA ARG G 108 32.95 -36.71 -33.16
C ARG G 108 33.57 -35.40 -32.70
N SER G 109 32.82 -34.58 -31.97
CA SER G 109 33.31 -33.28 -31.54
C SER G 109 34.42 -33.42 -30.50
N THR G 223 43.33 -26.90 -27.29
CA THR G 223 43.60 -28.18 -26.66
C THR G 223 43.86 -28.00 -25.17
N GLU G 224 44.50 -26.89 -24.81
CA GLU G 224 44.78 -26.57 -23.42
C GLU G 224 43.63 -25.85 -22.75
N GLN G 225 42.54 -25.59 -23.47
CA GLN G 225 41.41 -24.89 -22.88
C GLN G 225 40.73 -25.69 -21.78
N PHE G 226 40.73 -27.02 -21.91
CA PHE G 226 39.97 -27.91 -21.03
C PHE G 226 40.90 -29.00 -20.53
N PRO G 227 41.70 -28.73 -19.50
CA PRO G 227 42.57 -29.77 -18.96
C PRO G 227 41.82 -30.89 -18.26
N LEU G 228 40.57 -30.69 -17.89
CA LEU G 228 39.81 -31.67 -17.12
C LEU G 228 38.85 -32.49 -17.97
N SER G 229 38.85 -32.31 -19.28
CA SER G 229 37.86 -32.97 -20.13
C SER G 229 37.97 -34.49 -20.04
N THR G 230 36.82 -35.15 -20.03
CA THR G 230 36.75 -36.60 -19.96
C THR G 230 36.75 -37.19 -21.36
N LYS G 231 37.67 -38.12 -21.61
CA LYS G 231 37.83 -38.70 -22.93
C LYS G 231 38.03 -40.20 -22.82
N ASP G 232 37.62 -40.91 -23.86
CA ASP G 232 37.72 -42.37 -23.91
C ASP G 232 39.11 -42.79 -24.35
N SER G 233 39.26 -44.08 -24.66
CA SER G 233 40.54 -44.60 -25.13
C SER G 233 40.99 -43.96 -26.45
N ASP G 234 40.05 -43.45 -27.25
CA ASP G 234 40.36 -42.87 -28.55
C ASP G 234 40.46 -41.35 -28.51
N GLY G 235 40.42 -40.74 -27.33
CA GLY G 235 40.55 -39.30 -27.24
C GLY G 235 39.33 -38.51 -27.63
N ARG G 236 38.15 -39.13 -27.60
CA ARG G 236 36.90 -38.44 -27.87
C ARG G 236 36.07 -38.35 -26.59
N LEU G 237 35.20 -37.35 -26.54
CA LEU G 237 34.44 -37.04 -25.33
C LEU G 237 33.49 -38.17 -24.98
N LEU G 238 33.28 -38.37 -23.68
CA LEU G 238 32.35 -39.37 -23.20
C LEU G 238 30.91 -38.87 -23.27
N VAL G 239 29.98 -39.81 -23.32
CA VAL G 239 28.55 -39.49 -23.36
C VAL G 239 27.79 -40.69 -22.80
N GLY G 240 26.62 -40.41 -22.25
CA GLY G 240 25.74 -41.46 -21.76
C GLY G 240 24.38 -41.35 -22.40
N ALA G 241 23.71 -42.49 -22.49
CA ALA G 241 22.42 -42.56 -23.15
C ALA G 241 21.40 -43.23 -22.24
N ALA G 242 20.18 -42.71 -22.22
CA ALA G 242 19.11 -43.22 -21.38
C ALA G 242 18.21 -44.14 -22.20
N VAL G 243 17.86 -45.30 -21.63
CA VAL G 243 16.99 -46.26 -22.27
C VAL G 243 15.90 -46.68 -21.29
N GLY G 244 14.83 -47.23 -21.83
CA GLY G 244 13.71 -47.70 -21.06
C GLY G 244 13.76 -49.19 -20.80
N VAL G 245 12.59 -49.81 -20.75
CA VAL G 245 12.46 -51.26 -20.59
C VAL G 245 11.52 -51.78 -21.67
N GLY G 246 11.95 -52.81 -22.40
CA GLY G 246 11.13 -53.40 -23.44
C GLY G 246 11.87 -53.68 -24.73
N ASP G 247 11.14 -54.12 -25.75
CA ASP G 247 11.76 -54.44 -27.03
C ASP G 247 12.14 -53.18 -27.79
N ASP G 248 11.28 -52.16 -27.75
CA ASP G 248 11.63 -50.88 -28.35
C ASP G 248 12.86 -50.29 -27.67
N ALA G 249 12.91 -50.36 -26.35
CA ALA G 249 14.10 -49.92 -25.62
C ALA G 249 15.30 -50.78 -25.98
N TRP G 250 15.10 -52.07 -26.23
CA TRP G 250 16.21 -52.92 -26.63
C TRP G 250 16.77 -52.50 -27.98
N THR G 251 15.91 -52.20 -28.94
CA THR G 251 16.37 -51.72 -30.23
C THR G 251 17.09 -50.38 -30.08
N ARG G 252 16.56 -49.48 -29.25
CA ARG G 252 17.23 -48.22 -29.00
C ARG G 252 18.61 -48.44 -28.40
N ALA G 253 18.71 -49.36 -27.45
CA ALA G 253 20.00 -49.63 -26.81
C ALA G 253 21.00 -50.19 -27.80
N MET G 254 20.57 -51.12 -28.65
CA MET G 254 21.49 -51.67 -29.66
C MET G 254 21.94 -50.60 -30.64
N THR G 255 21.01 -49.73 -31.05
CA THR G 255 21.38 -48.63 -31.94
C THR G 255 22.38 -47.70 -31.27
N LEU G 256 22.17 -47.39 -29.99
CA LEU G 256 23.08 -46.51 -29.27
C LEU G 256 24.45 -47.14 -29.11
N VAL G 257 24.49 -48.45 -28.84
CA VAL G 257 25.77 -49.15 -28.77
C VAL G 257 26.49 -49.09 -30.11
N ASP G 258 25.73 -49.22 -31.20
CA ASP G 258 26.33 -49.06 -32.53
C ASP G 258 26.88 -47.66 -32.70
N ALA G 259 26.17 -46.66 -32.19
CA ALA G 259 26.61 -45.27 -32.28
C ALA G 259 27.86 -45.00 -31.45
N GLY G 260 28.27 -45.92 -30.59
CA GLY G 260 29.48 -45.73 -29.83
C GLY G 260 29.33 -45.03 -28.49
N VAL G 261 28.14 -45.06 -27.88
CA VAL G 261 28.00 -44.43 -26.56
C VAL G 261 28.83 -45.22 -25.55
N ASP G 262 29.12 -44.58 -24.41
CA ASP G 262 29.99 -45.17 -23.41
C ASP G 262 29.26 -45.81 -22.24
N VAL G 263 28.13 -45.26 -21.81
CA VAL G 263 27.37 -45.82 -20.69
C VAL G 263 25.88 -45.70 -20.99
N LEU G 264 25.14 -46.77 -20.71
CA LEU G 264 23.70 -46.81 -20.88
C LEU G 264 23.06 -46.80 -19.49
N ILE G 265 22.11 -45.90 -19.30
CA ILE G 265 21.36 -45.77 -18.05
C ILE G 265 19.99 -46.33 -18.31
N VAL G 266 19.67 -47.45 -17.66
CA VAL G 266 18.30 -47.98 -17.68
C VAL G 266 17.49 -47.10 -16.75
N ASP G 267 16.80 -46.12 -17.32
CA ASP G 267 16.16 -45.05 -16.56
C ASP G 267 14.70 -45.39 -16.33
N THR G 268 14.35 -45.74 -15.10
CA THR G 268 12.98 -46.04 -14.73
C THR G 268 12.66 -45.37 -13.40
N ALA G 269 11.37 -45.15 -13.16
CA ALA G 269 10.95 -44.52 -11.92
C ALA G 269 11.06 -45.47 -10.73
N HIS G 270 10.85 -46.76 -10.95
CA HIS G 270 10.89 -47.75 -9.89
C HIS G 270 11.70 -48.93 -10.40
N ALA G 271 12.95 -49.02 -9.97
CA ALA G 271 13.88 -50.01 -10.49
C ALA G 271 13.81 -51.35 -9.79
N HIS G 272 13.05 -51.48 -8.71
CA HIS G 272 12.91 -52.76 -8.04
C HIS G 272 11.91 -53.66 -8.73
N ASN G 273 11.40 -53.25 -9.89
CA ASN G 273 10.53 -54.09 -10.69
C ASN G 273 11.33 -55.23 -11.31
N ARG G 274 10.65 -56.34 -11.58
CA ARG G 274 11.33 -57.50 -12.17
C ARG G 274 11.80 -57.19 -13.59
N GLY G 275 11.01 -56.42 -14.33
CA GLY G 275 11.38 -56.10 -15.71
C GLY G 275 12.66 -55.32 -15.80
N VAL G 276 12.87 -54.36 -14.89
CA VAL G 276 14.07 -53.55 -14.91
C VAL G 276 15.30 -54.41 -14.64
N LEU G 277 15.21 -55.29 -13.65
CA LEU G 277 16.34 -56.17 -13.34
C LEU G 277 16.64 -57.11 -14.51
N ASP G 278 15.59 -57.64 -15.14
CA ASP G 278 15.80 -58.51 -16.30
C ASP G 278 16.45 -57.76 -17.44
N MET G 279 16.02 -56.52 -17.69
CA MET G 279 16.63 -55.71 -18.73
C MET G 279 18.10 -55.42 -18.43
N VAL G 280 18.41 -55.13 -17.16
CA VAL G 280 19.80 -54.87 -16.79
C VAL G 280 20.65 -56.11 -17.02
N SER G 281 20.15 -57.28 -16.62
CA SER G 281 20.89 -58.51 -16.86
C SER G 281 21.09 -58.75 -18.36
N ARG G 282 20.05 -58.54 -19.15
CA ARG G 282 20.17 -58.74 -20.60
C ARG G 282 21.21 -57.80 -21.20
N LEU G 283 21.18 -56.53 -20.83
CA LEU G 283 22.14 -55.58 -21.37
C LEU G 283 23.55 -55.92 -20.95
N LYS G 284 23.75 -56.28 -19.68
CA LYS G 284 25.09 -56.61 -19.22
C LYS G 284 25.61 -57.88 -19.84
N GLN G 285 24.72 -58.80 -20.23
CA GLN G 285 25.15 -59.99 -20.95
C GLN G 285 25.50 -59.65 -22.40
N ALA G 286 24.71 -58.80 -23.04
CA ALA G 286 24.89 -58.56 -24.47
C ALA G 286 26.02 -57.58 -24.76
N VAL G 287 25.92 -56.37 -24.25
CA VAL G 287 26.89 -55.32 -24.56
C VAL G 287 27.61 -54.90 -23.28
N GLY G 288 27.75 -55.84 -22.35
CA GLY G 288 28.34 -55.52 -21.07
C GLY G 288 29.79 -55.09 -21.14
N GLU G 289 30.52 -55.54 -22.15
CA GLU G 289 31.95 -55.22 -22.23
C GLU G 289 32.21 -53.84 -22.83
N ARG G 290 31.49 -53.48 -23.90
CA ARG G 290 31.76 -52.19 -24.54
C ARG G 290 31.30 -51.03 -23.67
N VAL G 291 30.10 -51.12 -23.10
CA VAL G 291 29.53 -50.04 -22.31
C VAL G 291 29.24 -50.55 -20.91
N ASP G 292 29.06 -49.61 -19.99
CA ASP G 292 28.58 -49.91 -18.65
C ASP G 292 27.09 -49.67 -18.57
N VAL G 293 26.46 -50.29 -17.58
CA VAL G 293 25.02 -50.22 -17.39
C VAL G 293 24.74 -49.65 -16.01
N VAL G 294 23.89 -48.64 -15.94
CA VAL G 294 23.53 -47.99 -14.68
C VAL G 294 22.06 -48.27 -14.41
N GLY G 295 21.76 -48.75 -13.20
CA GLY G 295 20.39 -49.11 -12.87
C GLY G 295 19.52 -47.90 -12.60
N GLY G 296 18.21 -48.08 -12.80
CA GLY G 296 17.23 -47.07 -12.46
C GLY G 296 17.18 -46.67 -11.02
N ASN G 297 16.23 -45.81 -10.67
CA ASN G 297 16.20 -45.21 -9.35
C ASN G 297 15.72 -46.20 -8.30
N VAL G 298 16.45 -46.28 -7.19
CA VAL G 298 16.08 -47.08 -6.04
C VAL G 298 16.07 -46.18 -4.82
N ALA G 299 15.48 -46.68 -3.74
CA ALA G 299 15.46 -45.95 -2.48
C ALA G 299 15.67 -46.84 -1.26
N THR G 300 15.94 -48.13 -1.42
CA THR G 300 16.06 -49.04 -0.30
C THR G 300 17.30 -49.90 -0.44
N ARG G 301 17.69 -50.52 0.67
CA ARG G 301 18.82 -51.44 0.66
C ARG G 301 18.53 -52.65 -0.20
N ALA G 302 17.32 -53.19 -0.11
CA ALA G 302 16.97 -54.39 -0.87
C ALA G 302 16.99 -54.13 -2.37
N ALA G 303 16.48 -52.98 -2.80
CA ALA G 303 16.48 -52.66 -4.22
C ALA G 303 17.89 -52.52 -4.75
N ALA G 304 18.76 -51.87 -3.99
CA ALA G 304 20.15 -51.74 -4.40
C ALA G 304 20.83 -53.10 -4.47
N ALA G 305 20.55 -53.98 -3.51
CA ALA G 305 21.12 -55.31 -3.55
C ALA G 305 20.63 -56.09 -4.76
N ALA G 306 19.36 -55.94 -5.11
CA ALA G 306 18.82 -56.62 -6.28
C ALA G 306 19.47 -56.10 -7.56
N LEU G 307 19.66 -54.80 -7.66
CA LEU G 307 20.35 -54.25 -8.83
C LEU G 307 21.77 -54.74 -8.91
N VAL G 308 22.46 -54.80 -7.78
CA VAL G 308 23.84 -55.30 -7.77
C VAL G 308 23.90 -56.74 -8.22
N GLU G 309 22.98 -57.57 -7.72
CA GLU G 309 22.94 -58.97 -8.15
C GLU G 309 22.65 -59.08 -9.64
N ALA G 310 21.74 -58.24 -10.15
CA ALA G 310 21.39 -58.28 -11.56
C ALA G 310 22.57 -57.99 -12.47
N GLY G 311 23.58 -57.28 -11.98
CA GLY G 311 24.78 -57.02 -12.76
C GLY G 311 25.03 -55.57 -13.05
N ALA G 312 24.29 -54.68 -12.40
CA ALA G 312 24.45 -53.25 -12.64
C ALA G 312 25.84 -52.78 -12.25
N ASP G 313 26.38 -51.86 -13.04
CA ASP G 313 27.69 -51.30 -12.75
C ASP G 313 27.64 -50.12 -11.81
N ALA G 314 26.54 -49.37 -11.79
CA ALA G 314 26.33 -48.29 -10.85
C ALA G 314 24.85 -48.24 -10.52
N VAL G 315 24.54 -47.68 -9.34
CA VAL G 315 23.17 -47.63 -8.83
C VAL G 315 22.78 -46.17 -8.68
N LYS G 316 21.68 -45.78 -9.31
CA LYS G 316 21.14 -44.43 -9.20
C LYS G 316 20.08 -44.43 -8.11
N VAL G 317 20.18 -43.47 -7.19
CA VAL G 317 19.42 -43.48 -5.94
C VAL G 317 18.59 -42.22 -5.85
N GLY G 318 17.31 -42.40 -5.55
CA GLY G 318 16.38 -41.32 -5.29
C GLY G 318 15.02 -41.53 -5.90
N VAL G 319 13.98 -41.46 -5.07
CA VAL G 319 12.60 -41.64 -5.50
C VAL G 319 11.74 -40.61 -4.77
N GLY G 320 11.40 -39.53 -5.44
CA GLY G 320 10.64 -38.48 -4.81
C GLY G 320 11.27 -37.11 -4.71
N PRO G 321 12.55 -36.99 -4.34
CA PRO G 321 13.08 -35.68 -3.96
C PRO G 321 13.31 -34.71 -5.10
N GLY G 322 13.01 -35.07 -6.34
CA GLY G 322 13.19 -34.14 -7.44
C GLY G 322 12.36 -32.88 -7.26
N SER G 323 12.89 -31.77 -7.76
CA SER G 323 12.21 -30.48 -7.57
C SER G 323 10.96 -30.37 -8.44
N ILE G 324 10.92 -31.07 -9.56
CA ILE G 324 9.76 -31.04 -10.44
C ILE G 324 8.90 -32.30 -10.28
N CYS G 325 9.00 -32.97 -9.14
CA CYS G 325 8.34 -34.25 -8.91
C CYS G 325 7.18 -34.08 -7.93
N THR G 326 6.08 -34.79 -8.21
CA THR G 326 4.92 -34.82 -7.34
C THR G 326 4.55 -36.25 -6.96
N THR G 327 5.52 -37.16 -6.98
N THR G 327 5.52 -37.16 -6.98
CA THR G 327 5.25 -38.54 -6.62
CA THR G 327 5.25 -38.54 -6.62
C THR G 327 4.81 -38.66 -5.16
N ARG G 328 5.44 -37.90 -4.28
CA ARG G 328 5.11 -37.98 -2.87
C ARG G 328 3.76 -37.38 -2.55
N VAL G 329 3.17 -36.62 -3.46
CA VAL G 329 1.83 -36.08 -3.30
C VAL G 329 0.81 -36.90 -4.06
N VAL G 330 1.07 -37.20 -5.32
CA VAL G 330 0.13 -37.95 -6.13
C VAL G 330 0.05 -39.41 -5.66
N ALA G 331 1.19 -40.04 -5.45
CA ALA G 331 1.22 -41.43 -5.05
C ALA G 331 1.47 -41.63 -3.56
N GLY G 332 2.05 -40.64 -2.88
CA GLY G 332 2.37 -40.81 -1.48
C GLY G 332 3.51 -41.75 -1.22
N VAL G 333 4.39 -41.95 -2.19
CA VAL G 333 5.51 -42.89 -2.07
C VAL G 333 6.81 -42.11 -2.24
N GLY G 334 7.76 -42.36 -1.36
CA GLY G 334 9.04 -41.69 -1.46
C GLY G 334 9.95 -42.10 -0.32
N ALA G 335 11.12 -41.48 -0.29
CA ALA G 335 12.12 -41.72 0.74
C ALA G 335 13.07 -40.53 0.81
N PRO G 336 13.38 -40.03 2.00
CA PRO G 336 14.35 -38.93 2.11
C PRO G 336 15.71 -39.32 1.57
N GLN G 337 16.40 -38.34 0.99
CA GLN G 337 17.54 -38.66 0.13
C GLN G 337 18.75 -39.12 0.92
N ILE G 338 19.02 -38.51 2.08
CA ILE G 338 20.21 -38.89 2.84
C ILE G 338 20.08 -40.31 3.36
N THR G 339 18.92 -40.64 3.93
CA THR G 339 18.70 -41.99 4.43
C THR G 339 18.73 -43.01 3.31
N ALA G 340 18.13 -42.67 2.17
CA ALA G 340 18.14 -43.58 1.03
C ALA G 340 19.55 -43.83 0.54
N ILE G 341 20.37 -42.78 0.48
CA ILE G 341 21.76 -42.94 0.07
C ILE G 341 22.51 -43.81 1.06
N LEU G 342 22.28 -43.61 2.35
CA LEU G 342 22.96 -44.42 3.36
C LEU G 342 22.60 -45.89 3.21
N GLU G 343 21.32 -46.20 3.02
CA GLU G 343 20.90 -47.59 2.85
C GLU G 343 21.46 -48.19 1.57
N ALA G 344 21.40 -47.43 0.48
CA ALA G 344 21.91 -47.93 -0.79
C ALA G 344 23.40 -48.18 -0.72
N VAL G 345 24.15 -47.32 -0.03
CA VAL G 345 25.57 -47.53 0.12
C VAL G 345 25.84 -48.76 0.98
N ALA G 346 25.10 -48.92 2.07
CA ALA G 346 25.24 -50.12 2.89
C ALA G 346 24.96 -51.38 2.08
N ALA G 347 24.15 -51.27 1.04
CA ALA G 347 23.91 -52.42 0.18
C ALA G 347 24.98 -52.62 -0.89
N CYS G 348 25.54 -51.53 -1.42
CA CYS G 348 26.38 -51.61 -2.62
C CYS G 348 27.88 -51.61 -2.33
N LYS G 349 28.33 -50.91 -1.30
CA LYS G 349 29.77 -50.74 -1.10
C LYS G 349 30.56 -52.04 -0.96
N PRO G 350 30.08 -53.07 -0.24
CA PRO G 350 30.87 -54.31 -0.15
C PRO G 350 31.18 -54.95 -1.50
N TYR G 351 30.55 -54.52 -2.59
CA TYR G 351 30.83 -55.01 -3.92
C TYR G 351 31.56 -53.99 -4.78
N GLY G 352 31.78 -52.79 -4.28
CA GLY G 352 32.47 -51.78 -5.06
C GLY G 352 31.65 -51.16 -6.18
N VAL G 353 30.34 -51.05 -6.00
CA VAL G 353 29.44 -50.51 -7.01
C VAL G 353 29.14 -49.06 -6.65
N PRO G 354 29.47 -48.10 -7.52
CA PRO G 354 29.25 -46.70 -7.17
C PRO G 354 27.77 -46.33 -7.10
N VAL G 355 27.51 -45.24 -6.39
CA VAL G 355 26.17 -44.73 -6.16
C VAL G 355 26.08 -43.31 -6.71
N ILE G 356 24.99 -43.02 -7.41
CA ILE G 356 24.74 -41.71 -7.98
C ILE G 356 23.47 -41.15 -7.36
N ALA G 357 23.61 -40.08 -6.59
CA ALA G 357 22.48 -39.43 -5.97
C ALA G 357 21.76 -38.56 -6.99
N ASP G 358 20.49 -38.82 -7.25
CA ASP G 358 19.76 -38.19 -8.33
C ASP G 358 18.54 -37.46 -7.77
N GLY G 359 18.60 -36.14 -7.73
CA GLY G 359 17.46 -35.33 -7.37
C GLY G 359 17.59 -34.69 -6.01
N GLY G 360 16.97 -33.52 -5.87
CA GLY G 360 16.92 -32.82 -4.60
C GLY G 360 18.13 -31.97 -4.25
N LEU G 361 19.02 -31.69 -5.19
CA LEU G 361 20.21 -30.91 -4.92
C LEU G 361 19.98 -29.47 -5.36
N GLN G 362 20.08 -28.54 -4.42
CA GLN G 362 19.86 -27.13 -4.67
C GLN G 362 21.12 -26.27 -4.55
N TYR G 363 22.09 -26.70 -3.75
CA TYR G 363 23.31 -25.94 -3.53
C TYR G 363 24.50 -26.89 -3.59
N SER G 364 25.70 -26.31 -3.55
CA SER G 364 26.90 -27.14 -3.50
C SER G 364 27.06 -27.83 -2.16
N GLY G 365 26.51 -27.26 -1.11
CA GLY G 365 26.50 -27.94 0.17
C GLY G 365 25.73 -29.24 0.13
N ASP G 366 24.64 -29.27 -0.65
CA ASP G 366 23.91 -30.52 -0.83
C ASP G 366 24.77 -31.54 -1.56
N ILE G 367 25.57 -31.11 -2.53
CA ILE G 367 26.48 -32.02 -3.22
C ILE G 367 27.49 -32.59 -2.23
N ALA G 368 28.04 -31.74 -1.37
CA ALA G 368 28.98 -32.22 -0.37
C ALA G 368 28.34 -33.21 0.59
N LYS G 369 27.10 -32.92 1.01
CA LYS G 369 26.39 -33.83 1.90
C LYS G 369 26.12 -35.17 1.22
N ALA G 370 25.70 -35.14 -0.04
CA ALA G 370 25.43 -36.37 -0.77
C ALA G 370 26.68 -37.20 -0.94
N LEU G 371 27.81 -36.57 -1.26
CA LEU G 371 29.05 -37.33 -1.41
C LEU G 371 29.54 -37.84 -0.07
N ALA G 372 29.32 -37.11 1.02
CA ALA G 372 29.74 -37.57 2.34
C ALA G 372 28.86 -38.69 2.86
N ALA G 373 27.62 -38.80 2.41
CA ALA G 373 26.77 -39.89 2.83
C ALA G 373 27.19 -41.21 2.20
N GLY G 374 27.99 -41.19 1.15
CA GLY G 374 28.50 -42.41 0.57
C GLY G 374 28.39 -42.45 -0.94
N ALA G 375 27.64 -41.52 -1.52
CA ALA G 375 27.46 -41.48 -2.96
C ALA G 375 28.77 -41.14 -3.65
N SER G 376 29.01 -41.77 -4.79
CA SER G 376 30.21 -41.48 -5.57
C SER G 376 29.99 -40.38 -6.59
N THR G 377 28.76 -40.17 -7.05
CA THR G 377 28.48 -39.16 -8.06
C THR G 377 27.14 -38.51 -7.74
N ALA G 378 26.96 -37.28 -8.19
CA ALA G 378 25.71 -36.54 -8.01
C ALA G 378 25.19 -36.09 -9.36
N MET G 379 23.95 -36.44 -9.68
CA MET G 379 23.30 -36.04 -10.91
C MET G 379 22.48 -34.78 -10.67
N LEU G 380 22.59 -33.80 -11.56
CA LEU G 380 22.03 -32.48 -11.34
C LEU G 380 20.92 -32.18 -12.33
N GLY G 381 19.89 -31.49 -11.85
CA GLY G 381 18.74 -31.12 -12.64
C GLY G 381 18.63 -29.63 -12.86
N SER G 382 17.78 -28.98 -12.07
CA SER G 382 17.52 -27.56 -12.23
C SER G 382 18.77 -26.70 -12.11
N LEU G 383 19.80 -27.18 -11.40
CA LEU G 383 21.05 -26.43 -11.33
C LEU G 383 21.72 -26.30 -12.69
N LEU G 384 21.38 -27.17 -13.64
CA LEU G 384 21.91 -27.11 -15.00
C LEU G 384 20.86 -26.72 -16.03
N ALA G 385 19.57 -26.64 -15.65
CA ALA G 385 18.53 -26.35 -16.62
C ALA G 385 18.52 -24.88 -17.02
N GLY G 386 19.02 -24.00 -16.17
CA GLY G 386 19.01 -22.58 -16.42
C GLY G 386 20.23 -22.04 -17.13
N THR G 387 21.09 -22.89 -17.67
CA THR G 387 22.28 -22.43 -18.35
C THR G 387 22.03 -22.25 -19.85
N ALA G 388 23.04 -21.71 -20.54
CA ALA G 388 22.92 -21.50 -21.97
C ALA G 388 23.02 -22.80 -22.74
N GLU G 389 23.90 -23.70 -22.30
CA GLU G 389 24.09 -24.97 -23.00
C GLU G 389 22.88 -25.89 -22.91
N SER G 390 21.93 -25.60 -22.04
CA SER G 390 20.72 -26.41 -21.93
C SER G 390 19.78 -26.10 -23.09
N PRO G 391 19.14 -27.12 -23.66
CA PRO G 391 18.21 -26.87 -24.76
C PRO G 391 17.02 -26.05 -24.31
N GLY G 392 16.50 -25.24 -25.23
CA GLY G 392 15.37 -24.37 -24.92
C GLY G 392 15.64 -22.92 -25.27
N GLU G 393 14.56 -22.18 -25.51
CA GLU G 393 14.66 -20.78 -25.89
C GLU G 393 14.57 -19.87 -24.67
N LEU G 394 15.38 -18.82 -24.67
CA LEU G 394 15.35 -17.85 -23.59
C LEU G 394 14.00 -17.14 -23.56
N ILE G 395 13.46 -16.99 -22.36
CA ILE G 395 12.14 -16.40 -22.15
C ILE G 395 12.30 -15.12 -21.34
N PHE G 396 11.69 -14.04 -21.82
CA PHE G 396 11.82 -12.73 -21.20
C PHE G 396 10.53 -12.38 -20.48
N VAL G 397 10.65 -12.04 -19.19
CA VAL G 397 9.50 -11.65 -18.38
C VAL G 397 9.92 -10.49 -17.48
N ASN G 398 9.27 -9.34 -17.63
CA ASN G 398 9.49 -8.18 -16.77
C ASN G 398 10.96 -7.78 -16.73
N GLY G 399 11.63 -7.86 -17.89
CA GLY G 399 13.02 -7.49 -17.98
C GLY G 399 13.99 -8.52 -17.46
N LYS G 400 13.51 -9.66 -16.99
CA LYS G 400 14.34 -10.73 -16.46
C LYS G 400 14.28 -11.94 -17.38
N GLN G 401 15.24 -12.84 -17.20
CA GLN G 401 15.48 -13.93 -18.13
C GLN G 401 15.25 -15.26 -17.45
N PHE G 402 14.56 -16.18 -18.14
CA PHE G 402 14.24 -17.49 -17.62
C PHE G 402 14.32 -18.51 -18.75
N LYS G 403 14.25 -19.78 -18.38
CA LYS G 403 14.15 -20.86 -19.34
C LYS G 403 13.13 -21.88 -18.84
N SER G 404 12.60 -22.67 -19.76
CA SER G 404 11.62 -23.69 -19.41
C SER G 404 12.30 -24.87 -18.72
N TYR G 405 11.58 -25.48 -17.78
CA TYR G 405 12.06 -26.67 -17.09
C TYR G 405 10.86 -27.48 -16.65
N ARG G 406 10.80 -28.74 -17.05
CA ARG G 406 9.66 -29.58 -16.78
C ARG G 406 10.13 -31.00 -16.53
N GLY G 407 9.35 -31.74 -15.76
CA GLY G 407 9.64 -33.14 -15.55
C GLY G 407 9.24 -34.00 -16.72
N MET G 408 9.81 -35.20 -16.76
CA MET G 408 9.49 -36.12 -17.84
C MET G 408 8.13 -36.77 -17.66
N GLY G 409 7.68 -36.93 -16.43
CA GLY G 409 6.37 -37.47 -16.15
C GLY G 409 5.26 -36.47 -16.13
N SER G 410 5.55 -35.20 -16.41
CA SER G 410 4.53 -34.18 -16.46
C SER G 410 3.67 -34.34 -17.70
N LEU G 411 2.48 -33.72 -17.67
CA LEU G 411 1.54 -33.83 -18.78
C LEU G 411 2.11 -33.26 -20.06
N GLY G 412 2.96 -32.24 -19.96
CA GLY G 412 3.56 -31.68 -21.15
C GLY G 412 4.48 -32.65 -21.87
N ALA G 413 5.28 -33.40 -21.13
CA ALA G 413 6.24 -34.32 -21.73
C ALA G 413 5.63 -35.65 -22.13
N MET G 414 4.40 -35.93 -21.71
CA MET G 414 3.73 -37.15 -22.13
C MET G 414 3.34 -37.12 -23.60
N GLN G 415 3.39 -35.96 -24.24
CA GLN G 415 3.05 -35.83 -25.65
C GLN G 415 4.29 -35.90 -26.53
N LEU G 439 -4.22 -40.21 -18.31
CA LEU G 439 -2.84 -40.06 -17.83
C LEU G 439 -2.81 -39.39 -16.47
N VAL G 440 -2.03 -39.95 -15.55
CA VAL G 440 -1.83 -39.38 -14.22
C VAL G 440 -0.41 -38.82 -14.16
N PRO G 441 -0.23 -37.51 -14.23
CA PRO G 441 1.11 -36.94 -14.23
C PRO G 441 1.74 -36.93 -12.84
N GLU G 442 3.05 -37.17 -12.81
CA GLU G 442 3.83 -37.14 -11.58
C GLU G 442 4.99 -36.18 -11.73
N GLY G 443 4.70 -35.02 -12.31
CA GLY G 443 5.67 -33.96 -12.54
C GLY G 443 4.93 -32.69 -12.85
N ILE G 444 5.66 -31.59 -12.93
CA ILE G 444 5.10 -30.28 -13.18
C ILE G 444 5.95 -29.57 -14.23
N GLU G 445 5.54 -28.34 -14.57
CA GLU G 445 6.23 -27.52 -15.54
C GLU G 445 6.50 -26.16 -14.90
N GLY G 446 7.55 -25.49 -15.34
CA GLY G 446 7.85 -24.20 -14.77
C GLY G 446 9.02 -23.54 -15.47
N ARG G 447 9.51 -22.47 -14.86
CA ARG G 447 10.62 -21.70 -15.39
C ARG G 447 11.69 -21.54 -14.33
N VAL G 448 12.94 -21.53 -14.78
CA VAL G 448 14.10 -21.35 -13.91
C VAL G 448 14.91 -20.17 -14.42
N PRO G 449 15.41 -19.30 -13.55
CA PRO G 449 16.13 -18.11 -14.03
C PRO G 449 17.40 -18.49 -14.77
N PHE G 450 17.74 -17.68 -15.77
CA PHE G 450 18.93 -17.89 -16.57
C PHE G 450 20.18 -17.70 -15.72
N ARG G 451 21.15 -18.59 -15.89
CA ARG G 451 22.35 -18.58 -15.05
C ARG G 451 23.63 -18.32 -15.81
N GLY G 452 23.62 -18.35 -17.13
CA GLY G 452 24.81 -18.08 -17.89
C GLY G 452 25.49 -19.33 -18.41
N PRO G 453 26.76 -19.24 -18.72
CA PRO G 453 27.49 -20.41 -19.24
C PRO G 453 27.60 -21.51 -18.19
N LEU G 454 27.63 -22.75 -18.69
CA LEU G 454 27.67 -23.90 -17.79
C LEU G 454 28.97 -23.97 -17.02
N GLY G 455 30.08 -23.58 -17.63
CA GLY G 455 31.37 -23.69 -16.98
C GLY G 455 31.45 -22.91 -15.69
N THR G 456 30.85 -21.72 -15.66
CA THR G 456 30.85 -20.92 -14.44
C THR G 456 30.11 -21.62 -13.31
N VAL G 457 28.94 -22.17 -13.61
CA VAL G 457 28.17 -22.88 -12.60
C VAL G 457 28.94 -24.09 -12.10
N ILE G 458 29.56 -24.85 -13.01
CA ILE G 458 30.32 -26.02 -12.60
C ILE G 458 31.49 -25.61 -11.72
N HIS G 459 32.15 -24.50 -12.04
CA HIS G 459 33.27 -24.05 -11.23
C HIS G 459 32.81 -23.60 -9.85
N GLN G 460 31.66 -22.95 -9.77
CA GLN G 460 31.14 -22.55 -8.46
C GLN G 460 30.79 -23.76 -7.60
N LEU G 461 30.14 -24.75 -8.19
CA LEU G 461 29.81 -25.97 -7.45
C LEU G 461 31.07 -26.69 -7.01
N THR G 462 32.07 -26.79 -7.87
CA THR G 462 33.33 -27.43 -7.51
C THR G 462 34.05 -26.64 -6.42
N GLY G 463 33.95 -25.32 -6.44
CA GLY G 463 34.55 -24.54 -5.39
C GLY G 463 33.90 -24.78 -4.04
N GLY G 464 32.57 -24.87 -4.02
CA GLY G 464 31.89 -25.22 -2.79
C GLY G 464 32.29 -26.59 -2.29
N LEU G 465 32.39 -27.57 -3.19
CA LEU G 465 32.82 -28.90 -2.79
C LEU G 465 34.24 -28.89 -2.26
N ARG G 466 35.13 -28.12 -2.87
CA ARG G 466 36.51 -28.03 -2.41
C ARG G 466 36.58 -27.38 -1.03
N ALA G 467 35.76 -26.35 -0.80
CA ALA G 467 35.70 -25.76 0.53
C ALA G 467 35.24 -26.78 1.56
N ALA G 468 34.24 -27.59 1.23
CA ALA G 468 33.80 -28.63 2.16
C ALA G 468 34.91 -29.64 2.42
N MET G 469 35.64 -30.03 1.39
CA MET G 469 36.75 -30.97 1.58
C MET G 469 37.83 -30.39 2.46
N GLY G 470 38.12 -29.10 2.29
CA GLY G 470 39.07 -28.45 3.17
C GLY G 470 38.58 -28.37 4.60
N TYR G 471 37.28 -28.17 4.79
CA TYR G 471 36.72 -28.10 6.13
C TYR G 471 36.78 -29.45 6.83
N THR G 472 36.53 -30.53 6.11
CA THR G 472 36.49 -31.85 6.72
C THR G 472 37.82 -32.58 6.67
N GLY G 473 38.86 -31.97 6.13
CA GLY G 473 40.16 -32.62 6.04
C GLY G 473 40.17 -33.84 5.14
N SER G 474 39.51 -33.75 3.99
CA SER G 474 39.40 -34.86 3.06
C SER G 474 40.27 -34.59 1.85
N ALA G 475 41.29 -35.44 1.65
CA ALA G 475 42.15 -35.28 0.49
C ALA G 475 41.50 -35.79 -0.78
N THR G 476 40.70 -36.85 -0.70
CA THR G 476 40.03 -37.45 -1.83
C THR G 476 38.56 -37.63 -1.51
N ILE G 477 37.78 -37.94 -2.54
CA ILE G 477 36.36 -38.22 -2.35
C ILE G 477 36.18 -39.47 -1.50
N GLU G 478 37.06 -40.45 -1.64
CA GLU G 478 36.98 -41.64 -0.82
C GLU G 478 37.16 -41.32 0.66
N GLN G 479 37.82 -40.21 0.99
CA GLN G 479 37.93 -39.78 2.36
C GLN G 479 36.78 -38.88 2.78
N LEU G 480 36.22 -38.12 1.83
CA LEU G 480 35.02 -37.35 2.12
C LEU G 480 33.85 -38.26 2.43
N GLN G 481 33.85 -39.47 1.87
CA GLN G 481 32.78 -40.42 2.12
C GLN G 481 32.82 -40.99 3.53
N GLN G 482 33.85 -40.67 4.32
CA GLN G 482 33.93 -41.11 5.70
C GLN G 482 33.70 -39.99 6.69
N ALA G 483 33.19 -38.85 6.23
CA ALA G 483 32.92 -37.74 7.13
C ALA G 483 31.72 -38.05 8.02
N GLN G 484 31.58 -37.27 9.09
CA GLN G 484 30.53 -37.48 10.07
C GLN G 484 29.46 -36.40 9.90
N PHE G 485 28.30 -36.66 10.48
CA PHE G 485 27.15 -35.78 10.33
C PHE G 485 26.67 -35.30 11.70
N VAL G 486 26.01 -34.17 11.71
CA VAL G 486 25.31 -33.68 12.89
C VAL G 486 23.87 -33.39 12.51
N GLN G 487 22.94 -33.95 13.28
CA GLN G 487 21.51 -33.74 13.05
C GLN G 487 21.09 -32.41 13.64
N ILE G 488 20.33 -31.64 12.88
CA ILE G 488 19.88 -30.32 13.32
C ILE G 488 18.36 -30.27 13.26
N THR G 489 17.79 -29.37 14.04
CA THR G 489 16.36 -29.15 14.10
C THR G 489 15.97 -27.97 13.21
N ALA G 490 14.68 -27.64 13.20
CA ALA G 490 14.20 -26.56 12.34
C ALA G 490 14.82 -25.22 12.72
N ALA G 491 15.00 -24.98 14.02
CA ALA G 491 15.65 -23.76 14.45
C ALA G 491 17.07 -23.67 13.92
N GLY G 492 17.81 -24.77 14.00
CA GLY G 492 19.13 -24.79 13.39
C GLY G 492 19.07 -24.65 11.89
N LEU G 493 18.01 -25.17 11.27
CA LEU G 493 17.86 -25.06 9.82
C LEU G 493 17.71 -23.61 9.40
N LYS G 494 16.94 -22.83 10.15
CA LYS G 494 16.82 -21.41 9.81
C LYS G 494 17.95 -20.56 10.38
N GLU G 495 18.75 -21.10 11.29
CA GLU G 495 19.98 -20.42 11.69
C GLU G 495 21.06 -20.59 10.63
N SER G 496 21.07 -21.71 9.92
CA SER G 496 22.13 -21.98 8.95
C SER G 496 22.13 -20.95 7.82
N HIS G 497 20.95 -20.63 7.29
CA HIS G 497 20.85 -19.60 6.28
C HIS G 497 21.06 -18.23 6.91
N PRO G 498 21.46 -17.24 6.13
CA PRO G 498 21.58 -15.87 6.66
C PRO G 498 20.26 -15.38 7.22
N HIS G 499 20.34 -14.68 8.35
CA HIS G 499 19.16 -14.29 9.10
C HIS G 499 19.29 -12.86 9.60
N ASP G 500 18.17 -12.13 9.58
CA ASP G 500 18.08 -10.77 10.11
C ASP G 500 19.07 -9.83 9.41
N ILE G 501 19.26 -10.04 8.11
CA ILE G 501 20.09 -9.16 7.30
C ILE G 501 19.40 -8.95 5.96
N THR G 502 19.32 -7.69 5.52
CA THR G 502 18.70 -7.35 4.24
C THR G 502 19.76 -7.42 3.16
N MET G 503 19.89 -8.58 2.53
CA MET G 503 20.93 -8.77 1.52
C MET G 503 20.75 -7.81 0.36
N THR G 504 21.82 -7.07 0.04
CA THR G 504 21.74 -5.97 -0.90
C THR G 504 22.14 -6.33 -2.32
N VAL G 505 22.82 -7.45 -2.52
CA VAL G 505 23.21 -7.90 -3.86
C VAL G 505 23.38 -9.41 -3.84
N GLU G 506 22.95 -10.06 -4.92
CA GLU G 506 22.95 -11.51 -4.99
C GLU G 506 24.37 -12.03 -5.21
N ALA G 507 24.76 -13.02 -4.40
CA ALA G 507 26.07 -13.64 -4.50
C ALA G 507 26.11 -14.64 -5.65
N PRO G 508 27.28 -14.86 -6.24
CA PRO G 508 27.37 -15.81 -7.35
C PRO G 508 27.05 -17.25 -6.95
N ASN G 509 27.13 -17.58 -5.65
CA ASN G 509 26.91 -18.93 -5.18
C ASN G 509 25.65 -19.10 -4.35
N TYR G 510 25.10 -18.02 -3.79
CA TYR G 510 23.91 -18.08 -2.95
C TYR G 510 22.90 -17.05 -3.45
N TYR G 511 21.66 -17.49 -3.63
CA TYR G 511 20.59 -16.64 -4.13
C TYR G 511 19.51 -16.47 -3.07
N THR G 512 18.73 -15.41 -3.24
CA THR G 512 17.62 -15.14 -2.34
C THR G 512 16.37 -15.90 -2.77
N VAL H 12 18.09 -53.91 13.55
CA VAL H 12 19.54 -54.00 13.33
C VAL H 12 20.12 -52.70 12.75
N PRO H 13 19.57 -52.18 11.66
CA PRO H 13 20.11 -50.93 11.11
C PRO H 13 19.82 -49.74 12.00
N VAL H 14 20.62 -48.69 11.83
CA VAL H 14 20.40 -47.44 12.54
C VAL H 14 19.06 -46.85 12.09
N PRO H 15 18.24 -46.29 12.98
CA PRO H 15 16.94 -45.79 12.56
C PRO H 15 17.00 -44.68 11.53
N THR H 16 18.11 -43.97 11.40
CA THR H 16 18.26 -42.91 10.42
C THR H 16 18.99 -43.37 9.17
N GLY H 17 19.30 -44.67 9.05
CA GLY H 17 19.91 -45.19 7.85
C GLY H 17 21.29 -45.79 8.05
N GLY H 18 21.61 -46.82 7.30
CA GLY H 18 22.93 -47.41 7.35
C GLY H 18 23.13 -48.33 8.53
N ASP H 19 24.35 -48.86 8.63
CA ASP H 19 24.72 -49.76 9.71
C ASP H 19 25.65 -49.14 10.72
N ASP H 20 26.15 -47.93 10.49
CA ASP H 20 27.12 -47.31 11.38
C ASP H 20 26.41 -46.37 12.33
N PRO H 21 26.40 -46.63 13.64
CA PRO H 21 25.71 -45.73 14.57
C PRO H 21 26.39 -44.39 14.77
N THR H 22 27.64 -44.23 14.31
CA THR H 22 28.37 -42.99 14.50
C THR H 22 28.41 -42.13 13.24
N LYS H 23 27.70 -42.52 12.19
CA LYS H 23 27.66 -41.68 10.99
C LYS H 23 26.97 -40.36 11.28
N VAL H 24 25.86 -40.39 12.01
CA VAL H 24 25.22 -39.19 12.53
C VAL H 24 25.64 -39.10 13.99
N ALA H 25 26.64 -38.28 14.27
CA ALA H 25 27.30 -38.32 15.56
C ALA H 25 26.36 -37.92 16.69
N MET H 26 25.64 -36.82 16.54
CA MET H 26 24.82 -36.31 17.63
C MET H 26 23.73 -35.42 17.07
N LEU H 27 22.89 -34.91 17.96
CA LEU H 27 21.83 -33.97 17.62
C LEU H 27 22.20 -32.60 18.14
N GLY H 28 22.18 -31.60 17.26
CA GLY H 28 22.68 -30.28 17.58
C GLY H 28 21.59 -29.33 17.98
N LEU H 29 21.79 -28.66 19.12
CA LEU H 29 20.88 -27.64 19.62
C LEU H 29 21.44 -26.26 19.35
N THR H 30 20.58 -25.34 18.97
CA THR H 30 20.93 -23.95 18.79
C THR H 30 20.29 -23.11 19.88
N PHE H 31 20.42 -21.79 19.79
CA PHE H 31 19.91 -20.91 20.83
C PHE H 31 18.40 -20.99 20.93
N ASP H 32 17.71 -21.15 19.80
CA ASP H 32 16.26 -21.17 19.81
C ASP H 32 15.69 -22.49 20.32
N ASP H 33 16.51 -23.51 20.53
CA ASP H 33 16.04 -24.81 20.96
C ASP H 33 15.92 -24.95 22.47
N VAL H 34 16.46 -24.03 23.25
CA VAL H 34 16.55 -24.21 24.69
C VAL H 34 16.08 -22.95 25.40
N LEU H 35 15.78 -23.10 26.69
CA LEU H 35 15.46 -22.00 27.57
C LEU H 35 16.12 -22.25 28.92
N LEU H 36 16.25 -21.20 29.71
CA LEU H 36 16.86 -21.30 31.03
C LEU H 36 15.80 -21.58 32.08
N LEU H 37 16.05 -22.57 32.90
CA LEU H 37 15.10 -22.93 33.96
C LEU H 37 15.26 -22.03 35.16
N PRO H 38 14.17 -21.44 35.67
CA PRO H 38 14.27 -20.69 36.93
C PRO H 38 14.66 -21.60 38.08
N ALA H 39 15.37 -21.02 39.04
CA ALA H 39 15.88 -21.78 40.18
C ALA H 39 15.80 -20.91 41.42
N ALA H 40 16.17 -21.48 42.57
CA ALA H 40 16.15 -20.76 43.83
C ALA H 40 17.08 -19.56 43.76
N SER H 41 16.52 -18.37 43.90
CA SER H 41 17.24 -17.13 43.67
C SER H 41 17.23 -16.26 44.91
N ASP H 42 18.39 -15.72 45.26
CA ASP H 42 18.53 -14.70 46.29
C ASP H 42 19.29 -13.49 45.76
N VAL H 43 19.33 -13.32 44.44
CA VAL H 43 20.14 -12.32 43.77
C VAL H 43 19.24 -11.24 43.21
N VAL H 44 19.55 -10.00 43.52
CA VAL H 44 18.86 -8.84 42.95
C VAL H 44 19.46 -8.58 41.58
N PRO H 45 18.65 -8.33 40.55
CA PRO H 45 19.22 -8.11 39.21
C PRO H 45 20.19 -6.94 39.15
N ALA H 46 20.02 -5.92 39.97
CA ALA H 46 20.92 -4.77 39.93
C ALA H 46 22.20 -4.99 40.71
N THR H 47 22.28 -6.02 41.55
CA THR H 47 23.46 -6.31 42.35
C THR H 47 24.25 -7.50 41.83
N ALA H 48 23.90 -8.03 40.67
CA ALA H 48 24.59 -9.17 40.11
C ALA H 48 25.93 -8.74 39.50
N ASP H 49 26.98 -9.48 39.83
CA ASP H 49 28.31 -9.20 39.29
C ASP H 49 28.48 -9.95 37.98
N THR H 50 28.74 -9.21 36.91
CA THR H 50 28.84 -9.79 35.57
C THR H 50 30.28 -9.82 35.06
N SER H 51 31.26 -9.88 35.94
CA SER H 51 32.65 -9.96 35.51
C SER H 51 32.98 -11.38 35.07
N SER H 52 33.77 -11.49 34.00
CA SER H 52 34.13 -12.78 33.42
C SER H 52 35.54 -12.74 32.87
N GLN H 53 36.18 -13.90 32.84
CA GLN H 53 37.54 -14.03 32.34
C GLN H 53 37.53 -14.09 30.82
N LEU H 54 37.98 -13.03 30.17
CA LEU H 54 38.15 -13.06 28.72
C LEU H 54 39.23 -14.06 28.33
N THR H 55 40.38 -13.98 28.97
CA THR H 55 41.45 -14.96 28.83
C THR H 55 41.86 -15.45 30.20
N LYS H 56 42.93 -16.23 30.27
CA LYS H 56 43.43 -16.70 31.56
C LYS H 56 43.98 -15.56 32.41
N ARG H 57 44.35 -14.43 31.80
CA ARG H 57 44.98 -13.34 32.53
C ARG H 57 44.28 -12.00 32.33
N ILE H 58 43.10 -11.98 31.73
CA ILE H 58 42.35 -10.75 31.50
C ILE H 58 40.91 -10.96 31.97
N ARG H 59 40.39 -10.00 32.71
CA ARG H 59 39.03 -10.05 33.23
C ARG H 59 38.28 -8.80 32.81
N LEU H 60 37.08 -8.97 32.27
CA LEU H 60 36.25 -7.86 31.82
C LEU H 60 35.09 -7.64 32.78
N ARG H 61 34.62 -6.41 32.84
CA ARG H 61 33.47 -6.09 33.68
C ARG H 61 32.16 -6.48 33.01
N VAL H 62 32.09 -6.40 31.69
CA VAL H 62 30.95 -6.85 30.92
C VAL H 62 31.46 -7.88 29.91
N PRO H 63 31.00 -9.12 29.94
CA PRO H 63 31.58 -10.17 29.08
C PRO H 63 31.13 -10.07 27.63
N LEU H 64 31.55 -9.00 26.97
CA LEU H 64 31.23 -8.79 25.56
C LEU H 64 32.48 -8.34 24.82
N VAL H 65 32.59 -8.74 23.57
CA VAL H 65 33.74 -8.42 22.72
C VAL H 65 33.21 -8.08 21.33
N SER H 66 33.81 -7.08 20.70
CA SER H 66 33.39 -6.70 19.37
C SER H 66 34.04 -7.57 18.31
N SER H 67 33.31 -7.83 17.24
CA SER H 67 33.81 -8.70 16.17
C SER H 67 34.91 -8.00 15.37
N ALA H 68 35.90 -8.79 14.94
CA ALA H 68 37.01 -8.28 14.15
C ALA H 68 36.62 -8.23 12.68
N MET H 69 35.67 -7.36 12.38
CA MET H 69 35.10 -7.23 11.05
C MET H 69 35.24 -5.81 10.54
N ASP H 70 35.39 -5.67 9.22
CA ASP H 70 35.67 -4.38 8.62
C ASP H 70 34.51 -3.40 8.71
N THR H 71 33.32 -3.86 9.06
CA THR H 71 32.17 -2.99 9.25
C THR H 71 31.73 -2.94 10.70
N VAL H 72 32.54 -3.43 11.63
CA VAL H 72 32.15 -3.50 13.03
C VAL H 72 33.14 -2.78 13.92
N THR H 73 34.41 -3.15 13.86
CA THR H 73 35.39 -2.68 14.84
C THR H 73 36.52 -1.93 14.15
N GLU H 74 36.74 -0.70 14.59
CA GLU H 74 37.94 0.08 14.29
C GLU H 74 38.31 0.81 15.58
N SER H 75 39.19 1.81 15.48
CA SER H 75 39.70 2.45 16.69
C SER H 75 38.57 3.09 17.50
N ARG H 76 37.60 3.71 16.82
CA ARG H 76 36.50 4.34 17.54
C ARG H 76 35.68 3.29 18.30
N MET H 77 35.32 2.21 17.61
CA MET H 77 34.54 1.14 18.24
C MET H 77 35.34 0.45 19.33
N ALA H 78 36.63 0.24 19.11
CA ALA H 78 37.46 -0.37 20.14
C ALA H 78 37.51 0.49 21.39
N ILE H 79 37.66 1.80 21.23
CA ILE H 79 37.68 2.70 22.37
C ILE H 79 36.34 2.66 23.09
N ALA H 80 35.24 2.72 22.34
CA ALA H 80 33.93 2.70 22.96
C ALA H 80 33.69 1.41 23.72
N MET H 81 34.09 0.27 23.16
CA MET H 81 33.92 -1.01 23.83
C MET H 81 34.78 -1.10 25.09
N ALA H 82 36.03 -0.66 25.01
CA ALA H 82 36.89 -0.70 26.18
C ALA H 82 36.36 0.21 27.28
N ARG H 83 35.74 1.33 26.91
CA ARG H 83 35.16 2.21 27.92
C ARG H 83 33.87 1.64 28.50
N ALA H 84 33.09 0.93 27.68
CA ALA H 84 31.84 0.34 28.15
C ALA H 84 32.05 -0.83 29.11
N GLY H 85 33.27 -1.34 29.21
CA GLY H 85 33.57 -2.45 30.08
C GLY H 85 33.95 -3.73 29.38
N GLY H 86 33.96 -3.74 28.05
CA GLY H 86 34.33 -4.92 27.30
C GLY H 86 35.69 -4.81 26.66
N MET H 87 35.77 -5.11 25.37
CA MET H 87 37.02 -5.01 24.63
C MET H 87 36.68 -4.98 23.15
N GLY H 88 37.66 -4.59 22.34
CA GLY H 88 37.50 -4.57 20.90
C GLY H 88 38.66 -5.26 20.21
N VAL H 89 38.35 -5.97 19.13
CA VAL H 89 39.35 -6.65 18.33
C VAL H 89 39.34 -6.01 16.95
N LEU H 90 40.46 -5.40 16.57
CA LEU H 90 40.55 -4.69 15.31
C LEU H 90 40.64 -5.65 14.14
N HIS H 91 39.92 -5.37 13.07
CA HIS H 91 39.94 -6.21 11.90
C HIS H 91 41.22 -6.03 11.11
N ARG H 92 41.60 -7.06 10.36
CA ARG H 92 42.87 -7.08 9.63
C ARG H 92 42.67 -6.93 8.12
N ASN H 93 41.58 -6.33 7.69
CA ASN H 93 41.36 -6.11 6.26
C ASN H 93 41.93 -4.76 5.85
N LEU H 94 43.18 -4.52 6.22
CA LEU H 94 43.87 -3.27 5.95
C LEU H 94 45.36 -3.48 6.11
N PRO H 95 46.20 -2.56 5.62
CA PRO H 95 47.66 -2.74 5.71
C PRO H 95 48.18 -2.75 7.14
N VAL H 96 49.33 -3.42 7.30
CA VAL H 96 49.91 -3.60 8.63
C VAL H 96 50.16 -2.28 9.32
N ALA H 97 50.69 -1.30 8.58
CA ALA H 97 51.01 -0.01 9.18
C ALA H 97 49.77 0.68 9.72
N GLU H 98 48.66 0.61 8.98
CA GLU H 98 47.42 1.22 9.45
C GLU H 98 46.92 0.53 10.71
N GLN H 99 47.00 -0.79 10.78
CA GLN H 99 46.54 -1.50 11.97
C GLN H 99 47.42 -1.15 13.17
N ALA H 100 48.72 -1.04 12.98
CA ALA H 100 49.59 -0.61 14.07
C ALA H 100 49.25 0.80 14.51
N GLY H 101 48.92 1.66 13.56
CA GLY H 101 48.48 3.01 13.91
C GLY H 101 47.20 2.98 14.72
N GLN H 102 46.26 2.12 14.34
CA GLN H 102 45.02 1.98 15.10
C GLN H 102 45.30 1.50 16.52
N VAL H 103 46.19 0.53 16.67
CA VAL H 103 46.55 0.03 17.99
C VAL H 103 47.14 1.14 18.84
N GLU H 104 48.07 1.91 18.25
CA GLU H 104 48.69 3.01 18.98
C GLU H 104 47.66 4.07 19.37
N THR H 105 46.74 4.38 18.45
CA THR H 105 45.69 5.35 18.74
C THR H 105 44.83 4.89 19.92
N VAL H 106 44.47 3.61 19.94
CA VAL H 106 43.66 3.10 21.04
C VAL H 106 44.44 3.14 22.35
N LYS H 107 45.72 2.75 22.32
CA LYS H 107 46.50 2.70 23.55
C LYS H 107 46.80 4.10 24.09
N ARG H 108 46.89 5.10 23.22
CA ARG H 108 47.27 6.44 23.68
C ARG H 108 46.14 7.15 24.40
N SER H 109 44.89 6.90 24.01
CA SER H 109 43.75 7.55 24.65
C SER H 109 43.56 7.03 26.08
N THR H 223 37.50 10.78 32.89
CA THR H 223 38.12 10.12 34.03
C THR H 223 37.09 9.31 34.81
N GLU H 224 36.09 9.99 35.37
CA GLU H 224 35.05 9.36 36.16
C GLU H 224 33.83 8.97 35.33
N GLN H 225 33.85 9.19 34.02
CA GLN H 225 32.66 8.91 33.21
C GLN H 225 32.43 7.42 33.02
N PHE H 226 33.49 6.62 33.02
CA PHE H 226 33.41 5.20 32.68
C PHE H 226 34.10 4.40 33.78
N PRO H 227 33.40 4.13 34.88
CA PRO H 227 34.01 3.34 35.96
C PRO H 227 34.35 1.91 35.59
N LEU H 228 33.68 1.33 34.60
CA LEU H 228 33.83 -0.08 34.26
C LEU H 228 34.85 -0.31 33.16
N SER H 229 35.56 0.73 32.73
CA SER H 229 36.49 0.58 31.61
C SER H 229 37.59 -0.42 31.93
N THR H 230 37.99 -1.18 30.92
CA THR H 230 39.02 -2.21 31.07
C THR H 230 40.37 -1.62 30.70
N LYS H 231 41.33 -1.76 31.61
CA LYS H 231 42.65 -1.17 31.44
C LYS H 231 43.71 -2.11 31.97
N ASP H 232 44.94 -1.91 31.51
CA ASP H 232 46.08 -2.67 31.98
C ASP H 232 46.71 -1.99 33.20
N SER H 233 47.89 -2.45 33.59
CA SER H 233 48.59 -1.82 34.71
C SER H 233 48.96 -0.38 34.40
N ASP H 234 49.27 -0.07 33.14
CA ASP H 234 49.63 1.28 32.75
C ASP H 234 48.43 2.21 32.59
N GLY H 235 47.22 1.75 32.91
CA GLY H 235 46.07 2.61 32.92
C GLY H 235 45.54 3.01 31.57
N ARG H 236 45.83 2.24 30.54
CA ARG H 236 45.37 2.55 29.18
C ARG H 236 44.41 1.47 28.71
N LEU H 237 43.49 1.86 27.83
CA LEU H 237 42.42 0.98 27.39
C LEU H 237 42.98 -0.25 26.70
N LEU H 238 42.46 -1.43 27.06
CA LEU H 238 42.86 -2.68 26.43
C LEU H 238 42.32 -2.73 25.01
N VAL H 239 42.97 -3.56 24.19
CA VAL H 239 42.58 -3.71 22.79
C VAL H 239 43.10 -5.06 22.30
N GLY H 240 42.47 -5.58 21.24
CA GLY H 240 42.90 -6.82 20.64
C GLY H 240 43.10 -6.65 19.15
N ALA H 241 43.94 -7.50 18.59
CA ALA H 241 44.26 -7.43 17.17
C ALA H 241 44.17 -8.80 16.54
N ALA H 242 43.60 -8.85 15.34
CA ALA H 242 43.36 -10.10 14.63
C ALA H 242 44.44 -10.31 13.58
N VAL H 243 45.01 -11.52 13.56
CA VAL H 243 46.05 -11.87 12.60
C VAL H 243 45.67 -13.18 11.92
N GLY H 244 46.29 -13.43 10.78
CA GLY H 244 46.07 -14.62 9.99
C GLY H 244 47.08 -15.69 10.28
N VAL H 245 47.42 -16.46 9.24
CA VAL H 245 48.42 -17.53 9.33
C VAL H 245 49.43 -17.33 8.21
N GLY H 246 50.71 -17.40 8.56
CA GLY H 246 51.77 -17.25 7.56
C GLY H 246 52.90 -16.36 8.01
N ASP H 247 53.98 -16.30 7.23
CA ASP H 247 55.10 -15.44 7.57
C ASP H 247 54.72 -13.97 7.46
N ASP H 248 53.86 -13.62 6.49
CA ASP H 248 53.29 -12.28 6.47
C ASP H 248 52.49 -12.01 7.72
N ALA H 249 51.70 -12.98 8.15
CA ALA H 249 51.00 -12.88 9.42
C ALA H 249 51.97 -12.78 10.58
N TRP H 250 53.11 -13.45 10.50
CA TRP H 250 54.12 -13.33 11.55
C TRP H 250 54.67 -11.91 11.62
N THR H 251 54.93 -11.30 10.47
CA THR H 251 55.38 -9.91 10.46
C THR H 251 54.31 -9.00 11.05
N ARG H 252 53.06 -9.21 10.68
CA ARG H 252 51.98 -8.40 11.22
C ARG H 252 51.88 -8.57 12.73
N ALA H 253 52.00 -9.80 13.22
CA ALA H 253 51.91 -10.05 14.64
C ALA H 253 53.04 -9.38 15.39
N MET H 254 54.26 -9.48 14.88
CA MET H 254 55.39 -8.84 15.55
C MET H 254 55.24 -7.32 15.56
N THR H 255 54.77 -6.75 14.45
CA THR H 255 54.53 -5.31 14.42
C THR H 255 53.49 -4.90 15.45
N LEU H 256 52.39 -5.67 15.56
CA LEU H 256 51.34 -5.34 16.51
C LEU H 256 51.80 -5.52 17.95
N VAL H 257 52.65 -6.51 18.21
CA VAL H 257 53.22 -6.66 19.55
C VAL H 257 54.09 -5.46 19.88
N ASP H 258 54.89 -5.01 18.90
CA ASP H 258 55.69 -3.81 19.12
C ASP H 258 54.80 -2.60 19.40
N ALA H 259 53.68 -2.49 18.69
CA ALA H 259 52.74 -1.40 18.90
C ALA H 259 52.07 -1.46 20.25
N GLY H 260 52.15 -2.58 20.97
CA GLY H 260 51.63 -2.66 22.32
C GLY H 260 50.24 -3.23 22.49
N VAL H 261 49.74 -4.03 21.54
CA VAL H 261 48.41 -4.61 21.76
C VAL H 261 48.47 -5.64 22.88
N ASP H 262 47.32 -5.92 23.48
CA ASP H 262 47.26 -6.79 24.64
C ASP H 262 46.94 -8.24 24.30
N VAL H 263 46.19 -8.49 23.23
CA VAL H 263 45.79 -9.87 22.90
C VAL H 263 45.74 -10.01 21.38
N LEU H 264 46.28 -11.11 20.89
CA LEU H 264 46.30 -11.45 19.47
C LEU H 264 45.35 -12.60 19.22
N ILE H 265 44.44 -12.41 18.27
CA ILE H 265 43.46 -13.42 17.89
C ILE H 265 43.91 -14.02 16.57
N VAL H 266 44.31 -15.29 16.61
CA VAL H 266 44.64 -16.02 15.38
C VAL H 266 43.33 -16.36 14.69
N ASP H 267 42.96 -15.59 13.67
CA ASP H 267 41.64 -15.65 13.07
C ASP H 267 41.66 -16.56 11.85
N THR H 268 40.98 -17.69 11.94
CA THR H 268 40.82 -18.60 10.82
C THR H 268 39.40 -19.14 10.81
N ALA H 269 38.92 -19.47 9.61
CA ALA H 269 37.60 -20.08 9.49
C ALA H 269 37.59 -21.48 10.10
N HIS H 270 38.69 -22.22 9.95
CA HIS H 270 38.80 -23.59 10.45
C HIS H 270 40.13 -23.69 11.19
N ALA H 271 40.07 -23.69 12.52
CA ALA H 271 41.27 -23.64 13.35
C ALA H 271 41.79 -25.00 13.74
N HIS H 272 41.22 -26.07 13.21
CA HIS H 272 41.76 -27.41 13.46
C HIS H 272 42.87 -27.76 12.47
N ASN H 273 43.25 -26.83 11.61
CA ASN H 273 44.34 -27.06 10.67
C ASN H 273 45.68 -27.09 11.40
N ARG H 274 46.63 -27.81 10.81
CA ARG H 274 47.96 -27.91 11.40
C ARG H 274 48.65 -26.56 11.41
N GLY H 275 48.46 -25.77 10.36
CA GLY H 275 49.12 -24.47 10.29
C GLY H 275 48.68 -23.53 11.39
N VAL H 276 47.39 -23.53 11.72
CA VAL H 276 46.89 -22.65 12.77
C VAL H 276 47.46 -23.03 14.12
N LEU H 277 47.50 -24.33 14.42
CA LEU H 277 48.09 -24.79 15.66
C LEU H 277 49.56 -24.43 15.74
N ASP H 278 50.29 -24.59 14.63
CA ASP H 278 51.70 -24.24 14.62
C ASP H 278 51.89 -22.75 14.83
N MET H 279 51.04 -21.92 14.24
CA MET H 279 51.14 -20.49 14.44
C MET H 279 50.87 -20.11 15.89
N VAL H 280 49.87 -20.74 16.51
CA VAL H 280 49.58 -20.47 17.90
C VAL H 280 50.75 -20.87 18.79
N SER H 281 51.34 -22.04 18.53
CA SER H 281 52.49 -22.46 19.31
C SER H 281 53.66 -21.50 19.14
N ARG H 282 53.92 -21.06 17.91
CA ARG H 282 55.01 -20.13 17.67
C ARG H 282 54.78 -18.82 18.42
N LEU H 283 53.57 -18.26 18.33
CA LEU H 283 53.29 -17.00 19.00
C LEU H 283 53.42 -17.14 20.51
N LYS H 284 52.93 -18.23 21.08
CA LYS H 284 53.06 -18.43 22.51
C LYS H 284 54.52 -18.59 22.93
N GLN H 285 55.32 -19.32 22.14
CA GLN H 285 56.72 -19.47 22.49
C GLN H 285 57.47 -18.15 22.37
N ALA H 286 57.10 -17.31 21.42
CA ALA H 286 57.82 -16.07 21.17
C ALA H 286 57.42 -14.96 22.14
N VAL H 287 56.15 -14.58 22.13
CA VAL H 287 55.68 -13.41 22.89
C VAL H 287 54.64 -13.83 23.92
N GLY H 288 54.79 -15.04 24.46
CA GLY H 288 53.79 -15.56 25.38
C GLY H 288 53.69 -14.77 26.68
N GLU H 289 54.83 -14.43 27.28
CA GLU H 289 54.81 -13.73 28.56
C GLU H 289 54.32 -12.30 28.45
N ARG H 290 54.18 -11.76 27.24
CA ARG H 290 53.76 -10.39 27.04
C ARG H 290 52.29 -10.26 26.64
N VAL H 291 51.85 -10.99 25.61
CA VAL H 291 50.48 -10.89 25.12
C VAL H 291 49.79 -12.25 25.29
N ASP H 292 48.46 -12.22 25.14
CA ASP H 292 47.61 -13.39 25.19
C ASP H 292 47.23 -13.84 23.78
N VAL H 293 46.98 -15.13 23.63
CA VAL H 293 46.69 -15.73 22.32
C VAL H 293 45.31 -16.38 22.35
N VAL H 294 44.48 -16.01 21.39
CA VAL H 294 43.14 -16.55 21.27
C VAL H 294 43.06 -17.33 19.97
N GLY H 295 42.69 -18.60 20.04
CA GLY H 295 42.67 -19.45 18.87
C GLY H 295 41.50 -19.16 17.95
N GLY H 296 41.66 -19.52 16.69
CA GLY H 296 40.59 -19.41 15.73
C GLY H 296 39.38 -20.23 16.04
N ASN H 297 38.36 -20.13 15.20
CA ASN H 297 37.07 -20.73 15.48
C ASN H 297 37.14 -22.25 15.43
N VAL H 298 36.52 -22.90 16.41
CA VAL H 298 36.38 -24.35 16.44
C VAL H 298 34.94 -24.69 16.74
N ALA H 299 34.58 -25.95 16.47
CA ALA H 299 33.21 -26.40 16.71
C ALA H 299 33.12 -27.79 17.33
N THR H 300 34.23 -28.43 17.68
CA THR H 300 34.19 -29.77 18.23
C THR H 300 35.04 -29.85 19.49
N ARG H 301 34.99 -31.00 20.15
CA ARG H 301 35.77 -31.22 21.35
C ARG H 301 37.24 -31.46 21.03
N ALA H 302 37.51 -32.23 19.98
CA ALA H 302 38.90 -32.52 19.61
C ALA H 302 39.64 -31.26 19.21
N ALA H 303 38.99 -30.38 18.46
CA ALA H 303 39.64 -29.13 18.05
C ALA H 303 39.97 -28.26 19.25
N ALA H 304 39.06 -28.17 20.21
CA ALA H 304 39.33 -27.40 21.41
C ALA H 304 40.46 -28.00 22.21
N ALA H 305 40.51 -29.33 22.32
CA ALA H 305 41.61 -29.98 23.02
C ALA H 305 42.93 -29.71 22.33
N ALA H 306 42.95 -29.76 21.00
CA ALA H 306 44.18 -29.48 20.27
C ALA H 306 44.62 -28.04 20.46
N LEU H 307 43.69 -27.09 20.45
CA LEU H 307 44.04 -25.70 20.69
C LEU H 307 44.60 -25.50 22.09
N VAL H 308 44.01 -26.17 23.09
CA VAL H 308 44.53 -26.06 24.45
C VAL H 308 45.93 -26.66 24.54
N GLU H 309 46.16 -27.77 23.86
CA GLU H 309 47.50 -28.37 23.84
C GLU H 309 48.50 -27.43 23.20
N ALA H 310 48.12 -26.76 22.11
CA ALA H 310 49.03 -25.84 21.43
C ALA H 310 49.45 -24.69 22.35
N GLY H 311 48.60 -24.31 23.29
CA GLY H 311 48.93 -23.29 24.25
C GLY H 311 48.11 -22.02 24.15
N ALA H 312 46.96 -22.05 23.49
CA ALA H 312 46.13 -20.87 23.36
C ALA H 312 45.58 -20.42 24.69
N ASP H 313 45.57 -19.11 24.91
CA ASP H 313 45.04 -18.55 26.15
C ASP H 313 43.52 -18.51 26.15
N ALA H 314 42.88 -18.47 24.99
CA ALA H 314 41.42 -18.53 24.94
C ALA H 314 41.01 -19.25 23.68
N VAL H 315 39.84 -19.89 23.70
CA VAL H 315 39.35 -20.66 22.57
C VAL H 315 38.06 -20.03 22.07
N LYS H 316 38.02 -19.68 20.79
CA LYS H 316 36.86 -19.08 20.17
C LYS H 316 36.05 -20.16 19.46
N VAL H 317 34.74 -20.13 19.62
CA VAL H 317 33.86 -21.23 19.26
C VAL H 317 32.81 -20.75 18.27
N GLY H 318 32.67 -21.47 17.17
CA GLY H 318 31.61 -21.26 16.22
C GLY H 318 32.04 -21.37 14.76
N VAL H 319 31.38 -22.24 14.01
CA VAL H 319 31.65 -22.44 12.59
C VAL H 319 30.32 -22.55 11.87
N GLY H 320 29.89 -21.47 11.23
CA GLY H 320 28.61 -21.45 10.58
C GLY H 320 27.58 -20.45 11.07
N PRO H 321 27.41 -20.26 12.38
CA PRO H 321 26.23 -19.56 12.86
C PRO H 321 26.23 -18.06 12.66
N GLY H 322 27.23 -17.49 12.00
CA GLY H 322 27.24 -16.06 11.76
C GLY H 322 26.04 -15.61 10.97
N SER H 323 25.56 -14.41 11.28
CA SER H 323 24.34 -13.90 10.66
C SER H 323 24.54 -13.63 9.18
N ILE H 324 25.76 -13.32 8.76
CA ILE H 324 26.07 -13.07 7.36
C ILE H 324 26.80 -14.23 6.71
N CYS H 325 27.00 -15.32 7.45
CA CYS H 325 27.76 -16.46 6.96
C CYS H 325 26.92 -17.34 6.06
N THR H 326 27.58 -17.96 5.07
CA THR H 326 26.94 -18.93 4.19
C THR H 326 27.76 -20.21 4.09
N THR H 327 28.56 -20.52 5.11
N THR H 327 28.55 -20.52 5.12
CA THR H 327 29.34 -21.75 5.11
CA THR H 327 29.34 -21.75 5.11
C THR H 327 28.44 -22.97 5.10
N ARG H 328 27.37 -22.95 5.88
CA ARG H 328 26.49 -24.11 5.99
C ARG H 328 25.72 -24.37 4.71
N VAL H 329 25.58 -23.39 3.83
CA VAL H 329 24.91 -23.55 2.55
C VAL H 329 25.91 -23.84 1.44
N VAL H 330 26.97 -23.03 1.34
CA VAL H 330 27.94 -23.18 0.27
C VAL H 330 28.73 -24.47 0.43
N ALA H 331 29.20 -24.74 1.63
CA ALA H 331 30.01 -25.92 1.87
C ALA H 331 29.26 -27.02 2.60
N GLY H 332 28.14 -26.72 3.23
CA GLY H 332 27.42 -27.73 3.99
C GLY H 332 28.08 -28.12 5.27
N VAL H 333 28.98 -27.30 5.80
CA VAL H 333 29.73 -27.58 7.01
C VAL H 333 29.29 -26.59 8.09
N GLY H 334 29.00 -27.10 9.27
CA GLY H 334 28.59 -26.24 10.36
C GLY H 334 28.36 -27.04 11.61
N ALA H 335 27.91 -26.34 12.64
CA ALA H 335 27.59 -26.95 13.92
C ALA H 335 26.70 -26.01 14.72
N PRO H 336 25.58 -26.50 15.26
CA PRO H 336 24.74 -25.65 16.10
C PRO H 336 25.51 -25.14 17.30
N GLN H 337 25.20 -23.90 17.70
CA GLN H 337 26.10 -23.18 18.59
C GLN H 337 26.06 -23.71 20.00
N ILE H 338 24.90 -24.10 20.52
CA ILE H 338 24.81 -24.55 21.90
C ILE H 338 25.59 -25.84 22.09
N THR H 339 25.42 -26.79 21.17
CA THR H 339 26.13 -28.06 21.28
C THR H 339 27.62 -27.87 21.10
N ALA H 340 28.02 -27.01 20.16
CA ALA H 340 29.43 -26.73 19.97
C ALA H 340 30.05 -26.11 21.22
N ILE H 341 29.35 -25.17 21.84
CA ILE H 341 29.84 -24.57 23.08
C ILE H 341 29.95 -25.61 24.17
N LEU H 342 28.95 -26.48 24.29
CA LEU H 342 29.00 -27.51 25.32
C LEU H 342 30.19 -28.43 25.15
N GLU H 343 30.45 -28.87 23.91
CA GLU H 343 31.59 -29.74 23.65
C GLU H 343 32.91 -29.02 23.90
N ALA H 344 33.04 -27.79 23.42
CA ALA H 344 34.27 -27.05 23.63
C ALA H 344 34.54 -26.81 25.10
N VAL H 345 33.51 -26.51 25.88
CA VAL H 345 33.68 -26.34 27.30
C VAL H 345 34.07 -27.65 27.95
N ALA H 346 33.43 -28.75 27.56
CA ALA H 346 33.83 -30.05 28.07
C ALA H 346 35.30 -30.36 27.78
N ALA H 347 35.85 -29.77 26.72
CA ALA H 347 37.27 -29.95 26.44
C ALA H 347 38.17 -28.98 27.18
N CYS H 348 37.72 -27.74 27.41
CA CYS H 348 38.60 -26.69 27.90
C CYS H 348 38.50 -26.45 29.40
N LYS H 349 37.36 -26.71 30.01
CA LYS H 349 37.17 -26.38 31.43
C LYS H 349 38.16 -27.07 32.36
N PRO H 350 38.50 -28.35 32.21
CA PRO H 350 39.47 -28.95 33.13
C PRO H 350 40.82 -28.25 33.14
N TYR H 351 41.19 -27.58 32.05
CA TYR H 351 42.45 -26.86 31.97
C TYR H 351 42.30 -25.36 32.20
N GLY H 352 41.09 -24.89 32.48
CA GLY H 352 40.90 -23.48 32.81
C GLY H 352 41.04 -22.51 31.67
N VAL H 353 40.81 -22.95 30.45
CA VAL H 353 40.93 -22.09 29.27
C VAL H 353 39.56 -21.52 28.95
N PRO H 354 39.39 -20.21 28.93
CA PRO H 354 38.06 -19.64 28.66
C PRO H 354 37.60 -19.85 27.23
N VAL H 355 36.29 -19.74 27.06
CA VAL H 355 35.60 -19.98 25.79
C VAL H 355 34.86 -18.72 25.38
N ILE H 356 34.98 -18.36 24.11
CA ILE H 356 34.36 -17.18 23.54
C ILE H 356 33.38 -17.64 22.46
N ALA H 357 32.09 -17.55 22.75
CA ALA H 357 31.08 -17.88 21.76
C ALA H 357 31.00 -16.77 20.72
N ASP H 358 31.24 -17.11 19.46
CA ASP H 358 31.39 -16.13 18.39
C ASP H 358 30.29 -16.34 17.36
N GLY H 359 29.38 -15.37 17.25
CA GLY H 359 28.41 -15.35 16.18
C GLY H 359 27.11 -16.03 16.55
N GLY H 360 26.06 -15.65 15.83
CA GLY H 360 24.75 -16.23 16.01
C GLY H 360 23.86 -15.57 17.03
N LEU H 361 24.34 -14.55 17.73
CA LEU H 361 23.57 -13.93 18.80
C LEU H 361 22.71 -12.81 18.25
N GLN H 362 21.41 -12.87 18.53
CA GLN H 362 20.45 -11.87 18.10
C GLN H 362 19.85 -11.06 19.22
N TYR H 363 19.73 -11.62 20.42
CA TYR H 363 19.10 -10.96 21.55
C TYR H 363 20.00 -11.12 22.78
N SER H 364 19.60 -10.49 23.87
CA SER H 364 20.33 -10.66 25.13
C SER H 364 20.04 -12.01 25.75
N GLY H 365 18.88 -12.59 25.47
CA GLY H 365 18.62 -13.94 25.91
C GLY H 365 19.57 -14.94 25.31
N ASP H 366 19.97 -14.72 24.07
CA ASP H 366 20.97 -15.56 23.44
C ASP H 366 22.31 -15.44 24.15
N ILE H 367 22.68 -14.24 24.57
CA ILE H 367 23.91 -14.05 25.33
C ILE H 367 23.83 -14.82 26.64
N ALA H 368 22.69 -14.73 27.33
CA ALA H 368 22.53 -15.45 28.58
C ALA H 368 22.62 -16.95 28.38
N LYS H 369 22.01 -17.46 27.30
CA LYS H 369 22.09 -18.88 27.00
C LYS H 369 23.52 -19.30 26.70
N ALA H 370 24.24 -18.50 25.94
CA ALA H 370 25.62 -18.82 25.63
C ALA H 370 26.48 -18.87 26.88
N LEU H 371 26.30 -17.91 27.78
CA LEU H 371 27.06 -17.93 29.02
C LEU H 371 26.66 -19.07 29.92
N ALA H 372 25.39 -19.46 29.92
CA ALA H 372 24.95 -20.57 30.77
C ALA H 372 25.42 -21.91 30.25
N ALA H 373 25.75 -22.03 28.96
CA ALA H 373 26.26 -23.28 28.43
C ALA H 373 27.70 -23.53 28.85
N GLY H 374 28.42 -22.50 29.26
CA GLY H 374 29.79 -22.66 29.71
C GLY H 374 30.73 -21.65 29.11
N ALA H 375 30.30 -20.96 28.06
CA ALA H 375 31.12 -19.94 27.44
C ALA H 375 31.37 -18.80 28.40
N SER H 376 32.61 -18.35 28.47
CA SER H 376 32.99 -17.27 29.38
C SER H 376 32.78 -15.90 28.79
N THR H 377 32.80 -15.75 27.47
CA THR H 377 32.65 -14.45 26.85
C THR H 377 31.89 -14.62 25.54
N ALA H 378 31.21 -13.56 25.10
CA ALA H 378 30.46 -13.56 23.86
C ALA H 378 30.99 -12.48 22.93
N MET H 379 31.24 -12.83 21.68
CA MET H 379 31.69 -11.88 20.67
C MET H 379 30.51 -11.49 19.78
N LEU H 380 30.26 -10.20 19.65
CA LEU H 380 29.07 -9.69 19.01
C LEU H 380 29.37 -9.11 17.63
N GLY H 381 28.51 -9.40 16.67
CA GLY H 381 28.66 -8.95 15.31
C GLY H 381 27.61 -7.93 14.92
N SER H 382 26.56 -8.40 14.25
CA SER H 382 25.53 -7.49 13.74
C SER H 382 24.82 -6.72 14.83
N LEU H 383 24.92 -7.15 16.09
CA LEU H 383 24.35 -6.36 17.17
C LEU H 383 25.07 -5.04 17.36
N LEU H 384 26.34 -4.98 16.97
CA LEU H 384 27.13 -3.75 17.05
C LEU H 384 27.38 -3.11 15.70
N ALA H 385 26.79 -3.64 14.63
CA ALA H 385 27.04 -3.10 13.30
C ALA H 385 26.29 -1.81 13.06
N GLY H 386 25.09 -1.69 13.61
CA GLY H 386 24.26 -0.52 13.41
C GLY H 386 24.50 0.62 14.37
N THR H 387 25.51 0.53 15.23
CA THR H 387 25.80 1.59 16.16
C THR H 387 26.55 2.73 15.49
N ALA H 388 26.46 3.91 16.11
CA ALA H 388 27.16 5.08 15.58
C ALA H 388 28.67 4.95 15.70
N GLU H 389 29.15 4.29 16.75
CA GLU H 389 30.58 4.14 16.99
C GLU H 389 31.24 3.15 16.04
N SER H 390 30.50 2.52 15.14
CA SER H 390 31.07 1.56 14.21
C SER H 390 31.60 2.25 12.97
N PRO H 391 32.52 1.64 12.25
CA PRO H 391 32.96 2.22 10.98
C PRO H 391 31.87 2.13 9.93
N GLY H 392 32.03 2.92 8.89
CA GLY H 392 31.02 3.00 7.86
C GLY H 392 30.09 4.18 8.07
N GLU H 393 29.53 4.68 6.97
CA GLU H 393 28.70 5.87 6.99
C GLU H 393 27.22 5.51 6.94
N LEU H 394 26.39 6.49 7.27
CA LEU H 394 24.95 6.28 7.36
C LEU H 394 24.33 6.23 5.97
N ILE H 395 23.23 5.50 5.86
CA ILE H 395 22.50 5.30 4.61
C ILE H 395 21.02 5.59 4.86
N PHE H 396 20.38 6.28 3.92
CA PHE H 396 18.98 6.67 4.04
C PHE H 396 18.16 5.94 2.99
N VAL H 397 17.11 5.26 3.44
CA VAL H 397 16.20 4.51 2.57
C VAL H 397 14.78 4.74 3.06
N ASN H 398 13.96 5.42 2.27
CA ASN H 398 12.57 5.70 2.61
C ASN H 398 12.47 6.40 3.96
N GLY H 399 13.40 7.31 4.24
CA GLY H 399 13.43 8.03 5.48
C GLY H 399 13.93 7.26 6.67
N LYS H 400 14.27 5.99 6.49
CA LYS H 400 14.84 5.17 7.55
C LYS H 400 16.35 5.12 7.43
N GLN H 401 17.03 4.93 8.56
CA GLN H 401 18.48 5.00 8.64
C GLN H 401 19.04 3.59 8.81
N PHE H 402 19.91 3.18 7.87
CA PHE H 402 20.56 1.89 7.89
C PHE H 402 22.06 2.08 7.75
N LYS H 403 22.80 1.04 8.08
CA LYS H 403 24.24 1.02 7.89
C LYS H 403 24.66 -0.30 7.27
N SER H 404 25.73 -0.26 6.50
CA SER H 404 26.20 -1.44 5.79
C SER H 404 26.81 -2.45 6.76
N TYR H 405 26.73 -3.72 6.39
CA TYR H 405 27.28 -4.81 7.18
C TYR H 405 27.58 -5.96 6.23
N ARG H 406 28.81 -6.44 6.24
CA ARG H 406 29.23 -7.49 5.32
C ARG H 406 30.19 -8.42 6.03
N GLY H 407 30.25 -9.67 5.57
CA GLY H 407 31.17 -10.62 6.13
C GLY H 407 32.56 -10.48 5.57
N MET H 408 33.55 -10.92 6.35
CA MET H 408 34.94 -10.84 5.91
C MET H 408 35.25 -11.79 4.76
N GLY H 409 34.38 -12.75 4.49
CA GLY H 409 34.50 -13.61 3.33
C GLY H 409 33.55 -13.23 2.20
N SER H 410 32.98 -12.04 2.26
CA SER H 410 32.03 -11.62 1.24
C SER H 410 32.75 -11.32 -0.07
N LEU H 411 31.97 -11.20 -1.14
CA LEU H 411 32.54 -10.92 -2.45
C LEU H 411 33.27 -9.59 -2.48
N GLY H 412 32.67 -8.55 -1.91
CA GLY H 412 33.36 -7.27 -1.83
C GLY H 412 34.56 -7.30 -0.89
N ALA H 413 34.43 -7.98 0.25
CA ALA H 413 35.51 -8.01 1.21
C ALA H 413 36.72 -8.75 0.69
N MET H 414 36.53 -9.71 -0.22
CA MET H 414 37.67 -10.38 -0.84
C MET H 414 38.45 -9.47 -1.77
N GLN H 415 37.83 -8.40 -2.27
CA GLN H 415 38.52 -7.46 -3.15
C GLN H 415 39.26 -6.39 -2.35
N LEU H 439 37.00 -17.55 -6.89
CA LEU H 439 36.66 -16.97 -5.61
C LEU H 439 35.21 -17.24 -5.24
N VAL H 440 34.99 -18.27 -4.42
CA VAL H 440 33.66 -18.64 -3.97
C VAL H 440 33.41 -17.94 -2.64
N PRO H 441 32.52 -16.94 -2.60
CA PRO H 441 32.30 -16.21 -1.35
C PRO H 441 31.64 -17.07 -0.30
N GLU H 442 31.91 -16.76 0.96
CA GLU H 442 31.36 -17.47 2.10
C GLU H 442 30.64 -16.51 3.04
N GLY H 443 30.12 -15.42 2.49
CA GLY H 443 29.40 -14.41 3.24
C GLY H 443 28.66 -13.53 2.27
N ILE H 444 27.84 -12.65 2.82
CA ILE H 444 26.98 -11.79 2.01
C ILE H 444 27.11 -10.35 2.49
N GLU H 445 26.42 -9.46 1.78
CA GLU H 445 26.39 -8.04 2.07
C GLU H 445 24.96 -7.64 2.39
N GLY H 446 24.80 -6.68 3.30
CA GLY H 446 23.46 -6.25 3.65
C GLY H 446 23.49 -4.97 4.45
N ARG H 447 22.31 -4.56 4.90
CA ARG H 447 22.16 -3.36 5.72
C ARG H 447 21.37 -3.70 6.98
N VAL H 448 21.73 -3.04 8.07
CA VAL H 448 21.06 -3.22 9.35
C VAL H 448 20.55 -1.87 9.84
N PRO H 449 19.43 -1.82 10.55
CA PRO H 449 18.92 -0.52 11.00
C PRO H 449 19.87 0.16 11.96
N PHE H 450 19.92 1.49 11.88
CA PHE H 450 20.78 2.27 12.76
C PHE H 450 20.27 2.19 14.20
N ARG H 451 21.21 2.07 15.14
CA ARG H 451 20.86 1.81 16.53
C ARG H 451 21.24 2.92 17.49
N GLY H 452 22.24 3.73 17.17
CA GLY H 452 22.59 4.86 17.99
C GLY H 452 23.87 4.66 18.78
N PRO H 453 23.96 5.30 19.94
CA PRO H 453 25.17 5.18 20.75
C PRO H 453 25.38 3.76 21.26
N LEU H 454 26.65 3.38 21.39
CA LEU H 454 26.98 2.04 21.84
C LEU H 454 26.61 1.83 23.30
N GLY H 455 26.63 2.88 24.10
CA GLY H 455 26.34 2.74 25.52
C GLY H 455 24.95 2.20 25.77
N THR H 456 23.96 2.70 25.03
CA THR H 456 22.59 2.22 25.21
C THR H 456 22.46 0.75 24.86
N VAL H 457 23.07 0.32 23.75
CA VAL H 457 22.99 -1.08 23.34
C VAL H 457 23.67 -1.98 24.36
N ILE H 458 24.85 -1.59 24.81
CA ILE H 458 25.56 -2.40 25.79
C ILE H 458 24.78 -2.46 27.09
N HIS H 459 24.12 -1.37 27.46
CA HIS H 459 23.35 -1.37 28.70
C HIS H 459 22.11 -2.25 28.57
N GLN H 460 21.48 -2.29 27.39
CA GLN H 460 20.35 -3.18 27.18
C GLN H 460 20.79 -4.64 27.28
N LEU H 461 21.91 -4.98 26.65
CA LEU H 461 22.40 -6.35 26.71
C LEU H 461 22.76 -6.73 28.15
N THR H 462 23.41 -5.83 28.87
CA THR H 462 23.77 -6.10 30.26
C THR H 462 22.53 -6.23 31.13
N GLY H 463 21.50 -5.45 30.86
CA GLY H 463 20.25 -5.59 31.60
C GLY H 463 19.58 -6.93 31.37
N GLY H 464 19.59 -7.39 30.12
CA GLY H 464 19.06 -8.71 29.85
C GLY H 464 19.84 -9.80 30.56
N LEU H 465 21.17 -9.70 30.55
CA LEU H 465 21.98 -10.68 31.26
C LEU H 465 21.71 -10.63 32.75
N ARG H 466 21.56 -9.45 33.32
CA ARG H 466 21.28 -9.32 34.74
C ARG H 466 19.93 -9.92 35.10
N ALA H 467 18.93 -9.73 34.24
CA ALA H 467 17.63 -10.34 34.48
C ALA H 467 17.74 -11.86 34.45
N ALA H 468 18.51 -12.40 33.51
CA ALA H 468 18.71 -13.84 33.48
C ALA H 468 19.40 -14.34 34.74
N MET H 469 20.41 -13.60 35.21
CA MET H 469 21.10 -13.99 36.43
C MET H 469 20.16 -13.95 37.63
N GLY H 470 19.30 -12.95 37.71
CA GLY H 470 18.34 -12.90 38.78
C GLY H 470 17.34 -14.04 38.73
N TYR H 471 16.91 -14.42 37.52
CA TYR H 471 15.96 -15.52 37.38
C TYR H 471 16.59 -16.84 37.76
N THR H 472 17.83 -17.08 37.37
CA THR H 472 18.48 -18.36 37.64
C THR H 472 19.18 -18.40 38.99
N GLY H 473 19.13 -17.33 39.77
CA GLY H 473 19.82 -17.30 41.06
C GLY H 473 21.31 -17.37 40.96
N SER H 474 21.91 -16.68 40.00
CA SER H 474 23.34 -16.73 39.76
C SER H 474 23.97 -15.44 40.26
N ALA H 475 24.73 -15.54 41.36
CA ALA H 475 25.44 -14.38 41.87
C ALA H 475 26.48 -13.89 40.89
N THR H 476 27.21 -14.80 40.26
CA THR H 476 28.28 -14.46 39.33
C THR H 476 28.13 -15.26 38.04
N ILE H 477 28.93 -14.91 37.04
CA ILE H 477 28.92 -15.64 35.79
C ILE H 477 29.33 -17.08 36.02
N GLU H 478 30.24 -17.32 36.95
CA GLU H 478 30.69 -18.67 37.24
C GLU H 478 29.57 -19.54 37.78
N GLN H 479 28.55 -18.95 38.40
CA GLN H 479 27.38 -19.71 38.82
C GLN H 479 26.34 -19.79 37.72
N LEU H 480 26.27 -18.77 36.86
CA LEU H 480 25.41 -18.84 35.70
C LEU H 480 25.83 -19.96 34.77
N GLN H 481 27.11 -20.30 34.77
CA GLN H 481 27.60 -21.37 33.90
C GLN H 481 27.17 -22.74 34.37
N GLN H 482 26.43 -22.86 35.47
CA GLN H 482 25.92 -24.14 35.94
C GLN H 482 24.40 -24.18 35.98
N ALA H 483 23.73 -23.31 35.24
CA ALA H 483 22.28 -23.28 35.22
C ALA H 483 21.72 -24.40 34.34
N GLN H 484 20.53 -24.86 34.68
CA GLN H 484 19.87 -25.93 33.95
C GLN H 484 19.30 -25.40 32.64
N PHE H 485 18.97 -26.33 31.75
CA PHE H 485 18.37 -26.01 30.47
C PHE H 485 17.11 -26.85 30.27
N VAL H 486 16.20 -26.33 29.46
CA VAL H 486 14.99 -27.06 29.06
C VAL H 486 14.86 -26.92 27.55
N GLN H 487 14.70 -28.04 26.87
CA GLN H 487 14.51 -28.01 25.43
C GLN H 487 13.05 -27.72 25.09
N ILE H 488 12.84 -27.00 24.00
CA ILE H 488 11.50 -26.65 23.55
C ILE H 488 11.34 -27.02 22.09
N THR H 489 10.09 -27.13 21.66
CA THR H 489 9.73 -27.43 20.29
C THR H 489 9.43 -26.16 19.51
N ALA H 490 8.98 -26.30 18.27
CA ALA H 490 8.66 -25.14 17.44
C ALA H 490 7.48 -24.37 18.00
N ALA H 491 6.48 -25.09 18.52
CA ALA H 491 5.36 -24.45 19.16
C ALA H 491 5.79 -23.68 20.39
N GLY H 492 6.69 -24.25 21.18
CA GLY H 492 7.28 -23.51 22.28
C GLY H 492 8.05 -22.30 21.81
N LEU H 493 8.68 -22.39 20.64
CA LEU H 493 9.40 -21.26 20.08
C LEU H 493 8.45 -20.12 19.76
N LYS H 494 7.31 -20.42 19.14
CA LYS H 494 6.37 -19.33 18.87
C LYS H 494 5.63 -18.87 20.11
N GLU H 495 5.55 -19.70 21.15
CA GLU H 495 5.03 -19.24 22.42
C GLU H 495 6.01 -18.29 23.11
N SER H 496 7.31 -18.51 22.94
CA SER H 496 8.30 -17.67 23.60
C SER H 496 8.22 -16.23 23.12
N HIS H 497 8.09 -16.04 21.81
CA HIS H 497 7.93 -14.71 21.26
C HIS H 497 6.54 -14.17 21.58
N PRO H 498 6.35 -12.86 21.52
CA PRO H 498 4.99 -12.32 21.63
C PRO H 498 4.11 -12.86 20.51
N HIS H 499 2.88 -13.22 20.85
CA HIS H 499 2.00 -13.92 19.94
C HIS H 499 0.58 -13.41 20.05
N ASP H 500 -0.09 -13.31 18.89
CA ASP H 500 -1.48 -12.86 18.81
C ASP H 500 -1.67 -11.48 19.44
N ILE H 501 -0.85 -10.53 19.01
CA ILE H 501 -0.94 -9.15 19.46
C ILE H 501 -0.31 -8.27 18.40
N THR H 502 -0.99 -7.17 18.04
CA THR H 502 -0.50 -6.25 17.01
C THR H 502 0.34 -5.20 17.70
N MET H 503 1.66 -5.42 17.73
CA MET H 503 2.56 -4.52 18.43
C MET H 503 2.50 -3.12 17.84
N THR H 504 2.14 -2.15 18.67
CA THR H 504 1.92 -0.78 18.25
C THR H 504 3.09 0.15 18.56
N VAL H 505 4.00 -0.26 19.44
CA VAL H 505 5.18 0.53 19.76
C VAL H 505 6.31 -0.42 20.10
N GLU H 506 7.51 -0.10 19.58
CA GLU H 506 8.66 -0.97 19.76
C GLU H 506 9.24 -0.84 21.15
N ALA H 507 9.64 -1.98 21.72
CA ALA H 507 10.40 -1.98 22.95
C ALA H 507 11.88 -1.76 22.64
N PRO H 508 12.62 -1.11 23.54
CA PRO H 508 14.05 -0.91 23.29
C PRO H 508 14.83 -2.20 23.16
N ASN H 509 14.47 -3.23 23.92
CA ASN H 509 15.20 -4.49 23.94
C ASN H 509 14.59 -5.55 23.03
N TYR H 510 13.51 -5.24 22.33
CA TYR H 510 12.87 -6.19 21.43
C TYR H 510 12.30 -5.44 20.24
N TYR H 511 12.76 -5.78 19.04
CA TYR H 511 12.44 -5.06 17.82
C TYR H 511 11.45 -5.85 16.99
N THR H 512 10.48 -5.14 16.41
CA THR H 512 9.48 -5.77 15.54
C THR H 512 10.11 -6.26 14.25
#